data_8FJP
#
_entry.id   8FJP
#
_cell.length_a   1.00
_cell.length_b   1.00
_cell.length_c   1.00
_cell.angle_alpha   90.00
_cell.angle_beta   90.00
_cell.angle_gamma   90.00
#
_symmetry.space_group_name_H-M   'P 1'
#
loop_
_entity.id
_entity.type
_entity.pdbx_description
1 polymer 'salivary gland surface protein 1'
2 branched 2-acetamido-2-deoxy-beta-D-glucopyranose-(1-4)-2-acetamido-2-deoxy-beta-D-glucopyranose
3 non-polymer 2-acetamido-2-deoxy-beta-D-glucopyranose
#
_entity_poly.entity_id   1
_entity_poly.type   'polypeptide(L)'
_entity_poly.pdbx_seq_one_letter_code
;MLRIKEVKKYNNRLGFPAGKEVRIRPLLEAGGFARGPIYVKYGRELSKHDPSSRSMAWNATVFDTALNHPTRPWTVTVVG
GKKMVLGVRKEGLGFSEDDPPRSLNVKGGDDMADENYGGGNSTIVLVKSGGKDFAIGLDDLKELNSFGIGAGNGKLSLAL
GNPVNVLTGVVLPVEQRDGSVAYVAVNSDTKSVIYKVDAKGLQKNQKIDVNVRASAEKILLTKNNELLHISPQGLNVYSV
QGSASTFKYFCPYFSSFGGWSRRFVDTVTLMDEGGNQEALIGTGPKGIEYMPVDEKCKNYVVEGVQDAKHAVVAPGATKE
GNDIKVLGVYNGELCLLTLEVVDAVEPKLDQGSPAKPSAERVKATKSSKVTVRSGALSKPVSWLRDSLDEASFKNIVDKL
SGKIRFSFPLVDLQGRMGLPIKLVVYYDESDGEDMSVLGRHWTLGRDCIVLDHGNTVFEDKQDYYLVKDQMKIRLERDWT
KPSANGKVLFNMVGNKDATFEYTAREEKWEVSDGKIRYVYGMNNQGVVSVPGWADWYGPSANYDSKKIHSVQWNLVEISS
VAHRDVKLKYTYTPLDPSTHTMHLLSITDDSNKTTIKFSYKTIEGLGKQVSSGLVKEHKFINNKLLEKVEIDSPSTAQVL
KLTSTKIDSLYYLESIKQDDDPDPVLGFEYNKDDKLKPRVQQIRLPSKSVVDFKYTKQAIATQQFEQEIAKMADLYTGNE
YSLEIEKTVGETDLYVRLKDSAGKNDFIKNQSIRIESYRGFKIKSYSPFMMHSYIAILVRYAEEKEKLHNKIYILNKGED
DSWKLDTTNNNSRVSEDKKFKYDFQEDSFVYYHSKKVHFEYKKSGTKVWSYTSKDIGDVDAFTLMNRGAVYCKNDLVLIR
WDALGKLQQETLSDAKSKPSISDVDTFFEYIDVQGTFPEDEAEAKKEVDDYKRDLKESLSDYGLILYNNVVALRTIKLSF
TGRITVKVLLYLLKHDYTVSSRSSIELQGGDLAKFNLTLDVFDEHKTKNTNDLDKYRFEFKKQGSKFKLTYIEATDKDNK
PTKPSSQNEKLIGQYERRMKIPLDFEKYMMQVNQEGIIVNDHQIIHDNGNFIAKQLDRDTLKLTKFKIPLGAFSNFKKDS
DGDEIKLCTKTEQERTESCVSLQTNSARNVSIKYPYYLVTQKKNDIKVLPLKINSRGWEDSVDYRGEILHGSSSHAAMVT
TRMSDQKTIVRPLKALNKINKIYAQVISEEKLTTPYDSYVIKYEYEDPVVSMNQVAFKTTIVVPGGGKSATGYYRETNDL
QDNQQIVQVMTADNQVFDPEYVKRMNEMQQEEDKQRDGAQLDAEQTITDKSGYHPILKTTPYSANQELVQFLGFEDYEDM
TGWTVNKRPIQESNIRRNEFSATGRNFLLLKKGEELIAEFPNTAYYDNFIASTWIRTAQEATVGSTTDMLLLYVDNKPMK
GTIKQSIDEWIYVEADSREIVVSESTTVKRVLFKIIVKSTGADDVHVDHVRLSPVNFNFEGSVYDARIGQRTATIQTNGF
VSRRLYDAYNRRIAEVDETGNIKYLASYSKRVGNTKDEKKREGGYSSRIQMRAKHSWVESFSPYTMEKRWQIGGTATVEP
NQAILQGQIISKEKFSSESICIRLVYSMSGSSQLSLTIGKTTVVVKPNAVQYKGHTATTPSNAELVIFATPKLTSIWVDG
HLRIEAPETHAKFNNEAVSLQTSGPVGIKDVIVMEDAEIQVSYLNRDSKPLQEILLLDSSNVLIRQMMYDVIGRRVAETV
WVQKSLIDGRSTAFKAFQYHDDFVSNDNPTDRNYFLNTGPMQGYVATATNTIYEGYPYSQTVYYNNPLEIRHKVGHPGVK
NSIKGAFVHQYAIASDLAFIQRNYPKNEGYRQEEEKSPNGKKHVVVYNRRNKKVAEYTQVKDYNNILTTYIYDQHGNQIQ
MLPPSYYHEKSRSGDYQPEKQVVASPWAVTSKYDSTGEFITSKETPDGGRVEFIYNEYNQLRYQIHYKEDKQADKIVYFL
YNIFGRMCEAGQVPANPTTLQQVRETTKSHQAIPNRDQAVYFDYGETESEPSLRGRIQRTVKKNKEVLFSEVMFFDEESN
IIRKSYISPTTNETLSLVYLQENDKVSGIQYPFGVDGKQLILKYKHNLRGEIVEVARVEQKTSGQTEFIPIAGIDHDAEG
KVTKISHNYGDSKFDQTYKYVAPGYLVEIANNFLTEKLYYTEKGYGCEPTGDGSILRTEFKASWHDKCDQNLIPLTARAF
VSGGIDFTTAETCFDALLNLGYIDTTGRPVKTFYPDLETGLPMKCATPSNWRYISEKMLEQGYPEHYGHAYDYGSHGELI
AAKSFVGKEKDSLTAPLSKASFANAGMKSHELDRFWDSLSRSINKVEGTKAIFEGTQQLTTGLVGSVIHKPKLESLLEGK
GGDSSICTPWSSGDRTEEAKCKREYQQAFDKLKLKQVIQSLQEPVRKNVLRILKNTLASMLGNSPGDVESFSIDPNGNHG
VFYTGFKRFELKYKHQKNQIATIKEGTKQQEKMIVHDDEGNVIKALHKKIDKIEYDPLTQRVSRIEMSDRSRTLEFGYDF
RGERTFKRVRNKDNDIISVNYYVRDNKGNVLVEYKQEYPNPKDTNKPINTVTAYIHGPLGLLGFFRNNKYYNVLLDHEGS
TRLVIHQGKVVAAYDYLPYGQMIRKYGSNPEAHIAFRYTGQEFDEETGLYNYHARLYDPDIGRFFQMDPMEQYASPYKYA
GNSPVSQIDPDGQIAVTLVLMIIGAIVGAYLGAASANNSWNPAKWAWGDKKTWIGLFAGAIMGAFAVYGGAATFSYFTAM
FGGSMIAGALATGVISVAGAFLGAAAASNQWNPAKWDWTSPAVWNGLLSGASIAVSFPSGFVGITRSFMSISSNLVKMIY
ASLMVGGFLLFVYLGGGMANNFNFQISQWDWKSPRTWFGMIEGASTIFMGTAGTAKHGAAKVYNVVKPNGLKMIWHKVNI
PSKAFTMRRVKDTIILTWYKNGQSISKQILKTTVKADLAKIPKDFIMIHRGFFMPYQRIGYAAIAMPSMAGLMFKKNQYF
FTNHPNGTLTKHVRKKRSAPMSSSAASPSVSNFLNDFFENMSELFDSFFSQTEHSHQDSQSSLSIGASYGRPSNESYHKS
FQKLCYSPDSDGNQIICPQRESTVNIFSKGETFAPEAFGQDLFSRCLPLTWHDRPSIACDGEQTTFIYTPNQNIRVFDMV
DGWLMLARIAPAALRNLKAGFSFLRDVVFSDEREQTVQVNDLSRCKQDLEVELLDLKRVMLKKQPNEVKWAQPILNDLED
DIGEFLSERKPSEKEFELLQERLSALREEIMENSSVATELNLSTLIGDMLKKMDGVNVGLNGDVRDMISTLSGMVPFSSS
NLLA
;
_entity_poly.pdbx_strand_id   A
#
# COMPACT_ATOMS: atom_id res chain seq x y z
N MET A 1 -49.62 27.27 22.21
CA MET A 1 -50.72 26.91 23.09
C MET A 1 -52.04 27.52 22.63
N LEU A 2 -52.01 28.79 22.23
CA LEU A 2 -53.21 29.43 21.70
C LEU A 2 -53.60 28.83 20.36
N ARG A 3 -54.87 28.45 20.23
CA ARG A 3 -55.39 27.83 19.03
C ARG A 3 -56.25 28.85 18.28
N ILE A 4 -55.91 29.10 17.03
CA ILE A 4 -56.62 30.08 16.22
C ILE A 4 -57.97 29.49 15.81
N LYS A 5 -59.05 30.12 16.23
CA LYS A 5 -60.37 29.64 15.86
C LYS A 5 -60.74 30.10 14.46
N GLU A 6 -60.68 31.41 14.21
CA GLU A 6 -61.04 31.92 12.90
C GLU A 6 -60.33 33.23 12.62
N VAL A 7 -60.16 33.53 11.33
CA VAL A 7 -59.58 34.79 10.85
C VAL A 7 -60.59 35.42 9.91
N LYS A 8 -60.95 36.67 10.16
CA LYS A 8 -61.85 37.42 9.28
C LYS A 8 -61.08 38.56 8.64
N LYS A 9 -61.12 38.63 7.31
CA LYS A 9 -60.35 39.61 6.57
C LYS A 9 -61.20 40.81 6.20
N TYR A 10 -60.63 42.00 6.33
CA TYR A 10 -61.29 43.22 5.91
C TYR A 10 -61.35 43.30 4.38
N ASN A 11 -62.28 44.10 3.89
CA ASN A 11 -62.62 44.10 2.47
C ASN A 11 -61.82 45.11 1.64
N ASN A 12 -60.95 45.91 2.25
CA ASN A 12 -60.20 46.92 1.51
C ASN A 12 -58.69 46.75 1.73
N ARG A 13 -57.94 46.90 0.64
CA ARG A 13 -56.49 46.82 0.69
C ARG A 13 -55.89 48.03 1.42
N LEU A 14 -54.57 47.99 1.60
CA LEU A 14 -53.81 49.12 2.14
C LEU A 14 -52.67 49.56 1.25
N GLY A 15 -52.59 49.06 0.02
CA GLY A 15 -51.50 49.44 -0.87
C GLY A 15 -50.23 48.66 -0.60
N PHE A 16 -49.17 49.07 -1.31
CA PHE A 16 -47.88 48.38 -1.18
C PHE A 16 -47.23 48.67 0.17
N PRO A 17 -46.47 47.72 0.72
CA PRO A 17 -45.84 47.92 2.04
C PRO A 17 -44.40 48.42 2.02
N ALA A 18 -43.90 48.93 0.89
CA ALA A 18 -42.50 49.35 0.82
C ALA A 18 -42.29 50.63 1.61
N GLY A 19 -41.46 50.55 2.65
CA GLY A 19 -41.10 51.71 3.46
C GLY A 19 -42.26 52.32 4.23
N LYS A 20 -43.13 51.49 4.78
CA LYS A 20 -44.27 51.95 5.56
C LYS A 20 -44.37 51.14 6.83
N GLU A 21 -44.80 51.79 7.90
CA GLU A 21 -44.98 51.14 9.20
C GLU A 21 -46.37 51.44 9.72
N VAL A 22 -46.97 50.44 10.36
CA VAL A 22 -48.38 50.46 10.73
C VAL A 22 -48.55 51.13 12.08
N ARG A 23 -49.63 51.88 12.25
CA ARG A 23 -50.04 52.31 13.58
C ARG A 23 -51.56 52.35 13.62
N ILE A 24 -52.17 51.37 14.28
CA ILE A 24 -53.63 51.23 14.33
C ILE A 24 -54.11 51.60 15.73
N ARG A 25 -55.15 52.43 15.80
CA ARG A 25 -55.71 52.86 17.07
C ARG A 25 -57.23 52.87 16.99
N PRO A 26 -57.93 52.30 17.97
CA PRO A 26 -59.36 52.53 18.07
C PRO A 26 -59.66 53.82 18.84
N LEU A 27 -60.89 54.28 18.71
CA LEU A 27 -61.35 55.54 19.32
C LEU A 27 -61.12 55.56 20.82
N LEU A 28 -60.36 56.55 21.28
CA LEU A 28 -60.07 56.74 22.69
C LEU A 28 -61.01 57.81 23.24
N GLU A 29 -61.53 57.55 24.44
CA GLU A 29 -62.47 58.46 25.08
C GLU A 29 -62.14 58.53 26.57
N ALA A 30 -62.60 59.60 27.21
CA ALA A 30 -62.37 59.80 28.64
C ALA A 30 -63.04 58.72 29.47
N GLY A 31 -64.27 58.33 29.10
CA GLY A 31 -64.99 57.35 29.89
C GLY A 31 -64.38 55.97 29.83
N GLY A 32 -63.94 55.54 28.65
CA GLY A 32 -63.31 54.23 28.52
C GLY A 32 -62.82 54.01 27.10
N PHE A 33 -62.06 52.93 26.95
CA PHE A 33 -61.51 52.55 25.65
C PHE A 33 -62.52 51.62 24.96
N ALA A 34 -63.66 52.20 24.62
CA ALA A 34 -64.78 51.46 24.05
C ALA A 34 -64.51 51.08 22.60
N ARG A 35 -65.21 50.05 22.15
CA ARG A 35 -65.14 49.64 20.75
C ARG A 35 -65.72 50.73 19.87
N GLY A 36 -65.01 51.06 18.80
CA GLY A 36 -65.41 52.10 17.90
C GLY A 36 -64.80 51.91 16.54
N PRO A 37 -65.12 52.81 15.59
CA PRO A 37 -64.44 52.77 14.30
C PRO A 37 -62.96 53.04 14.46
N ILE A 38 -62.15 52.13 13.95
CA ILE A 38 -60.70 52.21 14.11
C ILE A 38 -60.10 53.12 13.06
N TYR A 39 -58.99 53.75 13.41
CA TYR A 39 -58.23 54.62 12.53
C TYR A 39 -56.83 54.06 12.43
N VAL A 40 -56.40 53.76 11.20
CA VAL A 40 -55.07 53.23 10.99
C VAL A 40 -54.24 54.30 10.30
N LYS A 41 -52.94 54.27 10.55
CA LYS A 41 -51.97 55.11 9.83
C LYS A 41 -51.04 54.14 9.12
N TYR A 42 -51.14 54.13 7.79
CA TYR A 42 -50.25 53.36 6.93
C TYR A 42 -49.51 54.36 6.05
N GLY A 43 -48.19 54.32 6.11
CA GLY A 43 -47.43 55.36 5.43
C GLY A 43 -47.72 56.72 6.02
N ARG A 44 -48.04 57.66 5.15
CA ARG A 44 -48.49 58.99 5.54
C ARG A 44 -50.00 59.14 5.44
N GLU A 45 -50.73 58.02 5.43
CA GLU A 45 -52.14 58.00 5.06
C GLU A 45 -52.98 57.42 6.20
N LEU A 46 -53.98 58.19 6.62
CA LEU A 46 -54.87 57.79 7.71
C LEU A 46 -56.16 57.26 7.10
N SER A 47 -56.57 56.07 7.53
CA SER A 47 -57.74 55.39 7.02
C SER A 47 -58.74 55.11 8.14
N LYS A 48 -60.02 55.18 7.81
CA LYS A 48 -61.12 54.97 8.74
C LYS A 48 -61.87 53.68 8.41
N HIS A 49 -62.05 52.82 9.41
CA HIS A 49 -62.80 51.58 9.25
C HIS A 49 -63.86 51.47 10.34
N ASP A 50 -65.00 50.90 9.98
CA ASP A 50 -66.08 50.65 10.94
C ASP A 50 -66.18 49.15 11.15
N PRO A 51 -66.10 48.65 12.39
CA PRO A 51 -66.15 47.19 12.61
C PRO A 51 -67.48 46.56 12.23
N SER A 52 -68.54 47.33 12.07
CA SER A 52 -69.83 46.78 11.67
C SER A 52 -69.79 46.25 10.24
N SER A 53 -69.44 47.10 9.28
CA SER A 53 -69.37 46.71 7.89
C SER A 53 -67.98 46.25 7.45
N ARG A 54 -66.95 46.55 8.25
CA ARG A 54 -65.55 46.19 7.96
C ARG A 54 -65.11 46.69 6.59
N SER A 55 -65.43 47.95 6.31
CA SER A 55 -65.06 48.58 5.05
C SER A 55 -64.44 49.95 5.32
N MET A 56 -63.51 50.33 4.45
CA MET A 56 -62.83 51.62 4.60
C MET A 56 -63.79 52.76 4.32
N ALA A 57 -63.77 53.77 5.20
CA ALA A 57 -64.62 54.94 4.98
C ALA A 57 -63.95 55.91 4.01
N TRP A 58 -62.85 56.52 4.43
CA TRP A 58 -62.09 57.46 3.62
C TRP A 58 -60.62 57.29 3.92
N ASN A 59 -59.78 57.82 3.03
CA ASN A 59 -58.32 57.79 3.23
C ASN A 59 -57.79 59.18 2.89
N ALA A 60 -57.35 59.92 3.91
CA ALA A 60 -56.84 61.27 3.73
C ALA A 60 -55.34 61.25 3.97
N THR A 61 -54.58 61.84 3.06
CA THR A 61 -53.11 61.92 3.20
C THR A 61 -52.81 63.08 4.15
N VAL A 62 -52.99 62.81 5.44
CA VAL A 62 -52.77 63.83 6.46
C VAL A 62 -51.29 63.93 6.82
N PHE A 63 -50.64 62.79 7.05
CA PHE A 63 -49.34 62.77 7.69
C PHE A 63 -48.24 63.17 6.71
N ASP A 64 -47.08 63.46 7.28
CA ASP A 64 -45.88 63.81 6.54
C ASP A 64 -44.90 62.67 6.36
N THR A 65 -44.91 61.70 7.27
CA THR A 65 -43.94 60.62 7.27
C THR A 65 -44.64 59.27 7.29
N ALA A 66 -43.88 58.23 6.96
CA ALA A 66 -44.37 56.86 6.95
C ALA A 66 -43.95 56.09 8.19
N LEU A 67 -42.69 56.23 8.58
CA LEU A 67 -42.19 55.58 9.79
C LEU A 67 -42.81 56.24 11.01
N ASN A 68 -43.39 55.44 11.91
CA ASN A 68 -43.92 56.04 13.13
C ASN A 68 -42.76 56.70 13.86
N HIS A 69 -42.70 58.02 13.82
CA HIS A 69 -41.57 58.68 14.44
C HIS A 69 -41.78 58.87 15.94
N PRO A 70 -40.68 58.86 16.70
CA PRO A 70 -40.73 59.35 18.08
C PRO A 70 -40.95 60.84 18.17
N THR A 71 -40.81 61.58 17.07
CA THR A 71 -41.05 63.02 17.07
C THR A 71 -42.38 63.43 16.43
N ARG A 72 -43.14 62.49 15.84
CA ARG A 72 -44.42 62.80 15.21
C ARG A 72 -45.49 61.78 15.62
N PRO A 73 -45.85 61.72 16.90
CA PRO A 73 -46.97 60.87 17.31
C PRO A 73 -48.30 61.38 16.79
N TRP A 74 -49.29 60.48 16.85
CA TRP A 74 -50.66 60.84 16.53
C TRP A 74 -51.59 59.98 17.36
N THR A 75 -52.80 60.48 17.58
CA THR A 75 -53.87 59.77 18.28
C THR A 75 -55.23 60.29 17.82
N VAL A 76 -56.24 59.47 18.10
CA VAL A 76 -57.63 59.91 18.23
C VAL A 76 -57.88 60.35 19.67
N THR A 77 -58.91 61.19 19.84
CA THR A 77 -59.46 61.57 21.14
C THR A 77 -60.91 61.95 20.89
N VAL A 78 -61.71 61.95 21.95
CA VAL A 78 -62.96 62.73 21.99
C VAL A 78 -62.78 63.88 22.95
N VAL A 79 -63.09 65.09 22.50
CA VAL A 79 -63.13 66.25 23.39
C VAL A 79 -64.35 67.11 23.04
N GLY A 80 -65.02 67.60 24.08
CA GLY A 80 -66.25 68.36 23.91
C GLY A 80 -67.39 67.59 23.28
N GLY A 81 -67.38 66.27 23.36
CA GLY A 81 -68.35 65.47 22.67
C GLY A 81 -68.07 65.25 21.20
N LYS A 82 -66.98 65.81 20.67
CA LYS A 82 -66.62 65.69 19.27
C LYS A 82 -65.32 64.91 19.15
N LYS A 83 -65.32 63.91 18.27
CA LYS A 83 -64.12 63.14 18.02
C LYS A 83 -63.14 63.91 17.13
N MET A 84 -61.87 63.84 17.50
CA MET A 84 -60.77 64.50 16.82
C MET A 84 -59.63 63.50 16.68
N VAL A 85 -58.81 63.66 15.65
CA VAL A 85 -57.44 63.17 15.68
C VAL A 85 -56.51 64.37 15.81
N LEU A 86 -55.24 64.11 16.09
CA LEU A 86 -54.28 65.20 16.23
C LEU A 86 -52.86 64.66 16.07
N GLY A 87 -52.14 65.17 15.09
CA GLY A 87 -50.80 64.66 14.82
C GLY A 87 -49.73 65.71 14.75
N VAL A 88 -48.47 65.28 14.65
CA VAL A 88 -47.36 66.22 14.56
C VAL A 88 -46.78 66.28 13.16
N ARG A 89 -46.63 67.47 12.62
CA ARG A 89 -46.06 67.65 11.30
C ARG A 89 -44.54 67.79 11.37
N LYS A 90 -43.92 68.04 10.21
CA LYS A 90 -42.48 68.18 10.13
C LYS A 90 -41.98 69.51 10.67
N GLU A 91 -42.86 70.51 10.78
CA GLU A 91 -42.50 71.80 11.35
C GLU A 91 -42.72 71.85 12.85
N GLY A 92 -42.85 70.69 13.51
CA GLY A 92 -43.15 70.68 14.92
C GLY A 92 -44.55 71.12 15.28
N LEU A 93 -45.46 71.19 14.31
CA LEU A 93 -46.78 71.76 14.53
C LEU A 93 -47.82 70.66 14.69
N GLY A 94 -48.62 70.78 15.75
CA GLY A 94 -49.74 69.87 15.94
C GLY A 94 -50.81 70.14 14.89
N PHE A 95 -51.27 69.07 14.24
CA PHE A 95 -52.30 69.14 13.21
C PHE A 95 -53.54 68.48 13.79
N SER A 96 -54.23 69.23 14.66
CA SER A 96 -55.50 68.78 15.20
C SER A 96 -56.56 68.88 14.13
N GLU A 97 -57.49 67.91 14.11
CA GLU A 97 -58.58 68.01 13.11
C GLU A 97 -59.71 67.03 13.45
N ASP A 98 -60.96 67.47 13.31
CA ASP A 98 -62.06 66.54 13.49
C ASP A 98 -62.02 65.50 12.36
N ASP A 99 -62.92 64.51 12.44
CA ASP A 99 -62.90 63.42 11.42
C ASP A 99 -62.88 64.04 10.01
N PRO A 100 -63.95 64.73 9.55
CA PRO A 100 -63.95 65.38 8.24
C PRO A 100 -63.05 66.62 8.09
N PRO A 101 -63.10 67.63 8.98
CA PRO A 101 -62.33 68.87 8.80
C PRO A 101 -60.93 68.87 9.42
N ARG A 102 -60.18 69.97 9.27
CA ARG A 102 -58.84 70.06 9.84
C ARG A 102 -58.66 71.40 10.54
N SER A 103 -59.24 71.54 11.73
CA SER A 103 -59.13 72.79 12.47
C SER A 103 -57.75 72.98 13.08
N LEU A 104 -56.94 73.84 12.47
CA LEU A 104 -55.59 74.09 12.99
C LEU A 104 -55.64 74.86 14.31
N ASN A 105 -55.27 74.19 15.40
CA ASN A 105 -55.30 74.82 16.72
C ASN A 105 -54.10 75.74 16.93
N VAL A 106 -54.24 76.65 17.89
CA VAL A 106 -53.17 77.57 18.24
C VAL A 106 -52.18 76.83 19.13
N LYS A 107 -50.89 77.17 18.98
CA LYS A 107 -49.82 76.50 19.69
C LYS A 107 -48.94 77.51 20.41
N GLY A 108 -48.67 77.25 21.68
CA GLY A 108 -47.75 78.06 22.45
C GLY A 108 -46.30 77.66 22.38
N GLY A 109 -46.00 76.50 21.79
CA GLY A 109 -44.64 76.04 21.60
C GLY A 109 -44.44 75.16 20.39
N ASP A 110 -43.30 75.27 19.74
CA ASP A 110 -42.97 74.48 18.55
C ASP A 110 -41.66 73.76 18.82
N ASP A 111 -41.77 72.50 19.27
CA ASP A 111 -40.62 71.65 19.54
C ASP A 111 -39.70 71.51 18.33
N MET A 112 -38.39 71.51 18.60
CA MET A 112 -37.37 71.17 17.61
C MET A 112 -36.64 69.93 18.09
N ALA A 113 -36.52 68.93 17.22
CA ALA A 113 -35.95 67.64 17.61
C ALA A 113 -34.98 67.12 16.56
N ASP A 114 -33.86 66.57 17.03
CA ASP A 114 -32.75 66.18 16.17
C ASP A 114 -32.06 64.96 16.77
N GLU A 115 -31.39 64.19 15.91
CA GLU A 115 -30.89 62.87 16.26
C GLU A 115 -29.37 62.88 16.39
N ASN A 116 -28.87 62.10 17.36
CA ASN A 116 -27.47 62.10 17.75
C ASN A 116 -26.89 60.69 17.63
N TYR A 117 -25.61 60.62 17.27
CA TYR A 117 -24.84 59.37 17.38
C TYR A 117 -24.70 58.88 18.82
N GLY A 118 -24.82 59.76 19.82
CA GLY A 118 -24.86 59.35 21.21
C GLY A 118 -26.13 58.69 21.71
N GLY A 119 -27.12 58.48 20.84
CA GLY A 119 -28.30 57.68 21.17
C GLY A 119 -29.33 58.28 22.10
N GLY A 120 -28.96 59.27 22.90
CA GLY A 120 -29.93 59.96 23.74
C GLY A 120 -30.56 61.09 22.95
N ASN A 121 -31.88 61.06 22.77
CA ASN A 121 -32.48 61.96 21.80
C ASN A 121 -33.88 62.41 22.18
N SER A 122 -34.28 63.49 21.52
CA SER A 122 -35.59 64.10 21.68
C SER A 122 -36.71 63.25 21.09
N THR A 123 -37.83 63.21 21.83
CA THR A 123 -39.00 62.40 21.50
C THR A 123 -40.19 63.13 22.08
N ILE A 124 -41.33 63.08 21.40
CA ILE A 124 -42.57 63.61 21.96
C ILE A 124 -43.69 62.60 21.69
N VAL A 125 -44.66 62.56 22.61
CA VAL A 125 -45.74 61.59 22.60
C VAL A 125 -47.03 62.26 23.04
N LEU A 126 -48.14 61.62 22.70
CA LEU A 126 -49.48 62.14 22.98
C LEU A 126 -50.11 61.21 24.01
N VAL A 127 -50.42 61.75 25.18
CA VAL A 127 -50.96 61.04 26.32
C VAL A 127 -52.24 61.75 26.76
N LYS A 128 -53.10 61.03 27.48
CA LYS A 128 -54.40 61.55 27.88
C LYS A 128 -54.54 61.44 29.39
N SER A 129 -55.14 62.46 30.01
CA SER A 129 -55.45 62.39 31.42
C SER A 129 -56.59 63.31 31.76
N GLY A 130 -57.58 62.80 32.48
CA GLY A 130 -58.67 63.65 32.94
C GLY A 130 -59.59 64.08 31.83
N GLY A 131 -59.53 63.39 30.70
CA GLY A 131 -60.35 63.74 29.58
C GLY A 131 -59.69 64.73 28.66
N LYS A 132 -58.49 65.22 28.99
CA LYS A 132 -57.81 66.15 28.10
C LYS A 132 -56.53 65.55 27.55
N ASP A 133 -56.25 65.88 26.29
CA ASP A 133 -55.03 65.48 25.60
C ASP A 133 -53.85 66.31 26.08
N PHE A 134 -52.75 65.64 26.41
CA PHE A 134 -51.45 66.23 26.66
C PHE A 134 -50.51 65.81 25.54
N ALA A 135 -49.99 66.78 24.78
CA ALA A 135 -48.80 66.55 23.97
C ALA A 135 -47.60 66.80 24.86
N ILE A 136 -47.07 65.74 25.48
CA ILE A 136 -45.85 65.87 26.27
C ILE A 136 -44.64 65.52 25.40
N GLY A 137 -43.49 66.11 25.75
CA GLY A 137 -42.30 65.81 24.99
C GLY A 137 -40.99 66.32 25.56
N LEU A 138 -39.93 65.58 25.30
CA LEU A 138 -38.57 65.94 25.67
C LEU A 138 -37.87 66.43 24.40
N ASP A 139 -37.41 67.68 24.42
CA ASP A 139 -36.59 68.20 23.34
C ASP A 139 -35.13 67.89 23.64
N ASP A 140 -34.19 68.59 22.99
CA ASP A 140 -32.79 68.22 23.06
C ASP A 140 -32.24 68.38 24.47
N LEU A 141 -32.79 69.31 25.24
CA LEU A 141 -32.20 69.77 26.49
C LEU A 141 -32.82 69.07 27.70
N LYS A 142 -34.15 69.00 27.76
CA LYS A 142 -34.88 68.53 28.93
C LYS A 142 -36.31 68.22 28.51
N GLU A 143 -37.14 67.88 29.51
CA GLU A 143 -38.50 67.41 29.27
C GLU A 143 -39.50 68.46 29.75
N LEU A 144 -40.48 68.77 28.90
CA LEU A 144 -41.56 69.70 29.23
C LEU A 144 -42.88 69.13 28.71
N ASN A 145 -43.98 69.75 29.13
CA ASN A 145 -45.31 69.20 28.92
C ASN A 145 -46.20 70.26 28.30
N SER A 146 -47.20 69.82 27.55
CA SER A 146 -48.19 70.71 26.96
C SER A 146 -49.51 69.96 26.90
N PHE A 147 -50.60 70.73 26.84
CA PHE A 147 -51.91 70.12 26.67
C PHE A 147 -52.80 71.02 25.82
N GLY A 148 -53.66 70.38 25.02
CA GLY A 148 -54.60 71.11 24.21
C GLY A 148 -55.83 71.53 24.98
N ILE A 149 -56.07 72.84 25.05
CA ILE A 149 -57.40 73.34 25.41
C ILE A 149 -58.45 72.89 24.39
N GLY A 150 -58.05 72.75 23.12
CA GLY A 150 -58.93 72.21 22.11
C GLY A 150 -58.57 72.79 20.75
N ALA A 151 -59.52 72.67 19.82
CA ALA A 151 -59.47 73.42 18.57
C ALA A 151 -60.00 74.84 18.80
N GLY A 152 -60.26 75.55 17.70
CA GLY A 152 -60.87 76.87 17.75
C GLY A 152 -60.00 77.93 18.38
N ASN A 153 -60.37 78.36 19.58
CA ASN A 153 -59.56 79.28 20.38
C ASN A 153 -58.48 78.56 21.19
N GLY A 154 -58.54 77.24 21.28
CA GLY A 154 -57.68 76.51 22.19
C GLY A 154 -56.21 76.67 21.84
N LYS A 155 -55.37 76.73 22.87
CA LYS A 155 -53.94 76.91 22.72
C LYS A 155 -53.21 76.02 23.71
N LEU A 156 -52.07 75.47 23.28
CA LEU A 156 -51.22 74.69 24.16
C LEU A 156 -50.67 75.57 25.28
N SER A 157 -51.02 75.22 26.51
CA SER A 157 -50.45 75.86 27.70
C SER A 157 -49.46 74.91 28.36
N LEU A 158 -48.39 75.47 28.91
CA LEU A 158 -47.27 74.68 29.41
C LEU A 158 -47.22 74.75 30.93
N ALA A 159 -47.37 73.61 31.58
CA ALA A 159 -47.25 73.53 33.03
C ALA A 159 -45.76 73.47 33.42
N LEU A 160 -45.50 73.68 34.70
CA LEU A 160 -44.12 73.81 35.18
C LEU A 160 -43.40 72.47 35.11
N GLY A 161 -42.23 72.47 34.47
CA GLY A 161 -41.42 71.28 34.40
C GLY A 161 -40.04 71.48 34.98
N ASN A 162 -39.76 70.82 36.10
CA ASN A 162 -38.43 70.86 36.72
C ASN A 162 -37.32 69.96 36.17
N PRO A 163 -37.54 68.70 35.74
CA PRO A 163 -36.40 67.79 35.63
C PRO A 163 -35.50 68.06 34.43
N VAL A 164 -34.22 67.77 34.63
CA VAL A 164 -33.22 67.67 33.57
C VAL A 164 -32.51 66.34 33.81
N ASN A 165 -32.92 65.31 33.09
CA ASN A 165 -32.42 63.96 33.33
C ASN A 165 -30.97 63.84 32.90
N VAL A 166 -30.13 63.29 33.78
CA VAL A 166 -28.73 63.06 33.46
C VAL A 166 -28.60 61.98 32.39
N LEU A 167 -29.25 60.85 32.60
CA LEU A 167 -29.34 59.78 31.60
C LEU A 167 -30.77 59.75 31.08
N THR A 168 -30.94 60.04 29.80
CA THR A 168 -32.23 60.42 29.24
C THR A 168 -32.79 59.35 28.32
N GLY A 169 -34.00 58.89 28.64
CA GLY A 169 -34.75 57.95 27.82
C GLY A 169 -36.22 58.07 28.19
N VAL A 170 -37.11 58.20 27.21
CA VAL A 170 -38.51 58.56 27.48
C VAL A 170 -39.42 57.48 26.87
N VAL A 171 -40.03 56.67 27.73
CA VAL A 171 -41.17 55.86 27.36
C VAL A 171 -42.32 56.17 28.31
N LEU A 172 -43.54 56.12 27.78
CA LEU A 172 -44.70 56.37 28.63
C LEU A 172 -45.21 55.04 29.19
N PRO A 173 -45.54 54.98 30.48
CA PRO A 173 -46.21 53.78 31.01
C PRO A 173 -47.62 53.64 30.47
N VAL A 174 -47.83 52.66 29.58
CA VAL A 174 -49.09 52.49 28.87
C VAL A 174 -49.93 51.46 29.60
N GLU A 175 -51.20 51.79 29.83
CA GLU A 175 -52.10 50.84 30.49
C GLU A 175 -53.46 50.87 29.82
N GLN A 176 -54.19 49.77 29.97
CA GLN A 176 -55.55 49.67 29.46
C GLN A 176 -56.47 50.16 30.57
N ARG A 177 -56.87 51.43 30.47
CA ARG A 177 -57.75 52.08 31.42
C ARG A 177 -58.34 53.30 30.71
N ASP A 178 -59.27 53.97 31.40
CA ASP A 178 -59.95 55.12 30.81
C ASP A 178 -58.96 56.22 30.42
N GLY A 179 -57.98 56.50 31.28
CA GLY A 179 -56.89 57.37 30.89
C GLY A 179 -55.87 56.65 30.03
N SER A 180 -55.24 57.39 29.12
CA SER A 180 -54.17 56.79 28.34
C SER A 180 -52.96 56.47 29.21
N VAL A 181 -52.62 57.35 30.15
CA VAL A 181 -51.55 57.10 31.10
C VAL A 181 -52.03 57.46 32.49
N ALA A 182 -51.21 57.11 33.47
CA ALA A 182 -51.23 57.72 34.80
C ALA A 182 -49.89 58.35 35.16
N TYR A 183 -48.78 57.80 34.66
CA TYR A 183 -47.43 58.22 35.03
C TYR A 183 -46.64 58.47 33.75
N VAL A 184 -45.44 59.04 33.90
CA VAL A 184 -44.49 59.19 32.81
C VAL A 184 -43.10 58.80 33.31
N ALA A 185 -42.35 58.05 32.50
CA ALA A 185 -41.14 57.41 32.97
C ALA A 185 -39.90 57.91 32.23
N VAL A 186 -38.80 58.06 32.98
CA VAL A 186 -37.47 58.31 32.45
C VAL A 186 -36.60 57.15 32.86
N ASN A 187 -36.06 56.43 31.88
CA ASN A 187 -35.43 55.13 32.11
C ASN A 187 -33.93 55.18 31.91
N SER A 188 -33.20 54.54 32.82
CA SER A 188 -31.77 54.30 32.68
C SER A 188 -31.48 52.87 33.13
N ASP A 189 -30.30 52.37 32.71
CA ASP A 189 -29.90 51.01 33.06
C ASP A 189 -29.62 50.84 34.55
N THR A 190 -29.38 51.93 35.27
CA THR A 190 -29.15 51.82 36.71
C THR A 190 -30.46 51.78 37.49
N LYS A 191 -31.34 52.75 37.24
CA LYS A 191 -32.67 52.83 37.82
C LYS A 191 -33.56 53.60 36.86
N SER A 192 -34.85 53.32 36.93
CA SER A 192 -35.88 54.19 36.37
C SER A 192 -36.36 55.21 37.40
N VAL A 193 -36.78 56.37 36.90
CA VAL A 193 -37.45 57.38 37.70
C VAL A 193 -38.76 57.69 37.00
N ILE A 194 -39.79 58.02 37.78
CA ILE A 194 -41.14 58.08 37.25
C ILE A 194 -41.87 59.23 37.93
N TYR A 195 -42.74 59.91 37.18
CA TYR A 195 -43.40 61.12 37.62
C TYR A 195 -44.90 60.97 37.38
N LYS A 196 -45.72 61.40 38.34
CA LYS A 196 -47.16 61.29 38.17
C LYS A 196 -47.70 62.38 37.26
N VAL A 197 -48.66 62.00 36.41
CA VAL A 197 -49.29 62.89 35.44
C VAL A 197 -50.71 63.17 35.90
N ASP A 198 -51.02 64.44 36.11
CA ASP A 198 -52.16 64.85 36.92
C ASP A 198 -52.99 65.81 36.09
N ALA A 199 -53.93 66.54 36.71
CA ALA A 199 -54.70 67.58 36.02
C ALA A 199 -53.81 68.67 35.44
N LYS A 200 -52.58 68.81 35.92
CA LYS A 200 -51.59 69.71 35.33
C LYS A 200 -50.48 68.94 34.63
N GLY A 201 -50.68 67.66 34.36
CA GLY A 201 -49.63 66.84 33.79
C GLY A 201 -48.54 66.49 34.79
N LEU A 202 -47.30 66.44 34.29
CA LEU A 202 -46.06 66.35 35.05
C LEU A 202 -46.09 67.19 36.33
N GLN A 203 -45.93 66.52 37.46
CA GLN A 203 -45.66 67.16 38.74
C GLN A 203 -44.23 66.90 39.20
N LYS A 204 -43.87 67.56 40.30
CA LYS A 204 -42.59 67.31 40.95
C LYS A 204 -42.51 65.89 41.53
N ASN A 205 -43.65 65.37 42.01
CA ASN A 205 -43.70 64.14 42.80
C ASN A 205 -43.21 62.92 42.05
N GLN A 206 -42.09 62.35 42.48
CA GLN A 206 -41.39 61.29 41.76
C GLN A 206 -41.22 60.06 42.64
N LYS A 207 -41.19 58.88 42.00
CA LYS A 207 -41.34 57.61 42.68
C LYS A 207 -40.36 56.58 42.10
N ILE A 208 -39.07 56.87 42.27
CA ILE A 208 -37.96 56.07 41.75
C ILE A 208 -38.14 54.59 42.10
N ASP A 209 -38.00 53.72 41.10
CA ASP A 209 -37.98 52.28 41.29
C ASP A 209 -36.58 51.76 41.00
N VAL A 210 -36.15 50.76 41.75
CA VAL A 210 -34.84 50.15 41.56
C VAL A 210 -34.95 48.94 40.63
N ASN A 211 -34.33 49.05 39.46
CA ASN A 211 -34.25 47.96 38.50
C ASN A 211 -32.87 48.03 37.84
N VAL A 212 -32.02 47.05 38.12
CA VAL A 212 -30.64 47.07 37.67
C VAL A 212 -30.52 46.16 36.46
N ARG A 213 -29.45 46.40 35.68
CA ARG A 213 -29.09 45.63 34.47
C ARG A 213 -30.16 45.68 33.40
N ALA A 214 -31.02 46.70 33.42
CA ALA A 214 -32.22 46.73 32.59
C ALA A 214 -32.37 48.12 31.99
N SER A 215 -32.37 48.20 30.67
CA SER A 215 -32.51 49.46 29.96
C SER A 215 -33.97 49.86 29.77
N ALA A 216 -34.89 48.97 30.10
CA ALA A 216 -36.33 49.25 30.21
C ALA A 216 -36.92 49.72 28.88
N GLU A 217 -37.01 48.78 27.95
CA GLU A 217 -37.63 49.08 26.66
C GLU A 217 -39.11 49.40 26.80
N LYS A 218 -39.79 48.85 27.80
CA LYS A 218 -41.21 49.15 27.95
C LYS A 218 -41.57 49.12 29.43
N ILE A 219 -42.55 49.94 29.81
CA ILE A 219 -43.06 49.99 31.17
C ILE A 219 -44.58 49.97 31.09
N LEU A 220 -45.22 49.10 31.87
CA LEU A 220 -46.67 48.96 31.87
C LEU A 220 -47.19 49.06 33.30
N LEU A 221 -48.43 49.51 33.44
CA LEU A 221 -49.03 49.64 34.77
C LEU A 221 -50.38 48.96 34.77
N THR A 222 -50.76 48.39 35.90
CA THR A 222 -52.04 47.70 36.01
C THR A 222 -53.09 48.53 36.73
N LYS A 223 -54.36 48.16 36.52
CA LYS A 223 -55.44 48.70 37.33
C LYS A 223 -55.41 48.19 38.75
N ASN A 224 -54.72 47.07 39.00
CA ASN A 224 -54.49 46.55 40.34
C ASN A 224 -53.30 47.20 41.02
N ASN A 225 -52.66 48.16 40.34
CA ASN A 225 -51.50 48.92 40.83
C ASN A 225 -50.33 47.99 41.16
N GLU A 226 -49.94 47.19 40.17
CA GLU A 226 -48.62 46.57 40.13
C GLU A 226 -47.97 46.93 38.80
N LEU A 227 -46.68 47.24 38.85
CA LEU A 227 -45.98 47.87 37.73
C LEU A 227 -45.18 46.82 36.95
N LEU A 228 -45.58 46.58 35.70
CA LEU A 228 -44.84 45.70 34.82
C LEU A 228 -43.65 46.46 34.23
N HIS A 229 -42.67 45.69 33.76
CA HIS A 229 -41.42 46.29 33.28
C HIS A 229 -40.77 45.33 32.27
N ILE A 230 -40.95 45.62 30.99
CA ILE A 230 -40.35 44.82 29.93
C ILE A 230 -38.94 45.34 29.67
N SER A 231 -37.98 44.43 29.71
CA SER A 231 -36.55 44.69 29.60
C SER A 231 -35.92 43.62 28.72
N PRO A 232 -34.77 43.90 28.12
CA PRO A 232 -34.04 42.83 27.40
C PRO A 232 -33.69 41.63 28.25
N GLN A 233 -33.45 41.81 29.55
CA GLN A 233 -33.27 40.66 30.43
C GLN A 233 -34.55 39.84 30.55
N GLY A 234 -35.69 40.50 30.64
CA GLY A 234 -36.95 39.78 30.79
C GLY A 234 -38.04 40.73 31.26
N LEU A 235 -39.01 40.16 31.98
CA LEU A 235 -40.08 40.94 32.57
C LEU A 235 -39.95 40.87 34.09
N ASN A 236 -39.84 42.03 34.72
CA ASN A 236 -39.76 42.15 36.17
C ASN A 236 -41.01 42.89 36.65
N VAL A 237 -41.72 42.31 37.62
CA VAL A 237 -42.98 42.87 38.09
C VAL A 237 -42.72 43.61 39.39
N TYR A 238 -43.22 44.84 39.46
CA TYR A 238 -43.06 45.70 40.62
C TYR A 238 -44.43 46.07 41.17
N SER A 239 -44.48 46.38 42.47
CA SER A 239 -45.70 46.83 43.12
C SER A 239 -45.55 48.30 43.49
N VAL A 240 -46.49 49.13 43.04
CA VAL A 240 -46.42 50.56 43.32
C VAL A 240 -47.18 50.86 44.61
N GLN A 241 -46.45 51.37 45.60
CA GLN A 241 -47.01 51.81 46.86
C GLN A 241 -46.49 53.22 47.10
N GLY A 242 -46.50 53.65 48.37
CA GLY A 242 -45.76 54.85 48.75
C GLY A 242 -44.30 54.82 48.35
N SER A 243 -43.71 53.63 48.24
CA SER A 243 -42.45 53.42 47.54
C SER A 243 -42.67 52.30 46.52
N ALA A 244 -42.34 52.58 45.27
CA ALA A 244 -42.56 51.64 44.17
C ALA A 244 -41.39 50.69 43.95
N SER A 245 -40.39 50.70 44.82
CA SER A 245 -39.17 49.94 44.60
C SER A 245 -39.27 48.49 45.02
N THR A 246 -40.38 48.06 45.61
CA THR A 246 -40.51 46.69 46.07
C THR A 246 -40.62 45.73 44.88
N PHE A 247 -39.82 44.66 44.92
CA PHE A 247 -39.71 43.73 43.81
C PHE A 247 -40.63 42.53 44.07
N LYS A 248 -41.56 42.29 43.15
CA LYS A 248 -42.52 41.21 43.33
C LYS A 248 -41.97 39.87 42.85
N TYR A 249 -41.70 39.74 41.55
CA TYR A 249 -41.20 38.51 40.96
C TYR A 249 -40.72 38.79 39.54
N PHE A 250 -40.03 37.81 38.97
CA PHE A 250 -39.44 37.94 37.64
C PHE A 250 -39.84 36.75 36.78
N CYS A 251 -40.04 37.01 35.48
CA CYS A 251 -40.21 35.94 34.52
C CYS A 251 -39.37 36.24 33.27
N PRO A 252 -38.69 35.23 32.73
CA PRO A 252 -37.79 35.47 31.60
C PRO A 252 -38.45 35.47 30.23
N TYR A 253 -39.76 35.72 30.14
CA TYR A 253 -40.48 35.37 28.93
C TYR A 253 -40.23 36.40 27.83
N PHE A 254 -40.44 37.68 28.13
CA PHE A 254 -40.26 38.76 27.17
C PHE A 254 -38.83 39.27 27.28
N SER A 255 -37.93 38.66 26.51
CA SER A 255 -36.50 38.91 26.68
C SER A 255 -35.80 38.83 25.34
N SER A 256 -34.52 39.23 25.34
CA SER A 256 -33.71 39.19 24.13
C SER A 256 -33.41 37.75 23.71
N PHE A 257 -33.14 36.87 24.67
CA PHE A 257 -32.90 35.47 24.35
C PHE A 257 -34.15 34.80 23.78
N GLY A 258 -35.33 35.33 24.11
CA GLY A 258 -36.56 34.89 23.48
C GLY A 258 -36.80 35.47 22.11
N GLY A 259 -35.92 36.36 21.63
CA GLY A 259 -36.05 36.94 20.32
C GLY A 259 -36.82 38.24 20.26
N TRP A 260 -37.06 38.89 21.39
CA TRP A 260 -37.88 40.10 21.45
C TRP A 260 -36.98 41.32 21.26
N SER A 261 -36.88 41.77 20.00
CA SER A 261 -36.10 42.95 19.67
C SER A 261 -36.95 44.20 19.88
N ARG A 262 -36.49 45.33 19.33
CA ARG A 262 -37.20 46.61 19.50
C ARG A 262 -38.58 46.54 18.84
N ARG A 263 -38.66 45.94 17.65
CA ARG A 263 -39.87 46.01 16.84
C ARG A 263 -41.01 45.17 17.44
N PHE A 264 -40.68 44.17 18.26
CA PHE A 264 -41.70 43.30 18.82
C PHE A 264 -42.20 43.76 20.17
N VAL A 265 -41.36 44.43 20.97
CA VAL A 265 -41.78 44.91 22.28
C VAL A 265 -42.79 46.04 22.17
N ASP A 266 -42.68 46.86 21.12
CA ASP A 266 -43.54 48.04 20.97
C ASP A 266 -45.03 47.70 20.82
N THR A 267 -45.36 46.44 20.52
CA THR A 267 -46.75 46.09 20.24
C THR A 267 -47.53 45.66 21.47
N VAL A 268 -46.84 45.19 22.52
CA VAL A 268 -47.51 44.55 23.64
C VAL A 268 -48.38 45.53 24.41
N THR A 269 -49.57 45.08 24.77
CA THR A 269 -50.55 45.88 25.49
C THR A 269 -51.19 45.01 26.57
N LEU A 270 -52.09 45.62 27.35
CA LEU A 270 -52.76 44.94 28.44
C LEU A 270 -54.24 44.78 28.14
N MET A 271 -54.86 43.82 28.83
CA MET A 271 -56.30 43.58 28.72
C MET A 271 -56.75 42.78 29.93
N ASP A 272 -57.98 43.01 30.36
CA ASP A 272 -58.47 42.36 31.56
C ASP A 272 -58.75 40.89 31.30
N GLU A 273 -58.44 40.05 32.29
CA GLU A 273 -58.77 38.63 32.21
C GLU A 273 -60.27 38.40 32.39
N GLY A 274 -60.91 39.24 33.21
CA GLY A 274 -62.33 39.13 33.47
C GLY A 274 -62.65 39.06 34.95
N GLY A 275 -61.79 38.38 35.72
CA GLY A 275 -61.95 38.28 37.15
C GLY A 275 -61.15 39.30 37.92
N ASN A 276 -61.18 40.56 37.44
CA ASN A 276 -60.44 41.69 38.01
C ASN A 276 -58.93 41.40 38.01
N GLN A 277 -58.47 40.65 37.00
CA GLN A 277 -57.07 40.39 36.78
C GLN A 277 -56.73 40.78 35.35
N GLU A 278 -55.48 41.18 35.12
CA GLU A 278 -55.05 41.69 33.83
C GLU A 278 -53.94 40.83 33.27
N ALA A 279 -53.95 40.67 31.94
CA ALA A 279 -52.98 39.87 31.21
C ALA A 279 -52.46 40.67 30.03
N LEU A 280 -51.23 40.40 29.62
CA LEU A 280 -50.57 41.20 28.59
C LEU A 280 -50.33 40.38 27.35
N ILE A 281 -50.65 40.96 26.20
CA ILE A 281 -50.61 40.26 24.92
C ILE A 281 -49.86 41.12 23.90
N GLY A 282 -49.07 40.47 23.04
CA GLY A 282 -48.37 41.19 22.00
C GLY A 282 -47.67 40.24 21.06
N THR A 283 -47.41 40.72 19.84
CA THR A 283 -46.78 39.87 18.84
C THR A 283 -45.26 39.91 18.98
N GLY A 284 -44.63 38.76 18.74
CA GLY A 284 -43.21 38.62 18.89
C GLY A 284 -42.59 37.84 17.75
N PRO A 285 -41.44 37.22 17.99
CA PRO A 285 -40.79 36.42 16.95
C PRO A 285 -41.58 35.17 16.61
N LYS A 286 -42.03 34.42 17.62
CA LYS A 286 -42.89 33.26 17.38
C LYS A 286 -44.28 33.65 16.92
N GLY A 287 -44.68 34.92 17.10
CA GLY A 287 -45.98 35.39 16.73
C GLY A 287 -46.64 36.10 17.89
N ILE A 288 -47.96 36.27 17.78
CA ILE A 288 -48.75 36.78 18.89
C ILE A 288 -48.65 35.84 20.08
N GLU A 289 -48.27 36.39 21.22
CA GLU A 289 -48.04 35.67 22.48
C GLU A 289 -48.78 36.39 23.60
N TYR A 290 -49.36 35.61 24.50
CA TYR A 290 -50.28 36.15 25.50
C TYR A 290 -50.00 35.52 26.86
N MET A 291 -49.83 36.36 27.89
CA MET A 291 -49.43 35.82 29.19
C MET A 291 -50.28 36.42 30.30
N PRO A 292 -50.88 35.59 31.15
CA PRO A 292 -51.51 36.12 32.37
C PRO A 292 -50.49 36.53 33.41
N VAL A 293 -50.79 37.63 34.10
CA VAL A 293 -49.90 38.15 35.14
C VAL A 293 -50.19 37.38 36.44
N ASP A 294 -49.25 36.52 36.83
CA ASP A 294 -49.40 35.68 38.01
C ASP A 294 -48.02 35.32 38.54
N GLU A 295 -48.00 34.82 39.78
CA GLU A 295 -46.74 34.45 40.43
C GLU A 295 -46.03 33.34 39.66
N LYS A 296 -46.77 32.31 39.27
CA LYS A 296 -46.27 31.33 38.32
C LYS A 296 -46.65 31.80 36.91
N CYS A 297 -45.63 32.17 36.14
CA CYS A 297 -45.85 32.76 34.82
C CYS A 297 -45.91 31.67 33.76
N LYS A 298 -46.91 31.77 32.88
CA LYS A 298 -47.14 30.78 31.83
C LYS A 298 -47.64 31.54 30.61
N ASN A 299 -46.79 31.69 29.60
CA ASN A 299 -47.25 32.33 28.39
C ASN A 299 -47.97 31.32 27.51
N TYR A 300 -48.64 31.84 26.49
CA TYR A 300 -49.27 31.01 25.48
C TYR A 300 -48.88 31.56 24.11
N VAL A 301 -48.21 30.73 23.31
CA VAL A 301 -47.73 31.08 21.98
C VAL A 301 -48.67 30.43 20.98
N VAL A 302 -49.11 31.19 19.98
CA VAL A 302 -49.98 30.66 18.95
C VAL A 302 -49.21 29.62 18.14
N GLU A 303 -49.76 28.41 18.05
CA GLU A 303 -49.19 27.35 17.24
C GLU A 303 -50.27 26.90 16.28
N GLY A 304 -50.22 27.42 15.05
CA GLY A 304 -51.18 27.08 14.02
C GLY A 304 -50.59 27.30 12.65
N VAL A 305 -51.23 26.70 11.65
CA VAL A 305 -50.73 26.77 10.28
C VAL A 305 -51.63 27.73 9.50
N GLN A 306 -51.29 29.02 9.54
CA GLN A 306 -52.01 30.05 8.80
C GLN A 306 -50.97 31.05 8.28
N ASP A 307 -51.46 32.14 7.67
CA ASP A 307 -50.61 33.23 7.27
C ASP A 307 -50.74 34.46 8.14
N ALA A 308 -51.85 34.62 8.86
CA ALA A 308 -52.09 35.76 9.73
C ALA A 308 -51.65 35.50 11.16
N LYS A 309 -50.77 34.51 11.36
CA LYS A 309 -50.29 34.21 12.71
C LYS A 309 -49.46 35.36 13.28
N HIS A 310 -48.57 35.92 12.48
CA HIS A 310 -47.67 36.99 12.92
C HIS A 310 -48.30 38.31 12.52
N ALA A 311 -49.07 38.92 13.43
CA ALA A 311 -49.79 40.14 13.11
C ALA A 311 -49.60 41.18 14.20
N VAL A 312 -49.37 42.42 13.78
CA VAL A 312 -49.22 43.55 14.70
C VAL A 312 -50.55 43.81 15.39
N VAL A 313 -50.60 43.54 16.69
CA VAL A 313 -51.87 43.50 17.41
C VAL A 313 -52.29 44.92 17.78
N ALA A 314 -53.52 45.28 17.44
CA ALA A 314 -54.06 46.57 17.82
C ALA A 314 -54.34 46.62 19.32
N PRO A 315 -54.18 47.78 19.96
CA PRO A 315 -54.53 47.89 21.37
C PRO A 315 -56.03 47.79 21.59
N GLY A 316 -56.39 47.46 22.83
CA GLY A 316 -57.80 47.30 23.17
C GLY A 316 -58.39 45.95 22.85
N ALA A 317 -57.56 44.89 22.86
CA ALA A 317 -58.02 43.53 22.66
C ALA A 317 -59.02 43.12 23.74
N THR A 318 -59.74 42.02 23.51
CA THR A 318 -60.78 41.64 24.46
C THR A 318 -60.79 40.14 24.67
N LYS A 319 -61.22 39.73 25.87
CA LYS A 319 -61.37 38.34 26.24
C LYS A 319 -62.78 38.08 26.73
N GLU A 320 -63.35 36.94 26.29
CA GLU A 320 -64.70 36.52 26.62
C GLU A 320 -64.69 35.00 26.80
N GLY A 321 -64.77 34.57 28.05
CA GLY A 321 -64.50 33.18 28.38
C GLY A 321 -63.07 32.82 28.03
N ASN A 322 -62.88 31.59 27.60
CA ASN A 322 -61.57 31.16 27.11
C ASN A 322 -61.30 31.61 25.68
N ASP A 323 -62.08 32.55 25.13
CA ASP A 323 -61.83 33.05 23.79
C ASP A 323 -61.30 34.48 23.88
N ILE A 324 -60.35 34.82 23.01
CA ILE A 324 -59.90 36.20 22.88
C ILE A 324 -60.13 36.66 21.44
N LYS A 325 -60.34 37.97 21.32
CA LYS A 325 -60.47 38.68 20.05
C LYS A 325 -59.34 39.71 19.98
N VAL A 326 -58.59 39.69 18.88
CA VAL A 326 -57.54 40.67 18.64
C VAL A 326 -57.66 41.21 17.21
N LEU A 327 -57.36 42.49 17.05
CA LEU A 327 -57.34 43.13 15.74
C LEU A 327 -55.90 43.28 15.29
N GLY A 328 -55.59 42.84 14.06
CA GLY A 328 -54.22 42.81 13.62
C GLY A 328 -54.09 43.24 12.18
N VAL A 329 -52.88 43.70 11.84
CA VAL A 329 -52.53 44.09 10.47
C VAL A 329 -51.42 43.19 9.98
N TYR A 330 -51.67 42.46 8.89
CA TYR A 330 -50.67 41.60 8.26
C TYR A 330 -50.53 41.91 6.78
N ASN A 331 -49.32 42.27 6.37
CA ASN A 331 -48.94 42.53 4.97
C ASN A 331 -49.93 43.46 4.26
N GLY A 332 -50.29 44.53 4.95
CA GLY A 332 -51.25 45.48 4.40
C GLY A 332 -52.66 44.95 4.29
N GLU A 333 -53.10 44.14 5.26
CA GLU A 333 -54.47 43.67 5.34
C GLU A 333 -54.89 43.74 6.80
N LEU A 334 -56.19 43.90 7.02
CA LEU A 334 -56.75 43.96 8.36
C LEU A 334 -57.50 42.68 8.67
N CYS A 335 -57.13 42.02 9.76
CA CYS A 335 -57.73 40.75 10.13
C CYS A 335 -58.19 40.81 11.59
N LEU A 336 -59.43 40.42 11.82
CA LEU A 336 -59.93 40.19 13.16
C LEU A 336 -59.74 38.72 13.49
N LEU A 337 -59.05 38.44 14.59
CA LEU A 337 -58.60 37.10 14.92
C LEU A 337 -59.35 36.64 16.16
N THR A 338 -60.06 35.52 16.03
CA THR A 338 -60.74 34.86 17.13
C THR A 338 -59.91 33.64 17.47
N LEU A 339 -59.50 33.51 18.73
CA LEU A 339 -58.65 32.39 19.09
C LEU A 339 -58.89 32.01 20.54
N GLU A 340 -58.38 30.85 20.93
CA GLU A 340 -58.73 30.22 22.19
C GLU A 340 -57.48 29.97 23.01
N VAL A 341 -57.58 30.10 24.33
CA VAL A 341 -56.47 29.80 25.23
C VAL A 341 -56.60 28.36 25.73
N VAL A 342 -55.53 27.60 25.57
CA VAL A 342 -55.51 26.17 25.89
C VAL A 342 -54.43 25.93 26.93
N ASP A 343 -54.81 25.32 28.05
CA ASP A 343 -53.84 24.88 29.05
C ASP A 343 -53.24 23.55 28.60
N ALA A 344 -51.92 23.47 28.59
CA ALA A 344 -51.23 22.33 28.01
C ALA A 344 -51.44 21.08 28.85
N VAL A 345 -51.77 19.97 28.20
CA VAL A 345 -51.89 18.67 28.84
C VAL A 345 -50.99 17.69 28.10
N GLU A 346 -50.41 16.76 28.86
CA GLU A 346 -49.53 15.74 28.30
C GLU A 346 -49.43 14.56 29.24
N PRO A 347 -50.19 13.49 29.00
CA PRO A 347 -50.13 12.31 29.88
C PRO A 347 -48.73 11.70 29.90
N LYS A 348 -48.21 11.51 31.11
CA LYS A 348 -46.86 10.97 31.25
C LYS A 348 -46.84 9.49 30.91
N LEU A 349 -45.67 9.02 30.49
CA LEU A 349 -45.46 7.61 30.15
C LEU A 349 -44.41 7.02 31.07
N ASP A 350 -44.71 5.84 31.62
CA ASP A 350 -43.81 5.14 32.53
C ASP A 350 -43.81 3.67 32.13
N GLN A 351 -43.05 2.87 32.90
CA GLN A 351 -42.91 1.43 32.68
C GLN A 351 -42.39 1.13 31.27
N GLY A 352 -41.45 1.95 30.81
CA GLY A 352 -40.83 1.78 29.50
C GLY A 352 -40.16 0.44 29.30
N SER A 353 -39.20 0.10 30.17
CA SER A 353 -38.49 -1.18 30.09
C SER A 353 -38.37 -1.81 31.49
N PRO A 354 -39.49 -2.22 32.09
CA PRO A 354 -39.41 -2.91 33.39
C PRO A 354 -39.41 -4.43 33.29
N ALA A 355 -39.29 -4.98 32.08
CA ALA A 355 -39.66 -6.36 31.77
C ALA A 355 -38.92 -7.37 32.66
N LYS A 356 -39.69 -8.31 33.21
CA LYS A 356 -39.26 -9.22 34.27
C LYS A 356 -38.10 -10.09 33.80
N PRO A 357 -36.90 -9.87 34.32
CA PRO A 357 -35.73 -10.65 33.87
C PRO A 357 -35.65 -11.96 34.65
N SER A 358 -34.70 -12.78 34.25
CA SER A 358 -34.50 -14.09 34.85
C SER A 358 -33.07 -14.54 34.57
N ALA A 359 -32.71 -15.69 35.13
CA ALA A 359 -31.42 -16.27 34.83
C ALA A 359 -31.45 -16.97 33.48
N GLU A 360 -30.26 -17.32 32.99
CA GLU A 360 -30.09 -17.97 31.71
C GLU A 360 -29.78 -19.45 31.97
N ARG A 361 -30.53 -20.32 31.32
CA ARG A 361 -30.45 -21.75 31.58
C ARG A 361 -29.95 -22.47 30.32
N VAL A 362 -28.92 -23.30 30.49
CA VAL A 362 -28.31 -24.04 29.40
C VAL A 362 -28.17 -25.51 29.79
N LYS A 363 -28.70 -26.39 28.95
CA LYS A 363 -28.59 -27.85 29.08
C LYS A 363 -28.42 -28.43 27.69
N ALA A 364 -27.46 -29.35 27.53
CA ALA A 364 -27.08 -29.89 26.22
C ALA A 364 -27.80 -31.21 25.98
N THR A 365 -28.95 -31.15 25.32
CA THR A 365 -29.66 -32.35 24.88
C THR A 365 -29.37 -32.59 23.40
N LYS A 366 -28.59 -33.63 23.11
CA LYS A 366 -28.31 -33.98 21.72
C LYS A 366 -29.55 -34.57 21.07
N SER A 367 -29.78 -34.19 19.82
CA SER A 367 -30.96 -34.66 19.10
C SER A 367 -30.83 -36.15 18.77
N SER A 368 -31.94 -36.87 18.91
CA SER A 368 -32.00 -38.27 18.51
C SER A 368 -32.22 -38.43 17.02
N LYS A 369 -32.63 -37.37 16.31
CA LYS A 369 -32.80 -37.43 14.87
C LYS A 369 -31.46 -37.52 14.16
N VAL A 370 -30.43 -36.90 14.73
CA VAL A 370 -29.14 -36.70 14.08
C VAL A 370 -28.10 -37.51 14.82
N THR A 371 -27.30 -38.28 14.09
CA THR A 371 -26.35 -39.22 14.68
C THR A 371 -24.93 -38.88 14.23
N VAL A 372 -24.00 -38.88 15.19
CA VAL A 372 -22.59 -38.67 14.88
C VAL A 372 -22.04 -39.89 14.16
N ARG A 373 -21.25 -39.65 13.11
CA ARG A 373 -20.79 -40.71 12.22
C ARG A 373 -19.46 -41.23 12.76
N SER A 374 -19.32 -42.56 12.81
CA SER A 374 -18.09 -43.21 13.26
C SER A 374 -17.17 -43.44 12.07
N GLY A 375 -16.01 -42.79 12.07
CA GLY A 375 -15.06 -42.92 10.98
C GLY A 375 -15.41 -42.04 9.81
N ALA A 376 -14.40 -41.58 9.06
CA ALA A 376 -14.66 -40.69 7.94
C ALA A 376 -15.40 -41.43 6.83
N LEU A 377 -16.09 -40.66 5.99
CA LEU A 377 -16.91 -41.24 4.93
C LEU A 377 -16.64 -40.67 3.55
N SER A 378 -16.05 -39.48 3.44
CA SER A 378 -15.85 -38.84 2.15
C SER A 378 -14.47 -38.20 2.09
N LYS A 379 -13.81 -38.37 0.94
CA LYS A 379 -12.48 -37.80 0.72
C LYS A 379 -12.49 -37.13 -0.64
N PRO A 380 -12.62 -35.79 -0.69
CA PRO A 380 -12.72 -35.10 -1.97
C PRO A 380 -11.44 -35.23 -2.78
N VAL A 381 -11.60 -35.29 -4.09
CA VAL A 381 -10.46 -35.40 -5.01
C VAL A 381 -10.06 -33.98 -5.37
N SER A 382 -8.98 -33.49 -4.76
CA SER A 382 -8.41 -32.22 -5.17
C SER A 382 -7.86 -32.34 -6.57
N TRP A 383 -7.99 -31.27 -7.35
CA TRP A 383 -7.53 -31.24 -8.72
C TRP A 383 -6.24 -30.44 -8.81
N LEU A 384 -5.20 -31.04 -9.39
CA LEU A 384 -3.91 -30.39 -9.50
C LEU A 384 -3.97 -29.16 -10.39
N ARG A 385 -4.99 -29.07 -11.26
CA ARG A 385 -5.14 -27.95 -12.17
C ARG A 385 -5.34 -26.63 -11.43
N ASP A 386 -6.15 -26.63 -10.37
CA ASP A 386 -6.40 -25.41 -9.62
C ASP A 386 -5.24 -25.05 -8.70
N SER A 387 -4.54 -26.05 -8.15
CA SER A 387 -3.47 -25.76 -7.21
C SER A 387 -2.17 -25.38 -7.90
N LEU A 388 -2.01 -25.70 -9.17
CA LEU A 388 -0.79 -25.40 -9.90
C LEU A 388 -0.75 -23.92 -10.26
N ASP A 389 0.24 -23.20 -9.73
CA ASP A 389 0.38 -21.78 -9.99
C ASP A 389 0.94 -21.55 -11.39
N GLU A 390 0.59 -20.42 -11.97
CA GLU A 390 1.04 -20.06 -13.31
C GLU A 390 2.14 -19.01 -13.32
N ALA A 391 2.71 -18.71 -12.16
CA ALA A 391 3.86 -17.80 -12.12
C ALA A 391 5.13 -18.44 -12.68
N SER A 392 5.15 -19.76 -12.82
CA SER A 392 6.29 -20.45 -13.40
C SER A 392 6.31 -20.38 -14.91
N PHE A 393 5.19 -20.00 -15.54
CA PHE A 393 5.06 -20.01 -16.99
C PHE A 393 4.96 -18.63 -17.60
N LYS A 394 5.26 -17.58 -16.84
CA LYS A 394 5.10 -16.21 -17.33
C LYS A 394 6.41 -15.66 -17.90
N ASN A 395 7.45 -15.58 -17.08
CA ASN A 395 8.78 -15.16 -17.53
C ASN A 395 9.66 -16.41 -17.53
N ILE A 396 9.66 -17.11 -18.66
CA ILE A 396 10.39 -18.35 -18.80
C ILE A 396 11.72 -18.15 -19.52
N VAL A 397 11.71 -17.33 -20.57
CA VAL A 397 12.85 -17.25 -21.50
C VAL A 397 14.05 -16.60 -20.82
N ASP A 398 15.20 -17.26 -20.95
CA ASP A 398 16.47 -16.67 -20.53
C ASP A 398 16.92 -15.67 -21.60
N LYS A 399 17.31 -14.48 -21.16
CA LYS A 399 17.79 -13.47 -22.09
C LYS A 399 19.20 -13.77 -22.58
N LEU A 400 20.05 -14.35 -21.72
CA LEU A 400 21.47 -14.44 -21.98
C LEU A 400 21.79 -15.36 -23.17
N SER A 401 21.14 -16.51 -23.23
CA SER A 401 21.43 -17.49 -24.28
C SER A 401 20.23 -17.81 -25.16
N GLY A 402 19.08 -17.21 -24.91
CA GLY A 402 17.92 -17.43 -25.75
C GLY A 402 17.18 -18.73 -25.52
N LYS A 403 17.59 -19.53 -24.55
CA LYS A 403 16.88 -20.75 -24.22
C LYS A 403 15.69 -20.43 -23.33
N ILE A 404 14.95 -21.46 -22.94
CA ILE A 404 13.84 -21.33 -22.02
C ILE A 404 14.07 -22.26 -20.84
N ARG A 405 13.70 -21.79 -19.64
CA ARG A 405 14.01 -22.50 -18.42
C ARG A 405 12.96 -22.20 -17.36
N PHE A 406 12.41 -23.25 -16.74
CA PHE A 406 11.32 -23.06 -15.80
C PHE A 406 11.26 -24.25 -14.85
N SER A 407 10.80 -23.99 -13.64
CA SER A 407 10.64 -25.01 -12.61
C SER A 407 9.22 -24.96 -12.06
N PHE A 408 8.55 -26.10 -12.03
CA PHE A 408 7.22 -26.19 -11.46
C PHE A 408 7.17 -27.33 -10.46
N PRO A 409 6.37 -27.21 -9.40
CA PRO A 409 6.27 -28.31 -8.43
C PRO A 409 5.35 -29.40 -8.95
N LEU A 410 5.80 -30.64 -8.79
CA LEU A 410 4.95 -31.77 -9.17
C LEU A 410 4.05 -32.20 -8.04
N VAL A 411 4.56 -32.29 -6.81
CA VAL A 411 3.69 -32.35 -5.65
C VAL A 411 4.17 -31.34 -4.62
N ASP A 412 3.23 -30.62 -4.02
CA ASP A 412 3.59 -29.57 -3.08
C ASP A 412 2.41 -29.45 -2.12
N LEU A 413 2.52 -30.13 -0.99
CA LEU A 413 1.49 -30.11 0.04
C LEU A 413 2.10 -29.52 1.31
N GLN A 414 1.56 -28.37 1.71
CA GLN A 414 1.98 -27.62 2.89
C GLN A 414 0.78 -27.27 3.75
N GLY A 415 -0.37 -27.89 3.49
CA GLY A 415 -1.46 -28.03 4.44
C GLY A 415 -1.21 -29.03 5.54
N ARG A 416 -0.06 -29.70 5.52
CA ARG A 416 0.39 -30.50 6.64
C ARG A 416 0.55 -29.62 7.89
N MET A 417 0.13 -30.15 9.04
CA MET A 417 0.57 -29.54 10.29
C MET A 417 1.96 -30.03 10.65
N GLY A 418 2.33 -31.20 10.17
CA GLY A 418 3.69 -31.72 10.33
C GLY A 418 4.64 -31.04 9.37
N LEU A 419 5.70 -31.75 9.04
CA LEU A 419 6.68 -31.22 8.09
C LEU A 419 6.11 -31.25 6.68
N PRO A 420 6.22 -30.17 5.92
CA PRO A 420 5.60 -30.12 4.59
C PRO A 420 6.36 -30.99 3.59
N ILE A 421 5.67 -31.36 2.51
CA ILE A 421 6.25 -32.20 1.47
C ILE A 421 6.26 -31.44 0.16
N LYS A 422 7.43 -31.34 -0.47
CA LYS A 422 7.49 -30.76 -1.81
C LYS A 422 8.47 -31.52 -2.68
N LEU A 423 8.05 -31.79 -3.92
CA LEU A 423 8.85 -32.44 -4.94
C LEU A 423 8.69 -31.61 -6.22
N VAL A 424 9.80 -31.05 -6.68
CA VAL A 424 9.86 -30.02 -7.71
C VAL A 424 10.41 -30.63 -9.00
N VAL A 425 9.89 -30.16 -10.14
CA VAL A 425 10.29 -30.64 -11.47
C VAL A 425 10.90 -29.47 -12.23
N TYR A 426 12.10 -29.70 -12.79
CA TYR A 426 12.89 -28.65 -13.42
C TYR A 426 13.08 -28.98 -14.90
N TYR A 427 13.03 -27.94 -15.74
CA TYR A 427 13.37 -28.02 -17.15
C TYR A 427 14.53 -27.08 -17.44
N ASP A 428 15.59 -27.64 -18.01
CA ASP A 428 16.76 -26.87 -18.43
C ASP A 428 17.44 -27.58 -19.58
N GLU A 429 17.39 -26.96 -20.77
CA GLU A 429 17.95 -27.57 -21.97
C GLU A 429 19.45 -27.79 -21.83
N SER A 430 19.90 -29.00 -22.18
CA SER A 430 21.30 -29.39 -22.04
C SER A 430 21.69 -30.24 -23.24
N ASP A 431 22.99 -30.43 -23.40
CA ASP A 431 23.52 -31.25 -24.47
C ASP A 431 23.86 -32.66 -24.03
N GLY A 432 23.56 -33.01 -22.79
CA GLY A 432 23.87 -34.35 -22.29
C GLY A 432 22.78 -35.34 -22.66
N GLU A 433 23.20 -36.51 -23.14
CA GLU A 433 22.28 -37.59 -23.45
C GLU A 433 21.78 -38.32 -22.21
N ASP A 434 22.21 -37.91 -21.02
CA ASP A 434 21.69 -38.48 -19.79
C ASP A 434 20.20 -38.19 -19.61
N MET A 435 19.47 -39.21 -19.20
CA MET A 435 18.02 -39.10 -19.03
C MET A 435 17.67 -39.35 -17.57
N SER A 436 16.93 -38.41 -16.99
CA SER A 436 16.40 -38.60 -15.64
C SER A 436 15.15 -39.46 -15.71
N VAL A 437 14.44 -39.57 -14.59
CA VAL A 437 13.24 -40.41 -14.56
C VAL A 437 12.10 -39.76 -15.33
N LEU A 438 12.11 -38.43 -15.48
CA LEU A 438 11.10 -37.77 -16.30
C LEU A 438 11.41 -37.92 -17.78
N GLY A 439 12.68 -37.83 -18.15
CA GLY A 439 13.12 -37.91 -19.52
C GLY A 439 14.29 -36.97 -19.73
N ARG A 440 14.68 -36.82 -21.00
CA ARG A 440 15.72 -35.86 -21.35
C ARG A 440 15.21 -34.44 -21.12
N HIS A 441 16.15 -33.54 -20.80
CA HIS A 441 15.96 -32.11 -20.54
C HIS A 441 15.23 -31.84 -19.22
N TRP A 442 14.75 -32.88 -18.54
CA TRP A 442 13.94 -32.74 -17.34
C TRP A 442 14.65 -33.39 -16.16
N THR A 443 14.56 -32.76 -14.99
CA THR A 443 15.10 -33.34 -13.77
C THR A 443 14.02 -33.34 -12.69
N LEU A 444 13.88 -34.48 -12.01
CA LEU A 444 13.02 -34.60 -10.85
C LEU A 444 13.83 -34.29 -9.59
N GLY A 445 13.19 -33.63 -8.63
CA GLY A 445 13.90 -33.25 -7.42
C GLY A 445 14.29 -34.46 -6.57
N ARG A 446 15.39 -34.29 -5.84
CA ARG A 446 16.00 -35.36 -5.05
C ARG A 446 17.04 -34.75 -4.12
N ASP A 447 17.46 -35.53 -3.14
CA ASP A 447 18.54 -35.12 -2.25
C ASP A 447 19.28 -36.35 -1.74
N CYS A 448 20.60 -36.22 -1.60
CA CYS A 448 21.46 -37.35 -1.25
C CYS A 448 22.83 -36.84 -0.86
N ILE A 449 23.74 -37.76 -0.58
CA ILE A 449 25.15 -37.48 -0.34
C ILE A 449 25.97 -38.44 -1.19
N VAL A 450 26.86 -37.88 -2.00
CA VAL A 450 27.58 -38.63 -3.03
C VAL A 450 29.07 -38.64 -2.68
N LEU A 451 29.73 -39.74 -3.02
CA LEU A 451 31.16 -39.90 -2.79
C LEU A 451 31.92 -39.76 -4.10
N ASP A 452 33.01 -39.01 -4.06
CA ASP A 452 33.93 -38.83 -5.19
C ASP A 452 35.30 -39.24 -4.66
N HIS A 453 35.70 -40.47 -4.97
CA HIS A 453 37.00 -40.98 -4.54
C HIS A 453 38.09 -40.79 -5.58
N GLY A 454 37.72 -40.74 -6.86
CA GLY A 454 38.70 -40.62 -7.92
C GLY A 454 39.58 -41.85 -8.09
N ASN A 455 38.97 -43.03 -7.98
CA ASN A 455 39.62 -44.33 -8.20
C ASN A 455 40.78 -44.59 -7.24
N THR A 456 40.75 -43.96 -6.07
CA THR A 456 41.79 -44.18 -5.07
C THR A 456 41.14 -44.32 -3.70
N VAL A 457 41.89 -44.91 -2.77
CA VAL A 457 41.38 -45.26 -1.45
C VAL A 457 41.93 -44.36 -0.36
N PHE A 458 42.79 -43.39 -0.72
CA PHE A 458 43.40 -42.51 0.27
C PHE A 458 42.36 -41.65 0.97
N GLU A 459 42.53 -41.49 2.28
CA GLU A 459 41.53 -40.82 3.10
C GLU A 459 41.44 -39.32 2.84
N ASP A 460 42.46 -38.72 2.23
CA ASP A 460 42.42 -37.30 1.93
C ASP A 460 41.64 -37.02 0.65
N LYS A 461 41.79 -37.89 -0.35
CA LYS A 461 41.17 -37.66 -1.65
C LYS A 461 39.68 -37.97 -1.68
N GLN A 462 39.12 -38.58 -0.64
CA GLN A 462 37.68 -38.82 -0.60
C GLN A 462 36.94 -37.51 -0.41
N ASP A 463 35.99 -37.23 -1.32
CA ASP A 463 35.19 -36.02 -1.25
C ASP A 463 33.71 -36.40 -1.11
N TYR A 464 33.01 -35.71 -0.23
CA TYR A 464 31.59 -35.95 0.00
C TYR A 464 30.79 -34.73 -0.43
N TYR A 465 29.70 -34.96 -1.14
CA TYR A 465 28.89 -33.88 -1.68
C TYR A 465 27.45 -34.02 -1.22
N LEU A 466 26.91 -32.96 -0.64
CA LEU A 466 25.50 -32.88 -0.31
C LEU A 466 24.75 -32.33 -1.52
N VAL A 467 23.88 -33.15 -2.11
CA VAL A 467 23.16 -32.81 -3.33
C VAL A 467 21.70 -32.56 -2.98
N LYS A 468 21.21 -31.36 -3.28
CA LYS A 468 19.79 -31.00 -3.23
C LYS A 468 19.36 -30.51 -4.62
N ASP A 469 18.64 -31.37 -5.35
CA ASP A 469 18.13 -31.12 -6.70
C ASP A 469 19.32 -30.77 -7.60
N GLN A 470 19.35 -29.61 -8.24
CA GLN A 470 20.45 -29.22 -9.12
C GLN A 470 21.54 -28.46 -8.38
N MET A 471 21.69 -28.65 -7.07
CA MET A 471 22.70 -27.90 -6.33
C MET A 471 23.52 -28.85 -5.48
N LYS A 472 24.81 -28.53 -5.34
CA LYS A 472 25.77 -29.36 -4.63
C LYS A 472 26.58 -28.50 -3.67
N ILE A 473 26.93 -29.07 -2.51
CA ILE A 473 27.78 -28.42 -1.52
C ILE A 473 28.81 -29.44 -1.05
N ARG A 474 30.06 -29.01 -0.90
CA ARG A 474 31.12 -29.90 -0.46
C ARG A 474 31.11 -30.06 1.05
N LEU A 475 31.29 -31.30 1.52
CA LEU A 475 31.49 -31.61 2.92
C LEU A 475 32.99 -31.73 3.21
N GLU A 476 33.41 -31.20 4.35
CA GLU A 476 34.82 -31.07 4.70
C GLU A 476 35.06 -31.73 6.04
N ARG A 477 36.00 -32.67 6.08
CA ARG A 477 36.24 -33.43 7.30
C ARG A 477 36.96 -32.56 8.33
N ASP A 478 36.49 -32.63 9.57
CA ASP A 478 37.13 -31.91 10.67
C ASP A 478 38.14 -32.87 11.31
N TRP A 479 39.38 -32.80 10.83
CA TRP A 479 40.41 -33.75 11.24
C TRP A 479 40.89 -33.55 12.67
N THR A 480 40.52 -32.44 13.31
CA THR A 480 41.02 -32.14 14.65
C THR A 480 40.40 -33.00 15.73
N LYS A 481 39.32 -33.73 15.44
CA LYS A 481 38.61 -34.54 16.43
C LYS A 481 38.41 -35.96 15.93
N PRO A 482 39.44 -36.81 15.99
CA PRO A 482 39.24 -38.23 15.70
C PRO A 482 38.42 -38.89 16.79
N SER A 483 37.45 -39.69 16.39
CA SER A 483 36.50 -40.32 17.31
C SER A 483 36.62 -41.83 17.22
N ALA A 484 36.62 -42.48 18.38
CA ALA A 484 36.74 -43.93 18.46
C ALA A 484 35.39 -44.65 18.54
N ASN A 485 34.28 -43.92 18.49
CA ASN A 485 32.98 -44.56 18.46
C ASN A 485 32.64 -45.18 17.12
N GLY A 486 33.44 -44.92 16.09
CA GLY A 486 33.18 -45.41 14.75
C GLY A 486 32.60 -44.38 13.82
N LYS A 487 32.28 -43.18 14.32
CA LYS A 487 31.63 -42.13 13.55
C LYS A 487 32.53 -40.91 13.45
N VAL A 488 32.65 -40.38 12.23
CA VAL A 488 33.49 -39.22 11.97
C VAL A 488 32.60 -38.01 11.71
N LEU A 489 33.16 -36.83 11.94
CA LEU A 489 32.41 -35.57 11.93
C LEU A 489 32.73 -34.76 10.68
N PHE A 490 31.69 -34.22 10.05
CA PHE A 490 31.82 -33.35 8.88
C PHE A 490 31.08 -32.04 9.09
N ASN A 491 31.58 -31.00 8.42
CA ASN A 491 30.94 -29.70 8.41
C ASN A 491 31.33 -28.93 7.17
N MET A 492 30.52 -27.91 6.86
CA MET A 492 30.66 -27.06 5.68
C MET A 492 31.27 -25.72 6.04
N VAL A 493 31.97 -25.11 5.07
CA VAL A 493 32.38 -23.71 5.22
C VAL A 493 31.13 -22.86 5.42
N GLY A 494 31.21 -21.91 6.35
CA GLY A 494 30.18 -20.91 6.54
C GLY A 494 28.99 -21.39 7.34
N ASN A 495 28.84 -22.70 7.55
CA ASN A 495 27.77 -23.26 8.38
C ASN A 495 28.39 -24.23 9.38
N LYS A 496 28.92 -23.68 10.47
CA LYS A 496 29.40 -24.49 11.58
C LYS A 496 28.27 -24.87 12.53
N ASP A 497 27.12 -24.22 12.41
CA ASP A 497 25.97 -24.54 13.25
C ASP A 497 25.24 -25.80 12.79
N ALA A 498 25.51 -26.27 11.58
CA ALA A 498 24.98 -27.54 11.09
C ALA A 498 26.09 -28.59 11.18
N THR A 499 25.78 -29.73 11.78
CA THR A 499 26.77 -30.77 12.02
C THR A 499 26.38 -32.07 11.32
N PHE A 500 27.38 -32.76 10.75
CA PHE A 500 27.21 -34.04 10.07
C PHE A 500 28.00 -35.08 10.85
N GLU A 501 27.39 -36.25 11.08
CA GLU A 501 28.02 -37.34 11.80
C GLU A 501 27.78 -38.61 11.02
N TYR A 502 28.86 -39.21 10.51
CA TYR A 502 28.79 -40.38 9.65
C TYR A 502 29.29 -41.59 10.40
N THR A 503 28.43 -42.61 10.53
CA THR A 503 28.77 -43.86 11.18
C THR A 503 29.04 -44.90 10.10
N ALA A 504 30.32 -45.31 10.01
CA ALA A 504 30.76 -46.17 8.92
C ALA A 504 30.23 -47.59 9.08
N ARG A 505 30.24 -48.11 10.32
CA ARG A 505 29.79 -49.47 10.56
C ARG A 505 28.29 -49.59 10.34
N GLU A 506 27.55 -48.49 10.52
CA GLU A 506 26.11 -48.48 10.38
C GLU A 506 25.68 -48.05 8.98
N GLU A 507 26.62 -47.52 8.17
CA GLU A 507 26.33 -46.93 6.87
C GLU A 507 25.27 -45.84 6.99
N LYS A 508 25.47 -44.92 7.93
CA LYS A 508 24.44 -43.92 8.23
C LYS A 508 25.04 -42.54 8.39
N TRP A 509 24.40 -41.53 7.78
CA TRP A 509 24.65 -40.14 8.14
C TRP A 509 23.48 -39.61 8.96
N GLU A 510 23.79 -39.03 10.11
CA GLU A 510 22.86 -38.15 10.81
C GLU A 510 23.38 -36.71 10.76
N VAL A 511 22.53 -35.79 10.31
CA VAL A 511 22.92 -34.40 10.16
C VAL A 511 21.81 -33.52 10.75
N SER A 512 22.22 -32.50 11.49
CA SER A 512 21.20 -31.61 12.03
C SER A 512 21.71 -30.19 12.24
N ASP A 513 20.75 -29.27 12.24
CA ASP A 513 20.80 -28.01 12.97
C ASP A 513 20.21 -28.21 14.38
N GLY A 514 19.85 -27.14 15.06
CA GLY A 514 19.23 -27.26 16.36
C GLY A 514 17.78 -27.71 16.38
N LYS A 515 17.15 -27.90 15.23
CA LYS A 515 15.71 -28.14 15.17
C LYS A 515 15.34 -29.42 14.44
N ILE A 516 15.96 -29.70 13.30
CA ILE A 516 15.53 -30.77 12.40
C ILE A 516 16.74 -31.62 12.03
N ARG A 517 16.61 -32.94 12.13
CA ARG A 517 17.66 -33.84 11.69
C ARG A 517 17.25 -34.71 10.51
N TYR A 518 18.15 -34.81 9.55
CA TYR A 518 18.05 -35.67 8.38
C TYR A 518 18.92 -36.90 8.57
N VAL A 519 18.38 -38.06 8.23
CA VAL A 519 19.11 -39.32 8.26
C VAL A 519 19.23 -39.84 6.83
N TYR A 520 20.46 -39.92 6.35
CA TYR A 520 20.80 -40.44 5.03
C TYR A 520 21.36 -41.85 5.14
N GLY A 521 21.02 -42.67 4.15
CA GLY A 521 21.59 -44.01 4.04
C GLY A 521 20.86 -45.14 4.73
N MET A 522 21.06 -45.27 6.05
CA MET A 522 20.41 -46.30 6.88
C MET A 522 20.66 -47.71 6.33
N ASN A 523 21.87 -47.92 5.82
CA ASN A 523 22.38 -49.21 5.29
C ASN A 523 21.45 -49.67 4.18
N ASN A 524 20.93 -50.90 4.22
CA ASN A 524 20.21 -51.52 3.10
C ASN A 524 18.98 -50.74 2.66
N GLN A 525 18.44 -49.87 3.51
CA GLN A 525 17.27 -49.08 3.15
C GLN A 525 17.56 -48.12 1.99
N GLY A 526 18.61 -47.32 2.11
CA GLY A 526 18.83 -46.25 1.15
C GLY A 526 20.24 -45.99 0.65
N VAL A 527 21.07 -47.03 0.52
CA VAL A 527 22.46 -46.88 0.15
C VAL A 527 22.69 -47.48 -1.24
N VAL A 528 23.21 -46.67 -2.16
CA VAL A 528 23.73 -47.16 -3.43
C VAL A 528 25.19 -47.54 -3.20
N SER A 529 25.49 -48.83 -3.36
CA SER A 529 26.82 -49.39 -3.17
C SER A 529 27.19 -50.26 -4.36
N VAL A 530 28.47 -50.26 -4.72
CA VAL A 530 28.95 -51.00 -5.88
C VAL A 530 30.06 -51.92 -5.41
N PRO A 531 30.32 -53.02 -6.11
CA PRO A 531 31.41 -53.93 -5.71
C PRO A 531 32.77 -53.27 -5.88
N GLY A 532 33.51 -53.17 -4.78
CA GLY A 532 34.83 -52.59 -4.78
C GLY A 532 35.60 -53.00 -3.54
N TRP A 533 36.89 -53.26 -3.70
CA TRP A 533 37.68 -53.79 -2.59
C TRP A 533 38.04 -52.67 -1.62
N ALA A 534 38.40 -53.08 -0.40
CA ALA A 534 38.77 -52.13 0.64
C ALA A 534 40.11 -51.46 0.39
N ASP A 535 40.91 -51.99 -0.54
CA ASP A 535 42.20 -51.39 -0.88
C ASP A 535 42.27 -50.82 -2.29
N TRP A 536 41.38 -51.25 -3.18
CA TRP A 536 41.43 -50.84 -4.59
C TRP A 536 40.03 -50.46 -5.07
N TYR A 537 39.78 -49.16 -5.16
CA TYR A 537 38.52 -48.65 -5.70
C TYR A 537 38.52 -48.55 -7.23
N GLY A 538 39.70 -48.65 -7.86
CA GLY A 538 39.81 -48.41 -9.27
C GLY A 538 39.22 -49.51 -10.11
N PRO A 539 39.29 -49.34 -11.43
CA PRO A 539 38.73 -50.34 -12.34
C PRO A 539 39.49 -51.65 -12.31
N SER A 540 38.79 -52.72 -12.71
CA SER A 540 39.32 -54.06 -12.70
C SER A 540 38.79 -54.83 -13.90
N ALA A 541 39.26 -56.07 -14.05
CA ALA A 541 38.76 -56.94 -15.12
C ALA A 541 37.56 -57.75 -14.68
N ASN A 542 37.60 -58.29 -13.46
CA ASN A 542 36.44 -58.94 -12.86
C ASN A 542 36.28 -58.44 -11.42
N TYR A 543 35.05 -58.47 -10.93
CA TYR A 543 34.71 -57.86 -9.66
C TYR A 543 34.28 -58.91 -8.66
N ASP A 544 34.41 -58.55 -7.38
CA ASP A 544 34.05 -59.42 -6.27
C ASP A 544 32.70 -58.92 -5.74
N SER A 545 31.65 -59.73 -5.94
CA SER A 545 30.32 -59.31 -5.50
C SER A 545 30.17 -59.38 -3.98
N LYS A 546 30.95 -60.24 -3.33
CA LYS A 546 30.91 -60.32 -1.86
C LYS A 546 31.44 -59.03 -1.23
N LYS A 547 32.59 -58.56 -1.70
CA LYS A 547 33.09 -57.26 -1.30
C LYS A 547 32.23 -56.16 -1.91
N ILE A 548 32.08 -55.07 -1.16
CA ILE A 548 31.24 -53.95 -1.58
C ILE A 548 31.73 -52.69 -0.88
N HIS A 549 31.41 -51.54 -1.45
CA HIS A 549 31.67 -50.25 -0.81
C HIS A 549 30.61 -49.27 -1.26
N SER A 550 30.25 -48.36 -0.37
CA SER A 550 29.08 -47.51 -0.55
C SER A 550 29.48 -46.17 -1.15
N VAL A 551 28.82 -45.79 -2.23
CA VAL A 551 29.12 -44.55 -2.91
C VAL A 551 28.08 -43.46 -2.67
N GLN A 552 26.80 -43.80 -2.50
CA GLN A 552 25.82 -42.74 -2.31
C GLN A 552 24.82 -43.11 -1.23
N TRP A 553 24.51 -42.16 -0.37
CA TRP A 553 23.52 -42.34 0.69
C TRP A 553 22.37 -41.37 0.45
N ASN A 554 21.19 -41.91 0.22
CA ASN A 554 20.01 -41.10 -0.04
C ASN A 554 19.27 -40.79 1.26
N LEU A 555 18.37 -39.82 1.18
CA LEU A 555 17.63 -39.35 2.35
C LEU A 555 16.61 -40.38 2.78
N VAL A 556 16.85 -41.00 3.93
CA VAL A 556 15.91 -41.99 4.46
C VAL A 556 14.85 -41.32 5.33
N GLU A 557 15.23 -40.47 6.27
CA GLU A 557 14.23 -40.02 7.22
C GLU A 557 14.49 -38.58 7.65
N ILE A 558 13.41 -37.84 7.91
CA ILE A 558 13.48 -36.48 8.44
C ILE A 558 12.69 -36.45 9.74
N SER A 559 13.26 -35.83 10.78
CA SER A 559 12.62 -35.79 12.08
C SER A 559 12.97 -34.47 12.76
N SER A 560 12.32 -34.23 13.90
CA SER A 560 12.57 -33.04 14.70
C SER A 560 13.26 -33.43 16.00
N VAL A 561 14.25 -32.63 16.39
CA VAL A 561 15.04 -32.92 17.60
C VAL A 561 14.14 -32.94 18.83
N ALA A 562 13.33 -31.90 18.99
CA ALA A 562 12.29 -31.89 20.01
C ALA A 562 10.98 -32.39 19.40
N HIS A 563 10.26 -33.22 20.17
CA HIS A 563 9.03 -33.88 19.74
C HIS A 563 9.27 -34.74 18.49
N ARG A 564 9.97 -35.84 18.73
CA ARG A 564 10.35 -36.82 17.71
C ARG A 564 9.18 -37.48 16.99
N ASP A 565 7.93 -37.24 17.42
CA ASP A 565 6.78 -37.87 16.80
C ASP A 565 6.59 -37.44 15.35
N VAL A 566 6.81 -36.16 15.05
CA VAL A 566 6.64 -35.67 13.69
C VAL A 566 7.86 -36.08 12.86
N LYS A 567 7.59 -36.64 11.68
CA LYS A 567 8.66 -37.20 10.85
C LYS A 567 8.17 -37.34 9.42
N LEU A 568 9.10 -37.73 8.55
CA LEU A 568 8.82 -38.15 7.18
C LEU A 568 9.80 -39.26 6.83
N LYS A 569 9.32 -40.30 6.16
CA LYS A 569 10.14 -41.46 5.85
C LYS A 569 10.10 -41.73 4.35
N TYR A 570 11.23 -41.55 3.68
CA TYR A 570 11.35 -41.87 2.26
C TYR A 570 11.76 -43.33 2.16
N THR A 571 10.92 -44.13 1.51
CA THR A 571 11.20 -45.54 1.28
C THR A 571 11.58 -45.71 -0.19
N TYR A 572 12.72 -46.34 -0.43
CA TYR A 572 13.28 -46.54 -1.76
C TYR A 572 13.13 -47.99 -2.20
N THR A 573 13.32 -48.21 -3.49
CA THR A 573 13.27 -49.54 -4.07
C THR A 573 14.50 -50.35 -3.65
N PRO A 574 14.48 -51.67 -3.83
CA PRO A 574 15.72 -52.44 -3.74
C PRO A 574 16.69 -52.05 -4.84
N LEU A 575 17.98 -52.19 -4.54
CA LEU A 575 19.03 -51.86 -5.48
C LEU A 575 19.00 -52.78 -6.69
N ASP A 576 19.30 -52.22 -7.87
CA ASP A 576 19.31 -52.98 -9.11
C ASP A 576 20.75 -53.38 -9.42
N PRO A 577 21.07 -54.68 -9.41
CA PRO A 577 22.46 -55.10 -9.70
C PRO A 577 22.94 -54.76 -11.11
N SER A 578 22.05 -54.76 -12.11
CA SER A 578 22.49 -54.50 -13.48
C SER A 578 22.96 -53.06 -13.66
N THR A 579 22.14 -52.09 -13.26
CA THR A 579 22.52 -50.68 -13.24
C THR A 579 22.21 -50.15 -11.85
N HIS A 580 23.24 -49.70 -11.14
CA HIS A 580 23.10 -49.39 -9.71
C HIS A 580 22.38 -48.06 -9.53
N THR A 581 21.07 -48.10 -9.77
CA THR A 581 20.19 -46.96 -9.55
C THR A 581 19.05 -47.40 -8.64
N MET A 582 18.73 -46.57 -7.66
CA MET A 582 17.69 -46.85 -6.68
C MET A 582 16.66 -45.73 -6.74
N HIS A 583 15.40 -46.09 -6.95
CA HIS A 583 14.34 -45.12 -7.21
C HIS A 583 13.44 -44.96 -5.99
N LEU A 584 12.93 -43.74 -5.82
CA LEU A 584 12.06 -43.43 -4.69
C LEU A 584 10.73 -44.14 -4.84
N LEU A 585 10.29 -44.82 -3.77
CA LEU A 585 9.04 -45.56 -3.82
C LEU A 585 7.90 -44.87 -3.08
N SER A 586 8.14 -44.39 -1.86
CA SER A 586 7.05 -43.83 -1.07
C SER A 586 7.56 -42.78 -0.09
N ILE A 587 6.63 -41.95 0.39
CA ILE A 587 6.86 -41.00 1.47
C ILE A 587 5.82 -41.31 2.55
N THR A 588 6.23 -42.06 3.56
CA THR A 588 5.35 -42.65 4.56
C THR A 588 4.95 -41.58 5.59
N ASP A 589 3.88 -41.86 6.33
CA ASP A 589 3.22 -40.95 7.24
C ASP A 589 3.97 -40.85 8.56
N ASP A 590 3.54 -39.89 9.39
CA ASP A 590 4.05 -39.72 10.74
C ASP A 590 3.00 -39.95 11.81
N SER A 591 1.95 -39.13 11.85
CA SER A 591 0.87 -39.25 12.82
C SER A 591 -0.48 -39.37 12.14
N ASN A 592 -0.77 -38.50 11.18
CA ASN A 592 -1.95 -38.61 10.34
C ASN A 592 -1.53 -39.25 9.02
N LYS A 593 -2.24 -40.30 8.62
CA LYS A 593 -1.84 -41.12 7.48
C LYS A 593 -1.87 -40.38 6.16
N THR A 594 -0.68 -40.07 5.62
CA THR A 594 -0.52 -39.41 4.33
C THR A 594 0.63 -40.08 3.59
N THR A 595 0.30 -40.86 2.56
CA THR A 595 1.27 -41.59 1.78
C THR A 595 1.30 -41.08 0.35
N ILE A 596 2.49 -41.07 -0.25
CA ILE A 596 2.67 -40.66 -1.64
C ILE A 596 3.46 -41.76 -2.32
N LYS A 597 2.79 -42.57 -3.13
CA LYS A 597 3.39 -43.73 -3.78
C LYS A 597 3.77 -43.42 -5.22
N PHE A 598 4.95 -43.87 -5.63
CA PHE A 598 5.40 -43.68 -7.00
C PHE A 598 5.48 -45.04 -7.70
N SER A 599 5.07 -45.07 -8.97
CA SER A 599 5.18 -46.28 -9.78
C SER A 599 5.90 -45.91 -11.08
N TYR A 600 6.59 -46.91 -11.64
CA TYR A 600 7.56 -46.69 -12.70
C TYR A 600 7.39 -47.67 -13.84
N LYS A 601 7.91 -47.26 -15.01
CA LYS A 601 7.91 -48.07 -16.22
C LYS A 601 9.34 -48.29 -16.66
N THR A 602 9.63 -49.49 -17.19
CA THR A 602 10.97 -49.88 -17.57
C THR A 602 11.25 -49.61 -19.04
N ILE A 603 12.49 -49.23 -19.35
CA ILE A 603 12.95 -49.04 -20.71
C ILE A 603 13.86 -50.21 -21.08
N GLU A 604 13.47 -50.96 -22.11
CA GLU A 604 14.28 -52.07 -22.59
C GLU A 604 15.32 -51.66 -23.63
N GLY A 605 15.20 -50.47 -24.21
CA GLY A 605 16.11 -50.04 -25.24
C GLY A 605 17.32 -49.26 -24.77
N LEU A 606 17.11 -48.36 -23.82
CA LEU A 606 18.19 -47.48 -23.36
C LEU A 606 19.24 -48.25 -22.56
N GLY A 607 18.83 -49.28 -21.83
CA GLY A 607 19.76 -50.09 -21.07
C GLY A 607 20.86 -50.66 -21.95
N LYS A 608 22.09 -50.63 -21.41
CA LYS A 608 23.28 -50.88 -22.22
C LYS A 608 23.32 -52.30 -22.79
N GLN A 609 23.74 -52.40 -24.04
CA GLN A 609 23.72 -53.68 -24.75
C GLN A 609 24.84 -54.60 -24.28
N VAL A 610 26.09 -54.14 -24.41
CA VAL A 610 27.25 -54.93 -24.05
C VAL A 610 28.35 -53.98 -23.57
N SER A 611 29.32 -54.53 -22.85
CA SER A 611 30.49 -53.79 -22.39
C SER A 611 31.71 -54.31 -23.13
N SER A 612 32.42 -53.41 -23.81
CA SER A 612 33.56 -53.78 -24.64
C SER A 612 34.90 -53.40 -24.00
N GLY A 613 34.90 -52.94 -22.76
CA GLY A 613 36.13 -52.54 -22.11
C GLY A 613 36.95 -53.75 -21.68
N LEU A 614 38.25 -53.70 -21.98
CA LEU A 614 39.16 -54.75 -21.52
C LEU A 614 39.30 -54.73 -20.00
N VAL A 615 39.40 -53.55 -19.41
CA VAL A 615 39.33 -53.35 -17.98
C VAL A 615 38.06 -52.55 -17.69
N LYS A 616 37.19 -53.12 -16.87
CA LYS A 616 35.81 -52.65 -16.75
C LYS A 616 35.65 -51.76 -15.52
N GLU A 617 35.04 -50.60 -15.72
CA GLU A 617 34.67 -49.69 -14.65
C GLU A 617 33.18 -49.78 -14.36
N HIS A 618 32.78 -49.26 -13.20
CA HIS A 618 31.38 -49.25 -12.82
C HIS A 618 30.68 -48.06 -13.47
N LYS A 619 29.56 -48.33 -14.14
CA LYS A 619 28.80 -47.29 -14.81
C LYS A 619 27.33 -47.36 -14.37
N PHE A 620 26.70 -46.19 -14.26
CA PHE A 620 25.34 -46.06 -13.74
C PHE A 620 24.42 -45.58 -14.85
N ILE A 621 23.27 -46.25 -14.99
CA ILE A 621 22.32 -45.98 -16.06
C ILE A 621 20.92 -45.96 -15.46
N ASN A 622 20.13 -44.94 -15.81
CA ASN A 622 18.77 -44.77 -15.31
C ASN A 622 17.86 -45.29 -16.43
N ASN A 623 17.31 -46.49 -16.24
CA ASN A 623 16.52 -47.16 -17.26
C ASN A 623 15.02 -47.10 -17.00
N LYS A 624 14.57 -46.30 -16.04
CA LYS A 624 13.17 -46.29 -15.62
C LYS A 624 12.61 -44.89 -15.71
N LEU A 625 11.33 -44.81 -16.07
CA LEU A 625 10.59 -43.57 -16.13
C LEU A 625 9.53 -43.55 -15.05
N LEU A 626 9.08 -42.35 -14.69
CA LEU A 626 8.04 -42.19 -13.68
C LEU A 626 6.68 -42.28 -14.37
N GLU A 627 5.86 -43.24 -13.93
CA GLU A 627 4.59 -43.52 -14.59
C GLU A 627 3.41 -42.91 -13.85
N LYS A 628 3.32 -43.11 -12.53
CA LYS A 628 2.17 -42.55 -11.83
C LYS A 628 2.52 -42.23 -10.38
N VAL A 629 1.86 -41.22 -9.84
CA VAL A 629 2.02 -40.79 -8.45
C VAL A 629 0.66 -40.80 -7.77
N GLU A 630 0.57 -41.47 -6.63
CA GLU A 630 -0.63 -41.50 -5.79
C GLU A 630 -0.38 -40.65 -4.56
N ILE A 631 -1.39 -39.88 -4.15
CA ILE A 631 -1.34 -39.06 -2.95
C ILE A 631 -2.59 -39.33 -2.14
N ASP A 632 -2.44 -39.93 -0.96
CA ASP A 632 -3.53 -40.17 -0.04
C ASP A 632 -3.23 -39.45 1.26
N SER A 633 -3.94 -38.35 1.51
CA SER A 633 -3.76 -37.49 2.67
C SER A 633 -5.09 -37.36 3.40
N PRO A 634 -5.08 -36.99 4.69
CA PRO A 634 -6.36 -36.86 5.41
C PRO A 634 -7.28 -35.78 4.85
N SER A 635 -6.76 -34.86 4.04
CA SER A 635 -7.59 -33.89 3.34
C SER A 635 -8.04 -34.38 1.97
N THR A 636 -7.09 -34.70 1.11
CA THR A 636 -7.33 -34.87 -0.33
C THR A 636 -6.86 -36.24 -0.80
N ALA A 637 -7.17 -36.54 -2.06
CA ALA A 637 -6.71 -37.75 -2.74
C ALA A 637 -6.44 -37.40 -4.20
N GLN A 638 -5.36 -37.97 -4.74
CA GLN A 638 -4.93 -37.62 -6.10
C GLN A 638 -4.23 -38.81 -6.74
N VAL A 639 -4.44 -39.01 -8.05
CA VAL A 639 -3.73 -40.02 -8.81
C VAL A 639 -3.31 -39.40 -10.15
N LEU A 640 -2.02 -39.16 -10.33
CA LEU A 640 -1.48 -38.48 -11.50
C LEU A 640 -0.73 -39.48 -12.37
N LYS A 641 -0.79 -39.29 -13.68
CA LYS A 641 -0.14 -40.16 -14.64
C LYS A 641 0.67 -39.33 -15.61
N LEU A 642 1.90 -39.77 -15.89
CA LEU A 642 2.84 -39.02 -16.71
C LEU A 642 3.15 -39.80 -17.98
N THR A 643 2.91 -39.18 -19.14
CA THR A 643 3.23 -39.82 -20.41
C THR A 643 4.35 -39.07 -21.12
N SER A 644 5.04 -39.80 -22.00
CA SER A 644 6.29 -39.37 -22.61
C SER A 644 6.31 -39.70 -24.11
N THR A 645 7.16 -38.98 -24.85
CA THR A 645 7.40 -39.23 -26.26
C THR A 645 8.81 -39.75 -26.51
N LYS A 646 8.90 -40.73 -27.40
CA LYS A 646 10.18 -41.34 -27.79
C LYS A 646 10.72 -40.73 -29.08
N ILE A 647 11.16 -39.47 -29.01
CA ILE A 647 11.76 -38.86 -30.19
C ILE A 647 13.14 -39.45 -30.38
N ASP A 648 13.39 -39.99 -31.58
CA ASP A 648 14.61 -40.74 -31.91
C ASP A 648 14.81 -41.90 -30.93
N SER A 649 15.95 -41.93 -30.23
CA SER A 649 16.18 -42.95 -29.22
C SER A 649 16.11 -42.42 -27.79
N LEU A 650 15.49 -41.26 -27.57
CA LEU A 650 15.48 -40.64 -26.26
C LEU A 650 14.06 -40.23 -25.88
N TYR A 651 13.75 -40.32 -24.59
CA TYR A 651 12.43 -39.97 -24.09
C TYR A 651 12.39 -38.52 -23.63
N TYR A 652 11.21 -37.91 -23.77
CA TYR A 652 10.96 -36.56 -23.32
C TYR A 652 9.56 -36.53 -22.70
N LEU A 653 9.35 -35.63 -21.76
CA LEU A 653 8.08 -35.61 -21.04
C LEU A 653 6.98 -35.03 -21.93
N GLU A 654 5.97 -35.84 -22.25
CA GLU A 654 4.87 -35.33 -23.05
C GLU A 654 3.88 -34.55 -22.21
N SER A 655 3.21 -35.21 -21.26
CA SER A 655 2.24 -34.48 -20.46
C SER A 655 2.04 -35.14 -19.10
N ILE A 656 1.48 -34.35 -18.18
CA ILE A 656 0.95 -34.80 -16.91
C ILE A 656 -0.57 -34.75 -17.01
N LYS A 657 -1.23 -35.86 -16.67
CA LYS A 657 -2.68 -35.92 -16.61
C LYS A 657 -3.11 -36.37 -15.22
N GLN A 658 -4.29 -35.91 -14.80
CA GLN A 658 -4.89 -36.42 -13.58
C GLN A 658 -5.97 -37.44 -13.94
N ASP A 659 -6.01 -38.54 -13.19
CA ASP A 659 -7.04 -39.55 -13.38
C ASP A 659 -8.43 -38.98 -13.09
N ASP A 660 -9.40 -39.36 -13.92
CA ASP A 660 -10.75 -38.78 -13.96
C ASP A 660 -10.70 -37.27 -14.21
N ASP A 661 -9.90 -36.87 -15.20
CA ASP A 661 -9.85 -35.49 -15.66
C ASP A 661 -9.57 -35.56 -17.16
N PRO A 662 -10.52 -35.13 -18.01
CA PRO A 662 -10.37 -35.36 -19.46
C PRO A 662 -9.23 -34.62 -20.12
N ASP A 663 -8.77 -33.51 -19.56
CA ASP A 663 -7.74 -32.71 -20.22
C ASP A 663 -6.42 -32.82 -19.48
N PRO A 664 -5.29 -32.81 -20.19
CA PRO A 664 -3.99 -32.78 -19.52
C PRO A 664 -3.81 -31.50 -18.71
N VAL A 665 -3.17 -31.65 -17.54
CA VAL A 665 -2.87 -30.48 -16.71
C VAL A 665 -1.80 -29.62 -17.37
N LEU A 666 -0.73 -30.23 -17.84
CA LEU A 666 0.35 -29.53 -18.53
C LEU A 666 0.72 -30.32 -19.78
N GLY A 667 0.68 -29.67 -20.94
CA GLY A 667 1.09 -30.31 -22.19
C GLY A 667 2.39 -29.72 -22.71
N PHE A 668 3.25 -30.56 -23.25
CA PHE A 668 4.51 -30.10 -23.81
C PHE A 668 4.67 -30.63 -25.22
N GLU A 669 5.03 -29.75 -26.16
CA GLU A 669 5.22 -30.13 -27.55
C GLU A 669 6.56 -29.57 -28.01
N TYR A 670 7.39 -30.45 -28.57
CA TYR A 670 8.79 -30.18 -28.85
C TYR A 670 8.99 -29.81 -30.32
N ASN A 671 10.03 -29.03 -30.58
CA ASN A 671 10.43 -28.66 -31.93
C ASN A 671 11.73 -29.39 -32.23
N LYS A 672 11.78 -30.08 -33.36
CA LYS A 672 12.93 -30.87 -33.76
C LYS A 672 13.65 -30.24 -34.95
N ASP A 673 13.78 -28.90 -34.93
CA ASP A 673 14.54 -28.22 -35.97
C ASP A 673 16.02 -28.55 -35.89
N ASP A 674 16.50 -28.95 -34.71
CA ASP A 674 17.84 -29.52 -34.55
C ASP A 674 17.67 -30.97 -34.13
N LYS A 675 18.19 -31.89 -34.96
CA LYS A 675 17.95 -33.32 -34.77
C LYS A 675 18.51 -33.81 -33.45
N LEU A 676 19.74 -33.42 -33.13
CA LEU A 676 20.41 -33.94 -31.94
C LEU A 676 19.86 -33.35 -30.66
N LYS A 677 19.32 -32.13 -30.71
CA LYS A 677 18.80 -31.46 -29.53
C LYS A 677 17.46 -30.81 -29.87
N PRO A 678 16.35 -31.46 -29.51
CA PRO A 678 15.03 -30.83 -29.67
C PRO A 678 14.61 -30.07 -28.43
N ARG A 679 13.99 -28.92 -28.65
CA ARG A 679 13.56 -28.02 -27.59
C ARG A 679 12.05 -27.79 -27.70
N VAL A 680 11.42 -27.62 -26.53
CA VAL A 680 9.96 -27.52 -26.48
C VAL A 680 9.52 -26.19 -27.08
N GLN A 681 8.51 -26.24 -27.95
CA GLN A 681 7.99 -25.04 -28.58
C GLN A 681 6.55 -24.72 -28.21
N GLN A 682 5.85 -25.60 -27.50
CA GLN A 682 4.49 -25.27 -27.09
C GLN A 682 4.22 -25.86 -25.71
N ILE A 683 3.60 -25.06 -24.83
CA ILE A 683 3.21 -25.50 -23.50
C ILE A 683 1.71 -25.27 -23.35
N ARG A 684 1.04 -26.23 -22.74
CA ARG A 684 -0.37 -26.13 -22.38
C ARG A 684 -0.43 -25.94 -20.87
N LEU A 685 -1.00 -24.83 -20.44
CA LEU A 685 -1.06 -24.40 -19.04
C LEU A 685 -2.22 -25.09 -18.33
N PRO A 686 -2.27 -25.03 -16.98
CA PRO A 686 -3.46 -25.52 -16.29
C PRO A 686 -4.75 -24.79 -16.66
N SER A 687 -4.68 -23.50 -16.97
CA SER A 687 -5.92 -22.82 -17.39
C SER A 687 -6.36 -23.19 -18.82
N LYS A 688 -5.74 -24.19 -19.45
CA LYS A 688 -6.08 -24.67 -20.79
C LYS A 688 -5.86 -23.58 -21.85
N SER A 689 -4.89 -22.70 -21.59
CA SER A 689 -4.45 -21.70 -22.54
C SER A 689 -3.04 -22.06 -23.00
N VAL A 690 -2.71 -21.67 -24.22
CA VAL A 690 -1.51 -22.18 -24.90
C VAL A 690 -0.43 -21.12 -24.88
N VAL A 691 0.83 -21.53 -24.75
CA VAL A 691 1.98 -20.64 -24.82
C VAL A 691 2.97 -21.23 -25.82
N ASP A 692 3.20 -20.53 -26.92
CA ASP A 692 4.07 -21.00 -27.99
C ASP A 692 5.33 -20.17 -28.06
N PHE A 693 6.43 -20.82 -28.44
CA PHE A 693 7.72 -20.17 -28.65
C PHE A 693 8.16 -20.45 -30.08
N LYS A 694 8.67 -19.43 -30.75
CA LYS A 694 9.10 -19.55 -32.14
C LYS A 694 10.62 -19.47 -32.20
N TYR A 695 11.24 -20.43 -32.86
CA TYR A 695 12.69 -20.55 -32.94
C TYR A 695 13.18 -20.03 -34.28
N THR A 696 14.25 -19.23 -34.24
CA THR A 696 14.90 -18.76 -35.46
C THR A 696 16.39 -19.01 -35.37
N LYS A 697 17.01 -19.22 -36.52
CA LYS A 697 18.44 -19.48 -36.63
C LYS A 697 19.16 -18.19 -36.98
N GLN A 698 19.83 -17.60 -36.01
CA GLN A 698 20.53 -16.33 -36.20
C GLN A 698 21.94 -16.59 -36.73
N ALA A 699 22.30 -15.87 -37.79
CA ALA A 699 23.61 -16.02 -38.42
C ALA A 699 24.53 -14.90 -37.95
N ILE A 700 25.61 -15.27 -37.25
CA ILE A 700 26.62 -14.33 -36.78
C ILE A 700 27.97 -14.72 -37.36
N ALA A 701 28.66 -13.75 -37.97
CA ALA A 701 29.98 -13.99 -38.52
C ALA A 701 30.97 -14.25 -37.39
N THR A 702 31.91 -15.17 -37.63
CA THR A 702 32.80 -15.65 -36.59
C THR A 702 34.25 -15.16 -36.73
N GLN A 703 34.54 -14.35 -37.76
CA GLN A 703 35.90 -13.81 -37.91
C GLN A 703 36.28 -12.86 -36.80
N GLN A 704 35.28 -12.25 -36.13
CA GLN A 704 35.54 -11.31 -35.05
C GLN A 704 36.17 -11.97 -33.83
N PHE A 705 35.97 -13.28 -33.67
CA PHE A 705 36.42 -13.99 -32.48
C PHE A 705 37.87 -14.45 -32.56
N GLU A 706 38.39 -14.65 -33.77
CA GLU A 706 39.82 -14.87 -33.97
C GLU A 706 40.59 -13.60 -33.60
N GLN A 707 41.83 -13.78 -33.15
CA GLN A 707 42.69 -12.61 -32.94
C GLN A 707 44.15 -12.95 -33.19
N GLU A 708 44.90 -11.94 -33.62
CA GLU A 708 46.32 -12.06 -33.87
C GLU A 708 47.11 -11.30 -32.82
N ILE A 709 48.21 -11.91 -32.35
CA ILE A 709 49.05 -11.39 -31.28
C ILE A 709 50.51 -11.67 -31.63
N ALA A 710 51.41 -11.01 -30.89
CA ALA A 710 52.83 -11.02 -31.15
C ALA A 710 53.45 -12.42 -31.13
N LYS A 711 54.63 -12.53 -31.74
CA LYS A 711 55.35 -13.80 -31.86
C LYS A 711 55.65 -14.42 -30.50
N MET A 712 56.21 -13.63 -29.58
CA MET A 712 56.58 -14.12 -28.26
C MET A 712 55.42 -13.92 -27.28
N ALA A 713 54.26 -14.46 -27.63
CA ALA A 713 53.06 -14.34 -26.81
C ALA A 713 52.20 -15.57 -27.01
N ASP A 714 51.72 -16.16 -25.91
CA ASP A 714 50.91 -17.37 -26.01
C ASP A 714 49.77 -17.30 -25.01
N LEU A 715 48.69 -18.00 -25.33
CA LEU A 715 47.49 -18.07 -24.48
C LEU A 715 47.31 -19.50 -23.96
N TYR A 716 47.48 -19.68 -22.66
CA TYR A 716 47.39 -20.98 -22.01
C TYR A 716 46.03 -21.09 -21.33
N THR A 717 45.23 -22.06 -21.78
CA THR A 717 43.88 -22.26 -21.31
C THR A 717 43.83 -22.96 -19.95
N GLY A 718 43.11 -22.36 -19.01
CA GLY A 718 42.87 -22.95 -17.71
C GLY A 718 41.40 -23.34 -17.59
N ASN A 719 41.08 -23.98 -16.45
CA ASN A 719 39.73 -24.46 -16.22
C ASN A 719 38.76 -23.30 -16.06
N GLU A 720 39.07 -22.38 -15.16
CA GLU A 720 38.17 -21.27 -14.83
C GLU A 720 38.59 -19.96 -15.49
N TYR A 721 39.88 -19.78 -15.71
CA TYR A 721 40.44 -18.58 -16.33
C TYR A 721 41.59 -18.96 -17.25
N SER A 722 41.72 -18.25 -18.36
CA SER A 722 42.73 -18.54 -19.38
C SER A 722 43.67 -17.36 -19.49
N LEU A 723 44.96 -17.60 -19.27
CA LEU A 723 45.92 -16.52 -19.15
C LEU A 723 46.90 -16.52 -20.31
N GLU A 724 47.31 -15.33 -20.73
CA GLU A 724 48.27 -15.13 -21.80
C GLU A 724 49.56 -14.54 -21.26
N ILE A 725 50.69 -15.16 -21.60
CA ILE A 725 51.99 -14.67 -21.16
C ILE A 725 52.80 -14.29 -22.40
N GLU A 726 53.55 -13.21 -22.27
CA GLU A 726 54.42 -12.76 -23.35
C GLU A 726 55.77 -12.32 -22.80
N LYS A 727 56.77 -12.33 -23.68
CA LYS A 727 58.13 -11.92 -23.35
C LYS A 727 58.32 -10.53 -23.92
N THR A 728 58.65 -9.56 -23.05
CA THR A 728 58.60 -8.18 -23.50
C THR A 728 59.93 -7.62 -23.99
N VAL A 729 60.90 -7.43 -23.09
CA VAL A 729 62.18 -6.80 -23.44
C VAL A 729 63.15 -7.97 -23.63
N GLY A 730 63.26 -8.43 -24.88
CA GLY A 730 64.24 -9.42 -25.32
C GLY A 730 64.50 -10.65 -24.45
N GLU A 731 63.42 -11.21 -23.90
CA GLU A 731 63.34 -12.34 -22.94
C GLU A 731 63.72 -11.97 -21.51
N THR A 732 63.95 -10.68 -21.21
CA THR A 732 64.39 -10.31 -19.86
C THR A 732 63.26 -10.30 -18.83
N ASP A 733 62.07 -9.83 -19.21
CA ASP A 733 60.92 -9.81 -18.31
C ASP A 733 59.73 -10.52 -18.94
N LEU A 734 58.67 -10.70 -18.15
CA LEU A 734 57.55 -11.57 -18.54
C LEU A 734 56.23 -10.93 -18.17
N TYR A 735 55.45 -10.49 -19.16
CA TYR A 735 54.14 -9.93 -18.90
C TYR A 735 53.06 -11.02 -18.87
N VAL A 736 52.28 -11.04 -17.79
CA VAL A 736 51.14 -11.93 -17.64
C VAL A 736 49.85 -11.12 -17.77
N ARG A 737 48.88 -11.63 -18.52
CA ARG A 737 47.64 -10.93 -18.77
C ARG A 737 46.47 -11.90 -18.68
N LEU A 738 45.50 -11.59 -17.83
CA LEU A 738 44.35 -12.47 -17.63
C LEU A 738 43.34 -12.28 -18.74
N LYS A 739 42.85 -13.38 -19.32
CA LYS A 739 41.91 -13.34 -20.44
C LYS A 739 40.79 -14.33 -20.17
N ASP A 740 39.98 -14.64 -21.17
CA ASP A 740 38.86 -15.54 -21.01
C ASP A 740 39.04 -16.79 -21.90
N SER A 741 38.00 -17.63 -21.91
CA SER A 741 38.02 -18.88 -22.68
C SER A 741 38.24 -18.63 -24.17
N ALA A 742 37.64 -17.56 -24.71
CA ALA A 742 37.83 -17.20 -26.11
C ALA A 742 39.02 -16.28 -26.35
N GLY A 743 39.71 -15.84 -25.29
CA GLY A 743 40.85 -14.97 -25.46
C GLY A 743 40.55 -13.49 -25.38
N LYS A 744 39.31 -13.11 -25.07
CA LYS A 744 38.94 -11.71 -24.89
C LYS A 744 38.85 -11.40 -23.41
N ASN A 745 38.37 -10.19 -23.09
CA ASN A 745 38.09 -9.81 -21.71
C ASN A 745 36.60 -9.59 -21.48
N ASP A 746 35.76 -10.10 -22.39
CA ASP A 746 34.32 -9.95 -22.26
C ASP A 746 33.76 -10.78 -21.10
N PHE A 747 34.39 -11.90 -20.78
CA PHE A 747 33.94 -12.77 -19.70
C PHE A 747 34.62 -12.44 -18.37
N ILE A 748 35.93 -12.26 -18.40
CA ILE A 748 36.72 -12.01 -17.19
C ILE A 748 37.50 -10.73 -17.41
N LYS A 749 37.57 -9.89 -16.36
CA LYS A 749 38.26 -8.61 -16.45
C LYS A 749 39.76 -8.82 -16.66
N ASN A 750 40.36 -7.91 -17.44
CA ASN A 750 41.78 -8.01 -17.74
C ASN A 750 42.61 -7.53 -16.56
N GLN A 751 43.70 -8.25 -16.30
CA GLN A 751 44.60 -7.91 -15.21
C GLN A 751 46.03 -8.03 -15.72
N SER A 752 46.82 -6.98 -15.51
CA SER A 752 48.19 -6.93 -16.01
C SER A 752 49.16 -7.16 -14.86
N ILE A 753 49.99 -8.19 -15.00
CA ILE A 753 50.99 -8.57 -14.01
C ILE A 753 52.33 -8.53 -14.71
N ARG A 754 53.37 -8.07 -14.02
CA ARG A 754 54.70 -8.06 -14.60
C ARG A 754 55.63 -8.91 -13.76
N ILE A 755 56.38 -9.78 -14.41
CA ILE A 755 57.43 -10.54 -13.77
C ILE A 755 58.76 -9.88 -14.12
N GLU A 756 59.51 -9.53 -13.08
CA GLU A 756 60.79 -8.87 -13.19
C GLU A 756 61.88 -9.90 -13.49
N SER A 757 62.93 -9.46 -14.18
CA SER A 757 64.13 -10.27 -14.33
C SER A 757 64.71 -10.60 -12.96
N TYR A 758 65.13 -11.85 -12.79
CA TYR A 758 65.72 -12.26 -11.53
C TYR A 758 67.10 -11.62 -11.35
N ARG A 759 68.04 -11.96 -12.23
CA ARG A 759 69.39 -11.39 -12.23
C ARG A 759 69.80 -11.04 -13.64
N GLY A 760 68.88 -10.47 -14.40
CA GLY A 760 69.14 -10.10 -15.80
C GLY A 760 69.45 -11.27 -16.69
N PHE A 761 68.71 -12.37 -16.54
CA PHE A 761 68.96 -13.61 -17.24
C PHE A 761 67.99 -13.79 -18.39
N LYS A 762 68.50 -14.27 -19.52
CA LYS A 762 67.64 -14.52 -20.68
C LYS A 762 66.75 -15.73 -20.42
N ILE A 763 65.44 -15.55 -20.56
CA ILE A 763 64.48 -16.62 -20.26
C ILE A 763 64.53 -17.66 -21.37
N LYS A 764 64.68 -18.93 -20.99
CA LYS A 764 64.66 -20.03 -21.93
C LYS A 764 63.29 -20.69 -22.05
N SER A 765 62.61 -20.92 -20.95
CA SER A 765 61.30 -21.56 -20.98
C SER A 765 60.51 -21.19 -19.73
N TYR A 766 59.20 -21.37 -19.83
CA TYR A 766 58.30 -21.08 -18.73
C TYR A 766 57.14 -22.06 -18.79
N SER A 767 56.65 -22.47 -17.61
CA SER A 767 55.54 -23.40 -17.51
C SER A 767 54.52 -22.83 -16.54
N PRO A 768 53.30 -22.51 -16.99
CA PRO A 768 52.27 -22.00 -16.09
C PRO A 768 51.34 -23.09 -15.58
N PHE A 769 50.92 -22.94 -14.33
CA PHE A 769 49.94 -23.81 -13.70
C PHE A 769 48.87 -22.94 -13.05
N MET A 770 47.62 -23.37 -13.17
CA MET A 770 46.46 -22.49 -13.01
C MET A 770 45.47 -23.12 -12.06
N MET A 771 45.62 -22.83 -10.78
CA MET A 771 44.77 -23.37 -9.73
C MET A 771 43.78 -22.29 -9.30
N HIS A 772 42.78 -22.71 -8.51
CA HIS A 772 41.65 -21.84 -8.18
C HIS A 772 42.12 -20.59 -7.44
N SER A 773 42.86 -20.78 -6.35
CA SER A 773 43.29 -19.65 -5.53
C SER A 773 44.54 -18.95 -6.06
N TYR A 774 45.35 -19.62 -6.86
CA TYR A 774 46.68 -19.10 -7.19
C TYR A 774 47.12 -19.57 -8.56
N ILE A 775 47.93 -18.74 -9.21
CA ILE A 775 48.67 -19.09 -10.42
C ILE A 775 50.14 -19.25 -10.06
N ALA A 776 50.76 -20.33 -10.52
CA ALA A 776 52.20 -20.50 -10.32
C ALA A 776 52.89 -20.73 -11.64
N ILE A 777 53.85 -19.87 -11.97
CA ILE A 777 54.65 -19.98 -13.18
C ILE A 777 56.07 -20.36 -12.77
N LEU A 778 56.54 -21.50 -13.25
CA LEU A 778 57.94 -21.86 -13.15
C LEU A 778 58.69 -21.26 -14.33
N VAL A 779 59.77 -20.55 -14.05
CA VAL A 779 60.55 -19.85 -15.07
C VAL A 779 61.98 -20.37 -15.02
N ARG A 780 62.51 -20.75 -16.19
CA ARG A 780 63.83 -21.35 -16.30
C ARG A 780 64.77 -20.31 -16.89
N TYR A 781 65.53 -19.66 -16.02
CA TYR A 781 66.58 -18.74 -16.47
C TYR A 781 67.84 -19.51 -16.82
N ALA A 782 68.63 -18.94 -17.71
CA ALA A 782 69.86 -19.58 -18.18
C ALA A 782 71.04 -18.64 -17.98
N GLU A 783 72.11 -19.16 -17.39
CA GLU A 783 73.40 -18.48 -17.31
C GLU A 783 74.34 -19.21 -18.26
N GLU A 784 74.44 -18.68 -19.48
CA GLU A 784 75.44 -18.99 -20.50
C GLU A 784 75.51 -20.48 -20.84
N LYS A 785 74.40 -21.21 -20.62
CA LYS A 785 74.26 -22.67 -20.71
C LYS A 785 75.12 -23.39 -19.66
N GLU A 786 75.90 -22.64 -18.87
CA GLU A 786 76.63 -23.22 -17.77
C GLU A 786 75.68 -23.69 -16.68
N LYS A 787 74.69 -22.87 -16.35
CA LYS A 787 73.71 -23.26 -15.33
C LYS A 787 72.32 -22.81 -15.76
N LEU A 788 71.31 -23.49 -15.22
CA LEU A 788 69.92 -23.14 -15.47
C LEU A 788 69.21 -23.00 -14.12
N HIS A 789 68.84 -21.78 -13.77
CA HIS A 789 68.07 -21.52 -12.58
C HIS A 789 66.60 -21.72 -12.85
N ASN A 790 65.84 -22.01 -11.80
CA ASN A 790 64.42 -22.29 -11.92
C ASN A 790 63.67 -21.63 -10.77
N LYS A 791 63.07 -20.48 -11.05
CA LYS A 791 62.38 -19.70 -10.03
C LYS A 791 60.87 -19.89 -10.20
N ILE A 792 60.18 -20.03 -9.07
CA ILE A 792 58.74 -20.25 -9.07
C ILE A 792 58.07 -18.96 -8.61
N TYR A 793 57.50 -18.22 -9.55
CA TYR A 793 56.71 -17.04 -9.24
C TYR A 793 55.27 -17.49 -8.99
N ILE A 794 54.72 -17.13 -7.84
CA ILE A 794 53.32 -17.46 -7.56
C ILE A 794 52.54 -16.18 -7.30
N LEU A 795 51.29 -16.18 -7.75
CA LEU A 795 50.41 -15.02 -7.82
C LEU A 795 49.08 -15.48 -7.25
N ASN A 796 48.84 -15.22 -5.96
CA ASN A 796 47.63 -15.70 -5.31
C ASN A 796 46.70 -14.53 -5.01
N LYS A 797 45.47 -14.64 -5.51
CA LYS A 797 44.32 -13.79 -5.19
C LYS A 797 43.04 -14.51 -5.60
N GLY A 798 41.93 -14.07 -5.02
CA GLY A 798 40.61 -14.43 -5.47
C GLY A 798 40.16 -13.68 -6.72
N GLU A 799 38.85 -13.49 -6.82
CA GLU A 799 38.21 -12.79 -7.93
C GLU A 799 38.00 -11.32 -7.63
N ASP A 800 37.57 -11.00 -6.41
CA ASP A 800 37.33 -9.61 -6.02
C ASP A 800 38.63 -8.81 -6.04
N ASP A 801 39.72 -9.41 -5.59
CA ASP A 801 41.01 -8.74 -5.56
C ASP A 801 41.78 -9.04 -6.84
N SER A 802 42.64 -8.09 -7.22
CA SER A 802 43.40 -8.19 -8.45
C SER A 802 44.68 -8.98 -8.20
N TRP A 803 44.99 -9.91 -9.11
CA TRP A 803 46.16 -10.77 -9.03
C TRP A 803 47.44 -9.98 -8.76
N LYS A 804 48.24 -10.45 -7.81
CA LYS A 804 49.52 -9.81 -7.52
C LYS A 804 50.45 -10.83 -6.89
N LEU A 805 51.75 -10.50 -6.92
CA LEU A 805 52.79 -11.44 -6.51
C LEU A 805 52.74 -11.68 -5.01
N ASP A 806 52.90 -12.95 -4.63
CA ASP A 806 53.12 -13.32 -3.23
C ASP A 806 54.55 -12.97 -2.86
N THR A 807 54.73 -11.80 -2.23
CA THR A 807 56.06 -11.27 -1.91
C THR A 807 56.56 -11.98 -0.64
N THR A 808 56.99 -13.22 -0.85
CA THR A 808 57.45 -14.10 0.21
C THR A 808 58.93 -14.40 0.00
N ASN A 809 59.67 -14.47 1.10
CA ASN A 809 61.12 -14.69 1.10
C ASN A 809 61.51 -15.94 0.31
N ASN A 810 62.27 -15.73 -0.76
CA ASN A 810 62.55 -16.75 -1.77
C ASN A 810 63.61 -17.77 -1.36
N ASN A 811 63.53 -18.27 -0.11
CA ASN A 811 64.57 -19.14 0.44
C ASN A 811 64.66 -20.46 -0.31
N SER A 812 63.53 -21.01 -0.74
CA SER A 812 63.44 -22.37 -1.25
C SER A 812 62.66 -22.46 -2.54
N ARG A 813 61.93 -21.42 -2.92
CA ARG A 813 61.30 -21.23 -4.23
C ARG A 813 62.31 -20.90 -5.34
N VAL A 814 63.62 -20.95 -5.06
CA VAL A 814 64.68 -20.72 -6.03
C VAL A 814 65.70 -21.83 -5.85
N SER A 815 66.10 -22.46 -6.95
CA SER A 815 67.29 -23.31 -6.94
C SER A 815 67.87 -23.42 -8.33
N GLU A 816 69.00 -24.10 -8.43
CA GLU A 816 69.72 -24.28 -9.69
C GLU A 816 70.06 -25.73 -9.99
N ASP A 817 69.68 -26.67 -9.13
CA ASP A 817 70.11 -28.06 -9.28
C ASP A 817 69.40 -28.75 -10.45
N LYS A 818 70.05 -29.82 -10.94
CA LYS A 818 69.58 -30.53 -12.12
C LYS A 818 68.49 -31.55 -11.82
N LYS A 819 68.24 -31.83 -10.55
CA LYS A 819 67.15 -32.72 -10.14
C LYS A 819 66.16 -31.86 -9.36
N PHE A 820 65.27 -31.21 -10.10
CA PHE A 820 64.32 -30.24 -9.56
C PHE A 820 62.92 -30.71 -9.93
N LYS A 821 62.20 -31.28 -8.98
CA LYS A 821 60.88 -31.84 -9.21
C LYS A 821 59.82 -31.02 -8.49
N TYR A 822 58.65 -30.87 -9.13
CA TYR A 822 57.62 -29.98 -8.62
C TYR A 822 56.25 -30.60 -8.82
N ASP A 823 55.31 -30.25 -7.94
CA ASP A 823 53.94 -30.71 -8.08
C ASP A 823 53.02 -29.70 -7.40
N PHE A 824 52.06 -29.18 -8.18
CA PHE A 824 51.13 -28.17 -7.72
C PHE A 824 49.73 -28.75 -7.57
N GLN A 825 49.06 -28.38 -6.47
CA GLN A 825 47.76 -28.89 -6.11
C GLN A 825 46.89 -27.73 -5.64
N GLU A 826 45.58 -27.98 -5.56
CA GLU A 826 44.64 -26.95 -5.14
C GLU A 826 44.94 -26.44 -3.74
N ASP A 827 45.39 -27.32 -2.84
CA ASP A 827 45.55 -26.98 -1.43
C ASP A 827 47.00 -26.75 -1.03
N SER A 828 47.95 -27.14 -1.88
CA SER A 828 49.35 -27.19 -1.47
C SER A 828 50.20 -27.23 -2.74
N PHE A 829 51.51 -27.13 -2.55
CA PHE A 829 52.45 -27.62 -3.57
C PHE A 829 53.75 -28.06 -2.93
N VAL A 830 54.45 -28.96 -3.61
CA VAL A 830 55.63 -29.62 -3.08
C VAL A 830 56.75 -29.57 -4.12
N TYR A 831 57.95 -29.24 -3.66
CA TYR A 831 59.14 -29.17 -4.51
C TYR A 831 60.24 -30.06 -3.94
N TYR A 832 61.16 -30.43 -4.82
CA TYR A 832 62.39 -31.12 -4.46
C TYR A 832 63.56 -30.51 -5.21
N HIS A 833 64.42 -29.79 -4.48
CA HIS A 833 65.66 -29.29 -5.03
C HIS A 833 66.79 -29.59 -4.05
N SER A 834 67.97 -29.90 -4.59
CA SER A 834 69.25 -29.92 -3.86
C SER A 834 69.19 -30.75 -2.58
N LYS A 835 68.57 -31.93 -2.68
CA LYS A 835 68.30 -32.84 -1.56
C LYS A 835 67.55 -32.13 -0.43
N LYS A 836 66.30 -31.75 -0.74
CA LYS A 836 65.41 -31.11 0.22
C LYS A 836 63.98 -31.14 -0.31
N VAL A 837 63.02 -31.56 0.51
CA VAL A 837 61.64 -31.70 0.05
C VAL A 837 60.78 -30.62 0.69
N HIS A 838 60.62 -29.50 0.00
CA HIS A 838 59.82 -28.39 0.51
C HIS A 838 58.34 -28.63 0.25
N PHE A 839 57.49 -28.19 1.16
CA PHE A 839 56.06 -28.42 1.05
C PHE A 839 55.34 -27.22 1.64
N GLU A 840 54.65 -26.46 0.80
CA GLU A 840 53.90 -25.28 1.21
C GLU A 840 52.41 -25.59 1.17
N TYR A 841 51.73 -25.34 2.29
CA TYR A 841 50.31 -25.66 2.39
C TYR A 841 49.55 -24.54 3.08
N LYS A 842 48.29 -24.36 2.67
CA LYS A 842 47.38 -23.46 3.38
C LYS A 842 46.36 -24.30 4.14
N LYS A 843 46.39 -24.20 5.47
CA LYS A 843 45.39 -24.84 6.32
C LYS A 843 44.69 -23.77 7.15
N SER A 844 43.36 -23.75 7.07
CA SER A 844 42.47 -22.88 7.84
C SER A 844 42.71 -21.40 7.63
N GLY A 845 43.55 -21.03 6.66
CA GLY A 845 43.93 -19.65 6.42
C GLY A 845 44.40 -19.44 5.00
N THR A 846 43.92 -18.39 4.35
CA THR A 846 44.17 -18.20 2.92
C THR A 846 45.47 -17.43 2.68
N LYS A 847 45.69 -16.35 3.43
CA LYS A 847 46.68 -15.34 3.08
C LYS A 847 48.10 -15.71 3.50
N VAL A 848 48.31 -16.86 4.12
CA VAL A 848 49.64 -17.31 4.51
C VAL A 848 49.84 -18.76 4.07
N TRP A 849 51.02 -19.06 3.54
CA TRP A 849 51.43 -20.42 3.25
C TRP A 849 52.37 -20.91 4.34
N SER A 850 52.03 -22.03 4.96
CA SER A 850 52.95 -22.69 5.88
C SER A 850 54.02 -23.42 5.08
N TYR A 851 55.22 -23.49 5.66
CA TYR A 851 56.35 -24.21 5.08
C TYR A 851 56.68 -25.42 5.96
N THR A 852 56.88 -26.58 5.34
CA THR A 852 57.39 -27.73 6.06
C THR A 852 58.35 -28.48 5.15
N SER A 853 59.42 -29.04 5.73
CA SER A 853 60.40 -29.74 4.92
C SER A 853 61.21 -30.70 5.78
N LYS A 854 61.47 -31.89 5.23
CA LYS A 854 62.34 -32.89 5.85
C LYS A 854 63.39 -33.31 4.83
N ASP A 855 64.66 -33.17 5.21
CA ASP A 855 65.76 -33.54 4.32
C ASP A 855 65.79 -35.06 4.09
N ILE A 856 66.07 -35.44 2.84
CA ILE A 856 66.19 -36.84 2.45
C ILE A 856 67.57 -37.06 1.84
N GLY A 857 68.01 -38.32 1.84
CA GLY A 857 69.40 -38.61 1.53
C GLY A 857 69.70 -39.07 0.13
N ASP A 858 70.03 -40.35 -0.03
CA ASP A 858 70.38 -40.91 -1.32
C ASP A 858 69.19 -40.91 -2.27
N VAL A 859 69.38 -40.35 -3.45
CA VAL A 859 68.32 -40.20 -4.45
C VAL A 859 68.72 -40.92 -5.73
N ASP A 860 67.92 -41.92 -6.11
CA ASP A 860 68.19 -42.68 -7.33
C ASP A 860 66.96 -42.72 -8.24
N ALA A 861 65.76 -42.61 -7.66
CA ALA A 861 64.54 -42.65 -8.45
C ALA A 861 63.44 -41.94 -7.67
N PHE A 862 62.85 -40.91 -8.25
CA PHE A 862 61.99 -40.02 -7.48
C PHE A 862 60.58 -39.96 -8.05
N THR A 863 59.64 -39.65 -7.16
CA THR A 863 58.22 -39.47 -7.50
C THR A 863 57.58 -38.65 -6.40
N LEU A 864 56.77 -37.67 -6.78
CA LEU A 864 56.02 -36.85 -5.83
C LEU A 864 54.53 -37.19 -5.93
N MET A 865 53.92 -37.48 -4.79
CA MET A 865 52.49 -37.73 -4.72
C MET A 865 51.77 -36.46 -4.28
N ASN A 866 50.51 -36.61 -3.87
CA ASN A 866 49.65 -35.47 -3.58
C ASN A 866 50.17 -34.64 -2.41
N ARG A 867 50.62 -35.30 -1.35
CA ARG A 867 51.12 -34.57 -0.18
C ARG A 867 52.47 -35.08 0.29
N GLY A 868 53.25 -35.70 -0.59
CA GLY A 868 54.51 -36.25 -0.16
C GLY A 868 55.34 -36.74 -1.33
N ALA A 869 56.39 -37.48 -1.01
CA ALA A 869 57.34 -37.96 -2.01
C ALA A 869 57.68 -39.42 -1.73
N VAL A 870 57.65 -40.24 -2.76
CA VAL A 870 58.04 -41.65 -2.65
C VAL A 870 59.47 -41.74 -3.17
N TYR A 871 60.43 -41.63 -2.26
CA TYR A 871 61.84 -41.60 -2.66
C TYR A 871 62.47 -42.99 -2.64
N CYS A 872 63.52 -43.14 -3.44
CA CYS A 872 64.27 -44.39 -3.55
C CYS A 872 65.49 -44.34 -2.64
N LYS A 873 65.66 -45.40 -1.84
CA LYS A 873 66.75 -45.49 -0.89
C LYS A 873 67.24 -46.94 -0.90
N ASN A 874 67.94 -47.34 0.16
CA ASN A 874 68.19 -48.77 0.39
C ASN A 874 66.86 -49.52 0.43
N ASP A 875 65.86 -48.95 1.09
CA ASP A 875 64.52 -49.46 1.13
C ASP A 875 63.56 -48.38 0.64
N LEU A 876 62.39 -48.80 0.15
CA LEU A 876 61.43 -47.89 -0.42
C LEU A 876 60.64 -47.20 0.70
N VAL A 877 60.69 -45.86 0.74
CA VAL A 877 60.12 -45.09 1.83
C VAL A 877 59.09 -44.13 1.24
N LEU A 878 58.17 -43.68 2.09
CA LEU A 878 57.07 -42.79 1.74
C LEU A 878 56.92 -41.75 2.85
N ILE A 879 57.41 -40.55 2.61
CA ILE A 879 57.27 -39.44 3.54
C ILE A 879 56.02 -38.67 3.16
N ARG A 880 55.22 -38.27 4.16
CA ARG A 880 53.95 -37.61 3.86
C ARG A 880 53.58 -36.68 5.01
N TRP A 881 52.93 -35.56 4.67
CA TRP A 881 52.42 -34.63 5.66
C TRP A 881 50.90 -34.78 5.76
N ASP A 882 50.39 -34.89 6.98
CA ASP A 882 48.95 -34.99 7.20
C ASP A 882 48.31 -33.62 7.01
N ALA A 883 46.97 -33.60 6.97
CA ALA A 883 46.24 -32.33 6.94
C ALA A 883 46.49 -31.51 8.20
N LEU A 884 46.75 -32.19 9.33
CA LEU A 884 47.19 -31.52 10.55
C LEU A 884 48.64 -31.05 10.47
N GLY A 885 49.38 -31.42 9.43
CA GLY A 885 50.77 -31.08 9.30
C GLY A 885 51.73 -32.07 9.93
N LYS A 886 51.22 -33.14 10.52
CA LYS A 886 52.09 -34.12 11.18
C LYS A 886 52.84 -34.96 10.15
N LEU A 887 54.14 -35.06 10.32
CA LEU A 887 54.95 -35.88 9.43
C LEU A 887 54.71 -37.37 9.68
N GLN A 888 54.69 -38.14 8.60
CA GLN A 888 54.51 -39.59 8.66
C GLN A 888 55.50 -40.22 7.70
N GLN A 889 56.51 -40.90 8.25
CA GLN A 889 57.52 -41.61 7.48
C GLN A 889 57.20 -43.10 7.54
N GLU A 890 56.75 -43.66 6.42
CA GLU A 890 56.45 -45.09 6.35
C GLU A 890 57.41 -45.75 5.38
N THR A 891 58.14 -46.75 5.85
CA THR A 891 59.07 -47.48 4.99
C THR A 891 58.39 -48.75 4.52
N LEU A 892 58.42 -48.98 3.20
CA LEU A 892 57.64 -50.04 2.57
C LEU A 892 58.61 -51.04 1.95
N SER A 893 59.16 -51.93 2.80
CA SER A 893 60.03 -53.01 2.32
C SER A 893 60.10 -54.06 3.43
N ASP A 894 59.39 -55.18 3.24
CA ASP A 894 59.50 -56.33 4.13
C ASP A 894 60.42 -57.39 3.53
N ALA A 895 60.13 -57.83 2.31
CA ALA A 895 60.92 -58.82 1.62
C ALA A 895 61.97 -58.12 0.76
N LYS A 896 62.77 -58.91 0.03
CA LYS A 896 63.79 -58.37 -0.86
C LYS A 896 63.18 -57.40 -1.86
N SER A 897 63.82 -56.25 -2.04
CA SER A 897 63.33 -55.22 -2.95
C SER A 897 64.47 -54.32 -3.37
N LYS A 898 64.18 -53.50 -4.37
CA LYS A 898 65.08 -52.47 -4.88
C LYS A 898 66.48 -52.94 -5.30
N PRO A 899 66.60 -53.78 -6.35
CA PRO A 899 67.93 -54.14 -6.83
C PRO A 899 68.28 -53.31 -8.06
N SER A 900 67.61 -52.15 -8.16
CA SER A 900 67.71 -51.26 -9.32
C SER A 900 69.15 -51.01 -9.78
N ILE A 901 69.97 -50.40 -8.91
CA ILE A 901 71.35 -50.08 -9.29
C ILE A 901 72.13 -51.35 -9.62
N SER A 902 72.02 -52.37 -8.77
CA SER A 902 72.73 -53.64 -8.95
C SER A 902 72.37 -54.29 -10.27
N ASP A 903 71.08 -54.32 -10.59
CA ASP A 903 70.65 -54.95 -11.84
C ASP A 903 71.07 -54.13 -13.05
N VAL A 904 71.08 -52.79 -12.93
CA VAL A 904 71.39 -51.96 -14.10
C VAL A 904 72.88 -52.02 -14.43
N ASP A 905 73.77 -51.81 -13.44
CA ASP A 905 75.21 -51.85 -13.76
C ASP A 905 75.59 -53.18 -14.40
N THR A 906 74.99 -54.28 -13.93
CA THR A 906 75.23 -55.59 -14.51
C THR A 906 74.73 -55.64 -15.95
N PHE A 907 73.54 -55.08 -16.21
CA PHE A 907 73.06 -54.92 -17.59
C PHE A 907 74.07 -54.17 -18.46
N PHE A 908 74.69 -53.14 -17.91
CA PHE A 908 75.65 -52.33 -18.67
C PHE A 908 76.95 -53.10 -18.93
N GLU A 909 77.46 -53.82 -17.94
CA GLU A 909 78.83 -54.33 -18.02
C GLU A 909 78.95 -55.65 -18.78
N TYR A 910 77.86 -56.41 -18.92
CA TYR A 910 77.94 -57.67 -19.65
C TYR A 910 78.15 -57.48 -21.15
N ILE A 911 77.92 -56.27 -21.67
CA ILE A 911 78.18 -55.96 -23.07
C ILE A 911 79.33 -54.95 -23.11
N ASP A 912 80.38 -55.29 -23.86
CA ASP A 912 81.45 -54.34 -24.11
C ASP A 912 80.98 -53.31 -25.13
N VAL A 913 81.08 -52.02 -24.77
CA VAL A 913 80.83 -50.94 -25.69
C VAL A 913 82.15 -50.21 -25.95
N GLN A 914 82.39 -49.88 -27.21
CA GLN A 914 83.66 -49.31 -27.62
C GLN A 914 83.53 -47.80 -27.70
N GLY A 915 84.55 -47.09 -27.26
CA GLY A 915 84.59 -45.65 -27.36
C GLY A 915 84.63 -45.18 -28.81
N THR A 916 84.41 -43.87 -28.98
CA THR A 916 84.29 -43.30 -30.33
C THR A 916 85.60 -43.42 -31.10
N PHE A 917 86.73 -43.20 -30.45
CA PHE A 917 88.03 -43.23 -31.11
C PHE A 917 88.93 -44.24 -30.42
N PRO A 918 89.33 -45.32 -31.09
CA PRO A 918 90.13 -46.36 -30.42
C PRO A 918 91.54 -45.93 -30.09
N GLU A 919 92.11 -45.00 -30.87
CA GLU A 919 93.54 -44.67 -30.75
C GLU A 919 93.87 -44.07 -29.39
N ASP A 920 92.99 -43.21 -28.87
CA ASP A 920 93.17 -42.59 -27.56
C ASP A 920 92.15 -43.22 -26.61
N GLU A 921 92.65 -43.97 -25.62
CA GLU A 921 91.79 -44.65 -24.66
C GLU A 921 91.22 -43.67 -23.64
N ALA A 922 92.03 -42.70 -23.21
CA ALA A 922 91.59 -41.74 -22.20
C ALA A 922 90.47 -40.85 -22.71
N GLU A 923 90.54 -40.43 -23.97
CA GLU A 923 89.46 -39.62 -24.54
C GLU A 923 88.17 -40.43 -24.70
N ALA A 924 88.28 -41.71 -25.08
CA ALA A 924 87.10 -42.54 -25.22
C ALA A 924 86.51 -42.94 -23.86
N LYS A 925 87.30 -42.84 -22.79
CA LYS A 925 86.78 -43.17 -21.47
C LYS A 925 85.75 -42.15 -21.03
N LYS A 926 85.86 -40.91 -21.52
CA LYS A 926 84.86 -39.91 -21.19
C LYS A 926 83.55 -40.23 -21.88
N GLU A 927 83.64 -40.74 -23.12
CA GLU A 927 82.44 -41.03 -23.89
C GLU A 927 81.69 -42.22 -23.30
N VAL A 928 82.43 -43.26 -22.86
CA VAL A 928 81.77 -44.40 -22.23
C VAL A 928 81.15 -43.98 -20.89
N ASP A 929 81.80 -43.08 -20.14
CA ASP A 929 81.20 -42.60 -18.89
C ASP A 929 79.94 -41.78 -19.17
N ASP A 930 79.98 -40.96 -20.22
CA ASP A 930 78.81 -40.16 -20.59
C ASP A 930 77.63 -41.05 -20.94
N TYR A 931 77.88 -42.12 -21.71
CA TYR A 931 76.80 -43.04 -22.05
C TYR A 931 76.27 -43.74 -20.80
N LYS A 932 77.16 -44.14 -19.88
CA LYS A 932 76.68 -44.85 -18.70
C LYS A 932 75.83 -43.92 -17.82
N ARG A 933 76.23 -42.65 -17.66
CA ARG A 933 75.41 -41.72 -16.89
C ARG A 933 74.09 -41.43 -17.57
N ASP A 934 74.10 -41.32 -18.91
CA ASP A 934 72.86 -41.09 -19.66
C ASP A 934 71.88 -42.24 -19.47
N LEU A 935 72.39 -43.49 -19.56
CA LEU A 935 71.53 -44.65 -19.38
C LEU A 935 70.99 -44.72 -17.96
N LYS A 936 71.84 -44.42 -16.95
CA LYS A 936 71.38 -44.45 -15.56
C LYS A 936 70.26 -43.44 -15.33
N GLU A 937 70.44 -42.20 -15.81
CA GLU A 937 69.41 -41.18 -15.55
C GLU A 937 68.13 -41.46 -16.34
N SER A 938 68.26 -41.93 -17.60
CA SER A 938 67.08 -42.20 -18.41
C SER A 938 66.28 -43.38 -17.87
N LEU A 939 66.96 -44.45 -17.43
CA LEU A 939 66.22 -45.60 -16.90
C LEU A 939 65.65 -45.29 -15.52
N SER A 940 66.40 -44.61 -14.66
CA SER A 940 65.95 -44.38 -13.29
C SER A 940 64.89 -43.30 -13.18
N ASP A 941 64.95 -42.25 -14.01
CA ASP A 941 64.01 -41.15 -13.87
C ASP A 941 62.59 -41.51 -14.30
N TYR A 942 62.42 -42.60 -15.06
CA TYR A 942 61.11 -43.06 -15.49
C TYR A 942 60.82 -44.46 -14.95
N GLY A 943 61.37 -44.79 -13.79
CA GLY A 943 61.21 -46.12 -13.24
C GLY A 943 60.60 -46.16 -11.85
N LEU A 944 59.67 -45.24 -11.57
CA LEU A 944 58.96 -45.22 -10.30
C LEU A 944 57.62 -44.54 -10.51
N ILE A 945 56.55 -45.31 -10.54
CA ILE A 945 55.23 -44.82 -10.91
C ILE A 945 54.32 -44.95 -9.68
N LEU A 946 53.33 -44.06 -9.61
CA LEU A 946 52.28 -44.10 -8.58
C LEU A 946 50.96 -44.14 -9.34
N TYR A 947 50.47 -45.34 -9.61
CA TYR A 947 49.20 -45.51 -10.30
C TYR A 947 48.11 -45.64 -9.24
N ASN A 948 47.24 -44.63 -9.17
CA ASN A 948 46.18 -44.56 -8.16
C ASN A 948 46.80 -44.68 -6.77
N ASN A 949 46.59 -45.81 -6.10
CA ASN A 949 47.20 -46.03 -4.78
C ASN A 949 48.18 -47.20 -4.76
N VAL A 950 48.72 -47.64 -5.89
CA VAL A 950 49.78 -48.65 -5.92
C VAL A 950 51.06 -48.02 -6.47
N VAL A 951 52.14 -48.14 -5.70
CA VAL A 951 53.46 -47.70 -6.10
C VAL A 951 54.18 -48.84 -6.82
N ALA A 952 54.56 -48.62 -8.07
CA ALA A 952 55.26 -49.61 -8.87
C ALA A 952 56.71 -49.17 -9.10
N LEU A 953 57.64 -50.11 -8.88
CA LEU A 953 59.07 -49.86 -9.11
C LEU A 953 59.60 -50.97 -10.02
N ARG A 954 60.18 -50.58 -11.15
CA ARG A 954 60.69 -51.52 -12.15
C ARG A 954 62.21 -51.55 -12.14
N THR A 955 62.78 -52.73 -12.38
CA THR A 955 64.20 -52.94 -12.52
C THR A 955 64.44 -53.85 -13.72
N ILE A 956 65.62 -53.74 -14.35
CA ILE A 956 65.96 -54.54 -15.52
C ILE A 956 67.36 -55.12 -15.34
N LYS A 957 67.54 -56.38 -15.75
CA LYS A 957 68.86 -56.99 -15.64
C LYS A 957 69.13 -57.90 -16.82
N LEU A 958 70.41 -58.22 -16.99
CA LEU A 958 70.94 -59.07 -18.06
C LEU A 958 71.62 -60.31 -17.49
N SER A 959 71.25 -61.47 -18.03
CA SER A 959 71.87 -62.76 -17.75
C SER A 959 73.16 -62.95 -18.56
N PHE A 960 73.88 -64.04 -18.23
CA PHE A 960 74.98 -64.51 -19.07
C PHE A 960 74.54 -64.82 -20.49
N THR A 961 73.35 -65.39 -20.66
CA THR A 961 72.83 -65.84 -21.95
C THR A 961 72.32 -64.72 -22.83
N GLY A 962 72.56 -63.46 -22.49
CA GLY A 962 72.09 -62.38 -23.32
C GLY A 962 70.61 -62.13 -23.21
N ARG A 963 69.99 -62.57 -22.11
CA ARG A 963 68.56 -62.45 -21.90
C ARG A 963 68.28 -61.27 -20.98
N ILE A 964 67.24 -60.50 -21.32
CA ILE A 964 66.84 -59.35 -20.52
C ILE A 964 65.60 -59.74 -19.73
N THR A 965 65.59 -59.46 -18.43
CA THR A 965 64.38 -59.65 -17.65
C THR A 965 64.07 -58.37 -16.89
N VAL A 966 62.80 -57.95 -16.98
CA VAL A 966 62.27 -56.81 -16.23
C VAL A 966 61.48 -57.37 -15.06
N LYS A 967 61.62 -56.74 -13.90
CA LYS A 967 60.92 -57.15 -12.69
C LYS A 967 60.31 -55.92 -12.06
N VAL A 968 58.99 -55.89 -11.94
CA VAL A 968 58.28 -54.77 -11.35
C VAL A 968 57.66 -55.21 -10.03
N LEU A 969 57.97 -54.46 -8.98
CA LEU A 969 57.47 -54.68 -7.64
C LEU A 969 56.33 -53.70 -7.37
N LEU A 970 55.22 -54.22 -6.89
CA LEU A 970 53.98 -53.47 -6.72
C LEU A 970 53.66 -53.37 -5.24
N TYR A 971 53.29 -52.18 -4.79
CA TYR A 971 52.94 -51.95 -3.39
C TYR A 971 51.55 -51.33 -3.34
N LEU A 972 50.57 -52.11 -2.88
CA LEU A 972 49.22 -51.60 -2.64
C LEU A 972 49.17 -50.97 -1.25
N LEU A 973 48.69 -49.73 -1.20
CA LEU A 973 48.69 -48.92 0.02
C LEU A 973 47.27 -48.84 0.59
N LYS A 974 47.15 -48.89 1.91
CA LYS A 974 45.84 -48.79 2.56
C LYS A 974 45.36 -47.34 2.57
N HIS A 975 44.20 -47.13 3.22
CA HIS A 975 43.63 -45.80 3.29
C HIS A 975 44.45 -44.85 4.14
N ASP A 976 45.22 -45.38 5.10
CA ASP A 976 46.07 -44.57 5.96
C ASP A 976 47.53 -44.62 5.53
N TYR A 977 47.78 -44.80 4.22
CA TYR A 977 49.10 -44.74 3.61
C TYR A 977 50.05 -45.79 4.19
N THR A 978 49.52 -46.99 4.43
CA THR A 978 50.27 -48.13 4.90
C THR A 978 50.10 -49.28 3.93
N VAL A 979 51.05 -50.22 3.94
CA VAL A 979 51.14 -51.25 2.91
C VAL A 979 49.98 -52.22 3.06
N SER A 980 49.05 -52.19 2.11
CA SER A 980 48.05 -53.25 2.05
C SER A 980 48.66 -54.55 1.55
N SER A 981 49.47 -54.49 0.50
CA SER A 981 50.05 -55.71 -0.07
C SER A 981 51.35 -55.38 -0.79
N ARG A 982 52.17 -56.43 -0.95
CA ARG A 982 53.39 -56.37 -1.73
C ARG A 982 53.38 -57.51 -2.73
N SER A 983 53.66 -57.21 -3.99
CA SER A 983 53.66 -58.21 -5.05
C SER A 983 54.87 -58.01 -5.93
N SER A 984 55.23 -59.05 -6.68
CA SER A 984 56.34 -58.98 -7.62
C SER A 984 55.95 -59.74 -8.87
N ILE A 985 56.06 -59.11 -10.03
CA ILE A 985 55.85 -59.81 -11.29
C ILE A 985 57.01 -59.51 -12.23
N GLU A 986 57.28 -60.44 -13.14
CA GLU A 986 58.43 -60.38 -14.02
C GLU A 986 58.00 -60.64 -15.45
N LEU A 987 58.72 -60.01 -16.38
CA LEU A 987 58.45 -60.14 -17.81
C LEU A 987 59.79 -60.19 -18.54
N GLN A 988 59.74 -60.61 -19.81
CA GLN A 988 60.95 -60.84 -20.59
C GLN A 988 61.15 -59.72 -21.60
N GLY A 989 62.41 -59.30 -21.75
CA GLY A 989 62.81 -58.40 -22.81
C GLY A 989 63.48 -59.15 -23.95
N GLY A 990 63.76 -58.42 -25.02
CA GLY A 990 64.35 -59.03 -26.19
C GLY A 990 65.77 -59.51 -25.92
N ASP A 991 66.07 -60.73 -26.34
CA ASP A 991 67.43 -61.24 -26.26
C ASP A 991 68.34 -60.48 -27.22
N LEU A 992 69.59 -60.28 -26.82
CA LEU A 992 70.52 -59.61 -27.73
C LEU A 992 70.97 -60.52 -28.86
N ALA A 993 70.99 -61.83 -28.64
CA ALA A 993 71.35 -62.76 -29.70
C ALA A 993 70.32 -62.76 -30.82
N LYS A 994 69.04 -62.75 -30.46
CA LYS A 994 67.97 -62.73 -31.46
C LYS A 994 67.78 -61.38 -32.12
N PHE A 995 68.26 -60.30 -31.50
CA PHE A 995 67.99 -58.96 -31.99
C PHE A 995 68.85 -58.65 -33.20
N ASN A 996 68.23 -58.02 -34.21
CA ASN A 996 68.92 -57.58 -35.40
C ASN A 996 68.44 -56.20 -35.78
N LEU A 997 69.33 -55.42 -36.40
CA LEU A 997 69.01 -54.08 -36.86
C LEU A 997 69.28 -54.01 -38.37
N THR A 998 68.28 -53.57 -39.13
CA THR A 998 68.43 -53.37 -40.57
C THR A 998 68.33 -51.88 -40.85
N LEU A 999 69.39 -51.32 -41.46
CA LEU A 999 69.43 -49.91 -41.83
C LEU A 999 69.54 -49.77 -43.34
N ASP A 1000 68.68 -48.94 -43.92
CA ASP A 1000 69.02 -48.38 -45.22
C ASP A 1000 70.14 -47.37 -45.04
N VAL A 1001 71.12 -47.42 -45.95
CA VAL A 1001 72.37 -46.67 -45.84
C VAL A 1001 72.78 -46.23 -47.24
N PHE A 1002 73.59 -45.19 -47.29
CA PHE A 1002 73.95 -44.52 -48.54
C PHE A 1002 75.42 -44.74 -48.84
N ASP A 1003 75.71 -45.26 -50.02
CA ASP A 1003 77.08 -45.47 -50.49
C ASP A 1003 77.33 -44.59 -51.71
N GLU A 1004 77.98 -43.43 -51.47
CA GLU A 1004 78.24 -42.49 -52.55
C GLU A 1004 79.26 -43.01 -53.55
N HIS A 1005 80.06 -44.00 -53.17
CA HIS A 1005 81.11 -44.56 -54.02
C HIS A 1005 80.63 -45.70 -54.90
N LYS A 1006 79.37 -46.13 -54.76
CA LYS A 1006 78.80 -47.14 -55.64
C LYS A 1006 77.86 -46.56 -56.68
N THR A 1007 76.97 -45.66 -56.28
CA THR A 1007 75.96 -45.11 -57.16
C THR A 1007 75.71 -43.66 -56.81
N LYS A 1008 75.43 -42.84 -57.82
CA LYS A 1008 75.10 -41.44 -57.61
C LYS A 1008 73.62 -41.22 -57.33
N ASN A 1009 72.81 -42.26 -57.42
CA ASN A 1009 71.38 -42.13 -57.16
C ASN A 1009 71.17 -42.07 -55.64
N THR A 1010 70.45 -41.04 -55.19
CA THR A 1010 70.19 -40.87 -53.77
C THR A 1010 69.24 -41.93 -53.20
N ASN A 1011 68.46 -42.59 -54.04
CA ASN A 1011 67.45 -43.55 -53.60
C ASN A 1011 67.75 -44.98 -54.03
N ASP A 1012 69.01 -45.28 -54.32
CA ASP A 1012 69.47 -46.64 -54.62
C ASP A 1012 70.19 -47.25 -53.42
N LEU A 1013 69.64 -47.03 -52.22
CA LEU A 1013 70.36 -47.25 -50.97
C LEU A 1013 70.70 -48.73 -50.73
N ASP A 1014 71.89 -48.95 -50.18
CA ASP A 1014 72.29 -50.22 -49.59
C ASP A 1014 71.49 -50.45 -48.30
N LYS A 1015 71.52 -51.68 -47.78
CA LYS A 1015 71.04 -51.93 -46.43
C LYS A 1015 71.99 -52.87 -45.68
N TYR A 1016 72.30 -52.49 -44.44
CA TYR A 1016 73.19 -53.22 -43.55
C TYR A 1016 72.36 -53.97 -42.50
N ARG A 1017 72.72 -55.23 -42.26
CA ARG A 1017 72.27 -55.95 -41.07
C ARG A 1017 73.37 -55.93 -40.00
N PHE A 1018 73.00 -55.50 -38.79
CA PHE A 1018 73.89 -55.55 -37.63
C PHE A 1018 73.27 -56.43 -36.55
N GLU A 1019 74.13 -57.12 -35.80
CA GLU A 1019 73.72 -58.05 -34.75
C GLU A 1019 74.77 -58.05 -33.65
N PHE A 1020 74.36 -58.42 -32.45
CA PHE A 1020 75.29 -58.62 -31.35
C PHE A 1020 75.88 -60.02 -31.42
N LYS A 1021 77.20 -60.12 -31.35
CA LYS A 1021 77.93 -61.38 -31.29
C LYS A 1021 78.78 -61.43 -30.05
N LYS A 1022 78.80 -62.59 -29.40
CA LYS A 1022 79.55 -62.77 -28.16
C LYS A 1022 81.03 -63.01 -28.49
N GLN A 1023 81.90 -62.12 -27.98
CA GLN A 1023 83.33 -62.25 -28.14
C GLN A 1023 83.95 -62.32 -26.75
N GLY A 1024 84.71 -63.38 -26.49
CA GLY A 1024 85.26 -63.60 -25.16
C GLY A 1024 84.17 -63.78 -24.12
N SER A 1025 84.05 -62.83 -23.20
CA SER A 1025 83.05 -62.87 -22.14
C SER A 1025 81.98 -61.81 -22.29
N LYS A 1026 82.02 -61.01 -23.35
CA LYS A 1026 81.12 -59.88 -23.54
C LYS A 1026 80.56 -59.89 -24.95
N PHE A 1027 79.41 -59.26 -25.13
CA PHE A 1027 78.79 -59.13 -26.45
C PHE A 1027 79.37 -57.92 -27.16
N LYS A 1028 79.57 -58.06 -28.47
CA LYS A 1028 80.03 -56.96 -29.32
C LYS A 1028 79.14 -56.89 -30.55
N LEU A 1029 78.63 -55.70 -30.84
CA LEU A 1029 77.91 -55.46 -32.08
C LEU A 1029 78.85 -55.59 -33.27
N THR A 1030 78.42 -56.34 -34.29
CA THR A 1030 79.24 -56.61 -35.46
C THR A 1030 78.38 -56.59 -36.70
N TYR A 1031 78.87 -55.93 -37.74
CA TYR A 1031 78.23 -55.98 -39.05
C TYR A 1031 78.21 -57.41 -39.60
N ILE A 1032 77.11 -57.76 -40.27
CA ILE A 1032 76.95 -59.11 -40.80
C ILE A 1032 77.03 -59.09 -42.32
N GLU A 1033 76.06 -58.45 -42.97
CA GLU A 1033 76.03 -58.43 -44.43
C GLU A 1033 75.17 -57.27 -44.91
N ALA A 1034 75.27 -57.02 -46.22
CA ALA A 1034 74.65 -55.89 -46.88
C ALA A 1034 73.97 -56.38 -48.16
N THR A 1035 72.84 -55.76 -48.49
CA THR A 1035 72.12 -56.09 -49.72
C THR A 1035 71.55 -54.82 -50.33
N ASP A 1036 71.19 -54.89 -51.61
CA ASP A 1036 70.54 -53.75 -52.23
C ASP A 1036 69.10 -53.60 -51.74
N LYS A 1037 68.39 -52.65 -52.32
CA LYS A 1037 67.00 -52.39 -51.95
C LYS A 1037 66.04 -53.44 -52.49
N ASP A 1038 66.52 -54.48 -53.17
CA ASP A 1038 65.71 -55.63 -53.54
C ASP A 1038 66.23 -56.91 -52.88
N ASN A 1039 67.02 -56.77 -51.82
CA ASN A 1039 67.53 -57.87 -50.99
C ASN A 1039 68.40 -58.84 -51.77
N LYS A 1040 69.15 -58.33 -52.75
CA LYS A 1040 70.23 -59.10 -53.36
C LYS A 1040 71.57 -58.63 -52.79
N PRO A 1041 72.43 -59.56 -52.37
CA PRO A 1041 73.74 -59.19 -51.78
C PRO A 1041 74.56 -58.25 -52.66
N THR A 1042 75.29 -57.36 -51.98
CA THR A 1042 76.13 -56.35 -52.63
C THR A 1042 77.44 -56.22 -51.86
N LYS A 1043 78.53 -56.01 -52.58
CA LYS A 1043 79.80 -55.66 -51.96
C LYS A 1043 79.70 -54.30 -51.29
N PRO A 1044 80.13 -54.15 -50.04
CA PRO A 1044 80.15 -52.84 -49.40
C PRO A 1044 81.17 -51.92 -50.06
N SER A 1045 80.97 -50.61 -49.87
CA SER A 1045 81.86 -49.61 -50.43
C SER A 1045 83.24 -49.68 -49.78
N SER A 1046 84.26 -49.29 -50.55
CA SER A 1046 85.64 -49.34 -50.07
C SER A 1046 85.86 -48.36 -48.92
N GLN A 1047 85.32 -47.15 -49.03
CA GLN A 1047 85.40 -46.19 -47.93
C GLN A 1047 84.54 -46.64 -46.75
N ASN A 1048 83.35 -47.17 -47.05
CA ASN A 1048 82.48 -47.66 -45.99
C ASN A 1048 83.05 -48.89 -45.30
N GLU A 1049 83.94 -49.64 -45.96
CA GLU A 1049 84.55 -50.80 -45.34
C GLU A 1049 85.46 -50.42 -44.18
N LYS A 1050 86.12 -49.26 -44.25
CA LYS A 1050 86.86 -48.78 -43.09
C LYS A 1050 86.02 -47.91 -42.18
N LEU A 1051 85.01 -47.21 -42.71
CA LEU A 1051 84.19 -46.35 -41.87
C LEU A 1051 83.20 -47.14 -41.00
N ILE A 1052 82.89 -48.38 -41.38
CA ILE A 1052 81.83 -49.12 -40.70
C ILE A 1052 82.20 -49.45 -39.25
N GLY A 1053 83.48 -49.73 -38.98
CA GLY A 1053 83.90 -49.96 -37.61
C GLY A 1053 83.69 -48.74 -36.73
N GLN A 1054 84.06 -47.56 -37.25
CA GLN A 1054 83.78 -46.31 -36.55
C GLN A 1054 82.29 -46.12 -36.32
N TYR A 1055 81.46 -46.46 -37.30
CA TYR A 1055 80.02 -46.25 -37.13
C TYR A 1055 79.41 -47.24 -36.14
N GLU A 1056 79.99 -48.43 -36.00
CA GLU A 1056 79.58 -49.32 -34.91
C GLU A 1056 80.00 -48.74 -33.56
N ARG A 1057 81.17 -48.09 -33.50
CA ARG A 1057 81.56 -47.44 -32.24
C ARG A 1057 80.61 -46.30 -31.89
N ARG A 1058 80.23 -45.49 -32.89
CA ARG A 1058 79.31 -44.38 -32.61
C ARG A 1058 77.92 -44.89 -32.23
N MET A 1059 77.50 -46.02 -32.81
CA MET A 1059 76.17 -46.55 -32.51
C MET A 1059 76.05 -46.98 -31.06
N LYS A 1060 77.12 -47.56 -30.50
CA LYS A 1060 77.19 -48.05 -29.12
C LYS A 1060 76.10 -49.09 -28.91
N ILE A 1061 75.16 -48.90 -27.98
CA ILE A 1061 74.09 -49.85 -27.71
C ILE A 1061 72.85 -49.41 -28.49
N PRO A 1062 72.47 -50.09 -29.58
CA PRO A 1062 71.16 -49.85 -30.18
C PRO A 1062 70.06 -50.74 -29.59
N LEU A 1063 69.16 -50.18 -28.80
CA LEU A 1063 68.02 -50.95 -28.28
C LEU A 1063 66.82 -50.03 -28.12
N ASP A 1064 65.64 -50.64 -28.14
CA ASP A 1064 64.37 -49.96 -27.88
C ASP A 1064 64.23 -49.74 -26.37
N PHE A 1065 64.96 -48.75 -25.87
CA PHE A 1065 64.96 -48.52 -24.43
C PHE A 1065 63.72 -47.78 -23.94
N GLU A 1066 62.98 -47.12 -24.84
CA GLU A 1066 61.74 -46.47 -24.44
C GLU A 1066 60.66 -47.48 -24.07
N LYS A 1067 60.78 -48.71 -24.56
CA LYS A 1067 59.86 -49.78 -24.17
C LYS A 1067 59.98 -50.10 -22.70
N TYR A 1068 61.21 -50.06 -22.15
CA TYR A 1068 61.42 -50.49 -20.76
C TYR A 1068 60.86 -49.49 -19.76
N MET A 1069 60.79 -48.21 -20.13
CA MET A 1069 60.23 -47.22 -19.21
C MET A 1069 58.71 -47.34 -19.15
N MET A 1070 58.16 -46.87 -18.03
CA MET A 1070 56.75 -47.08 -17.70
C MET A 1070 55.92 -45.86 -18.09
N GLN A 1071 54.93 -46.07 -18.95
CA GLN A 1071 53.92 -45.06 -19.27
C GLN A 1071 52.61 -45.48 -18.62
N VAL A 1072 52.02 -44.58 -17.83
CA VAL A 1072 50.86 -44.89 -17.01
C VAL A 1072 49.64 -44.16 -17.56
N ASN A 1073 48.52 -44.89 -17.65
CA ASN A 1073 47.23 -44.29 -17.99
C ASN A 1073 46.19 -44.64 -16.94
N GLN A 1074 44.92 -44.38 -17.26
CA GLN A 1074 43.85 -44.65 -16.30
C GLN A 1074 43.66 -46.14 -16.06
N GLU A 1075 43.81 -46.96 -17.11
CA GLU A 1075 43.52 -48.38 -17.00
C GLU A 1075 44.63 -49.14 -16.27
N GLY A 1076 45.85 -49.11 -16.80
CA GLY A 1076 46.93 -49.89 -16.22
C GLY A 1076 48.28 -49.27 -16.48
N ILE A 1077 49.33 -49.98 -16.06
CA ILE A 1077 50.70 -49.52 -16.20
C ILE A 1077 51.34 -50.24 -17.37
N ILE A 1078 51.86 -49.49 -18.34
CA ILE A 1078 52.44 -50.08 -19.54
C ILE A 1078 53.93 -50.24 -19.33
N VAL A 1079 54.40 -51.49 -19.35
CA VAL A 1079 55.84 -51.77 -19.29
C VAL A 1079 56.14 -53.00 -20.14
N ASN A 1080 57.17 -52.84 -21.00
CA ASN A 1080 57.75 -53.85 -21.89
C ASN A 1080 56.61 -54.57 -22.63
N ASP A 1081 55.90 -53.79 -23.44
CA ASP A 1081 54.77 -54.24 -24.27
C ASP A 1081 53.72 -55.01 -23.46
N HIS A 1082 53.51 -54.62 -22.20
CA HIS A 1082 52.62 -55.33 -21.30
C HIS A 1082 51.83 -54.31 -20.49
N GLN A 1083 50.65 -54.73 -20.03
CA GLN A 1083 49.82 -53.87 -19.18
C GLN A 1083 49.60 -54.54 -17.83
N ILE A 1084 49.90 -53.80 -16.76
CA ILE A 1084 49.68 -54.24 -15.39
C ILE A 1084 48.34 -53.68 -14.94
N ILE A 1085 47.42 -54.58 -14.57
CA ILE A 1085 46.03 -54.24 -14.30
C ILE A 1085 45.59 -54.98 -13.04
N HIS A 1086 44.37 -54.68 -12.60
CA HIS A 1086 43.79 -55.26 -11.39
C HIS A 1086 42.81 -56.36 -11.76
N ASP A 1087 42.92 -57.51 -11.09
CA ASP A 1087 42.08 -58.67 -11.39
C ASP A 1087 41.82 -59.41 -10.08
N ASN A 1088 40.61 -59.27 -9.54
CA ASN A 1088 40.13 -60.00 -8.37
C ASN A 1088 41.05 -59.80 -7.15
N GLY A 1089 41.54 -58.58 -6.98
CA GLY A 1089 42.39 -58.27 -5.86
C GLY A 1089 43.87 -58.53 -6.08
N ASN A 1090 44.25 -59.09 -7.21
CA ASN A 1090 45.65 -59.34 -7.53
C ASN A 1090 46.03 -58.56 -8.77
N PHE A 1091 47.26 -58.03 -8.79
CA PHE A 1091 47.72 -57.27 -9.95
C PHE A 1091 48.37 -58.23 -10.93
N ILE A 1092 47.88 -58.23 -12.17
CA ILE A 1092 48.28 -59.20 -13.18
C ILE A 1092 48.75 -58.43 -14.41
N ALA A 1093 49.72 -59.02 -15.11
CA ALA A 1093 50.27 -58.43 -16.33
C ALA A 1093 49.74 -59.20 -17.52
N LYS A 1094 49.21 -58.49 -18.50
CA LYS A 1094 48.65 -59.08 -19.71
C LYS A 1094 49.37 -58.53 -20.92
N GLN A 1095 49.38 -59.34 -21.99
CA GLN A 1095 50.10 -58.99 -23.19
C GLN A 1095 49.44 -57.79 -23.87
N LEU A 1096 50.22 -56.74 -24.09
CA LEU A 1096 49.80 -55.61 -24.89
C LEU A 1096 50.32 -55.81 -26.32
N ASP A 1097 49.40 -55.73 -27.28
CA ASP A 1097 49.76 -55.93 -28.68
C ASP A 1097 50.77 -54.88 -29.13
N ARG A 1098 51.89 -55.35 -29.69
CA ARG A 1098 52.94 -54.46 -30.16
C ARG A 1098 52.47 -53.58 -31.31
N ASP A 1099 51.51 -54.06 -32.10
CA ASP A 1099 51.09 -53.36 -33.31
C ASP A 1099 50.47 -52.00 -32.98
N THR A 1100 49.65 -51.95 -31.93
CA THR A 1100 49.10 -50.67 -31.47
C THR A 1100 50.21 -49.73 -31.00
N LEU A 1101 51.19 -50.26 -30.27
CA LEU A 1101 52.30 -49.44 -29.79
C LEU A 1101 53.23 -49.01 -30.91
N LYS A 1102 53.25 -49.75 -32.02
CA LYS A 1102 53.97 -49.34 -33.22
C LYS A 1102 53.15 -48.42 -34.11
N LEU A 1103 51.94 -48.04 -33.68
CA LEU A 1103 51.07 -47.06 -34.34
C LEU A 1103 50.71 -47.46 -35.77
N THR A 1104 50.86 -48.74 -36.12
CA THR A 1104 50.57 -49.22 -37.46
C THR A 1104 49.09 -49.53 -37.64
N LYS A 1105 48.43 -50.09 -36.62
CA LYS A 1105 46.99 -50.28 -36.67
C LYS A 1105 46.42 -50.16 -35.27
N PHE A 1106 45.24 -49.56 -35.17
CA PHE A 1106 44.54 -49.41 -33.89
C PHE A 1106 43.08 -49.03 -34.12
N LYS A 1107 42.29 -49.27 -33.08
CA LYS A 1107 40.90 -48.83 -33.00
C LYS A 1107 40.66 -48.33 -31.59
N ILE A 1108 40.54 -47.02 -31.43
CA ILE A 1108 40.34 -46.37 -30.14
C ILE A 1108 38.89 -45.91 -30.09
N PRO A 1109 38.05 -46.47 -29.22
CA PRO A 1109 36.67 -45.98 -29.11
C PRO A 1109 36.61 -44.61 -28.45
N LEU A 1110 36.27 -43.60 -29.25
CA LEU A 1110 36.12 -42.25 -28.71
C LEU A 1110 34.89 -42.15 -27.82
N GLY A 1111 33.73 -42.53 -28.35
CA GLY A 1111 32.48 -42.34 -27.64
C GLY A 1111 31.53 -43.51 -27.76
N ALA A 1112 30.24 -43.22 -27.62
CA ALA A 1112 29.22 -44.27 -27.77
C ALA A 1112 29.13 -44.79 -29.20
N PHE A 1113 29.36 -43.94 -30.19
CA PHE A 1113 29.08 -44.30 -31.57
C PHE A 1113 30.20 -44.01 -32.56
N SER A 1114 31.32 -43.45 -32.12
CA SER A 1114 32.40 -43.05 -33.00
C SER A 1114 33.71 -43.65 -32.50
N ASN A 1115 34.54 -44.12 -33.43
CA ASN A 1115 35.82 -44.71 -33.08
C ASN A 1115 36.91 -44.24 -34.04
N PHE A 1116 38.03 -43.83 -33.45
CA PHE A 1116 39.25 -43.47 -34.16
C PHE A 1116 39.88 -44.75 -34.69
N LYS A 1117 40.11 -44.82 -36.01
CA LYS A 1117 40.51 -46.08 -36.62
C LYS A 1117 41.63 -45.86 -37.62
N LYS A 1118 42.67 -46.68 -37.53
CA LYS A 1118 43.69 -46.77 -38.56
C LYS A 1118 43.58 -48.17 -39.15
N ASP A 1119 43.06 -48.26 -40.37
CA ASP A 1119 42.67 -49.54 -40.96
C ASP A 1119 43.89 -50.43 -41.22
N SER A 1120 44.93 -49.88 -41.82
CA SER A 1120 46.17 -50.61 -42.07
C SER A 1120 47.33 -49.63 -42.04
N ASP A 1121 48.53 -50.12 -42.36
CA ASP A 1121 49.71 -49.27 -42.31
C ASP A 1121 49.65 -48.19 -43.38
N GLY A 1122 49.35 -48.59 -44.63
CA GLY A 1122 49.38 -47.64 -45.72
C GLY A 1122 48.22 -46.67 -45.71
N ASP A 1123 47.09 -47.07 -45.12
CA ASP A 1123 45.92 -46.20 -45.05
C ASP A 1123 46.17 -45.03 -44.11
N GLU A 1124 45.60 -43.89 -44.47
CA GLU A 1124 45.65 -42.68 -43.67
C GLU A 1124 44.69 -42.75 -42.49
N ILE A 1125 44.93 -41.89 -41.50
CA ILE A 1125 44.15 -41.84 -40.27
C ILE A 1125 42.68 -41.56 -40.55
N LYS A 1126 41.80 -42.41 -40.02
CA LYS A 1126 40.37 -42.26 -40.26
C LYS A 1126 39.61 -42.20 -38.95
N LEU A 1127 38.38 -41.70 -39.03
CA LEU A 1127 37.47 -41.62 -37.89
C LEU A 1127 36.16 -42.25 -38.36
N CYS A 1128 36.00 -43.54 -38.08
CA CYS A 1128 34.77 -44.23 -38.43
C CYS A 1128 33.69 -43.93 -37.41
N THR A 1129 32.44 -43.83 -37.86
CA THR A 1129 31.32 -43.72 -36.95
C THR A 1129 30.20 -44.65 -37.38
N LYS A 1130 29.34 -44.97 -36.40
CA LYS A 1130 28.23 -45.90 -36.59
C LYS A 1130 27.15 -45.51 -35.59
N THR A 1131 26.12 -44.83 -36.07
CA THR A 1131 24.99 -44.47 -35.21
C THR A 1131 24.21 -45.74 -34.85
N GLU A 1132 23.43 -45.66 -33.77
CA GLU A 1132 22.71 -46.82 -33.27
C GLU A 1132 21.67 -47.31 -34.28
N GLN A 1133 20.97 -46.37 -34.94
CA GLN A 1133 19.84 -46.75 -35.79
C GLN A 1133 20.29 -47.45 -37.06
N GLU A 1134 21.30 -46.90 -37.75
CA GLU A 1134 21.76 -47.45 -39.01
C GLU A 1134 23.09 -48.19 -38.81
N ARG A 1135 23.18 -49.39 -39.37
CA ARG A 1135 24.39 -50.21 -39.27
C ARG A 1135 25.31 -49.98 -40.47
N THR A 1136 25.59 -48.71 -40.76
CA THR A 1136 26.49 -48.31 -41.82
C THR A 1136 27.67 -47.58 -41.21
N GLU A 1137 28.87 -48.09 -41.45
CA GLU A 1137 30.10 -47.47 -40.95
C GLU A 1137 30.53 -46.38 -41.94
N SER A 1138 30.50 -45.13 -41.50
CA SER A 1138 30.97 -44.02 -42.32
C SER A 1138 32.23 -43.47 -41.68
N CYS A 1139 33.36 -43.61 -42.37
CA CYS A 1139 34.63 -43.08 -41.91
C CYS A 1139 35.00 -41.82 -42.68
N VAL A 1140 35.32 -40.77 -41.96
CA VAL A 1140 35.98 -39.61 -42.55
C VAL A 1140 37.49 -39.86 -42.52
N SER A 1141 38.21 -39.27 -43.47
CA SER A 1141 39.66 -39.37 -43.53
C SER A 1141 40.27 -38.06 -43.05
N LEU A 1142 41.26 -38.16 -42.16
CA LEU A 1142 41.90 -36.99 -41.57
C LEU A 1142 43.15 -36.55 -42.31
N GLN A 1143 43.48 -37.17 -43.45
CA GLN A 1143 44.62 -36.78 -44.30
C GLN A 1143 45.95 -36.80 -43.54
N THR A 1144 46.17 -37.88 -42.78
CA THR A 1144 47.45 -38.03 -42.08
C THR A 1144 47.83 -39.50 -42.05
N ASN A 1145 48.98 -39.84 -42.63
CA ASN A 1145 49.48 -41.20 -42.50
C ASN A 1145 50.09 -41.46 -41.14
N SER A 1146 50.75 -40.47 -40.55
CA SER A 1146 51.35 -40.60 -39.23
C SER A 1146 50.33 -40.44 -38.11
N ALA A 1147 50.66 -41.00 -36.95
CA ALA A 1147 49.85 -40.86 -35.74
C ALA A 1147 50.50 -39.97 -34.70
N ARG A 1148 51.77 -39.58 -34.87
CA ARG A 1148 52.42 -38.67 -33.93
C ARG A 1148 51.95 -37.23 -34.12
N ASN A 1149 51.61 -36.86 -35.37
CA ASN A 1149 51.12 -35.52 -35.65
C ASN A 1149 49.80 -35.25 -34.94
N VAL A 1150 48.89 -36.23 -34.92
CA VAL A 1150 47.51 -35.96 -34.56
C VAL A 1150 47.39 -35.76 -33.06
N SER A 1151 46.35 -35.04 -32.65
CA SER A 1151 46.04 -34.82 -31.25
C SER A 1151 44.55 -35.00 -31.05
N ILE A 1152 44.17 -35.49 -29.87
CA ILE A 1152 42.80 -35.88 -29.60
C ILE A 1152 42.29 -35.02 -28.45
N LYS A 1153 41.14 -34.38 -28.67
CA LYS A 1153 40.48 -33.55 -27.67
C LYS A 1153 38.98 -33.91 -27.72
N TYR A 1154 38.66 -35.13 -27.26
CA TYR A 1154 37.52 -35.97 -27.65
C TYR A 1154 36.21 -35.19 -27.89
N PRO A 1155 35.63 -34.45 -26.91
CA PRO A 1155 34.26 -33.95 -27.13
C PRO A 1155 34.16 -32.95 -28.26
N TYR A 1156 35.28 -32.32 -28.63
CA TYR A 1156 35.33 -31.28 -29.64
C TYR A 1156 36.27 -31.68 -30.76
N TYR A 1157 36.93 -30.70 -31.38
CA TYR A 1157 37.75 -30.90 -32.56
C TYR A 1157 38.92 -31.86 -32.32
N LEU A 1158 39.20 -32.69 -33.33
CA LEU A 1158 40.50 -33.29 -33.54
C LEU A 1158 41.37 -32.40 -34.42
N VAL A 1159 42.68 -32.47 -34.23
CA VAL A 1159 43.61 -31.63 -34.98
C VAL A 1159 44.81 -32.46 -35.40
N THR A 1160 45.34 -32.17 -36.58
CA THR A 1160 46.51 -32.83 -37.13
C THR A 1160 47.38 -31.82 -37.87
N GLN A 1161 48.69 -31.90 -37.67
CA GLN A 1161 49.65 -31.05 -38.38
C GLN A 1161 50.36 -31.87 -39.45
N LYS A 1162 50.02 -31.65 -40.73
CA LYS A 1162 50.72 -32.30 -41.83
C LYS A 1162 51.64 -31.27 -42.48
N LYS A 1163 52.92 -31.63 -42.63
CA LYS A 1163 53.97 -30.79 -43.24
C LYS A 1163 54.01 -29.46 -42.51
N ASN A 1164 53.76 -28.32 -43.16
CA ASN A 1164 53.66 -27.03 -42.51
C ASN A 1164 52.23 -26.48 -42.49
N ASP A 1165 51.24 -27.35 -42.69
CA ASP A 1165 49.83 -26.99 -42.68
C ASP A 1165 49.11 -27.73 -41.56
N ILE A 1166 47.94 -27.21 -41.19
CA ILE A 1166 47.13 -27.82 -40.15
C ILE A 1166 45.77 -28.20 -40.73
N LYS A 1167 45.20 -29.29 -40.21
CA LYS A 1167 43.86 -29.72 -40.55
C LYS A 1167 43.11 -29.94 -39.24
N VAL A 1168 41.87 -29.47 -39.19
CA VAL A 1168 41.02 -29.54 -38.01
C VAL A 1168 39.71 -30.20 -38.40
N LEU A 1169 39.32 -31.22 -37.66
CA LEU A 1169 38.06 -31.92 -37.87
C LEU A 1169 37.18 -31.69 -36.64
N PRO A 1170 36.18 -30.82 -36.73
CA PRO A 1170 35.27 -30.65 -35.59
C PRO A 1170 34.40 -31.89 -35.43
N LEU A 1171 33.98 -32.13 -34.20
CA LEU A 1171 33.13 -33.26 -33.88
C LEU A 1171 31.77 -32.76 -33.40
N LYS A 1172 30.72 -33.43 -33.85
CA LYS A 1172 29.38 -33.14 -33.35
C LYS A 1172 29.29 -33.53 -31.88
N ILE A 1173 28.38 -32.85 -31.16
CA ILE A 1173 28.21 -33.13 -29.74
C ILE A 1173 27.65 -34.55 -29.56
N ASN A 1174 28.08 -35.20 -28.47
CA ASN A 1174 27.69 -36.56 -28.09
C ASN A 1174 28.15 -37.61 -29.10
N SER A 1175 29.14 -37.25 -29.93
CA SER A 1175 29.78 -38.15 -30.90
C SER A 1175 28.76 -38.74 -31.88
N ARG A 1176 27.83 -37.90 -32.34
CA ARG A 1176 26.83 -38.31 -33.31
C ARG A 1176 27.34 -38.29 -34.75
N GLY A 1177 28.64 -38.10 -34.94
CA GLY A 1177 29.23 -37.97 -36.26
C GLY A 1177 30.23 -36.83 -36.32
N TRP A 1178 30.87 -36.65 -37.47
CA TRP A 1178 31.91 -35.63 -37.60
C TRP A 1178 31.30 -34.35 -38.17
N GLU A 1179 32.17 -33.42 -38.56
CA GLU A 1179 31.73 -32.15 -39.14
C GLU A 1179 32.61 -31.90 -40.37
N ASP A 1180 32.48 -30.76 -41.02
CA ASP A 1180 33.27 -30.47 -42.21
C ASP A 1180 34.70 -30.10 -41.83
N SER A 1181 35.65 -30.67 -42.54
CA SER A 1181 37.07 -30.45 -42.27
C SER A 1181 37.49 -29.04 -42.66
N VAL A 1182 38.44 -28.49 -41.90
CA VAL A 1182 38.98 -27.15 -42.14
C VAL A 1182 40.49 -27.27 -42.27
N ASP A 1183 41.08 -26.45 -43.13
CA ASP A 1183 42.53 -26.47 -43.35
C ASP A 1183 43.09 -25.06 -43.19
N TYR A 1184 44.24 -24.98 -42.53
CA TYR A 1184 44.96 -23.72 -42.33
C TYR A 1184 46.37 -23.90 -42.89
N ARG A 1185 46.66 -23.21 -43.99
CA ARG A 1185 47.91 -23.41 -44.69
C ARG A 1185 49.02 -22.56 -44.10
N GLY A 1186 50.24 -23.11 -44.12
CA GLY A 1186 51.43 -22.40 -43.69
C GLY A 1186 51.46 -21.99 -42.24
N GLU A 1187 51.00 -22.87 -41.34
CA GLU A 1187 50.94 -22.55 -39.92
C GLU A 1187 51.51 -23.70 -39.10
N ILE A 1188 52.06 -23.37 -37.94
CA ILE A 1188 52.67 -24.32 -37.03
C ILE A 1188 51.81 -24.39 -35.78
N LEU A 1189 51.42 -25.60 -35.38
CA LEU A 1189 50.60 -25.78 -34.19
C LEU A 1189 51.42 -25.52 -32.93
N HIS A 1190 50.73 -25.14 -31.86
CA HIS A 1190 51.34 -24.87 -30.57
C HIS A 1190 50.85 -25.89 -29.55
N GLY A 1191 51.72 -26.21 -28.58
CA GLY A 1191 51.34 -27.16 -27.55
C GLY A 1191 50.37 -26.61 -26.52
N SER A 1192 50.11 -25.30 -26.56
CA SER A 1192 49.12 -24.65 -25.71
C SER A 1192 47.68 -24.87 -26.17
N SER A 1193 47.48 -25.42 -27.36
CA SER A 1193 46.13 -25.64 -27.89
C SER A 1193 45.34 -26.60 -27.00
N SER A 1194 44.02 -26.41 -27.01
CA SER A 1194 43.18 -26.84 -25.90
C SER A 1194 41.75 -27.00 -26.40
N HIS A 1195 40.91 -27.55 -25.52
CA HIS A 1195 39.50 -27.75 -25.83
C HIS A 1195 38.79 -26.44 -26.17
N ALA A 1196 39.16 -25.36 -25.48
CA ALA A 1196 38.49 -24.07 -25.70
C ALA A 1196 38.96 -23.38 -26.97
N ALA A 1197 40.26 -23.40 -27.24
CA ALA A 1197 40.82 -22.53 -28.27
C ALA A 1197 42.09 -23.15 -28.82
N MET A 1198 42.32 -22.94 -30.11
CA MET A 1198 43.54 -23.39 -30.78
C MET A 1198 44.41 -22.17 -31.08
N VAL A 1199 45.64 -22.20 -30.60
CA VAL A 1199 46.62 -21.15 -30.84
C VAL A 1199 47.70 -21.70 -31.77
N THR A 1200 47.96 -20.97 -32.86
CA THR A 1200 48.90 -21.40 -33.89
C THR A 1200 49.85 -20.26 -34.18
N THR A 1201 50.86 -20.52 -35.01
CA THR A 1201 51.79 -19.49 -35.44
C THR A 1201 51.87 -19.51 -36.96
N ARG A 1202 51.49 -18.41 -37.60
CA ARG A 1202 51.63 -18.31 -39.05
C ARG A 1202 53.10 -18.11 -39.40
N MET A 1203 53.60 -18.91 -40.35
CA MET A 1203 55.03 -18.86 -40.67
C MET A 1203 55.40 -17.65 -41.50
N SER A 1204 54.48 -17.15 -42.33
CA SER A 1204 54.80 -16.02 -43.20
C SER A 1204 54.96 -14.72 -42.41
N ASP A 1205 54.12 -14.51 -41.41
CA ASP A 1205 54.08 -13.27 -40.66
C ASP A 1205 54.82 -13.37 -39.33
N GLN A 1206 54.91 -14.58 -38.78
CA GLN A 1206 55.44 -14.84 -37.43
C GLN A 1206 54.66 -14.06 -36.38
N LYS A 1207 53.33 -14.09 -36.49
CA LYS A 1207 52.44 -13.55 -35.48
C LYS A 1207 51.44 -14.64 -35.12
N THR A 1208 51.40 -15.01 -33.84
CA THR A 1208 50.58 -16.13 -33.41
C THR A 1208 49.11 -15.74 -33.40
N ILE A 1209 48.25 -16.72 -33.67
CA ILE A 1209 46.82 -16.50 -33.90
C ILE A 1209 46.02 -17.41 -32.99
N VAL A 1210 45.12 -16.82 -32.20
CA VAL A 1210 44.23 -17.56 -31.32
C VAL A 1210 42.86 -17.63 -31.98
N ARG A 1211 42.34 -18.84 -32.14
CA ARG A 1211 40.99 -19.06 -32.66
C ARG A 1211 40.16 -19.87 -31.67
N PRO A 1212 39.04 -19.34 -31.18
CA PRO A 1212 38.17 -20.14 -30.31
C PRO A 1212 37.50 -21.27 -31.08
N LEU A 1213 37.01 -22.25 -30.31
CA LEU A 1213 36.39 -23.45 -30.87
C LEU A 1213 35.32 -23.14 -31.91
N LYS A 1214 34.46 -22.15 -31.61
CA LYS A 1214 33.43 -21.72 -32.55
C LYS A 1214 33.99 -21.05 -33.80
N ALA A 1215 35.21 -20.51 -33.75
CA ALA A 1215 35.83 -19.88 -34.91
C ALA A 1215 36.31 -20.89 -35.95
N LEU A 1216 36.29 -22.18 -35.65
CA LEU A 1216 36.80 -23.21 -36.55
C LEU A 1216 35.79 -23.65 -37.59
N ASN A 1217 35.10 -22.69 -38.20
CA ASN A 1217 33.95 -22.94 -39.06
C ASN A 1217 34.32 -22.56 -40.49
N LYS A 1218 34.11 -23.50 -41.42
CA LYS A 1218 34.55 -23.31 -42.81
C LYS A 1218 33.89 -22.10 -43.47
N ILE A 1219 32.56 -21.99 -43.38
CA ILE A 1219 31.86 -20.87 -44.01
C ILE A 1219 31.98 -19.58 -43.23
N ASN A 1220 32.74 -19.59 -42.13
CA ASN A 1220 33.02 -18.44 -41.26
C ASN A 1220 31.78 -17.81 -40.63
N LYS A 1221 30.69 -18.56 -40.48
CA LYS A 1221 29.59 -18.09 -39.65
C LYS A 1221 29.00 -19.25 -38.87
N ILE A 1222 28.62 -18.99 -37.62
CA ILE A 1222 28.01 -19.96 -36.74
C ILE A 1222 26.53 -19.60 -36.57
N TYR A 1223 25.67 -20.61 -36.61
CA TYR A 1223 24.26 -20.41 -36.31
C TYR A 1223 24.00 -20.72 -34.84
N ALA A 1224 23.40 -19.77 -34.15
CA ALA A 1224 22.88 -19.97 -32.80
C ALA A 1224 21.37 -19.94 -32.87
N GLN A 1225 20.72 -21.07 -32.57
CA GLN A 1225 19.27 -21.12 -32.57
C GLN A 1225 18.74 -20.53 -31.28
N VAL A 1226 17.94 -19.48 -31.40
CA VAL A 1226 17.35 -18.78 -30.27
C VAL A 1226 15.88 -18.52 -30.57
N ILE A 1227 15.11 -18.27 -29.51
CA ILE A 1227 13.69 -18.00 -29.68
C ILE A 1227 13.49 -16.61 -30.25
N SER A 1228 12.54 -16.49 -31.19
CA SER A 1228 12.20 -15.20 -31.77
C SER A 1228 11.05 -14.52 -31.02
N GLU A 1229 9.98 -15.25 -30.73
CA GLU A 1229 8.85 -14.66 -30.04
C GLU A 1229 8.20 -15.70 -29.14
N GLU A 1230 7.43 -15.21 -28.18
CA GLU A 1230 6.56 -16.07 -27.38
C GLU A 1230 5.15 -15.51 -27.46
N LYS A 1231 4.19 -16.37 -27.82
CA LYS A 1231 2.80 -15.98 -28.02
C LYS A 1231 1.91 -16.74 -27.05
N LEU A 1232 1.14 -16.01 -26.28
CA LEU A 1232 0.15 -16.57 -25.36
C LEU A 1232 -1.20 -16.49 -26.07
N THR A 1233 -1.84 -17.64 -26.25
CA THR A 1233 -3.12 -17.74 -26.91
C THR A 1233 -4.17 -18.18 -25.90
N THR A 1234 -5.23 -17.38 -25.81
CA THR A 1234 -6.42 -17.53 -24.99
C THR A 1234 -7.64 -17.51 -25.92
N PRO A 1235 -8.74 -18.17 -25.55
CA PRO A 1235 -9.97 -18.03 -26.36
C PRO A 1235 -10.52 -16.61 -26.45
N TYR A 1236 -10.00 -15.66 -25.67
CA TYR A 1236 -10.48 -14.29 -25.70
C TYR A 1236 -9.49 -13.29 -26.28
N ASP A 1237 -8.19 -13.52 -26.12
CA ASP A 1237 -7.19 -12.61 -26.67
C ASP A 1237 -5.91 -13.37 -26.99
N SER A 1238 -5.01 -12.69 -27.68
CA SER A 1238 -3.67 -13.19 -27.95
C SER A 1238 -2.66 -12.14 -27.48
N TYR A 1239 -1.39 -12.57 -27.37
CA TYR A 1239 -0.37 -11.68 -26.84
C TYR A 1239 1.00 -12.17 -27.27
N VAL A 1240 1.79 -11.33 -27.93
CA VAL A 1240 3.08 -11.77 -28.48
C VAL A 1240 4.17 -10.84 -27.97
N ILE A 1241 5.24 -11.44 -27.43
CA ILE A 1241 6.43 -10.73 -26.97
C ILE A 1241 7.59 -11.15 -27.85
N LYS A 1242 8.28 -10.18 -28.44
CA LYS A 1242 9.32 -10.50 -29.41
C LYS A 1242 10.70 -10.14 -28.89
N TYR A 1243 11.69 -10.95 -29.27
CA TYR A 1243 13.05 -10.83 -28.79
C TYR A 1243 14.01 -10.81 -29.98
N GLU A 1244 15.09 -10.05 -29.84
CA GLU A 1244 16.23 -10.10 -30.74
C GLU A 1244 17.49 -9.98 -29.89
N TYR A 1245 18.61 -10.45 -30.43
CA TYR A 1245 19.84 -10.53 -29.66
C TYR A 1245 21.00 -9.99 -30.49
N GLU A 1246 22.00 -9.44 -29.79
CA GLU A 1246 23.16 -8.86 -30.46
C GLU A 1246 24.34 -8.85 -29.49
N ASP A 1247 25.50 -8.48 -30.04
CA ASP A 1247 26.82 -8.46 -29.42
C ASP A 1247 27.24 -9.84 -28.90
N PRO A 1248 27.22 -10.90 -29.72
CA PRO A 1248 27.55 -12.23 -29.20
C PRO A 1248 28.97 -12.36 -28.66
N VAL A 1249 29.14 -13.37 -27.81
CA VAL A 1249 30.42 -13.90 -27.38
C VAL A 1249 30.31 -15.42 -27.44
N VAL A 1250 31.45 -16.08 -27.48
CA VAL A 1250 31.51 -17.53 -27.45
C VAL A 1250 32.33 -17.97 -26.25
N SER A 1251 32.00 -19.15 -25.73
CA SER A 1251 32.70 -19.71 -24.57
C SER A 1251 32.54 -21.22 -24.64
N MET A 1252 33.65 -21.93 -24.83
CA MET A 1252 33.66 -23.35 -25.16
C MET A 1252 32.72 -23.65 -26.32
N ASN A 1253 31.64 -24.38 -26.06
CA ASN A 1253 30.66 -24.71 -27.08
C ASN A 1253 29.40 -23.87 -27.00
N GLN A 1254 29.33 -22.90 -26.08
CA GLN A 1254 28.12 -22.13 -25.85
C GLN A 1254 28.28 -20.71 -26.39
N VAL A 1255 27.33 -20.30 -27.23
CA VAL A 1255 27.17 -18.89 -27.58
C VAL A 1255 26.36 -18.19 -26.50
N ALA A 1256 26.73 -16.95 -26.18
CA ALA A 1256 25.91 -16.10 -25.33
C ALA A 1256 25.85 -14.70 -25.93
N PHE A 1257 24.79 -13.96 -25.62
CA PHE A 1257 24.57 -12.64 -26.19
C PHE A 1257 24.70 -11.58 -25.09
N LYS A 1258 25.40 -10.50 -25.40
CA LYS A 1258 25.58 -9.44 -24.42
C LYS A 1258 24.41 -8.45 -24.37
N THR A 1259 23.69 -8.25 -25.46
CA THR A 1259 22.62 -7.25 -25.47
C THR A 1259 21.37 -7.83 -26.09
N THR A 1260 20.28 -7.86 -25.32
CA THR A 1260 19.01 -8.40 -25.79
C THR A 1260 17.97 -7.29 -25.84
N ILE A 1261 17.25 -7.22 -26.96
CA ILE A 1261 16.20 -6.23 -27.18
C ILE A 1261 14.86 -6.95 -27.18
N VAL A 1262 13.93 -6.48 -26.35
CA VAL A 1262 12.64 -7.12 -26.20
C VAL A 1262 11.52 -6.09 -26.43
N VAL A 1263 10.54 -6.47 -27.23
CA VAL A 1263 9.36 -5.64 -27.45
C VAL A 1263 8.16 -6.37 -26.85
N PRO A 1264 7.34 -5.69 -26.04
CA PRO A 1264 6.21 -6.35 -25.39
C PRO A 1264 5.01 -6.53 -26.31
N GLY A 1265 4.75 -5.56 -27.18
CA GLY A 1265 3.69 -5.67 -28.15
C GLY A 1265 4.16 -6.38 -29.42
N GLY A 1266 3.22 -6.50 -30.37
CA GLY A 1266 3.59 -7.01 -31.68
C GLY A 1266 4.49 -6.09 -32.45
N GLY A 1267 4.17 -4.79 -32.45
CA GLY A 1267 4.90 -3.80 -33.23
C GLY A 1267 5.93 -3.08 -32.39
N LYS A 1268 7.15 -3.00 -32.93
CA LYS A 1268 8.24 -2.30 -32.24
C LYS A 1268 8.18 -0.80 -32.50
N SER A 1269 7.94 -0.40 -33.75
CA SER A 1269 7.89 1.01 -34.11
C SER A 1269 6.64 1.71 -33.59
N ALA A 1270 5.63 0.96 -33.14
CA ALA A 1270 4.43 1.58 -32.61
C ALA A 1270 4.61 2.06 -31.17
N THR A 1271 5.37 1.32 -30.35
CA THR A 1271 5.39 1.59 -28.93
C THR A 1271 6.77 1.58 -28.27
N GLY A 1272 7.83 1.28 -29.00
CA GLY A 1272 9.16 1.23 -28.39
C GLY A 1272 9.49 -0.14 -27.83
N TYR A 1273 10.53 -0.17 -26.99
CA TYR A 1273 11.03 -1.47 -26.53
C TYR A 1273 11.86 -1.30 -25.27
N TYR A 1274 12.41 -2.41 -24.78
CA TYR A 1274 13.43 -2.43 -23.75
C TYR A 1274 14.72 -2.96 -24.37
N ARG A 1275 15.84 -2.31 -24.08
CA ARG A 1275 17.14 -2.83 -24.48
C ARG A 1275 17.91 -3.15 -23.20
N GLU A 1276 18.14 -4.43 -22.95
CA GLU A 1276 18.82 -4.89 -21.75
C GLU A 1276 20.24 -5.29 -22.12
N THR A 1277 21.22 -4.60 -21.55
CA THR A 1277 22.62 -4.98 -21.71
C THR A 1277 23.06 -5.80 -20.51
N ASN A 1278 23.61 -6.99 -20.79
CA ASN A 1278 24.07 -7.90 -19.76
C ASN A 1278 25.59 -7.91 -19.76
N ASP A 1279 26.19 -7.52 -18.64
CA ASP A 1279 27.63 -7.63 -18.46
C ASP A 1279 27.93 -8.99 -17.86
N LEU A 1280 28.77 -9.76 -18.55
CA LEU A 1280 28.99 -11.15 -18.16
C LEU A 1280 29.88 -11.25 -16.91
N GLN A 1281 30.85 -10.35 -16.79
CA GLN A 1281 31.74 -10.36 -15.63
C GLN A 1281 31.03 -9.86 -14.38
N ASP A 1282 30.31 -8.74 -14.49
CA ASP A 1282 29.65 -8.16 -13.33
C ASP A 1282 28.35 -8.86 -12.98
N ASN A 1283 27.74 -9.56 -13.95
CA ASN A 1283 26.45 -10.25 -13.81
C ASN A 1283 25.31 -9.30 -13.43
N GLN A 1284 25.44 -8.02 -13.76
CA GLN A 1284 24.39 -7.03 -13.56
C GLN A 1284 23.88 -6.57 -14.91
N GLN A 1285 22.56 -6.55 -15.06
CA GLN A 1285 21.92 -6.14 -16.31
C GLN A 1285 21.36 -4.74 -16.17
N ILE A 1286 21.51 -3.93 -17.22
CA ILE A 1286 21.01 -2.57 -17.26
C ILE A 1286 19.96 -2.48 -18.35
N VAL A 1287 18.74 -2.10 -17.96
CA VAL A 1287 17.62 -1.98 -18.89
C VAL A 1287 17.47 -0.51 -19.25
N GLN A 1288 17.56 -0.20 -20.54
CA GLN A 1288 17.23 1.12 -21.07
C GLN A 1288 15.90 1.05 -21.80
N VAL A 1289 14.91 1.78 -21.30
CA VAL A 1289 13.62 1.86 -21.98
C VAL A 1289 13.77 2.79 -23.17
N MET A 1290 13.30 2.35 -24.33
CA MET A 1290 13.58 3.01 -25.59
C MET A 1290 12.29 3.44 -26.27
N THR A 1291 12.23 4.72 -26.63
CA THR A 1291 11.14 5.29 -27.40
C THR A 1291 11.07 4.62 -28.77
N ALA A 1292 9.89 4.72 -29.41
CA ALA A 1292 9.70 4.13 -30.74
C ALA A 1292 10.57 4.78 -31.80
N ASP A 1293 11.15 5.95 -31.52
CA ASP A 1293 12.10 6.61 -32.42
C ASP A 1293 13.54 6.28 -32.08
N ASN A 1294 13.78 5.11 -31.46
CA ASN A 1294 15.12 4.61 -31.12
C ASN A 1294 15.91 5.58 -30.24
N GLN A 1295 15.22 6.19 -29.27
CA GLN A 1295 15.85 7.13 -28.34
C GLN A 1295 15.57 6.70 -26.92
N VAL A 1296 16.56 6.85 -26.04
CA VAL A 1296 16.47 6.33 -24.67
C VAL A 1296 15.53 7.21 -23.87
N PHE A 1297 14.40 6.64 -23.44
CA PHE A 1297 13.51 7.36 -22.54
C PHE A 1297 13.94 7.28 -21.08
N ASP A 1298 14.27 6.10 -20.59
CA ASP A 1298 14.69 5.94 -19.19
C ASP A 1298 15.82 4.92 -19.09
N PRO A 1299 17.08 5.38 -19.09
CA PRO A 1299 18.19 4.48 -18.82
C PRO A 1299 18.22 4.03 -17.36
N GLU A 1300 18.63 2.77 -17.15
CA GLU A 1300 18.73 2.15 -15.82
C GLU A 1300 17.35 2.02 -15.15
N TYR A 1301 16.36 1.62 -15.95
CA TYR A 1301 14.98 1.48 -15.47
C TYR A 1301 14.80 0.44 -14.35
N VAL A 1302 15.71 -0.53 -14.23
CA VAL A 1302 15.64 -1.50 -13.13
C VAL A 1302 15.76 -0.82 -11.76
N LYS A 1303 16.57 0.25 -11.67
CA LYS A 1303 16.77 0.92 -10.40
C LYS A 1303 15.49 1.60 -9.93
N ARG A 1304 14.73 2.17 -10.88
CA ARG A 1304 13.44 2.76 -10.58
C ARG A 1304 12.50 1.75 -9.92
N MET A 1305 12.39 0.56 -10.52
CA MET A 1305 11.47 -0.44 -10.00
C MET A 1305 11.94 -1.02 -8.67
N ASN A 1306 13.24 -1.06 -8.43
CA ASN A 1306 13.73 -1.56 -7.14
C ASN A 1306 13.51 -0.53 -6.03
N GLU A 1307 13.78 0.74 -6.32
CA GLU A 1307 13.40 1.83 -5.42
C GLU A 1307 11.90 1.83 -5.12
N MET A 1308 11.06 1.72 -6.15
CA MET A 1308 9.61 1.58 -5.97
C MET A 1308 9.23 0.42 -5.07
N GLN A 1309 9.80 -0.77 -5.32
CA GLN A 1309 9.55 -1.93 -4.48
C GLN A 1309 9.90 -1.66 -3.02
N GLN A 1310 11.05 -1.01 -2.78
CA GLN A 1310 11.40 -0.64 -1.40
C GLN A 1310 10.44 0.41 -0.84
N GLU A 1311 9.89 1.26 -1.71
CA GLU A 1311 8.99 2.32 -1.25
C GLU A 1311 7.65 1.77 -0.78
N GLU A 1312 7.08 0.83 -1.54
CA GLU A 1312 5.84 0.20 -1.10
C GLU A 1312 6.04 -0.80 0.02
N ASP A 1313 7.28 -1.22 0.29
CA ASP A 1313 7.58 -2.14 1.38
C ASP A 1313 7.65 -1.45 2.74
N LYS A 1314 7.63 -0.12 2.78
CA LYS A 1314 7.81 0.60 4.05
C LYS A 1314 6.58 0.47 4.95
N GLN A 1315 5.38 0.54 4.37
CA GLN A 1315 4.17 0.53 5.19
C GLN A 1315 3.85 -0.85 5.75
N ARG A 1316 4.16 -1.91 5.00
CA ARG A 1316 3.84 -3.27 5.42
C ARG A 1316 4.98 -3.89 6.22
N ASP A 1317 4.62 -4.62 7.28
CA ASP A 1317 5.59 -5.36 8.09
C ASP A 1317 5.06 -6.74 8.42
N GLY A 1318 5.86 -7.78 8.15
CA GLY A 1318 5.45 -9.15 8.43
C GLY A 1318 6.56 -10.11 8.81
N ALA A 1319 7.72 -9.59 9.18
CA ALA A 1319 8.92 -10.41 9.41
C ALA A 1319 9.06 -10.83 10.87
N GLN A 1320 8.03 -11.50 11.39
CA GLN A 1320 8.00 -11.91 12.81
C GLN A 1320 7.35 -13.29 12.94
N LEU A 1321 8.19 -14.34 12.95
CA LEU A 1321 7.74 -15.58 13.57
C LEU A 1321 8.76 -16.17 14.52
N ASP A 1322 10.05 -16.13 14.17
CA ASP A 1322 11.07 -16.87 14.91
C ASP A 1322 11.35 -16.24 16.27
N ALA A 1323 10.35 -16.29 17.15
CA ALA A 1323 10.42 -15.76 18.50
C ALA A 1323 10.22 -16.90 19.48
N GLU A 1324 11.11 -17.01 20.47
CA GLU A 1324 10.98 -18.04 21.48
C GLU A 1324 9.88 -17.74 22.48
N GLN A 1325 9.34 -16.52 22.48
CA GLN A 1325 8.29 -16.16 23.42
C GLN A 1325 6.92 -16.71 23.03
N THR A 1326 6.74 -17.14 21.78
CA THR A 1326 5.47 -17.69 21.35
C THR A 1326 5.33 -19.14 21.76
N ILE A 1327 4.11 -19.55 22.10
CA ILE A 1327 3.78 -20.96 22.34
C ILE A 1327 3.58 -21.63 20.98
N THR A 1328 4.31 -22.71 20.74
CA THR A 1328 4.34 -23.35 19.42
C THR A 1328 3.86 -24.79 19.50
N ASP A 1329 3.89 -25.47 18.35
CA ASP A 1329 3.39 -26.82 18.20
C ASP A 1329 4.45 -27.83 18.61
N LYS A 1330 4.21 -29.10 18.27
CA LYS A 1330 5.27 -30.10 18.30
C LYS A 1330 6.32 -29.79 17.24
N SER A 1331 5.88 -29.48 16.02
CA SER A 1331 6.82 -29.19 14.94
C SER A 1331 7.46 -27.82 15.09
N GLY A 1332 6.67 -26.81 15.44
CA GLY A 1332 7.16 -25.44 15.53
C GLY A 1332 6.86 -24.54 14.35
N TYR A 1333 6.08 -25.00 13.37
CA TYR A 1333 5.72 -24.15 12.24
C TYR A 1333 4.76 -23.04 12.65
N HIS A 1334 3.70 -23.40 13.36
CA HIS A 1334 2.57 -22.49 13.48
C HIS A 1334 2.46 -21.95 14.90
N PRO A 1335 2.37 -20.64 15.07
CA PRO A 1335 2.29 -20.04 16.41
C PRO A 1335 0.89 -20.18 17.00
N ILE A 1336 0.79 -20.94 18.08
CA ILE A 1336 -0.47 -21.05 18.81
C ILE A 1336 -0.79 -19.74 19.51
N LEU A 1337 0.14 -19.26 20.33
CA LEU A 1337 -0.09 -18.10 21.17
C LEU A 1337 1.23 -17.36 21.32
N LYS A 1338 1.22 -16.07 21.01
CA LYS A 1338 2.37 -15.21 21.27
C LYS A 1338 2.10 -14.36 22.49
N THR A 1339 3.10 -14.24 23.36
CA THR A 1339 3.02 -13.35 24.50
C THR A 1339 4.13 -12.32 24.34
N THR A 1340 3.74 -11.06 24.19
CA THR A 1340 4.68 -9.98 23.93
C THR A 1340 5.42 -9.41 25.15
N PRO A 1341 4.77 -9.07 26.28
CA PRO A 1341 5.54 -8.44 27.37
C PRO A 1341 6.57 -9.34 28.03
N TYR A 1342 6.25 -10.62 28.22
CA TYR A 1342 7.16 -11.60 28.80
C TYR A 1342 7.23 -12.82 27.89
N SER A 1343 8.26 -13.64 28.11
CA SER A 1343 8.55 -14.73 27.19
C SER A 1343 7.92 -16.04 27.64
N ALA A 1344 7.93 -17.02 26.73
CA ALA A 1344 7.38 -18.34 26.98
C ALA A 1344 8.18 -19.13 28.02
N ASN A 1345 9.46 -18.79 28.20
CA ASN A 1345 10.29 -19.45 29.21
C ASN A 1345 9.69 -19.33 30.60
N GLN A 1346 9.09 -18.18 30.91
CA GLN A 1346 8.33 -18.04 32.14
C GLN A 1346 6.97 -18.70 31.96
N GLU A 1347 6.61 -19.57 32.91
CA GLU A 1347 5.37 -20.33 32.85
C GLU A 1347 4.19 -19.53 33.40
N LEU A 1348 3.97 -18.33 32.85
CA LEU A 1348 2.91 -17.44 33.30
C LEU A 1348 1.64 -17.53 32.46
N VAL A 1349 1.72 -18.02 31.23
CA VAL A 1349 0.55 -18.18 30.37
C VAL A 1349 0.61 -19.52 29.66
N GLN A 1350 -0.46 -20.30 29.75
CA GLN A 1350 -0.56 -21.59 29.10
C GLN A 1350 -1.94 -21.75 28.49
N PHE A 1351 -2.01 -22.47 27.38
CA PHE A 1351 -3.28 -22.67 26.68
C PHE A 1351 -3.23 -24.06 26.05
N LEU A 1352 -4.08 -24.96 26.54
CA LEU A 1352 -4.15 -26.32 26.03
C LEU A 1352 -5.44 -26.49 25.24
N GLY A 1353 -5.29 -26.82 23.96
CA GLY A 1353 -6.37 -27.32 23.15
C GLY A 1353 -6.06 -28.76 22.77
N PHE A 1354 -6.92 -29.68 23.15
CA PHE A 1354 -6.62 -31.11 23.01
C PHE A 1354 -6.71 -31.51 21.55
N GLU A 1355 -5.59 -31.45 20.83
CA GLU A 1355 -5.57 -31.82 19.42
C GLU A 1355 -4.28 -32.58 19.14
N ASP A 1356 -4.11 -32.99 17.89
CA ASP A 1356 -2.99 -33.86 17.53
C ASP A 1356 -1.65 -33.12 17.59
N TYR A 1357 -1.60 -31.93 17.00
CA TYR A 1357 -0.33 -31.23 16.81
C TYR A 1357 0.23 -30.68 18.11
N GLU A 1358 -0.63 -30.39 19.08
CA GLU A 1358 -0.20 -29.84 20.36
C GLU A 1358 -0.04 -30.97 21.37
N ASP A 1359 1.15 -31.06 21.97
CA ASP A 1359 1.44 -32.04 23.01
C ASP A 1359 1.87 -31.30 24.26
N MET A 1360 1.19 -31.59 25.37
CA MET A 1360 1.51 -31.00 26.66
C MET A 1360 1.41 -32.08 27.72
N THR A 1361 2.46 -32.24 28.52
CA THR A 1361 2.53 -33.30 29.51
C THR A 1361 2.17 -32.83 30.91
N GLY A 1362 2.18 -31.52 31.16
CA GLY A 1362 1.84 -30.98 32.46
C GLY A 1362 0.38 -31.17 32.85
N TRP A 1363 -0.50 -31.38 31.88
CA TRP A 1363 -1.92 -31.61 32.16
C TRP A 1363 -2.21 -33.11 32.33
N THR A 1364 -1.62 -33.68 33.37
CA THR A 1364 -1.87 -35.08 33.67
C THR A 1364 -3.28 -35.28 34.19
N VAL A 1365 -3.99 -36.26 33.62
CA VAL A 1365 -5.28 -36.66 34.19
C VAL A 1365 -5.02 -37.41 35.50
N ASN A 1366 -6.08 -37.49 36.33
CA ASN A 1366 -5.99 -38.15 37.63
C ASN A 1366 -5.56 -39.61 37.50
N LYS A 1367 -6.05 -40.29 36.47
CA LYS A 1367 -5.66 -41.68 36.20
C LYS A 1367 -4.16 -41.77 35.88
N ARG A 1368 -3.75 -41.16 34.77
CA ARG A 1368 -2.43 -41.13 34.16
C ARG A 1368 -2.52 -40.15 32.99
N PRO A 1369 -1.38 -39.71 32.37
CA PRO A 1369 -1.46 -38.74 31.25
C PRO A 1369 -2.40 -39.11 30.09
N ILE A 1370 -2.66 -38.11 29.24
CA ILE A 1370 -3.72 -38.19 28.25
C ILE A 1370 -3.43 -39.29 27.23
N GLN A 1371 -4.44 -40.12 26.96
CA GLN A 1371 -4.35 -41.20 26.00
C GLN A 1371 -5.49 -41.06 24.99
N GLU A 1372 -5.46 -41.93 23.97
CA GLU A 1372 -6.48 -41.89 22.92
C GLU A 1372 -7.86 -42.20 23.46
N SER A 1373 -7.95 -43.07 24.48
CA SER A 1373 -9.23 -43.39 25.09
C SER A 1373 -9.83 -42.24 25.89
N ASN A 1374 -9.05 -41.18 26.16
CA ASN A 1374 -9.56 -40.04 26.91
C ASN A 1374 -10.08 -38.94 25.98
N ILE A 1375 -9.40 -38.69 24.88
CA ILE A 1375 -9.76 -37.60 23.98
C ILE A 1375 -10.79 -38.13 22.99
N ARG A 1376 -11.88 -37.39 22.81
CA ARG A 1376 -12.85 -37.72 21.78
C ARG A 1376 -12.46 -36.98 20.50
N ARG A 1377 -12.41 -37.74 19.40
CA ARG A 1377 -11.80 -37.30 18.15
C ARG A 1377 -12.87 -37.23 17.08
N ASN A 1378 -12.86 -36.13 16.32
CA ASN A 1378 -13.81 -35.84 15.25
C ASN A 1378 -15.26 -35.81 15.73
N GLU A 1379 -15.47 -35.55 17.02
CA GLU A 1379 -16.79 -35.27 17.56
C GLU A 1379 -16.89 -33.77 17.82
N PHE A 1380 -18.12 -33.29 17.91
CA PHE A 1380 -18.42 -31.87 17.77
C PHE A 1380 -17.83 -31.03 18.91
N SER A 1381 -16.83 -30.24 18.58
CA SER A 1381 -16.18 -29.30 19.48
C SER A 1381 -16.51 -27.89 19.01
N ALA A 1382 -16.10 -26.91 19.82
CA ALA A 1382 -16.25 -25.51 19.37
C ALA A 1382 -15.05 -25.07 18.54
N THR A 1383 -13.84 -25.43 18.96
CA THR A 1383 -12.63 -25.06 18.25
C THR A 1383 -11.85 -26.32 17.92
N GLY A 1384 -11.57 -26.52 16.62
CA GLY A 1384 -10.76 -27.65 16.20
C GLY A 1384 -11.57 -28.84 15.77
N ARG A 1385 -11.11 -30.04 16.12
CA ARG A 1385 -11.81 -31.27 15.81
C ARG A 1385 -11.98 -32.21 16.99
N ASN A 1386 -11.13 -32.14 18.00
CA ASN A 1386 -11.18 -33.03 19.16
C ASN A 1386 -11.60 -32.24 20.40
N PHE A 1387 -11.99 -32.97 21.43
CA PHE A 1387 -12.18 -32.39 22.76
C PHE A 1387 -11.87 -33.45 23.80
N LEU A 1388 -12.03 -33.09 25.08
CA LEU A 1388 -11.76 -34.00 26.17
C LEU A 1388 -13.04 -34.25 26.95
N LEU A 1389 -13.35 -35.52 27.17
CA LEU A 1389 -14.55 -35.94 27.89
C LEU A 1389 -14.15 -36.44 29.27
N LEU A 1390 -14.82 -35.91 30.29
CA LEU A 1390 -14.41 -36.13 31.67
C LEU A 1390 -15.57 -36.67 32.47
N LYS A 1391 -15.33 -37.81 33.14
CA LYS A 1391 -16.27 -38.40 34.09
C LYS A 1391 -15.96 -37.91 35.51
N LYS A 1392 -16.60 -38.54 36.51
CA LYS A 1392 -16.41 -38.13 37.90
C LYS A 1392 -14.99 -38.45 38.38
N GLY A 1393 -14.53 -39.68 38.16
CA GLY A 1393 -13.19 -40.05 38.60
C GLY A 1393 -12.09 -39.34 37.85
N GLU A 1394 -12.34 -38.97 36.59
CA GLU A 1394 -11.37 -38.25 35.79
C GLU A 1394 -11.42 -36.77 36.14
N GLU A 1395 -10.23 -36.16 36.29
CA GLU A 1395 -10.14 -34.76 36.66
C GLU A 1395 -8.80 -34.21 36.16
N LEU A 1396 -8.88 -33.28 35.21
CA LEU A 1396 -7.70 -32.57 34.75
C LEU A 1396 -7.07 -31.80 35.90
N ILE A 1397 -5.82 -32.10 36.22
CA ILE A 1397 -5.07 -31.40 37.25
C ILE A 1397 -3.78 -30.87 36.65
N ALA A 1398 -3.45 -29.63 36.95
CA ALA A 1398 -2.22 -29.03 36.44
C ALA A 1398 -1.69 -28.02 37.45
N GLU A 1399 -0.49 -28.28 37.98
CA GLU A 1399 0.11 -27.46 39.02
C GLU A 1399 1.48 -26.96 38.58
N PHE A 1400 1.84 -25.79 39.09
CA PHE A 1400 3.05 -25.09 38.66
C PHE A 1400 3.64 -24.23 39.76
N PRO A 1401 4.81 -24.64 40.32
CA PRO A 1401 5.31 -24.07 41.57
C PRO A 1401 6.02 -22.72 41.45
N ASN A 1402 6.89 -22.55 40.45
CA ASN A 1402 7.77 -21.39 40.40
C ASN A 1402 7.21 -20.25 39.54
N THR A 1403 5.90 -20.18 39.40
CA THR A 1403 5.26 -19.08 38.70
C THR A 1403 5.41 -17.78 39.49
N ALA A 1404 5.97 -16.76 38.86
CA ALA A 1404 6.11 -15.45 39.51
C ALA A 1404 4.75 -14.76 39.49
N TYR A 1405 4.15 -14.58 40.66
CA TYR A 1405 2.85 -13.91 40.73
C TYR A 1405 3.05 -12.42 40.49
N TYR A 1406 2.94 -11.99 39.23
CA TYR A 1406 2.97 -10.57 38.92
C TYR A 1406 1.63 -9.91 39.23
N ASP A 1407 0.58 -10.31 38.52
CA ASP A 1407 -0.76 -9.78 38.73
C ASP A 1407 -1.78 -10.89 38.65
N ASN A 1408 -2.98 -10.59 39.16
CA ASN A 1408 -4.11 -11.50 39.37
C ASN A 1408 -4.33 -12.45 38.21
N PHE A 1409 -4.30 -13.74 38.50
CA PHE A 1409 -4.40 -14.77 37.47
C PHE A 1409 -5.84 -15.16 37.21
N ILE A 1410 -6.10 -15.59 35.98
CA ILE A 1410 -7.39 -16.13 35.58
C ILE A 1410 -7.18 -17.48 34.91
N ALA A 1411 -7.95 -18.48 35.32
CA ALA A 1411 -8.17 -19.68 34.53
C ALA A 1411 -9.54 -19.58 33.87
N SER A 1412 -9.63 -20.01 32.62
CA SER A 1412 -10.89 -19.93 31.90
C SER A 1412 -11.01 -21.09 30.93
N THR A 1413 -12.25 -21.54 30.71
CA THR A 1413 -12.47 -22.66 29.80
C THR A 1413 -13.86 -22.61 29.18
N TRP A 1414 -13.94 -23.20 27.99
CA TRP A 1414 -15.19 -23.46 27.28
C TRP A 1414 -15.58 -24.93 27.47
N ILE A 1415 -16.80 -25.13 28.00
CA ILE A 1415 -17.24 -26.47 28.40
C ILE A 1415 -18.73 -26.62 28.06
N ARG A 1416 -19.08 -27.78 27.52
CA ARG A 1416 -20.46 -28.20 27.33
C ARG A 1416 -20.80 -29.35 28.27
N THR A 1417 -21.88 -29.20 29.02
CA THR A 1417 -22.28 -30.17 30.03
C THR A 1417 -23.67 -30.70 29.73
N ALA A 1418 -23.93 -31.93 30.15
CA ALA A 1418 -25.27 -32.50 30.00
C ALA A 1418 -26.18 -32.00 31.11
N GLN A 1419 -25.65 -31.88 32.32
CA GLN A 1419 -26.41 -31.34 33.43
C GLN A 1419 -26.65 -29.84 33.21
N GLU A 1420 -27.85 -29.38 33.56
CA GLU A 1420 -28.22 -27.99 33.35
C GLU A 1420 -27.42 -27.09 34.29
N ALA A 1421 -26.81 -26.05 33.73
CA ALA A 1421 -26.07 -25.08 34.53
C ALA A 1421 -26.54 -23.67 34.25
N THR A 1422 -27.05 -23.00 35.27
CA THR A 1422 -27.58 -21.64 35.11
C THR A 1422 -26.43 -20.62 35.14
N VAL A 1423 -26.38 -19.78 34.12
CA VAL A 1423 -25.27 -18.84 33.94
C VAL A 1423 -25.35 -17.76 35.02
N GLY A 1424 -24.23 -17.55 35.71
CA GLY A 1424 -24.20 -16.68 36.86
C GLY A 1424 -24.14 -17.37 38.20
N SER A 1425 -23.82 -18.66 38.24
CA SER A 1425 -23.80 -19.43 39.47
C SER A 1425 -22.40 -19.96 39.73
N THR A 1426 -21.96 -19.88 40.99
CA THR A 1426 -20.66 -20.43 41.37
C THR A 1426 -20.68 -21.94 41.24
N THR A 1427 -19.67 -22.49 40.57
CA THR A 1427 -19.60 -23.93 40.32
C THR A 1427 -18.39 -24.55 41.01
N ASP A 1428 -18.53 -25.84 41.29
CA ASP A 1428 -17.48 -26.66 41.89
C ASP A 1428 -16.62 -27.32 40.82
N MET A 1429 -16.79 -26.93 39.56
CA MET A 1429 -16.22 -27.64 38.42
C MET A 1429 -14.76 -27.25 38.19
N LEU A 1430 -14.53 -26.02 37.76
CA LEU A 1430 -13.20 -25.52 37.45
C LEU A 1430 -12.71 -24.70 38.63
N LEU A 1431 -11.63 -25.16 39.27
CA LEU A 1431 -11.14 -24.52 40.48
C LEU A 1431 -9.66 -24.22 40.34
N LEU A 1432 -9.29 -22.99 40.68
CA LEU A 1432 -7.90 -22.56 40.77
C LEU A 1432 -7.47 -22.47 42.23
N TYR A 1433 -6.33 -23.09 42.55
CA TYR A 1433 -5.77 -23.06 43.89
C TYR A 1433 -4.45 -22.30 43.84
N VAL A 1434 -4.45 -21.10 44.41
CA VAL A 1434 -3.26 -20.32 44.69
C VAL A 1434 -3.09 -20.30 46.20
N ASP A 1435 -1.84 -20.36 46.67
CA ASP A 1435 -1.49 -20.59 48.08
C ASP A 1435 -2.10 -21.88 48.63
N ASN A 1436 -2.44 -22.82 47.75
CA ASN A 1436 -3.27 -24.00 48.04
C ASN A 1436 -4.58 -23.61 48.73
N LYS A 1437 -5.18 -22.54 48.24
CA LYS A 1437 -6.43 -21.94 48.69
C LYS A 1437 -7.49 -22.04 47.60
N PRO A 1438 -8.72 -22.41 47.97
CA PRO A 1438 -9.78 -22.60 46.95
C PRO A 1438 -10.23 -21.28 46.36
N MET A 1439 -10.28 -21.21 45.03
CA MET A 1439 -10.92 -20.11 44.33
C MET A 1439 -12.03 -20.68 43.47
N LYS A 1440 -13.22 -20.10 43.59
CA LYS A 1440 -14.40 -20.63 42.91
C LYS A 1440 -14.51 -20.08 41.50
N GLY A 1441 -15.02 -20.92 40.60
CA GLY A 1441 -15.22 -20.55 39.22
C GLY A 1441 -16.68 -20.39 38.89
N THR A 1442 -17.08 -19.21 38.41
CA THR A 1442 -18.47 -18.89 38.12
C THR A 1442 -18.67 -18.80 36.61
N ILE A 1443 -19.88 -19.11 36.17
CA ILE A 1443 -20.21 -19.07 34.75
C ILE A 1443 -20.51 -17.63 34.36
N LYS A 1444 -19.77 -17.12 33.37
CA LYS A 1444 -19.83 -15.71 33.03
C LYS A 1444 -20.75 -15.44 31.84
N GLN A 1445 -20.73 -16.32 30.85
CA GLN A 1445 -21.56 -16.15 29.66
C GLN A 1445 -21.77 -17.52 29.03
N SER A 1446 -22.74 -17.59 28.12
CA SER A 1446 -22.95 -18.79 27.34
C SER A 1446 -23.24 -18.38 25.92
N ILE A 1447 -23.02 -19.32 25.00
CA ILE A 1447 -23.27 -19.11 23.58
C ILE A 1447 -23.64 -20.47 22.99
N ASP A 1448 -24.89 -20.58 22.52
CA ASP A 1448 -25.43 -21.80 21.89
C ASP A 1448 -25.36 -22.89 22.95
N GLU A 1449 -24.65 -23.99 22.72
CA GLU A 1449 -24.55 -25.08 23.68
C GLU A 1449 -23.38 -24.93 24.65
N TRP A 1450 -22.47 -23.98 24.41
CA TRP A 1450 -21.22 -23.92 25.15
C TRP A 1450 -21.27 -22.83 26.22
N ILE A 1451 -20.73 -23.12 27.40
CA ILE A 1451 -20.67 -22.16 28.49
C ILE A 1451 -19.21 -21.81 28.76
N TYR A 1452 -18.98 -20.54 29.13
CA TYR A 1452 -17.67 -20.00 29.48
C TYR A 1452 -17.59 -19.84 30.99
N VAL A 1453 -16.55 -20.41 31.61
CA VAL A 1453 -16.38 -20.32 33.06
C VAL A 1453 -14.95 -19.90 33.37
N GLU A 1454 -14.79 -18.97 34.33
CA GLU A 1454 -13.50 -18.41 34.68
C GLU A 1454 -13.39 -18.23 36.19
N ALA A 1455 -12.15 -18.23 36.68
CA ALA A 1455 -11.82 -18.07 38.10
C ALA A 1455 -10.76 -16.98 38.31
N ASP A 1456 -11.17 -15.76 38.61
CA ASP A 1456 -10.22 -14.68 38.89
C ASP A 1456 -9.69 -14.85 40.31
N SER A 1457 -8.39 -15.16 40.44
CA SER A 1457 -7.70 -15.20 41.73
C SER A 1457 -7.26 -13.79 42.15
N ARG A 1458 -8.24 -12.97 42.51
CA ARG A 1458 -7.96 -11.60 42.92
C ARG A 1458 -7.76 -11.45 44.43
N GLU A 1459 -7.74 -12.56 45.17
CA GLU A 1459 -7.74 -12.49 46.63
C GLU A 1459 -6.45 -11.90 47.19
N ILE A 1460 -5.31 -12.43 46.76
CA ILE A 1460 -4.02 -11.99 47.29
C ILE A 1460 -3.08 -11.62 46.15
N VAL A 1461 -2.31 -10.54 46.35
CA VAL A 1461 -1.31 -10.05 45.41
C VAL A 1461 -0.05 -9.78 46.23
N VAL A 1462 1.06 -9.54 45.54
CA VAL A 1462 2.27 -9.08 46.21
C VAL A 1462 2.02 -7.70 46.85
N SER A 1463 2.66 -7.46 47.99
CA SER A 1463 2.39 -6.25 48.76
C SER A 1463 2.95 -5.00 48.08
N GLU A 1464 4.20 -5.06 47.61
CA GLU A 1464 4.87 -3.88 47.11
C GLU A 1464 5.51 -4.10 45.73
N SER A 1465 5.56 -5.35 45.25
CA SER A 1465 6.11 -5.73 43.94
C SER A 1465 7.60 -5.37 43.80
N THR A 1466 8.33 -5.40 44.92
CA THR A 1466 9.79 -5.32 44.85
C THR A 1466 10.36 -6.59 44.25
N THR A 1467 9.87 -7.75 44.69
CA THR A 1467 10.32 -9.06 44.25
C THR A 1467 9.11 -9.89 43.86
N VAL A 1468 9.37 -11.09 43.38
CA VAL A 1468 8.33 -12.00 42.92
C VAL A 1468 7.90 -12.92 44.06
N LYS A 1469 6.62 -13.33 44.02
CA LYS A 1469 6.09 -14.18 45.08
C LYS A 1469 6.50 -15.63 44.92
N ARG A 1470 6.65 -16.10 43.68
CA ARG A 1470 6.95 -17.50 43.34
C ARG A 1470 5.92 -18.44 43.96
N VAL A 1471 4.69 -18.31 43.47
CA VAL A 1471 3.55 -19.01 44.02
C VAL A 1471 3.20 -20.14 43.05
N LEU A 1472 2.40 -21.09 43.54
CA LEU A 1472 2.03 -22.26 42.76
C LEU A 1472 0.54 -22.22 42.43
N PHE A 1473 0.22 -22.54 41.18
CA PHE A 1473 -1.18 -22.67 40.75
C PHE A 1473 -1.50 -24.13 40.49
N LYS A 1474 -2.58 -24.62 41.09
CA LYS A 1474 -3.10 -25.94 40.76
C LYS A 1474 -4.54 -25.78 40.29
N ILE A 1475 -4.79 -26.10 39.03
CA ILE A 1475 -6.11 -25.97 38.44
C ILE A 1475 -6.70 -27.35 38.21
N ILE A 1476 -7.96 -27.50 38.57
CA ILE A 1476 -8.67 -28.78 38.52
C ILE A 1476 -9.96 -28.59 37.73
N VAL A 1477 -10.15 -29.45 36.73
CA VAL A 1477 -11.35 -29.51 35.91
C VAL A 1477 -11.98 -30.87 36.17
N LYS A 1478 -13.15 -30.88 36.81
CA LYS A 1478 -13.79 -32.13 37.20
C LYS A 1478 -15.30 -31.98 37.12
N SER A 1479 -15.96 -33.08 36.82
CA SER A 1479 -17.42 -33.14 36.82
C SER A 1479 -17.90 -33.45 38.23
N THR A 1480 -18.72 -32.56 38.80
CA THR A 1480 -19.18 -32.73 40.17
C THR A 1480 -20.25 -33.79 40.32
N GLY A 1481 -20.75 -34.34 39.21
CA GLY A 1481 -21.75 -35.39 39.27
C GLY A 1481 -21.36 -36.62 38.48
N ALA A 1482 -22.33 -37.48 38.19
CA ALA A 1482 -22.04 -38.69 37.44
C ALA A 1482 -21.90 -38.43 35.94
N ASP A 1483 -22.64 -37.45 35.42
CA ASP A 1483 -22.66 -37.20 33.98
C ASP A 1483 -21.32 -36.64 33.50
N ASP A 1484 -21.04 -36.86 32.22
CA ASP A 1484 -19.81 -36.42 31.60
C ASP A 1484 -19.82 -34.90 31.35
N VAL A 1485 -18.63 -34.35 31.12
CA VAL A 1485 -18.48 -32.99 30.65
C VAL A 1485 -17.53 -33.01 29.46
N HIS A 1486 -17.73 -32.05 28.54
CA HIS A 1486 -16.95 -31.96 27.30
C HIS A 1486 -16.22 -30.62 27.34
N VAL A 1487 -14.92 -30.65 27.54
CA VAL A 1487 -14.10 -29.45 27.62
C VAL A 1487 -13.32 -29.30 26.32
N ASP A 1488 -13.37 -28.10 25.74
CA ASP A 1488 -12.69 -27.90 24.45
C ASP A 1488 -11.28 -27.33 24.67
N HIS A 1489 -11.18 -26.16 25.28
CA HIS A 1489 -9.89 -25.52 25.47
C HIS A 1489 -9.80 -24.95 26.88
N VAL A 1490 -8.60 -24.98 27.43
CA VAL A 1490 -8.33 -24.45 28.76
C VAL A 1490 -7.20 -23.44 28.66
N ARG A 1491 -7.29 -22.37 29.44
CA ARG A 1491 -6.23 -21.37 29.46
C ARG A 1491 -5.96 -20.91 30.89
N LEU A 1492 -4.73 -20.46 31.11
CA LEU A 1492 -4.32 -19.84 32.35
C LEU A 1492 -3.42 -18.66 32.02
N SER A 1493 -3.74 -17.49 32.57
CA SER A 1493 -2.91 -16.31 32.41
C SER A 1493 -3.22 -15.37 33.56
N PRO A 1494 -2.39 -14.34 33.78
CA PRO A 1494 -2.87 -13.15 34.49
C PRO A 1494 -4.05 -12.49 33.79
N VAL A 1495 -4.81 -11.72 34.57
CA VAL A 1495 -6.07 -11.15 34.09
C VAL A 1495 -5.82 -10.04 33.06
N ASN A 1496 -4.66 -9.37 33.14
CA ASN A 1496 -4.35 -8.32 32.17
C ASN A 1496 -4.18 -8.87 30.77
N PHE A 1497 -3.17 -9.73 30.59
CA PHE A 1497 -2.59 -10.12 29.30
C PHE A 1497 -3.62 -10.44 28.22
N ASN A 1498 -3.50 -9.76 27.08
CA ASN A 1498 -4.45 -9.92 25.98
C ASN A 1498 -4.29 -11.30 25.36
N PHE A 1499 -5.36 -12.07 25.38
CA PHE A 1499 -5.35 -13.47 24.97
C PHE A 1499 -5.86 -13.57 23.53
N GLU A 1500 -5.01 -14.11 22.66
CA GLU A 1500 -5.39 -14.35 21.26
C GLU A 1500 -4.93 -15.77 20.89
N GLY A 1501 -5.40 -16.74 21.67
CA GLY A 1501 -5.17 -18.13 21.32
C GLY A 1501 -5.81 -18.49 20.00
N SER A 1502 -5.09 -19.27 19.19
CA SER A 1502 -5.54 -19.63 17.86
C SER A 1502 -5.42 -21.13 17.67
N VAL A 1503 -6.37 -21.71 16.94
CA VAL A 1503 -6.36 -23.14 16.67
C VAL A 1503 -6.25 -23.36 15.17
N TYR A 1504 -5.70 -24.51 14.79
CA TYR A 1504 -5.46 -24.83 13.40
C TYR A 1504 -6.17 -26.13 13.05
N ASP A 1505 -6.63 -26.22 11.80
CA ASP A 1505 -7.34 -27.40 11.34
C ASP A 1505 -6.38 -28.59 11.23
N ALA A 1506 -6.76 -29.70 11.88
CA ALA A 1506 -5.85 -30.83 12.00
C ALA A 1506 -5.55 -31.48 10.66
N ARG A 1507 -6.48 -31.42 9.71
CA ARG A 1507 -6.28 -32.01 8.39
C ARG A 1507 -5.66 -31.03 7.40
N ILE A 1508 -6.27 -29.85 7.27
CA ILE A 1508 -5.93 -28.92 6.19
C ILE A 1508 -4.87 -27.91 6.62
N GLY A 1509 -4.55 -27.84 7.91
CA GLY A 1509 -3.40 -27.10 8.40
C GLY A 1509 -3.43 -25.60 8.23
N GLN A 1510 -4.60 -24.98 8.38
CA GLN A 1510 -4.75 -23.54 8.29
C GLN A 1510 -5.42 -23.03 9.57
N ARG A 1511 -5.17 -21.77 9.90
CA ARG A 1511 -5.80 -21.15 11.06
C ARG A 1511 -7.29 -20.99 10.80
N THR A 1512 -8.09 -21.88 11.39
CA THR A 1512 -9.51 -21.94 11.10
C THR A 1512 -10.38 -21.30 12.18
N ALA A 1513 -9.81 -20.98 13.35
CA ALA A 1513 -10.57 -20.32 14.41
C ALA A 1513 -9.61 -19.66 15.38
N THR A 1514 -9.90 -18.42 15.75
CA THR A 1514 -9.15 -17.69 16.75
C THR A 1514 -10.06 -17.38 17.94
N ILE A 1515 -9.42 -17.18 19.09
CA ILE A 1515 -10.12 -16.96 20.35
C ILE A 1515 -9.74 -15.58 20.86
N GLN A 1516 -10.71 -14.68 20.91
CA GLN A 1516 -10.47 -13.34 21.42
C GLN A 1516 -10.40 -13.35 22.94
N THR A 1517 -9.88 -12.25 23.50
CA THR A 1517 -9.75 -12.13 24.95
C THR A 1517 -11.11 -12.18 25.64
N ASN A 1518 -12.14 -11.56 25.04
CA ASN A 1518 -13.45 -11.43 25.67
C ASN A 1518 -14.14 -12.76 25.90
N GLY A 1519 -13.71 -13.83 25.23
CA GLY A 1519 -14.27 -15.15 25.42
C GLY A 1519 -14.98 -15.71 24.22
N PHE A 1520 -15.10 -14.97 23.12
CA PHE A 1520 -15.80 -15.43 21.93
C PHE A 1520 -14.79 -15.88 20.87
N VAL A 1521 -15.27 -16.74 19.98
CA VAL A 1521 -14.44 -17.37 18.95
C VAL A 1521 -14.88 -16.83 17.60
N SER A 1522 -13.91 -16.41 16.79
CA SER A 1522 -14.15 -15.96 15.42
C SER A 1522 -13.43 -16.90 14.47
N ARG A 1523 -14.17 -17.44 13.50
CA ARG A 1523 -13.64 -18.52 12.68
C ARG A 1523 -13.45 -18.11 11.22
N ARG A 1524 -12.46 -18.70 10.57
CA ARG A 1524 -12.29 -18.54 9.13
C ARG A 1524 -12.67 -19.83 8.43
N LEU A 1525 -13.26 -19.71 7.24
CA LEU A 1525 -13.70 -20.86 6.47
C LEU A 1525 -12.86 -20.93 5.20
N TYR A 1526 -12.36 -22.13 4.90
CA TYR A 1526 -11.40 -22.35 3.84
C TYR A 1526 -11.97 -23.23 2.73
N ASP A 1527 -11.37 -23.07 1.55
CA ASP A 1527 -11.83 -23.73 0.33
C ASP A 1527 -11.17 -25.11 0.25
N ALA A 1528 -11.41 -25.82 -0.86
CA ALA A 1528 -10.77 -27.11 -1.07
C ALA A 1528 -9.29 -27.00 -1.38
N TYR A 1529 -8.83 -25.84 -1.87
CA TYR A 1529 -7.42 -25.60 -2.16
C TYR A 1529 -6.80 -24.61 -1.18
N ASN A 1530 -7.24 -24.66 0.09
CA ASN A 1530 -6.68 -23.89 1.20
C ASN A 1530 -6.78 -22.38 0.98
N ARG A 1531 -7.81 -21.94 0.27
CA ARG A 1531 -8.08 -20.52 0.08
C ARG A 1531 -9.07 -20.04 1.13
N ARG A 1532 -8.85 -18.84 1.64
CA ARG A 1532 -9.76 -18.26 2.64
C ARG A 1532 -10.96 -17.68 1.92
N ILE A 1533 -12.05 -18.44 1.93
CA ILE A 1533 -13.25 -17.99 1.22
C ILE A 1533 -14.21 -17.24 2.12
N ALA A 1534 -14.20 -17.48 3.43
CA ALA A 1534 -15.17 -16.79 4.27
C ALA A 1534 -14.61 -16.55 5.65
N GLU A 1535 -15.24 -15.63 6.37
CA GLU A 1535 -14.92 -15.40 7.77
C GLU A 1535 -16.22 -15.25 8.54
N VAL A 1536 -16.24 -15.76 9.77
CA VAL A 1536 -17.39 -15.75 10.64
C VAL A 1536 -17.02 -14.93 11.87
N ASP A 1537 -17.90 -13.99 12.22
CA ASP A 1537 -17.76 -13.08 13.35
C ASP A 1537 -18.17 -13.81 14.64
N GLU A 1538 -18.01 -13.12 15.76
CA GLU A 1538 -18.27 -13.71 17.07
C GLU A 1538 -19.76 -14.02 17.26
N THR A 1539 -20.63 -13.15 16.74
CA THR A 1539 -22.06 -13.37 16.89
C THR A 1539 -22.57 -14.56 16.09
N GLY A 1540 -21.84 -14.99 15.06
CA GLY A 1540 -22.26 -16.09 14.20
C GLY A 1540 -22.62 -15.67 12.80
N ASN A 1541 -22.67 -14.38 12.52
CA ASN A 1541 -23.00 -13.87 11.18
C ASN A 1541 -21.72 -13.54 10.44
N ILE A 1542 -21.60 -14.01 9.20
CA ILE A 1542 -20.31 -13.98 8.51
C ILE A 1542 -19.98 -12.55 8.08
N LYS A 1543 -18.67 -12.33 7.87
CA LYS A 1543 -18.19 -11.02 7.44
C LYS A 1543 -18.29 -10.87 5.93
N TYR A 1544 -17.73 -11.83 5.19
CA TYR A 1544 -17.75 -11.79 3.74
C TYR A 1544 -17.69 -13.21 3.20
N LEU A 1545 -18.08 -13.37 1.94
CA LEU A 1545 -17.90 -14.62 1.23
C LEU A 1545 -17.29 -14.34 -0.13
N ALA A 1546 -16.43 -15.24 -0.59
CA ALA A 1546 -15.71 -15.04 -1.84
C ALA A 1546 -15.61 -16.36 -2.58
N SER A 1547 -15.65 -16.27 -3.91
CA SER A 1547 -15.45 -17.43 -4.76
C SER A 1547 -14.92 -16.97 -6.11
N TYR A 1548 -14.44 -17.92 -6.90
CA TYR A 1548 -13.79 -17.60 -8.17
C TYR A 1548 -14.04 -18.73 -9.15
N SER A 1549 -13.75 -18.46 -10.42
CA SER A 1549 -13.96 -19.44 -11.48
C SER A 1549 -12.92 -20.55 -11.37
N LYS A 1550 -13.39 -21.78 -11.27
CA LYS A 1550 -12.50 -22.93 -11.14
C LYS A 1550 -12.04 -23.39 -12.52
N ARG A 1551 -10.78 -23.83 -12.60
CA ARG A 1551 -10.19 -24.20 -13.88
C ARG A 1551 -10.70 -25.53 -14.40
N VAL A 1552 -11.35 -26.34 -13.56
CA VAL A 1552 -11.94 -27.59 -14.04
C VAL A 1552 -13.09 -27.29 -14.99
N GLY A 1553 -13.98 -26.39 -14.60
CA GLY A 1553 -15.08 -25.99 -15.45
C GLY A 1553 -14.64 -24.98 -16.48
N ASN A 1554 -13.84 -25.43 -17.45
CA ASN A 1554 -13.26 -24.57 -18.46
C ASN A 1554 -13.40 -25.25 -19.81
N THR A 1555 -12.96 -24.56 -20.87
CA THR A 1555 -12.96 -25.11 -22.20
C THR A 1555 -11.56 -25.01 -22.79
N LYS A 1556 -11.05 -26.15 -23.28
CA LYS A 1556 -9.69 -26.20 -23.81
C LYS A 1556 -9.57 -25.38 -25.09
N ASP A 1557 -10.46 -25.61 -26.05
CA ASP A 1557 -10.48 -24.87 -27.30
C ASP A 1557 -11.78 -24.10 -27.39
N GLU A 1558 -11.69 -22.82 -27.71
CA GLU A 1558 -12.86 -21.96 -27.85
C GLU A 1558 -12.46 -20.76 -28.69
N LYS A 1559 -13.41 -20.24 -29.46
CA LYS A 1559 -13.18 -19.11 -30.37
C LYS A 1559 -14.26 -18.08 -30.09
N LYS A 1560 -13.99 -17.19 -29.12
CA LYS A 1560 -14.88 -16.10 -28.77
C LYS A 1560 -14.19 -14.77 -29.05
N ARG A 1561 -14.99 -13.72 -29.16
CA ARG A 1561 -14.45 -12.38 -29.37
C ARG A 1561 -14.47 -11.52 -28.11
N GLU A 1562 -15.32 -11.83 -27.14
CA GLU A 1562 -15.44 -11.03 -25.93
C GLU A 1562 -15.70 -11.96 -24.75
N GLY A 1563 -14.93 -11.78 -23.69
CA GLY A 1563 -15.15 -12.56 -22.49
C GLY A 1563 -14.11 -12.21 -21.44
N GLY A 1564 -14.28 -12.80 -20.27
CA GLY A 1564 -13.35 -12.65 -19.17
C GLY A 1564 -12.51 -13.90 -19.00
N TYR A 1565 -11.18 -13.70 -18.90
CA TYR A 1565 -10.25 -14.80 -18.69
C TYR A 1565 -10.58 -15.56 -17.41
N SER A 1566 -10.84 -14.82 -16.33
CA SER A 1566 -11.32 -15.43 -15.10
C SER A 1566 -12.44 -14.56 -14.55
N SER A 1567 -13.04 -15.01 -13.46
CA SER A 1567 -14.10 -14.24 -12.82
C SER A 1567 -14.00 -14.40 -11.32
N ARG A 1568 -14.40 -13.36 -10.61
CA ARG A 1568 -14.49 -13.37 -9.16
C ARG A 1568 -15.89 -12.96 -8.74
N ILE A 1569 -16.36 -13.55 -7.65
CA ILE A 1569 -17.68 -13.25 -7.10
C ILE A 1569 -17.52 -13.03 -5.60
N GLN A 1570 -18.00 -11.88 -5.11
CA GLN A 1570 -17.88 -11.52 -3.71
C GLN A 1570 -19.24 -11.11 -3.17
N MET A 1571 -19.48 -11.44 -1.90
CA MET A 1571 -20.77 -11.23 -1.29
C MET A 1571 -20.60 -10.73 0.14
N ARG A 1572 -21.47 -9.82 0.54
CA ARG A 1572 -21.56 -9.40 1.93
C ARG A 1572 -23.03 -9.37 2.29
N ALA A 1573 -23.42 -9.99 3.39
CA ALA A 1573 -24.84 -10.17 3.67
C ALA A 1573 -25.24 -9.59 5.02
N LYS A 1574 -26.53 -9.31 5.14
CA LYS A 1574 -27.08 -8.79 6.39
C LYS A 1574 -27.15 -9.85 7.46
N HIS A 1575 -27.95 -10.90 7.25
CA HIS A 1575 -28.00 -11.99 8.22
C HIS A 1575 -27.57 -13.27 7.50
N SER A 1576 -26.56 -13.94 8.03
CA SER A 1576 -25.98 -15.03 7.26
C SER A 1576 -25.24 -16.00 8.17
N TRP A 1577 -25.65 -17.26 8.18
CA TRP A 1577 -25.06 -18.22 9.10
C TRP A 1577 -24.54 -19.44 8.34
N VAL A 1578 -23.46 -20.00 8.87
CA VAL A 1578 -22.92 -21.27 8.41
C VAL A 1578 -23.45 -22.37 9.33
N GLU A 1579 -23.93 -23.45 8.74
CA GLU A 1579 -24.49 -24.55 9.52
C GLU A 1579 -23.42 -25.60 9.80
N SER A 1580 -22.98 -25.67 11.05
CA SER A 1580 -22.29 -26.84 11.57
C SER A 1580 -23.36 -27.77 12.10
N PHE A 1581 -23.40 -29.00 11.58
CA PHE A 1581 -24.52 -29.90 11.80
C PHE A 1581 -24.41 -30.59 13.16
N SER A 1582 -24.31 -29.78 14.20
CA SER A 1582 -24.14 -30.32 15.55
C SER A 1582 -25.43 -30.94 16.04
N PRO A 1583 -25.40 -32.15 16.59
CA PRO A 1583 -26.63 -32.81 17.06
C PRO A 1583 -27.28 -32.13 18.26
N TYR A 1584 -26.69 -31.06 18.79
CA TYR A 1584 -27.23 -30.36 19.94
C TYR A 1584 -27.93 -29.07 19.57
N THR A 1585 -27.53 -28.44 18.47
CA THR A 1585 -28.09 -27.18 18.01
C THR A 1585 -28.84 -27.25 16.69
N MET A 1586 -28.72 -28.37 15.95
CA MET A 1586 -29.43 -28.49 14.68
C MET A 1586 -30.94 -28.44 14.85
N GLU A 1587 -31.46 -29.09 15.90
CA GLU A 1587 -32.90 -29.12 16.11
C GLU A 1587 -33.46 -27.72 16.39
N LYS A 1588 -32.71 -26.90 17.13
CA LYS A 1588 -33.13 -25.52 17.32
C LYS A 1588 -32.99 -24.69 16.05
N ARG A 1589 -32.15 -25.12 15.10
CA ARG A 1589 -31.96 -24.39 13.85
C ARG A 1589 -32.80 -24.94 12.70
N TRP A 1590 -32.91 -26.25 12.58
CA TRP A 1590 -33.57 -26.87 11.42
C TRP A 1590 -34.68 -27.80 11.88
N GLN A 1591 -35.71 -27.90 11.04
CA GLN A 1591 -36.82 -28.83 11.23
C GLN A 1591 -36.52 -30.08 10.43
N ILE A 1592 -36.22 -31.18 11.11
CA ILE A 1592 -35.77 -32.42 10.48
C ILE A 1592 -36.91 -33.43 10.50
N GLY A 1593 -37.13 -34.08 9.35
CA GLY A 1593 -38.18 -35.07 9.27
C GLY A 1593 -37.69 -36.49 9.05
N GLY A 1594 -36.43 -36.63 8.61
CA GLY A 1594 -35.89 -37.92 8.27
C GLY A 1594 -34.58 -38.21 8.98
N THR A 1595 -34.17 -39.47 8.91
CA THR A 1595 -32.92 -39.89 9.52
C THR A 1595 -31.71 -39.33 8.77
N ALA A 1596 -30.69 -38.90 9.52
CA ALA A 1596 -29.49 -38.34 8.93
C ALA A 1596 -28.31 -38.64 9.85
N THR A 1597 -27.11 -38.66 9.28
CA THR A 1597 -25.89 -38.98 10.02
C THR A 1597 -24.86 -37.94 9.69
N VAL A 1598 -24.19 -37.37 10.69
CA VAL A 1598 -23.40 -36.16 10.50
C VAL A 1598 -22.00 -36.31 11.08
N GLU A 1599 -21.16 -35.35 10.72
CA GLU A 1599 -19.80 -35.17 11.24
C GLU A 1599 -19.53 -33.68 11.28
N PRO A 1600 -18.48 -33.21 12.01
CA PRO A 1600 -18.22 -31.76 12.08
C PRO A 1600 -18.13 -31.07 10.72
N ASN A 1601 -19.10 -30.18 10.51
CA ASN A 1601 -19.35 -29.50 9.24
C ASN A 1601 -19.47 -30.49 8.09
N GLN A 1602 -20.42 -31.42 8.22
CA GLN A 1602 -20.81 -32.35 7.17
C GLN A 1602 -22.06 -33.09 7.59
N ALA A 1603 -22.88 -33.47 6.62
CA ALA A 1603 -24.14 -34.15 6.91
C ALA A 1603 -24.51 -35.08 5.76
N ILE A 1604 -24.56 -36.37 6.02
CA ILE A 1604 -25.03 -37.38 5.08
C ILE A 1604 -26.51 -37.55 5.40
N LEU A 1605 -27.35 -36.85 4.65
CA LEU A 1605 -28.75 -36.70 5.02
C LEU A 1605 -29.67 -37.50 4.10
N GLN A 1606 -30.83 -37.85 4.65
CA GLN A 1606 -31.92 -38.46 3.91
C GLN A 1606 -33.23 -37.78 4.32
N GLY A 1607 -34.18 -37.77 3.39
CA GLY A 1607 -35.42 -37.05 3.63
C GLY A 1607 -35.28 -35.56 3.38
N GLN A 1608 -35.90 -34.75 4.23
CA GLN A 1608 -35.90 -33.31 4.03
C GLN A 1608 -35.64 -32.60 5.35
N ILE A 1609 -35.02 -31.42 5.25
CA ILE A 1609 -34.84 -30.51 6.37
C ILE A 1609 -35.26 -29.11 5.94
N ILE A 1610 -35.98 -28.41 6.82
CA ILE A 1610 -36.49 -27.08 6.52
C ILE A 1610 -35.86 -26.09 7.49
N SER A 1611 -35.76 -24.83 7.06
CA SER A 1611 -35.18 -23.79 7.90
C SER A 1611 -36.26 -23.08 8.71
N LYS A 1612 -35.93 -22.77 9.97
CA LYS A 1612 -36.85 -22.13 10.89
C LYS A 1612 -36.79 -20.61 10.87
N GLU A 1613 -35.92 -20.01 10.05
CA GLU A 1613 -35.73 -18.56 10.11
C GLU A 1613 -36.86 -17.80 9.43
N LYS A 1614 -37.36 -18.32 8.30
CA LYS A 1614 -38.45 -17.74 7.51
C LYS A 1614 -38.06 -16.32 7.03
N PHE A 1615 -37.14 -16.31 6.06
CA PHE A 1615 -36.62 -15.08 5.49
C PHE A 1615 -37.70 -14.21 4.87
N SER A 1616 -37.57 -12.90 5.06
CA SER A 1616 -38.39 -11.90 4.37
C SER A 1616 -37.48 -10.70 4.08
N SER A 1617 -36.85 -10.73 2.91
CA SER A 1617 -35.97 -9.66 2.47
C SER A 1617 -35.83 -9.76 0.96
N GLU A 1618 -35.12 -8.79 0.38
CA GLU A 1618 -34.96 -8.71 -1.07
C GLU A 1618 -34.18 -9.90 -1.63
N SER A 1619 -32.91 -10.03 -1.28
CA SER A 1619 -32.07 -11.08 -1.85
C SER A 1619 -31.85 -12.19 -0.84
N ILE A 1620 -32.02 -13.43 -1.30
CA ILE A 1620 -31.69 -14.62 -0.53
C ILE A 1620 -30.68 -15.40 -1.36
N CYS A 1621 -29.73 -16.05 -0.69
CA CYS A 1621 -28.81 -16.90 -1.43
C CYS A 1621 -28.20 -17.93 -0.51
N ILE A 1622 -27.90 -19.10 -1.07
CA ILE A 1622 -27.25 -20.17 -0.31
C ILE A 1622 -26.11 -20.76 -1.12
N ARG A 1623 -25.08 -21.21 -0.42
CA ARG A 1623 -23.99 -21.93 -1.04
C ARG A 1623 -23.70 -23.20 -0.25
N LEU A 1624 -23.19 -24.21 -0.94
CA LEU A 1624 -22.88 -25.49 -0.31
C LEU A 1624 -21.96 -26.31 -1.21
N VAL A 1625 -21.47 -27.42 -0.65
CA VAL A 1625 -20.66 -28.39 -1.36
C VAL A 1625 -21.32 -29.75 -1.17
N TYR A 1626 -21.52 -30.48 -2.26
CA TYR A 1626 -22.25 -31.74 -2.21
C TYR A 1626 -21.34 -32.92 -2.60
N SER A 1627 -21.95 -34.09 -2.76
CA SER A 1627 -21.31 -35.25 -3.37
C SER A 1627 -22.40 -36.16 -3.90
N MET A 1628 -22.46 -36.33 -5.21
CA MET A 1628 -23.59 -36.98 -5.87
C MET A 1628 -23.17 -38.36 -6.39
N SER A 1629 -23.99 -39.37 -6.11
CA SER A 1629 -23.64 -40.76 -6.40
C SER A 1629 -24.81 -41.47 -7.05
N GLY A 1630 -24.52 -42.26 -8.09
CA GLY A 1630 -25.53 -43.07 -8.74
C GLY A 1630 -26.64 -42.31 -9.43
N SER A 1631 -27.84 -42.31 -8.82
CA SER A 1631 -28.93 -41.43 -9.22
C SER A 1631 -29.44 -40.59 -8.06
N SER A 1632 -28.71 -40.55 -6.94
CA SER A 1632 -29.12 -39.81 -5.76
C SER A 1632 -29.21 -38.32 -6.06
N GLN A 1633 -30.37 -37.72 -5.76
CA GLN A 1633 -30.74 -36.43 -6.32
C GLN A 1633 -31.11 -35.50 -5.17
N LEU A 1634 -30.82 -34.21 -5.33
CA LEU A 1634 -30.99 -33.25 -4.25
C LEU A 1634 -31.80 -32.07 -4.74
N SER A 1635 -32.69 -31.55 -3.88
CA SER A 1635 -33.60 -30.48 -4.23
C SER A 1635 -33.49 -29.36 -3.20
N LEU A 1636 -33.24 -28.15 -3.69
CA LEU A 1636 -33.09 -26.95 -2.86
C LEU A 1636 -34.22 -26.00 -3.22
N THR A 1637 -35.18 -25.83 -2.33
CA THR A 1637 -36.29 -24.92 -2.60
C THR A 1637 -36.11 -23.64 -1.80
N ILE A 1638 -36.10 -22.52 -2.54
CA ILE A 1638 -36.04 -21.16 -2.00
C ILE A 1638 -37.20 -20.41 -2.62
N GLY A 1639 -38.10 -19.90 -1.78
CA GLY A 1639 -39.27 -19.20 -2.29
C GLY A 1639 -40.13 -20.14 -3.12
N LYS A 1640 -40.43 -19.70 -4.35
CA LYS A 1640 -41.14 -20.53 -5.31
C LYS A 1640 -40.20 -21.40 -6.14
N THR A 1641 -38.89 -21.13 -6.12
CA THR A 1641 -37.96 -21.75 -7.04
C THR A 1641 -37.32 -22.97 -6.40
N THR A 1642 -37.46 -24.12 -7.06
CA THR A 1642 -36.79 -25.35 -6.63
C THR A 1642 -35.69 -25.69 -7.62
N VAL A 1643 -34.50 -25.92 -7.10
CA VAL A 1643 -33.33 -26.30 -7.90
C VAL A 1643 -33.10 -27.78 -7.69
N VAL A 1644 -33.12 -28.55 -8.78
CA VAL A 1644 -32.95 -29.99 -8.71
C VAL A 1644 -31.59 -30.32 -9.30
N VAL A 1645 -30.64 -30.71 -8.44
CA VAL A 1645 -29.32 -31.14 -8.86
C VAL A 1645 -29.29 -32.68 -8.89
N LYS A 1646 -28.84 -33.22 -10.00
CA LYS A 1646 -28.63 -34.63 -10.26
C LYS A 1646 -27.13 -34.92 -10.27
N PRO A 1647 -26.73 -36.19 -10.23
CA PRO A 1647 -25.30 -36.51 -10.45
C PRO A 1647 -24.77 -36.07 -11.81
N ASN A 1648 -25.60 -36.05 -12.84
CA ASN A 1648 -25.13 -35.68 -14.17
C ASN A 1648 -25.28 -34.18 -14.45
N ALA A 1649 -26.43 -33.60 -14.12
CA ALA A 1649 -26.73 -32.23 -14.52
C ALA A 1649 -27.62 -31.57 -13.47
N VAL A 1650 -27.45 -30.26 -13.32
CA VAL A 1650 -28.34 -29.46 -12.48
C VAL A 1650 -29.53 -29.02 -13.32
N GLN A 1651 -30.73 -29.30 -12.82
CA GLN A 1651 -31.96 -29.05 -13.56
C GLN A 1651 -32.71 -27.87 -12.93
N TYR A 1652 -33.15 -26.94 -13.79
CA TYR A 1652 -34.04 -25.88 -13.39
C TYR A 1652 -35.22 -25.88 -14.34
N LYS A 1653 -36.24 -25.09 -14.02
CA LYS A 1653 -37.49 -25.08 -14.80
C LYS A 1653 -37.25 -24.69 -16.26
N GLY A 1654 -36.31 -23.78 -16.53
CA GLY A 1654 -36.07 -23.37 -17.89
C GLY A 1654 -35.22 -24.33 -18.71
N HIS A 1655 -34.12 -24.78 -18.13
CA HIS A 1655 -33.16 -25.63 -18.83
C HIS A 1655 -32.30 -26.36 -17.80
N THR A 1656 -31.59 -27.38 -18.28
CA THR A 1656 -30.68 -28.17 -17.46
C THR A 1656 -29.25 -27.99 -17.96
N ALA A 1657 -28.33 -27.78 -17.01
CA ALA A 1657 -26.93 -27.48 -17.32
C ALA A 1657 -26.04 -28.59 -16.78
N THR A 1658 -25.01 -28.94 -17.53
CA THR A 1658 -24.10 -30.03 -17.14
C THR A 1658 -23.25 -29.60 -15.95
N THR A 1659 -23.00 -30.54 -15.03
CA THR A 1659 -22.21 -30.33 -13.83
C THR A 1659 -21.38 -31.58 -13.56
N PRO A 1660 -20.24 -31.43 -12.90
CA PRO A 1660 -19.56 -32.60 -12.32
C PRO A 1660 -20.30 -33.12 -11.11
N SER A 1661 -19.97 -34.36 -10.74
CA SER A 1661 -20.65 -35.03 -9.63
C SER A 1661 -20.26 -34.50 -8.26
N ASN A 1662 -19.21 -33.68 -8.17
CA ASN A 1662 -18.82 -33.06 -6.91
C ASN A 1662 -18.34 -31.64 -7.23
N ALA A 1663 -19.09 -30.64 -6.77
CA ALA A 1663 -18.78 -29.25 -7.08
C ALA A 1663 -19.42 -28.35 -6.03
N GLU A 1664 -19.01 -27.09 -6.03
CA GLU A 1664 -19.60 -26.07 -5.18
C GLU A 1664 -20.80 -25.44 -5.88
N LEU A 1665 -21.92 -25.37 -5.17
CA LEU A 1665 -23.18 -24.87 -5.70
C LEU A 1665 -23.54 -23.57 -5.00
N VAL A 1666 -23.84 -22.53 -5.78
CA VAL A 1666 -24.27 -21.24 -5.25
C VAL A 1666 -25.55 -20.83 -5.98
N ILE A 1667 -26.59 -20.50 -5.21
CA ILE A 1667 -27.89 -20.11 -5.75
C ILE A 1667 -28.23 -18.73 -5.18
N PHE A 1668 -28.47 -17.77 -6.07
CA PHE A 1668 -28.81 -16.39 -5.72
C PHE A 1668 -30.18 -16.08 -6.28
N ALA A 1669 -31.14 -15.77 -5.41
CA ALA A 1669 -32.51 -15.51 -5.81
C ALA A 1669 -32.98 -14.17 -5.27
N THR A 1670 -33.60 -13.36 -6.14
CA THR A 1670 -34.29 -12.14 -5.79
C THR A 1670 -35.72 -12.31 -6.32
N PRO A 1671 -36.68 -11.42 -6.03
CA PRO A 1671 -38.02 -11.59 -6.63
C PRO A 1671 -38.06 -11.60 -8.14
N LYS A 1672 -37.10 -10.98 -8.83
CA LYS A 1672 -37.09 -10.95 -10.28
C LYS A 1672 -35.95 -11.75 -10.92
N LEU A 1673 -35.06 -12.32 -10.12
CA LEU A 1673 -33.86 -12.97 -10.63
C LEU A 1673 -33.70 -14.36 -10.02
N THR A 1674 -33.08 -15.26 -10.79
CA THR A 1674 -32.42 -16.42 -10.22
C THR A 1674 -31.13 -16.66 -10.98
N SER A 1675 -30.07 -16.99 -10.25
CA SER A 1675 -28.78 -17.22 -10.86
C SER A 1675 -28.06 -18.33 -10.11
N ILE A 1676 -27.60 -19.33 -10.86
CA ILE A 1676 -27.00 -20.53 -10.28
C ILE A 1676 -25.59 -20.66 -10.82
N TRP A 1677 -24.61 -20.56 -9.91
CA TRP A 1677 -23.22 -20.89 -10.17
C TRP A 1677 -22.97 -22.32 -9.74
N VAL A 1678 -22.19 -23.05 -10.55
CA VAL A 1678 -21.65 -24.34 -10.15
C VAL A 1678 -20.16 -24.31 -10.42
N ASP A 1679 -19.36 -24.54 -9.37
CA ASP A 1679 -17.90 -24.58 -9.42
C ASP A 1679 -17.31 -23.25 -9.91
N GLY A 1680 -17.95 -22.14 -9.55
CA GLY A 1680 -17.45 -20.82 -9.86
C GLY A 1680 -17.92 -20.24 -11.18
N HIS A 1681 -18.42 -21.07 -12.08
CA HIS A 1681 -18.94 -20.62 -13.36
C HIS A 1681 -20.45 -20.42 -13.23
N LEU A 1682 -20.95 -19.30 -13.72
CA LEU A 1682 -22.40 -19.07 -13.73
C LEU A 1682 -23.02 -20.07 -14.69
N ARG A 1683 -23.71 -21.07 -14.14
CA ARG A 1683 -24.27 -22.08 -15.02
C ARG A 1683 -25.59 -21.61 -15.63
N ILE A 1684 -26.53 -21.12 -14.81
CA ILE A 1684 -27.78 -20.62 -15.35
C ILE A 1684 -28.10 -19.25 -14.78
N GLU A 1685 -28.97 -18.53 -15.49
CA GLU A 1685 -29.58 -17.30 -15.02
C GLU A 1685 -30.93 -17.13 -15.72
N ALA A 1686 -31.97 -16.86 -14.95
CA ALA A 1686 -33.32 -16.77 -15.49
C ALA A 1686 -34.08 -15.63 -14.85
N PRO A 1687 -34.98 -14.99 -15.60
CA PRO A 1687 -35.86 -13.98 -15.02
C PRO A 1687 -37.00 -14.61 -14.23
N GLU A 1688 -37.54 -13.80 -13.32
CA GLU A 1688 -38.66 -14.25 -12.49
C GLU A 1688 -39.71 -13.15 -12.41
N THR A 1689 -40.97 -13.57 -12.38
CA THR A 1689 -42.10 -12.67 -12.19
C THR A 1689 -42.72 -12.84 -10.80
N HIS A 1690 -42.01 -13.52 -9.89
CA HIS A 1690 -42.52 -13.75 -8.55
C HIS A 1690 -42.62 -12.46 -7.76
N ALA A 1691 -43.54 -12.44 -6.81
CA ALA A 1691 -43.82 -11.25 -6.01
C ALA A 1691 -42.75 -11.08 -4.95
N LYS A 1692 -42.98 -10.15 -4.02
CA LYS A 1692 -42.01 -9.84 -2.97
C LYS A 1692 -41.86 -11.03 -2.02
N PHE A 1693 -40.65 -11.18 -1.49
CA PHE A 1693 -40.34 -12.30 -0.60
C PHE A 1693 -40.91 -12.02 0.79
N ASN A 1694 -41.80 -12.89 1.24
CA ASN A 1694 -42.38 -12.79 2.58
C ASN A 1694 -42.58 -14.17 3.15
N ASN A 1695 -41.95 -14.43 4.31
CA ASN A 1695 -41.99 -15.71 5.00
C ASN A 1695 -41.52 -16.86 4.12
N GLU A 1696 -40.44 -16.62 3.38
CA GLU A 1696 -39.88 -17.65 2.51
C GLU A 1696 -38.95 -18.55 3.31
N ALA A 1697 -38.93 -19.83 2.94
CA ALA A 1697 -38.19 -20.84 3.70
C ALA A 1697 -37.26 -21.61 2.78
N VAL A 1698 -36.06 -21.88 3.29
CA VAL A 1698 -35.06 -22.65 2.56
C VAL A 1698 -35.19 -24.10 3.00
N SER A 1699 -35.37 -25.01 2.04
CA SER A 1699 -35.50 -26.41 2.41
C SER A 1699 -34.70 -27.30 1.46
N LEU A 1700 -34.17 -28.39 2.01
CA LEU A 1700 -33.41 -29.39 1.27
C LEU A 1700 -34.16 -30.71 1.35
N GLN A 1701 -34.30 -31.37 0.20
CA GLN A 1701 -34.97 -32.67 0.13
C GLN A 1701 -34.19 -33.59 -0.80
N THR A 1702 -33.75 -34.73 -0.30
CA THR A 1702 -32.84 -35.62 -1.01
C THR A 1702 -33.49 -36.98 -1.24
N SER A 1703 -33.43 -37.45 -2.48
CA SER A 1703 -33.84 -38.80 -2.85
C SER A 1703 -32.58 -39.62 -3.03
N GLY A 1704 -32.22 -40.39 -2.00
CA GLY A 1704 -31.01 -41.17 -1.99
C GLY A 1704 -29.96 -40.61 -1.06
N PRO A 1705 -28.83 -41.29 -0.95
CA PRO A 1705 -27.77 -40.85 -0.03
C PRO A 1705 -26.91 -39.75 -0.64
N VAL A 1706 -26.87 -38.60 0.02
CA VAL A 1706 -25.94 -37.52 -0.32
C VAL A 1706 -25.39 -36.93 0.97
N GLY A 1707 -24.13 -36.49 0.89
CA GLY A 1707 -23.49 -35.84 2.01
C GLY A 1707 -23.04 -34.43 1.66
N ILE A 1708 -23.70 -33.45 2.26
CA ILE A 1708 -23.40 -32.04 2.01
C ILE A 1708 -22.39 -31.58 3.05
N LYS A 1709 -21.32 -30.92 2.58
CA LYS A 1709 -20.20 -30.61 3.48
C LYS A 1709 -20.48 -29.34 4.27
N ASP A 1710 -20.47 -28.19 3.60
CA ASP A 1710 -20.71 -26.92 4.27
C ASP A 1710 -22.04 -26.37 3.77
N VAL A 1711 -22.68 -25.56 4.59
CA VAL A 1711 -23.94 -24.91 4.22
C VAL A 1711 -23.85 -23.47 4.72
N ILE A 1712 -23.94 -22.51 3.80
CA ILE A 1712 -23.88 -21.10 4.16
C ILE A 1712 -25.12 -20.44 3.61
N VAL A 1713 -25.92 -19.86 4.49
CA VAL A 1713 -27.22 -19.29 4.13
C VAL A 1713 -27.16 -17.80 4.40
N MET A 1714 -27.47 -17.00 3.38
CA MET A 1714 -27.29 -15.55 3.41
C MET A 1714 -28.62 -14.89 3.09
N GLU A 1715 -28.96 -13.87 3.87
CA GLU A 1715 -30.15 -13.06 3.66
C GLU A 1715 -29.72 -11.61 3.50
N ASP A 1716 -30.36 -10.94 2.53
CA ASP A 1716 -30.07 -9.58 2.09
C ASP A 1716 -28.62 -9.45 1.63
N ALA A 1717 -28.21 -10.42 0.81
CA ALA A 1717 -26.82 -10.52 0.37
C ALA A 1717 -26.55 -9.59 -0.79
N GLU A 1718 -25.50 -8.77 -0.65
CA GLU A 1718 -25.07 -7.79 -1.63
C GLU A 1718 -23.92 -8.39 -2.43
N ILE A 1719 -24.17 -8.66 -3.71
CA ILE A 1719 -23.27 -9.44 -4.57
C ILE A 1719 -22.60 -8.55 -5.61
N GLN A 1720 -21.36 -8.92 -5.95
CA GLN A 1720 -20.57 -8.27 -6.97
C GLN A 1720 -19.82 -9.33 -7.77
N VAL A 1721 -19.83 -9.18 -9.10
CA VAL A 1721 -19.08 -10.06 -10.00
C VAL A 1721 -18.10 -9.22 -10.79
N SER A 1722 -16.90 -9.75 -11.00
CA SER A 1722 -15.86 -9.06 -11.75
C SER A 1722 -15.22 -10.02 -12.73
N TYR A 1723 -15.29 -9.72 -14.02
CA TYR A 1723 -14.63 -10.51 -15.05
C TYR A 1723 -13.29 -9.86 -15.38
N LEU A 1724 -12.24 -10.68 -15.37
CA LEU A 1724 -10.85 -10.25 -15.43
C LEU A 1724 -10.16 -10.85 -16.65
N ASN A 1725 -9.15 -10.11 -17.15
CA ASN A 1725 -8.40 -10.52 -18.32
C ASN A 1725 -7.19 -11.35 -17.88
N ARG A 1726 -6.22 -11.54 -18.79
CA ARG A 1726 -5.09 -12.42 -18.55
C ARG A 1726 -4.14 -11.91 -17.48
N ASP A 1727 -4.19 -10.62 -17.15
CA ASP A 1727 -3.35 -10.05 -16.10
C ASP A 1727 -4.11 -9.90 -14.78
N SER A 1728 -5.29 -10.54 -14.67
CA SER A 1728 -6.17 -10.50 -13.49
C SER A 1728 -6.62 -9.08 -13.14
N LYS A 1729 -6.62 -8.18 -14.11
CA LYS A 1729 -7.16 -6.83 -14.05
C LYS A 1729 -8.63 -6.85 -14.48
N PRO A 1730 -9.49 -6.03 -13.87
CA PRO A 1730 -10.94 -6.15 -14.15
C PRO A 1730 -11.29 -5.68 -15.56
N LEU A 1731 -11.97 -6.55 -16.30
CA LEU A 1731 -12.52 -6.18 -17.60
C LEU A 1731 -13.93 -5.64 -17.49
N GLN A 1732 -14.76 -6.27 -16.66
CA GLN A 1732 -16.14 -5.80 -16.53
C GLN A 1732 -16.66 -6.11 -15.13
N GLU A 1733 -17.12 -5.07 -14.43
CA GLU A 1733 -17.69 -5.22 -13.10
C GLU A 1733 -19.20 -5.07 -13.16
N ILE A 1734 -19.90 -5.97 -12.45
CA ILE A 1734 -21.36 -5.96 -12.35
C ILE A 1734 -21.69 -6.02 -10.86
N LEU A 1735 -22.14 -4.90 -10.31
CA LEU A 1735 -22.72 -4.84 -8.97
C LEU A 1735 -24.21 -5.14 -9.01
N LEU A 1736 -24.74 -5.60 -7.87
CA LEU A 1736 -26.20 -5.63 -7.72
C LEU A 1736 -26.60 -4.42 -6.88
N LEU A 1737 -27.39 -3.53 -7.47
CA LEU A 1737 -27.74 -2.26 -6.86
C LEU A 1737 -28.96 -2.37 -5.95
N ASP A 1738 -29.97 -3.12 -6.38
CA ASP A 1738 -31.30 -3.08 -5.78
C ASP A 1738 -32.00 -4.33 -6.33
N SER A 1739 -33.20 -4.61 -5.83
CA SER A 1739 -34.00 -5.71 -6.36
C SER A 1739 -34.35 -5.46 -7.82
N SER A 1740 -33.73 -6.26 -8.70
CA SER A 1740 -33.85 -6.15 -10.16
C SER A 1740 -33.31 -4.79 -10.65
N ASN A 1741 -32.06 -4.52 -10.29
CA ASN A 1741 -31.30 -3.42 -10.86
C ASN A 1741 -29.82 -3.73 -10.67
N VAL A 1742 -29.07 -3.79 -11.77
CA VAL A 1742 -27.64 -4.08 -11.70
C VAL A 1742 -26.89 -2.87 -12.24
N LEU A 1743 -25.62 -2.80 -11.90
CA LEU A 1743 -24.75 -1.71 -12.34
C LEU A 1743 -23.53 -2.28 -13.04
N ILE A 1744 -23.30 -1.82 -14.26
CA ILE A 1744 -22.26 -2.37 -15.13
C ILE A 1744 -21.23 -1.29 -15.43
N ARG A 1745 -19.97 -1.69 -15.45
CA ARG A 1745 -18.86 -0.87 -15.89
C ARG A 1745 -17.88 -1.76 -16.64
N GLN A 1746 -17.33 -1.26 -17.76
CA GLN A 1746 -16.41 -2.03 -18.58
C GLN A 1746 -15.15 -1.23 -18.81
N MET A 1747 -14.00 -1.91 -18.82
CA MET A 1747 -12.69 -1.28 -18.99
C MET A 1747 -11.99 -1.88 -20.20
N MET A 1748 -11.19 -1.06 -20.87
CA MET A 1748 -10.44 -1.48 -22.04
C MET A 1748 -8.95 -1.46 -21.76
N TYR A 1749 -8.22 -2.33 -22.45
CA TYR A 1749 -6.78 -2.47 -22.28
C TYR A 1749 -6.08 -2.51 -23.63
N ASP A 1750 -4.83 -2.05 -23.63
CA ASP A 1750 -4.04 -1.95 -24.84
C ASP A 1750 -3.48 -3.31 -25.23
N VAL A 1751 -2.84 -3.34 -26.41
CA VAL A 1751 -2.21 -4.57 -26.90
C VAL A 1751 -1.04 -4.97 -26.01
N ILE A 1752 -0.41 -4.00 -25.36
CA ILE A 1752 0.68 -4.30 -24.44
C ILE A 1752 0.14 -4.67 -23.06
N GLY A 1753 -0.98 -4.08 -22.63
CA GLY A 1753 -1.58 -4.46 -21.37
C GLY A 1753 -1.94 -3.29 -20.46
N ARG A 1754 -1.68 -2.06 -20.89
CA ARG A 1754 -2.02 -0.91 -20.07
C ARG A 1754 -3.49 -0.52 -20.28
N ARG A 1755 -4.04 0.16 -19.27
CA ARG A 1755 -5.44 0.56 -19.31
C ARG A 1755 -5.60 1.78 -20.23
N VAL A 1756 -6.61 1.72 -21.09
CA VAL A 1756 -6.84 2.76 -22.07
C VAL A 1756 -8.06 3.62 -21.70
N ALA A 1757 -9.21 2.99 -21.48
CA ALA A 1757 -10.43 3.72 -21.20
C ALA A 1757 -11.28 2.94 -20.21
N GLU A 1758 -12.16 3.66 -19.51
CA GLU A 1758 -13.08 3.06 -18.55
C GLU A 1758 -14.42 3.76 -18.59
N THR A 1759 -15.48 2.97 -18.75
CA THR A 1759 -16.83 3.50 -18.78
C THR A 1759 -17.27 3.95 -17.39
N VAL A 1760 -18.29 4.80 -17.36
CA VAL A 1760 -18.94 5.15 -16.11
C VAL A 1760 -19.93 4.05 -15.73
N TRP A 1761 -20.29 4.02 -14.45
CA TRP A 1761 -21.29 3.08 -13.95
C TRP A 1761 -22.63 3.36 -14.61
N VAL A 1762 -23.28 2.32 -15.14
CA VAL A 1762 -24.61 2.49 -15.69
C VAL A 1762 -25.57 1.49 -15.05
N GLN A 1763 -26.82 1.92 -14.90
CA GLN A 1763 -27.86 1.18 -14.20
C GLN A 1763 -28.75 0.48 -15.22
N LYS A 1764 -28.66 -0.84 -15.27
CA LYS A 1764 -29.49 -1.64 -16.15
C LYS A 1764 -30.58 -2.32 -15.32
N SER A 1765 -31.82 -2.27 -15.80
CA SER A 1765 -32.96 -2.77 -15.06
C SER A 1765 -33.41 -4.11 -15.65
N LEU A 1766 -33.74 -5.04 -14.76
CA LEU A 1766 -34.18 -6.37 -15.16
C LEU A 1766 -35.68 -6.52 -15.22
N ILE A 1767 -36.43 -5.56 -14.65
CA ILE A 1767 -37.89 -5.61 -14.73
C ILE A 1767 -38.36 -5.38 -16.16
N ASP A 1768 -37.64 -4.56 -16.92
CA ASP A 1768 -38.01 -4.24 -18.29
C ASP A 1768 -36.91 -4.66 -19.24
N GLY A 1769 -36.44 -5.90 -19.12
CA GLY A 1769 -35.33 -6.43 -19.91
C GLY A 1769 -35.64 -6.61 -21.38
N ARG A 1770 -36.90 -6.46 -21.80
CA ARG A 1770 -37.39 -6.47 -23.17
C ARG A 1770 -37.32 -7.85 -23.82
N SER A 1771 -36.95 -8.89 -23.07
CA SER A 1771 -36.97 -10.30 -23.45
C SER A 1771 -36.04 -10.64 -24.63
N THR A 1772 -35.15 -9.71 -25.02
CA THR A 1772 -34.17 -10.03 -26.04
C THR A 1772 -33.18 -11.09 -25.56
N ALA A 1773 -32.69 -10.93 -24.33
CA ALA A 1773 -31.81 -11.89 -23.69
C ALA A 1773 -31.88 -11.65 -22.19
N PHE A 1774 -31.13 -12.42 -21.42
CA PHE A 1774 -31.07 -12.19 -19.99
C PHE A 1774 -29.68 -12.61 -19.50
N LYS A 1775 -28.80 -11.62 -19.32
CA LYS A 1775 -27.41 -11.81 -18.93
C LYS A 1775 -27.06 -10.88 -17.80
N ALA A 1776 -27.87 -10.91 -16.73
CA ALA A 1776 -27.76 -9.93 -15.64
C ALA A 1776 -26.41 -9.98 -14.94
N PHE A 1777 -25.82 -11.16 -14.80
CA PHE A 1777 -24.48 -11.26 -14.24
C PHE A 1777 -23.48 -11.90 -15.18
N GLN A 1778 -23.92 -12.53 -16.27
CA GLN A 1778 -22.99 -12.97 -17.29
C GLN A 1778 -22.41 -11.76 -18.03
N TYR A 1779 -21.28 -12.00 -18.69
CA TYR A 1779 -20.59 -10.95 -19.43
C TYR A 1779 -21.47 -10.42 -20.55
N HIS A 1780 -21.61 -9.11 -20.60
CA HIS A 1780 -22.46 -8.45 -21.58
C HIS A 1780 -21.66 -8.21 -22.85
N ASP A 1781 -21.92 -9.04 -23.87
CA ASP A 1781 -21.27 -8.85 -25.16
C ASP A 1781 -21.66 -7.51 -25.78
N ASP A 1782 -22.95 -7.16 -25.69
CA ASP A 1782 -23.48 -5.96 -26.31
C ASP A 1782 -23.47 -4.76 -25.37
N PHE A 1783 -22.66 -4.80 -24.31
CA PHE A 1783 -22.52 -3.61 -23.47
C PHE A 1783 -21.81 -2.50 -24.22
N VAL A 1784 -20.74 -2.83 -24.93
CA VAL A 1784 -20.10 -1.90 -25.87
C VAL A 1784 -19.96 -2.63 -27.20
N SER A 1785 -20.52 -2.05 -28.26
CA SER A 1785 -20.39 -2.64 -29.59
C SER A 1785 -19.09 -2.24 -30.27
N ASN A 1786 -18.53 -1.08 -29.91
CA ASN A 1786 -17.26 -0.61 -30.44
C ASN A 1786 -16.10 -1.11 -29.58
N ASP A 1787 -15.92 -2.43 -29.54
CA ASP A 1787 -14.95 -3.04 -28.65
C ASP A 1787 -13.76 -3.63 -29.38
N ASN A 1788 -13.98 -4.32 -30.49
CA ASN A 1788 -12.87 -4.97 -31.19
C ASN A 1788 -11.95 -3.94 -31.84
N PRO A 1789 -10.64 -4.02 -31.60
CA PRO A 1789 -9.71 -3.12 -32.30
C PRO A 1789 -9.68 -3.32 -33.80
N THR A 1790 -9.99 -4.52 -34.29
CA THR A 1790 -9.79 -4.84 -35.71
C THR A 1790 -10.77 -4.08 -36.59
N ASP A 1791 -12.04 -4.06 -36.23
CA ASP A 1791 -13.06 -3.53 -37.13
C ASP A 1791 -14.18 -2.91 -36.30
N ARG A 1792 -15.35 -2.72 -36.93
CA ARG A 1792 -16.59 -2.29 -36.28
C ARG A 1792 -16.45 -0.90 -35.64
N ASN A 1793 -15.56 -0.07 -36.18
CA ASN A 1793 -15.36 1.33 -35.78
C ASN A 1793 -15.00 1.42 -34.29
N TYR A 1794 -13.81 0.93 -33.97
CA TYR A 1794 -13.30 0.96 -32.61
C TYR A 1794 -13.26 2.38 -32.08
N PHE A 1795 -13.72 2.56 -30.83
CA PHE A 1795 -13.98 3.89 -30.30
C PHE A 1795 -12.72 4.68 -30.00
N LEU A 1796 -11.54 4.06 -30.05
CA LEU A 1796 -10.30 4.83 -29.95
C LEU A 1796 -10.08 5.67 -31.19
N ASN A 1797 -10.34 5.12 -32.37
CA ASN A 1797 -10.21 5.86 -33.62
C ASN A 1797 -11.38 6.81 -33.82
N THR A 1798 -12.60 6.25 -33.88
CA THR A 1798 -13.77 7.04 -34.24
C THR A 1798 -14.16 8.01 -33.13
N GLY A 1799 -14.32 7.51 -31.91
CA GLY A 1799 -14.57 8.36 -30.77
C GLY A 1799 -15.80 8.06 -29.93
N PRO A 1800 -16.98 7.88 -30.54
CA PRO A 1800 -18.15 7.48 -29.73
C PRO A 1800 -18.47 5.99 -29.79
N MET A 1801 -18.89 5.43 -28.67
CA MET A 1801 -19.44 4.08 -28.67
C MET A 1801 -20.82 4.05 -29.32
N GLN A 1802 -21.12 2.95 -29.99
CA GLN A 1802 -22.33 2.86 -30.79
C GLN A 1802 -23.54 2.45 -29.95
N GLY A 1803 -23.36 1.57 -28.96
CA GLY A 1803 -24.51 1.12 -28.20
C GLY A 1803 -24.25 0.54 -26.83
N TYR A 1804 -24.99 1.02 -25.84
CA TYR A 1804 -25.07 0.39 -24.53
C TYR A 1804 -26.26 -0.56 -24.53
N VAL A 1805 -26.51 -1.21 -23.38
CA VAL A 1805 -27.72 -2.02 -23.28
C VAL A 1805 -28.90 -1.16 -22.90
N ALA A 1806 -28.75 -0.32 -21.89
CA ALA A 1806 -29.73 0.72 -21.54
C ALA A 1806 -28.97 2.03 -21.51
N THR A 1807 -29.14 2.85 -22.56
CA THR A 1807 -28.37 4.09 -22.67
C THR A 1807 -28.88 5.16 -21.72
N ALA A 1808 -28.72 4.94 -20.41
CA ALA A 1808 -29.14 5.91 -19.40
C ALA A 1808 -28.23 7.12 -19.36
N THR A 1809 -27.13 7.10 -20.11
CA THR A 1809 -26.12 8.16 -20.09
C THR A 1809 -26.18 9.07 -21.30
N ASN A 1810 -26.76 8.64 -22.41
CA ASN A 1810 -26.56 9.29 -23.70
C ASN A 1810 -27.14 10.70 -23.74
N THR A 1811 -28.19 10.99 -22.97
CA THR A 1811 -28.65 12.37 -22.91
C THR A 1811 -27.75 13.26 -22.03
N ILE A 1812 -26.92 12.66 -21.18
CA ILE A 1812 -26.01 13.42 -20.31
C ILE A 1812 -24.62 13.48 -20.90
N TYR A 1813 -24.11 12.36 -21.40
CA TYR A 1813 -22.73 12.22 -21.85
C TYR A 1813 -22.58 12.23 -23.36
N GLU A 1814 -23.71 12.28 -24.10
CA GLU A 1814 -23.82 12.69 -25.52
C GLU A 1814 -22.87 11.93 -26.44
N GLY A 1815 -22.67 10.64 -26.15
CA GLY A 1815 -21.88 9.74 -26.96
C GLY A 1815 -20.55 9.34 -26.35
N TYR A 1816 -20.09 10.05 -25.33
CA TYR A 1816 -18.77 9.85 -24.74
C TYR A 1816 -18.89 9.59 -23.24
N PRO A 1817 -19.44 8.44 -22.82
CA PRO A 1817 -19.45 8.14 -21.37
C PRO A 1817 -18.07 7.82 -20.81
N TYR A 1818 -17.15 7.34 -21.62
CA TYR A 1818 -15.85 6.87 -21.13
C TYR A 1818 -14.90 8.02 -20.85
N SER A 1819 -13.95 7.77 -19.95
CA SER A 1819 -12.75 8.58 -19.81
C SER A 1819 -11.57 7.75 -20.29
N GLN A 1820 -10.80 8.30 -21.22
CA GLN A 1820 -9.74 7.55 -21.89
C GLN A 1820 -8.39 8.23 -21.71
N THR A 1821 -7.34 7.47 -21.98
CA THR A 1821 -5.98 7.97 -21.87
C THR A 1821 -5.18 7.52 -23.08
N VAL A 1822 -4.39 8.44 -23.63
CA VAL A 1822 -3.47 8.17 -24.74
C VAL A 1822 -2.08 8.27 -24.15
N TYR A 1823 -1.27 7.26 -24.43
CA TYR A 1823 0.07 7.09 -23.88
C TYR A 1823 1.14 7.51 -24.88
N TYR A 1824 2.26 7.98 -24.35
CA TYR A 1824 3.42 8.29 -25.16
C TYR A 1824 3.97 7.00 -25.78
N ASN A 1825 4.78 7.17 -26.83
CA ASN A 1825 5.38 6.03 -27.52
C ASN A 1825 6.45 5.41 -26.65
N ASN A 1826 5.99 4.62 -25.67
CA ASN A 1826 6.84 4.04 -24.65
C ASN A 1826 6.19 2.73 -24.19
N PRO A 1827 7.00 1.71 -23.87
CA PRO A 1827 6.44 0.52 -23.21
C PRO A 1827 5.89 0.81 -21.82
N LEU A 1828 6.34 1.87 -21.17
CA LEU A 1828 5.86 2.22 -19.84
C LEU A 1828 4.52 2.96 -19.97
N GLU A 1829 3.97 3.35 -18.82
CA GLU A 1829 2.70 4.06 -18.78
C GLU A 1829 2.98 5.52 -18.45
N ILE A 1830 3.20 6.31 -19.50
CA ILE A 1830 3.42 7.75 -19.38
C ILE A 1830 2.27 8.44 -20.09
N ARG A 1831 1.61 9.35 -19.39
CA ARG A 1831 0.39 9.97 -19.91
C ARG A 1831 0.73 11.04 -20.94
N HIS A 1832 0.11 10.95 -22.11
CA HIS A 1832 0.24 11.98 -23.14
C HIS A 1832 -1.01 12.86 -23.15
N LYS A 1833 -2.18 12.29 -23.45
CA LYS A 1833 -3.42 13.06 -23.44
C LYS A 1833 -4.51 12.26 -22.76
N VAL A 1834 -5.17 12.84 -21.77
CA VAL A 1834 -6.27 12.17 -21.07
C VAL A 1834 -7.56 12.96 -21.30
N GLY A 1835 -8.60 12.26 -21.71
CA GLY A 1835 -9.88 12.87 -22.02
C GLY A 1835 -11.01 12.35 -21.15
N HIS A 1836 -11.80 13.28 -20.62
CA HIS A 1836 -12.87 12.98 -19.67
C HIS A 1836 -14.16 12.73 -20.44
N PRO A 1837 -15.20 12.20 -19.79
CA PRO A 1837 -16.48 12.03 -20.48
C PRO A 1837 -17.13 13.36 -20.85
N GLY A 1838 -17.93 13.32 -21.91
CA GLY A 1838 -18.46 14.50 -22.52
C GLY A 1838 -17.75 14.80 -23.82
N VAL A 1839 -18.50 15.37 -24.79
CA VAL A 1839 -17.90 15.73 -26.07
C VAL A 1839 -16.85 16.82 -25.88
N LYS A 1840 -17.18 17.83 -25.07
CA LYS A 1840 -16.26 18.94 -24.85
C LYS A 1840 -15.04 18.48 -24.05
N ASN A 1841 -15.22 17.54 -23.12
CA ASN A 1841 -14.13 17.08 -22.27
C ASN A 1841 -13.37 15.89 -22.84
N SER A 1842 -13.74 15.39 -24.02
CA SER A 1842 -13.07 14.23 -24.60
C SER A 1842 -11.71 14.61 -25.18
N ILE A 1843 -11.07 13.63 -25.82
CA ILE A 1843 -9.80 13.88 -26.49
C ILE A 1843 -9.97 14.85 -27.65
N LYS A 1844 -11.04 14.65 -28.42
CA LYS A 1844 -11.34 15.55 -29.53
C LYS A 1844 -11.85 16.91 -29.05
N GLY A 1845 -12.26 17.02 -27.79
CA GLY A 1845 -12.83 18.25 -27.30
C GLY A 1845 -11.77 19.27 -26.89
N ALA A 1846 -12.27 20.48 -26.59
CA ALA A 1846 -11.39 21.59 -26.25
C ALA A 1846 -10.79 21.42 -24.86
N PHE A 1847 -11.59 20.98 -23.89
CA PHE A 1847 -11.12 20.86 -22.51
C PHE A 1847 -10.46 19.50 -22.27
N VAL A 1848 -9.46 19.21 -23.08
CA VAL A 1848 -8.68 17.98 -22.94
C VAL A 1848 -7.39 18.32 -22.21
N HIS A 1849 -6.95 17.41 -21.35
CA HIS A 1849 -5.68 17.55 -20.65
C HIS A 1849 -4.58 16.98 -21.54
N GLN A 1850 -3.57 17.79 -21.82
CA GLN A 1850 -2.42 17.35 -22.59
C GLN A 1850 -1.15 17.62 -21.80
N TYR A 1851 -0.27 16.64 -21.74
CA TYR A 1851 0.97 16.73 -20.98
C TYR A 1851 2.16 16.61 -21.92
N ALA A 1852 3.25 17.28 -21.58
CA ALA A 1852 4.48 17.25 -22.34
C ALA A 1852 5.62 16.84 -21.43
N ILE A 1853 6.45 15.92 -21.89
CA ILE A 1853 7.62 15.52 -21.11
C ILE A 1853 8.70 16.59 -21.17
N ALA A 1854 8.92 17.19 -22.34
CA ALA A 1854 9.87 18.27 -22.47
C ALA A 1854 9.20 19.59 -22.12
N SER A 1855 9.83 20.36 -21.25
CA SER A 1855 9.34 21.67 -20.83
C SER A 1855 10.12 22.77 -21.52
N ASP A 1856 9.43 23.85 -21.90
CA ASP A 1856 10.07 24.94 -22.62
C ASP A 1856 11.07 25.69 -21.77
N LEU A 1857 10.94 25.62 -20.44
CA LEU A 1857 11.82 26.38 -19.55
C LEU A 1857 13.22 25.78 -19.55
N ALA A 1858 14.23 26.63 -19.81
CA ALA A 1858 15.60 26.15 -19.88
C ALA A 1858 16.10 25.71 -18.50
N PHE A 1859 15.72 26.44 -17.45
CA PHE A 1859 16.30 26.19 -16.13
C PHE A 1859 15.85 24.86 -15.54
N ILE A 1860 14.60 24.44 -15.80
CA ILE A 1860 14.14 23.14 -15.35
C ILE A 1860 14.90 22.02 -16.05
N GLN A 1861 15.13 22.17 -17.36
CA GLN A 1861 15.82 21.14 -18.12
C GLN A 1861 17.31 21.09 -17.81
N ARG A 1862 17.91 22.22 -17.43
CA ARG A 1862 19.35 22.27 -17.22
C ARG A 1862 19.74 22.06 -15.77
N ASN A 1863 18.82 22.26 -14.82
CA ASN A 1863 19.14 22.02 -13.42
C ASN A 1863 18.79 20.60 -13.01
N TYR A 1864 17.69 20.07 -13.54
CA TYR A 1864 17.36 18.67 -13.39
C TYR A 1864 17.79 17.93 -14.65
N PRO A 1865 18.74 17.01 -14.57
CA PRO A 1865 19.29 16.38 -15.78
C PRO A 1865 18.28 15.44 -16.43
N LYS A 1866 17.98 15.73 -17.70
CA LYS A 1866 16.88 15.04 -18.37
C LYS A 1866 17.25 13.58 -18.63
N ASN A 1867 16.26 12.69 -18.49
CA ASN A 1867 16.40 11.26 -18.65
C ASN A 1867 17.47 10.69 -17.71
N GLU A 1868 17.45 11.15 -16.47
CA GLU A 1868 18.34 10.64 -15.42
C GLU A 1868 17.52 10.47 -14.14
N GLY A 1869 16.40 9.77 -14.25
CA GLY A 1869 15.56 9.52 -13.09
C GLY A 1869 14.80 10.72 -12.59
N TYR A 1870 14.62 11.74 -13.43
CA TYR A 1870 13.85 12.93 -13.08
C TYR A 1870 12.85 13.15 -14.20
N ARG A 1871 11.62 12.66 -14.02
CA ARG A 1871 10.61 12.73 -15.06
C ARG A 1871 9.73 13.94 -14.80
N GLN A 1872 9.62 14.82 -15.79
CA GLN A 1872 8.88 16.07 -15.64
C GLN A 1872 7.69 16.09 -16.58
N GLU A 1873 6.57 16.63 -16.08
CA GLU A 1873 5.35 16.79 -16.87
C GLU A 1873 4.84 18.21 -16.74
N GLU A 1874 4.38 18.76 -17.85
CA GLU A 1874 3.98 20.17 -17.93
C GLU A 1874 2.61 20.29 -18.59
N GLU A 1875 1.69 20.97 -17.93
CA GLU A 1875 0.35 21.22 -18.42
C GLU A 1875 0.12 22.73 -18.50
N LYS A 1876 -0.62 23.16 -19.51
CA LYS A 1876 -0.93 24.58 -19.70
C LYS A 1876 -2.42 24.77 -19.89
N SER A 1877 -3.04 25.55 -19.00
CA SER A 1877 -4.43 25.95 -19.04
C SER A 1877 -4.62 27.19 -19.91
N PRO A 1878 -5.79 27.37 -20.54
CA PRO A 1878 -5.97 28.52 -21.44
C PRO A 1878 -5.98 29.87 -20.73
N ASN A 1879 -6.03 29.90 -19.40
CA ASN A 1879 -6.03 31.15 -18.65
C ASN A 1879 -4.66 31.83 -18.63
N GLY A 1880 -3.67 31.28 -19.33
CA GLY A 1880 -2.33 31.81 -19.32
C GLY A 1880 -1.43 31.24 -18.26
N LYS A 1881 -1.78 30.10 -17.67
CA LYS A 1881 -0.95 29.47 -16.65
C LYS A 1881 -0.35 28.17 -17.16
N LYS A 1882 0.92 27.96 -16.84
CA LYS A 1882 1.55 26.65 -16.99
C LYS A 1882 1.95 26.11 -15.62
N HIS A 1883 1.94 24.79 -15.50
CA HIS A 1883 2.33 24.08 -14.29
C HIS A 1883 3.22 22.91 -14.69
N VAL A 1884 4.43 22.84 -14.11
CA VAL A 1884 5.37 21.75 -14.33
C VAL A 1884 5.65 21.07 -13.00
N VAL A 1885 5.74 19.74 -13.02
CA VAL A 1885 6.11 18.94 -11.85
C VAL A 1885 7.24 18.00 -12.25
N VAL A 1886 8.28 17.92 -11.41
CA VAL A 1886 9.42 17.05 -11.62
C VAL A 1886 9.37 15.94 -10.58
N TYR A 1887 9.63 14.70 -11.01
CA TYR A 1887 9.43 13.51 -10.20
C TYR A 1887 10.71 12.70 -10.08
N ASN A 1888 10.93 12.15 -8.89
CA ASN A 1888 12.03 11.24 -8.60
C ASN A 1888 11.85 9.90 -9.34
N ARG A 1889 12.84 9.01 -9.16
CA ARG A 1889 12.68 7.63 -9.58
C ARG A 1889 11.54 6.94 -8.85
N ARG A 1890 11.43 7.14 -7.53
CA ARG A 1890 10.42 6.47 -6.73
C ARG A 1890 9.11 7.24 -6.64
N ASN A 1891 8.88 8.18 -7.57
CA ASN A 1891 7.63 8.93 -7.72
C ASN A 1891 7.27 9.70 -6.44
N LYS A 1892 8.18 10.59 -6.07
CA LYS A 1892 7.93 11.64 -5.08
C LYS A 1892 8.38 12.93 -5.71
N LYS A 1893 7.48 13.91 -5.82
CA LYS A 1893 7.79 15.14 -6.53
C LYS A 1893 8.93 15.91 -5.85
N VAL A 1894 9.94 16.24 -6.64
CA VAL A 1894 11.10 16.98 -6.12
C VAL A 1894 10.88 18.49 -6.24
N ALA A 1895 10.23 18.95 -7.30
CA ALA A 1895 9.88 20.37 -7.38
C ALA A 1895 8.62 20.51 -8.19
N GLU A 1896 7.84 21.54 -7.88
CA GLU A 1896 6.81 21.98 -8.82
C GLU A 1896 6.87 23.49 -8.98
N TYR A 1897 6.56 23.93 -10.20
CA TYR A 1897 6.63 25.32 -10.58
C TYR A 1897 5.36 25.65 -11.36
N THR A 1898 4.79 26.82 -11.08
CA THR A 1898 3.65 27.26 -11.87
C THR A 1898 3.69 28.77 -12.04
N GLN A 1899 3.33 29.22 -13.24
CA GLN A 1899 3.25 30.65 -13.54
C GLN A 1899 1.93 30.96 -14.22
N VAL A 1900 1.51 32.22 -14.08
CA VAL A 1900 0.27 32.74 -14.63
C VAL A 1900 0.62 34.10 -15.24
N LYS A 1901 -0.24 34.59 -16.13
CA LYS A 1901 -0.17 35.97 -16.60
C LYS A 1901 -0.25 36.95 -15.43
N ASP A 1902 0.70 37.90 -15.40
CA ASP A 1902 0.74 39.09 -14.56
C ASP A 1902 1.04 38.78 -13.09
N TYR A 1903 1.11 37.50 -12.74
CA TYR A 1903 1.50 37.08 -11.40
C TYR A 1903 2.85 36.39 -11.47
N ASN A 1904 3.69 36.63 -10.47
CA ASN A 1904 5.04 36.12 -10.49
C ASN A 1904 5.07 34.61 -10.28
N ASN A 1905 6.16 34.00 -10.72
CA ASN A 1905 6.27 32.54 -10.80
C ASN A 1905 6.40 31.92 -9.42
N ILE A 1906 6.02 30.65 -9.33
CA ILE A 1906 6.02 29.90 -8.08
C ILE A 1906 6.90 28.68 -8.26
N LEU A 1907 7.89 28.51 -7.38
CA LEU A 1907 8.80 27.38 -7.41
C LEU A 1907 8.96 26.82 -6.00
N THR A 1908 8.40 25.64 -5.73
CA THR A 1908 8.56 25.00 -4.43
C THR A 1908 9.32 23.68 -4.61
N THR A 1909 10.15 23.35 -3.62
CA THR A 1909 11.09 22.25 -3.76
C THR A 1909 11.08 21.38 -2.50
N TYR A 1910 11.27 20.08 -2.69
CA TYR A 1910 11.36 19.10 -1.62
C TYR A 1910 12.59 18.24 -1.82
N ILE A 1911 13.40 18.09 -0.78
CA ILE A 1911 14.61 17.25 -0.80
C ILE A 1911 14.37 16.09 0.16
N TYR A 1912 14.73 14.89 -0.28
CA TYR A 1912 14.44 13.65 0.42
C TYR A 1912 15.74 12.99 0.88
N ASP A 1913 15.59 11.90 1.64
CA ASP A 1913 16.71 11.21 2.24
C ASP A 1913 17.03 9.92 1.48
N GLN A 1914 18.00 9.16 2.01
CA GLN A 1914 18.38 7.90 1.40
C GLN A 1914 17.28 6.84 1.57
N HIS A 1915 16.56 6.88 2.69
CA HIS A 1915 15.46 5.97 2.92
C HIS A 1915 14.14 6.46 2.31
N GLY A 1916 14.15 7.62 1.66
CA GLY A 1916 12.96 8.17 1.03
C GLY A 1916 12.19 9.15 1.88
N ASN A 1917 12.61 9.39 3.12
CA ASN A 1917 11.92 10.32 4.00
C ASN A 1917 12.26 11.75 3.61
N GLN A 1918 11.25 12.63 3.65
CA GLN A 1918 11.42 14.02 3.25
C GLN A 1918 12.20 14.75 4.33
N ILE A 1919 13.48 14.99 4.08
CA ILE A 1919 14.30 15.70 5.05
C ILE A 1919 14.01 17.19 5.03
N GLN A 1920 13.83 17.79 3.84
CA GLN A 1920 13.67 19.25 3.79
C GLN A 1920 12.66 19.63 2.72
N MET A 1921 11.99 20.77 2.93
CA MET A 1921 11.21 21.42 1.88
C MET A 1921 11.48 22.92 1.94
N LEU A 1922 11.39 23.56 0.77
CA LEU A 1922 11.59 24.98 0.64
C LEU A 1922 10.40 25.61 -0.08
N PRO A 1923 9.79 26.62 0.52
CA PRO A 1923 8.62 27.26 -0.07
C PRO A 1923 9.02 28.25 -1.15
N PRO A 1924 8.07 28.71 -1.97
CA PRO A 1924 8.43 29.66 -3.04
C PRO A 1924 8.91 31.01 -2.54
N SER A 1925 8.64 31.39 -1.28
CA SER A 1925 9.17 32.65 -0.76
C SER A 1925 10.69 32.63 -0.71
N TYR A 1926 11.27 31.48 -0.37
CA TYR A 1926 12.72 31.32 -0.36
C TYR A 1926 13.32 31.59 -1.74
N TYR A 1927 12.74 30.98 -2.77
CA TYR A 1927 13.26 31.15 -4.13
C TYR A 1927 13.03 32.56 -4.64
N HIS A 1928 11.89 33.17 -4.30
CA HIS A 1928 11.63 34.54 -4.72
C HIS A 1928 12.58 35.52 -4.06
N GLU A 1929 12.88 35.31 -2.77
CA GLU A 1929 13.84 36.17 -2.08
C GLU A 1929 15.26 35.97 -2.60
N LYS A 1930 15.63 34.72 -2.89
CA LYS A 1930 17.00 34.43 -3.31
C LYS A 1930 17.25 34.90 -4.74
N SER A 1931 16.48 34.38 -5.70
CA SER A 1931 16.72 34.68 -7.10
C SER A 1931 16.34 36.12 -7.43
N ARG A 1932 15.07 36.48 -7.18
CA ARG A 1932 14.51 37.81 -7.43
C ARG A 1932 14.66 38.22 -8.90
N SER A 1933 14.48 37.23 -9.79
CA SER A 1933 14.60 37.45 -11.24
C SER A 1933 13.96 36.26 -11.94
N GLY A 1934 14.03 36.28 -13.28
CA GLY A 1934 13.52 35.17 -14.06
C GLY A 1934 14.34 33.90 -13.88
N ASP A 1935 15.66 34.05 -13.75
CA ASP A 1935 16.53 32.90 -13.55
C ASP A 1935 16.30 32.29 -12.16
N TYR A 1936 16.16 30.97 -12.12
CA TYR A 1936 16.01 30.24 -10.88
C TYR A 1936 17.05 29.13 -10.79
N GLN A 1937 17.40 28.77 -9.56
CA GLN A 1937 18.35 27.69 -9.29
C GLN A 1937 17.68 26.73 -8.31
N PRO A 1938 16.91 25.76 -8.81
CA PRO A 1938 16.26 24.79 -7.92
C PRO A 1938 17.26 24.01 -7.09
N GLU A 1939 17.17 24.19 -5.77
CA GLU A 1939 18.17 23.66 -4.86
C GLU A 1939 18.07 22.15 -4.75
N LYS A 1940 19.22 21.50 -4.61
CA LYS A 1940 19.29 20.04 -4.64
C LYS A 1940 19.72 19.40 -3.33
N GLN A 1941 20.26 20.18 -2.39
CA GLN A 1941 20.80 19.61 -1.16
C GLN A 1941 20.29 20.37 0.05
N VAL A 1942 20.38 19.72 1.20
CA VAL A 1942 19.85 20.26 2.45
C VAL A 1942 20.79 21.33 2.98
N VAL A 1943 20.24 22.51 3.29
CA VAL A 1943 21.00 23.64 3.79
C VAL A 1943 20.36 24.11 5.11
N ALA A 1944 20.92 25.18 5.66
CA ALA A 1944 20.30 25.90 6.76
C ALA A 1944 19.70 27.19 6.20
N SER A 1945 18.39 27.38 6.43
CA SER A 1945 17.71 28.59 5.99
C SER A 1945 16.46 28.76 6.83
N PRO A 1946 16.13 29.98 7.25
CA PRO A 1946 14.93 30.18 8.09
C PRO A 1946 13.62 29.89 7.37
N TRP A 1947 13.58 29.89 6.04
CA TRP A 1947 12.35 29.54 5.33
C TRP A 1947 12.13 28.04 5.24
N ALA A 1948 13.16 27.23 5.45
CA ALA A 1948 13.06 25.81 5.18
C ALA A 1948 12.36 25.08 6.32
N VAL A 1949 11.64 24.02 5.95
CA VAL A 1949 11.07 23.07 6.90
C VAL A 1949 11.96 21.85 6.90
N THR A 1950 12.61 21.56 8.03
CA THR A 1950 13.63 20.54 8.10
C THR A 1950 13.22 19.43 9.07
N SER A 1951 13.59 18.21 8.72
CA SER A 1951 13.47 17.06 9.60
C SER A 1951 14.80 16.33 9.62
N LYS A 1952 15.16 15.78 10.78
CA LYS A 1952 16.42 15.07 10.94
C LYS A 1952 16.14 13.72 11.60
N TYR A 1953 15.87 12.72 10.77
CA TYR A 1953 15.59 11.38 11.27
C TYR A 1953 16.87 10.71 11.75
N ASP A 1954 16.71 9.78 12.68
CA ASP A 1954 17.85 9.03 13.20
C ASP A 1954 18.42 8.09 12.15
N SER A 1955 19.57 7.50 12.47
CA SER A 1955 20.20 6.51 11.61
C SER A 1955 19.26 5.33 11.37
N THR A 1956 19.37 4.77 10.16
CA THR A 1956 18.45 3.77 9.59
C THR A 1956 17.01 4.25 9.52
N GLY A 1957 16.79 5.57 9.49
CA GLY A 1957 15.48 6.16 9.28
C GLY A 1957 14.35 5.79 10.24
N GLU A 1958 14.59 5.87 11.56
CA GLU A 1958 13.60 5.46 12.54
C GLU A 1958 12.32 6.29 12.45
N PHE A 1959 12.42 7.57 12.78
CA PHE A 1959 11.36 8.57 12.64
C PHE A 1959 12.00 9.92 12.96
N ILE A 1960 11.21 10.98 12.79
CA ILE A 1960 11.65 12.35 13.04
C ILE A 1960 12.23 12.48 14.45
N THR A 1961 13.39 13.12 14.54
CA THR A 1961 13.99 13.49 15.81
C THR A 1961 13.98 14.99 16.05
N SER A 1962 13.83 15.79 14.99
CA SER A 1962 13.67 17.24 15.15
C SER A 1962 12.92 17.75 13.91
N LYS A 1963 11.64 18.06 14.08
CA LYS A 1963 10.85 18.68 13.03
C LYS A 1963 10.79 20.18 13.31
N GLU A 1964 11.22 20.98 12.33
CA GLU A 1964 11.31 22.42 12.50
C GLU A 1964 10.62 23.13 11.35
N THR A 1965 9.79 24.10 11.68
CA THR A 1965 9.05 24.92 10.74
C THR A 1965 9.35 26.38 11.05
N PRO A 1966 9.21 27.29 10.07
CA PRO A 1966 9.49 28.70 10.37
C PRO A 1966 8.47 29.34 11.29
N ASP A 1967 7.19 29.06 11.11
CA ASP A 1967 6.15 29.72 11.87
C ASP A 1967 6.03 29.19 13.29
N GLY A 1968 6.31 27.90 13.49
CA GLY A 1968 6.27 27.32 14.82
C GLY A 1968 7.63 27.31 15.48
N GLY A 1969 8.23 26.13 15.58
CA GLY A 1969 9.55 26.01 16.17
C GLY A 1969 10.14 24.65 15.89
N ARG A 1970 11.15 24.30 16.67
CA ARG A 1970 11.79 23.00 16.60
C ARG A 1970 11.17 22.11 17.67
N VAL A 1971 10.42 21.10 17.25
CA VAL A 1971 9.90 20.09 18.16
C VAL A 1971 10.72 18.83 17.99
N GLU A 1972 11.25 18.32 19.10
CA GLU A 1972 12.13 17.16 19.07
C GLU A 1972 11.46 15.97 19.73
N PHE A 1973 11.71 14.79 19.18
CA PHE A 1973 11.13 13.55 19.65
C PHE A 1973 12.16 12.78 20.45
N ILE A 1974 11.72 12.15 21.54
CA ILE A 1974 12.58 11.32 22.38
C ILE A 1974 11.95 9.95 22.47
N TYR A 1975 12.71 8.92 22.12
CA TYR A 1975 12.22 7.55 22.06
C TYR A 1975 12.86 6.72 23.18
N ASN A 1976 12.44 5.47 23.24
CA ASN A 1976 12.81 4.54 24.29
C ASN A 1976 13.79 3.51 23.75
N GLU A 1977 14.18 2.57 24.61
CA GLU A 1977 15.00 1.45 24.17
C GLU A 1977 14.23 0.54 23.23
N TYR A 1978 12.94 0.31 23.52
CA TYR A 1978 12.06 -0.47 22.66
C TYR A 1978 11.41 0.36 21.56
N ASN A 1979 11.99 1.53 21.23
CA ASN A 1979 11.51 2.44 20.19
C ASN A 1979 10.09 2.96 20.46
N GLN A 1980 9.69 2.99 21.73
CA GLN A 1980 8.43 3.61 22.10
C GLN A 1980 8.60 5.11 22.15
N LEU A 1981 7.64 5.84 21.57
CA LEU A 1981 7.66 7.30 21.61
C LEU A 1981 7.36 7.74 23.05
N ARG A 1982 8.40 8.16 23.76
CA ARG A 1982 8.24 8.50 25.17
C ARG A 1982 7.97 9.99 25.39
N TYR A 1983 8.81 10.86 24.81
CA TYR A 1983 8.70 12.29 25.11
C TYR A 1983 8.70 13.10 23.83
N GLN A 1984 8.22 14.33 23.96
CA GLN A 1984 8.17 15.26 22.82
C GLN A 1984 8.35 16.67 23.37
N ILE A 1985 9.52 17.25 23.13
CA ILE A 1985 9.87 18.56 23.67
C ILE A 1985 9.65 19.61 22.59
N HIS A 1986 9.13 20.77 22.97
CA HIS A 1986 8.97 21.88 22.06
C HIS A 1986 9.99 22.97 22.41
N TYR A 1987 10.54 23.61 21.37
CA TYR A 1987 11.55 24.63 21.55
C TYR A 1987 11.01 25.97 21.07
N LYS A 1988 11.39 27.04 21.76
CA LYS A 1988 10.99 28.38 21.38
C LYS A 1988 11.86 28.85 20.21
N GLU A 1989 11.66 30.11 19.82
CA GLU A 1989 12.49 30.68 18.75
C GLU A 1989 13.89 31.04 19.23
N ASP A 1990 14.07 31.25 20.53
CA ASP A 1990 15.39 31.45 21.12
C ASP A 1990 16.06 30.13 21.49
N LYS A 1991 15.62 29.02 20.90
CA LYS A 1991 16.21 27.69 21.05
C LYS A 1991 16.21 27.22 22.51
N GLN A 1992 15.19 27.59 23.27
CA GLN A 1992 15.01 27.11 24.63
C GLN A 1992 13.69 26.35 24.72
N ALA A 1993 13.65 25.35 25.60
CA ALA A 1993 12.49 24.48 25.71
C ALA A 1993 11.28 25.22 26.25
N ASP A 1994 10.10 24.81 25.77
CA ASP A 1994 8.84 25.43 26.16
C ASP A 1994 7.94 24.48 26.94
N LYS A 1995 7.63 23.31 26.38
CA LYS A 1995 6.77 22.35 27.05
C LYS A 1995 7.09 20.95 26.54
N ILE A 1996 6.94 19.97 27.44
CA ILE A 1996 7.31 18.58 27.15
C ILE A 1996 6.07 17.72 27.32
N VAL A 1997 5.69 17.00 26.27
CA VAL A 1997 4.62 16.02 26.33
C VAL A 1997 5.22 14.67 26.67
N TYR A 1998 4.64 13.98 27.65
CA TYR A 1998 5.11 12.69 28.10
C TYR A 1998 4.02 11.65 27.85
N PHE A 1999 4.44 10.46 27.42
CA PHE A 1999 3.56 9.33 27.23
C PHE A 1999 3.99 8.22 28.18
N LEU A 2000 3.02 7.64 28.89
CA LEU A 2000 3.24 6.47 29.73
C LEU A 2000 2.56 5.28 29.10
N TYR A 2001 3.22 4.12 29.17
CA TYR A 2001 2.81 2.92 28.48
C TYR A 2001 2.44 1.83 29.46
N ASN A 2002 1.58 0.92 29.01
CA ASN A 2002 0.97 -0.09 29.85
C ASN A 2002 1.88 -1.30 29.96
N ILE A 2003 1.37 -2.38 30.58
CA ILE A 2003 2.07 -3.66 30.55
C ILE A 2003 1.93 -4.30 29.17
N PHE A 2004 0.84 -4.02 28.46
CA PHE A 2004 0.59 -4.58 27.14
C PHE A 2004 1.51 -4.02 26.08
N GLY A 2005 2.20 -2.92 26.35
CA GLY A 2005 2.88 -2.15 25.32
C GLY A 2005 2.05 -1.04 24.72
N ARG A 2006 0.74 -1.02 24.97
CA ARG A 2006 -0.09 0.10 24.54
C ARG A 2006 0.12 1.28 25.49
N MET A 2007 -0.39 2.44 25.09
CA MET A 2007 -0.17 3.65 25.86
C MET A 2007 -1.13 3.72 27.04
N CYS A 2008 -0.56 3.95 28.23
CA CYS A 2008 -1.31 4.04 29.47
C CYS A 2008 -1.97 5.41 29.62
N GLU A 2009 -1.19 6.47 29.49
CA GLU A 2009 -1.68 7.82 29.75
C GLU A 2009 -0.79 8.81 29.01
N ALA A 2010 -1.29 10.04 28.92
CA ALA A 2010 -0.54 11.10 28.25
C ALA A 2010 -0.72 12.42 28.99
N GLY A 2011 0.40 13.13 29.21
CA GLY A 2011 0.35 14.40 29.90
C GLY A 2011 1.27 15.41 29.25
N GLN A 2012 1.13 16.66 29.68
CA GLN A 2012 2.01 17.75 29.25
C GLN A 2012 2.50 18.49 30.48
N VAL A 2013 3.81 18.75 30.54
CA VAL A 2013 4.40 19.46 31.66
C VAL A 2013 5.23 20.64 31.14
N PRO A 2014 5.34 21.74 31.89
CA PRO A 2014 6.12 22.87 31.39
C PRO A 2014 7.61 22.57 31.46
N ALA A 2015 8.36 23.26 30.60
CA ALA A 2015 9.80 23.05 30.54
C ALA A 2015 10.50 23.65 31.75
N ASN A 2016 11.55 22.97 32.20
CA ASN A 2016 12.35 23.38 33.35
C ASN A 2016 13.63 22.55 33.33
N PRO A 2017 14.75 23.08 33.89
CA PRO A 2017 15.98 22.26 33.94
C PRO A 2017 15.82 20.96 34.70
N THR A 2018 15.14 21.02 35.85
CA THR A 2018 14.82 19.80 36.59
C THR A 2018 13.89 18.90 35.80
N THR A 2019 12.97 19.48 35.02
CA THR A 2019 12.08 18.68 34.21
C THR A 2019 12.84 17.99 33.08
N LEU A 2020 13.77 18.71 32.43
CA LEU A 2020 14.59 18.10 31.38
C LEU A 2020 15.46 16.98 31.93
N GLN A 2021 16.07 17.20 33.10
CA GLN A 2021 16.87 16.15 33.73
C GLN A 2021 16.01 14.96 34.13
N GLN A 2022 14.78 15.22 34.56
CA GLN A 2022 13.86 14.13 34.90
C GLN A 2022 13.47 13.35 33.66
N VAL A 2023 13.32 14.02 32.52
CA VAL A 2023 13.09 13.33 31.26
C VAL A 2023 14.28 12.43 30.92
N ARG A 2024 15.49 12.98 31.09
CA ARG A 2024 16.72 12.22 30.84
C ARG A 2024 16.81 10.97 31.71
N GLU A 2025 16.41 11.10 32.98
CA GLU A 2025 16.47 9.95 33.89
C GLU A 2025 15.35 8.95 33.61
N THR A 2026 14.13 9.43 33.35
CA THR A 2026 12.99 8.55 33.21
C THR A 2026 12.96 7.85 31.86
N THR A 2027 13.72 8.33 30.88
CA THR A 2027 13.88 7.56 29.65
C THR A 2027 14.61 6.24 29.93
N LYS A 2028 15.46 6.21 30.96
CA LYS A 2028 16.15 5.00 31.41
C LYS A 2028 15.35 4.23 32.45
N SER A 2029 14.74 4.94 33.41
CA SER A 2029 14.09 4.28 34.53
C SER A 2029 12.76 3.64 34.18
N HIS A 2030 12.15 4.03 33.05
CA HIS A 2030 10.84 3.61 32.54
C HIS A 2030 9.68 4.06 33.41
N GLN A 2031 9.90 4.82 34.47
CA GLN A 2031 8.84 5.25 35.36
C GLN A 2031 8.19 6.53 34.82
N ALA A 2032 7.39 7.17 35.65
CA ALA A 2032 6.60 8.32 35.27
C ALA A 2032 7.30 9.63 35.63
N ILE A 2033 6.84 10.70 34.99
CA ILE A 2033 7.27 12.06 35.35
C ILE A 2033 6.49 12.42 36.61
N PRO A 2034 7.12 13.07 37.60
CA PRO A 2034 6.43 13.30 38.88
C PRO A 2034 5.39 14.40 38.85
N ASN A 2035 5.70 15.53 38.22
CA ASN A 2035 4.87 16.73 38.34
C ASN A 2035 3.91 16.86 37.16
N ARG A 2036 2.99 15.90 37.06
CA ARG A 2036 1.93 15.94 36.06
C ARG A 2036 0.72 16.69 36.65
N ASP A 2037 0.40 17.83 36.07
CA ASP A 2037 -0.77 18.59 36.51
C ASP A 2037 -2.04 18.19 35.79
N GLN A 2038 -1.97 17.99 34.48
CA GLN A 2038 -3.06 17.47 33.67
C GLN A 2038 -2.60 16.18 33.00
N ALA A 2039 -3.43 15.15 33.04
CA ALA A 2039 -3.04 13.87 32.47
C ALA A 2039 -4.28 13.06 32.10
N VAL A 2040 -4.36 12.64 30.85
CA VAL A 2040 -5.48 11.83 30.38
C VAL A 2040 -5.11 10.35 30.42
N TYR A 2041 -5.98 9.55 31.01
CA TYR A 2041 -5.75 8.12 31.27
C TYR A 2041 -6.66 7.30 30.37
N PHE A 2042 -6.12 6.24 29.77
CA PHE A 2042 -6.87 5.37 28.87
C PHE A 2042 -6.83 3.95 29.41
N ASP A 2043 -8.00 3.45 29.80
CA ASP A 2043 -8.13 2.10 30.33
C ASP A 2043 -9.10 1.34 29.45
N TYR A 2044 -8.56 0.71 28.40
CA TYR A 2044 -9.34 -0.27 27.68
C TYR A 2044 -9.60 -1.42 28.63
N GLY A 2045 -10.85 -1.88 28.71
CA GLY A 2045 -11.25 -2.78 29.78
C GLY A 2045 -10.49 -4.09 29.82
N GLU A 2046 -9.81 -4.36 30.95
CA GLU A 2046 -9.16 -5.65 31.14
C GLU A 2046 -9.28 -6.18 32.55
N THR A 2047 -9.70 -5.38 33.51
CA THR A 2047 -9.97 -5.83 34.88
C THR A 2047 -11.45 -6.08 35.14
N GLU A 2048 -12.33 -5.68 34.21
CA GLU A 2048 -13.77 -5.87 34.35
C GLU A 2048 -14.12 -7.34 34.56
N SER A 2049 -15.09 -7.58 35.44
CA SER A 2049 -15.56 -8.94 35.70
C SER A 2049 -16.58 -9.40 34.67
N GLU A 2050 -16.96 -8.55 33.72
CA GLU A 2050 -17.83 -8.97 32.64
C GLU A 2050 -16.96 -9.20 31.41
N PRO A 2051 -16.77 -10.45 30.98
CA PRO A 2051 -15.77 -10.74 29.93
C PRO A 2051 -16.05 -10.06 28.59
N SER A 2052 -17.32 -9.90 28.24
CA SER A 2052 -17.69 -9.30 26.95
C SER A 2052 -17.23 -7.85 26.82
N LEU A 2053 -16.88 -7.19 27.92
CA LEU A 2053 -16.30 -5.86 27.86
C LEU A 2053 -14.79 -5.88 27.69
N ARG A 2054 -14.13 -6.99 28.02
CA ARG A 2054 -12.68 -6.97 28.16
C ARG A 2054 -11.99 -6.88 26.80
N GLY A 2055 -11.13 -5.87 26.66
CA GLY A 2055 -10.52 -5.49 25.40
C GLY A 2055 -11.45 -4.86 24.39
N ARG A 2056 -12.66 -4.49 24.80
CA ARG A 2056 -13.66 -3.96 23.89
C ARG A 2056 -14.06 -2.53 24.19
N ILE A 2057 -14.27 -2.18 25.47
CA ILE A 2057 -14.50 -0.79 25.83
C ILE A 2057 -13.21 0.02 25.73
N GLN A 2058 -13.40 1.34 25.65
CA GLN A 2058 -12.33 2.33 25.79
C GLN A 2058 -12.77 3.33 26.85
N ARG A 2059 -12.29 3.19 28.08
CA ARG A 2059 -12.66 4.09 29.17
C ARG A 2059 -11.62 5.21 29.25
N THR A 2060 -12.09 6.46 29.19
CA THR A 2060 -11.20 7.61 29.17
C THR A 2060 -11.50 8.46 30.39
N VAL A 2061 -10.46 8.83 31.14
CA VAL A 2061 -10.56 9.84 32.19
C VAL A 2061 -9.64 11.00 31.82
N LYS A 2062 -10.23 12.14 31.52
CA LYS A 2062 -9.51 13.36 31.15
C LYS A 2062 -9.48 14.29 32.36
N LYS A 2063 -8.28 14.61 32.84
CA LYS A 2063 -8.14 15.40 34.05
C LYS A 2063 -7.29 16.62 33.72
N ASN A 2064 -7.94 17.79 33.65
CA ASN A 2064 -7.31 19.08 33.44
C ASN A 2064 -7.35 19.85 34.76
N LYS A 2065 -6.24 19.84 35.51
CA LYS A 2065 -6.13 20.53 36.80
C LYS A 2065 -7.21 19.97 37.72
N GLU A 2066 -8.07 20.81 38.29
CA GLU A 2066 -9.13 20.32 39.17
C GLU A 2066 -10.22 19.57 38.40
N VAL A 2067 -10.54 20.00 37.15
CA VAL A 2067 -11.75 19.47 36.51
C VAL A 2067 -11.47 18.16 35.80
N LEU A 2068 -12.52 17.35 35.68
CA LEU A 2068 -12.45 15.98 35.21
C LEU A 2068 -13.54 15.72 34.19
N PHE A 2069 -13.36 14.65 33.42
CA PHE A 2069 -14.30 14.27 32.37
C PHE A 2069 -14.12 12.79 32.08
N SER A 2070 -15.16 12.00 32.33
CA SER A 2070 -15.11 10.55 32.14
C SER A 2070 -16.05 10.18 31.02
N GLU A 2071 -15.57 9.36 30.08
CA GLU A 2071 -16.43 8.84 29.02
C GLU A 2071 -15.89 7.50 28.54
N VAL A 2072 -16.78 6.54 28.33
CA VAL A 2072 -16.37 5.21 27.90
C VAL A 2072 -17.24 4.78 26.73
N MET A 2073 -16.60 4.26 25.68
CA MET A 2073 -17.35 3.82 24.51
C MET A 2073 -17.04 2.37 24.16
N PHE A 2074 -18.09 1.66 23.73
CA PHE A 2074 -18.03 0.23 23.47
C PHE A 2074 -17.71 -0.04 22.01
N PHE A 2075 -16.57 -0.67 21.75
CA PHE A 2075 -16.24 -1.14 20.42
C PHE A 2075 -16.60 -2.62 20.31
N ASP A 2076 -17.21 -3.01 19.19
CA ASP A 2076 -17.43 -4.43 18.97
C ASP A 2076 -16.23 -4.98 18.18
N GLU A 2077 -16.40 -6.16 17.57
CA GLU A 2077 -15.43 -6.67 16.62
C GLU A 2077 -15.17 -5.66 15.50
N GLU A 2078 -13.89 -5.52 15.14
CA GLU A 2078 -13.41 -4.58 14.11
C GLU A 2078 -13.65 -3.11 14.50
N SER A 2079 -13.67 -2.83 15.81
CA SER A 2079 -13.58 -1.48 16.36
C SER A 2079 -14.71 -0.56 15.91
N ASN A 2080 -15.87 -1.10 15.60
CA ASN A 2080 -17.03 -0.28 15.29
C ASN A 2080 -17.77 0.03 16.59
N ILE A 2081 -18.09 1.31 16.79
CA ILE A 2081 -18.75 1.72 18.03
C ILE A 2081 -20.19 1.26 18.04
N ILE A 2082 -20.58 0.61 19.13
CA ILE A 2082 -21.96 0.19 19.32
C ILE A 2082 -22.69 1.01 20.39
N ARG A 2083 -21.98 1.67 21.31
CA ARG A 2083 -22.65 2.47 22.34
C ARG A 2083 -21.65 3.43 22.95
N LYS A 2084 -22.01 4.71 22.99
CA LYS A 2084 -21.14 5.72 23.57
C LYS A 2084 -21.77 6.25 24.85
N SER A 2085 -21.01 6.20 25.96
CA SER A 2085 -21.50 6.56 27.28
C SER A 2085 -20.65 7.65 27.89
N TYR A 2086 -21.30 8.50 28.68
CA TYR A 2086 -20.68 9.61 29.39
C TYR A 2086 -20.90 9.35 30.88
N ILE A 2087 -19.97 8.62 31.49
CA ILE A 2087 -20.12 8.17 32.86
C ILE A 2087 -19.70 9.27 33.82
N SER A 2088 -20.50 9.48 34.87
CA SER A 2088 -20.17 10.37 35.97
C SER A 2088 -20.37 9.62 37.28
N PRO A 2089 -19.58 9.95 38.31
CA PRO A 2089 -19.68 9.20 39.58
C PRO A 2089 -21.00 9.40 40.32
N THR A 2090 -21.77 10.44 40.00
CA THR A 2090 -22.95 10.76 40.82
C THR A 2090 -24.10 9.77 40.61
N THR A 2091 -24.24 9.20 39.40
CA THR A 2091 -25.35 8.31 39.10
C THR A 2091 -24.83 7.07 38.39
N ASN A 2092 -25.40 5.91 38.76
CA ASN A 2092 -24.97 4.63 38.17
C ASN A 2092 -25.28 4.55 36.68
N GLU A 2093 -26.42 5.13 36.26
CA GLU A 2093 -26.77 5.12 34.86
C GLU A 2093 -25.83 6.04 34.09
N THR A 2094 -25.71 5.79 32.77
CA THR A 2094 -24.84 6.56 31.90
C THR A 2094 -25.65 7.16 30.76
N LEU A 2095 -25.44 8.46 30.51
CA LEU A 2095 -25.88 9.07 29.27
C LEU A 2095 -25.26 8.35 28.09
N SER A 2096 -26.09 7.73 27.26
CA SER A 2096 -25.57 6.87 26.21
C SER A 2096 -26.38 7.05 24.95
N LEU A 2097 -25.70 6.86 23.82
CA LEU A 2097 -26.35 6.79 22.52
C LEU A 2097 -25.91 5.50 21.86
N VAL A 2098 -26.88 4.69 21.44
CA VAL A 2098 -26.62 3.32 21.00
C VAL A 2098 -26.71 3.22 19.49
N TYR A 2099 -25.77 2.50 18.89
CA TYR A 2099 -25.73 2.28 17.45
C TYR A 2099 -26.05 0.82 17.16
N LEU A 2100 -26.87 0.59 16.15
CA LEU A 2100 -27.13 -0.74 15.63
C LEU A 2100 -26.61 -0.76 14.20
N GLN A 2101 -25.61 -1.60 13.92
CA GLN A 2101 -24.98 -1.56 12.62
C GLN A 2101 -24.61 -2.96 12.13
N GLU A 2102 -24.77 -3.16 10.82
CA GLU A 2102 -24.28 -4.34 10.13
C GLU A 2102 -23.46 -3.89 8.94
N ASN A 2103 -22.48 -4.71 8.55
CA ASN A 2103 -21.60 -4.48 7.40
C ASN A 2103 -20.90 -3.12 7.48
N ASP A 2104 -20.51 -2.74 8.70
CA ASP A 2104 -19.75 -1.53 9.01
C ASP A 2104 -20.52 -0.24 8.66
N LYS A 2105 -21.82 -0.32 8.42
CA LYS A 2105 -22.66 0.84 8.18
C LYS A 2105 -23.71 0.94 9.27
N VAL A 2106 -23.87 2.14 9.83
CA VAL A 2106 -24.82 2.35 10.91
C VAL A 2106 -26.24 2.24 10.36
N SER A 2107 -26.99 1.27 10.87
CA SER A 2107 -28.37 1.08 10.46
C SER A 2107 -29.41 1.70 11.39
N GLY A 2108 -29.02 2.06 12.61
CA GLY A 2108 -29.96 2.69 13.51
C GLY A 2108 -29.27 3.35 14.67
N ILE A 2109 -29.86 4.45 15.16
CA ILE A 2109 -29.34 5.20 16.28
C ILE A 2109 -30.42 5.33 17.33
N GLN A 2110 -30.05 5.10 18.60
CA GLN A 2110 -30.91 5.27 19.75
C GLN A 2110 -30.41 6.50 20.50
N TYR A 2111 -31.02 7.64 20.19
CA TYR A 2111 -30.69 8.94 20.77
C TYR A 2111 -31.09 8.99 22.25
N PRO A 2112 -30.39 9.79 23.06
CA PRO A 2112 -30.89 10.18 24.38
C PRO A 2112 -31.83 11.38 24.31
N PHE A 2113 -32.81 11.32 23.40
CA PHE A 2113 -33.74 12.41 23.13
C PHE A 2113 -35.17 11.94 23.27
N GLY A 2114 -36.04 12.82 23.77
CA GLY A 2114 -37.44 12.51 23.91
C GLY A 2114 -38.34 13.42 23.11
N VAL A 2115 -38.95 12.89 22.05
CA VAL A 2115 -39.90 13.63 21.23
C VAL A 2115 -41.30 13.08 21.50
N ASP A 2116 -42.22 13.99 21.86
CA ASP A 2116 -43.61 13.66 22.23
C ASP A 2116 -43.66 12.67 23.39
N GLY A 2117 -42.73 12.80 24.32
CA GLY A 2117 -42.69 11.95 25.49
C GLY A 2117 -42.17 10.55 25.25
N LYS A 2118 -41.67 10.25 24.05
CA LYS A 2118 -41.13 8.93 23.73
C LYS A 2118 -39.73 9.09 23.17
N GLN A 2119 -38.94 8.03 23.30
CA GLN A 2119 -37.55 8.06 22.87
C GLN A 2119 -37.45 8.20 21.35
N LEU A 2120 -36.42 8.92 20.91
CA LEU A 2120 -36.17 9.12 19.49
C LEU A 2120 -35.25 8.00 19.01
N ILE A 2121 -35.77 7.16 18.12
CA ILE A 2121 -35.00 6.08 17.52
C ILE A 2121 -35.01 6.27 16.01
N LEU A 2122 -33.84 6.47 15.42
CA LEU A 2122 -33.69 6.69 14.00
C LEU A 2122 -33.30 5.39 13.32
N LYS A 2123 -33.96 5.07 12.22
CA LYS A 2123 -33.67 3.88 11.42
C LYS A 2123 -33.22 4.33 10.04
N TYR A 2124 -32.00 3.96 9.67
CA TYR A 2124 -31.43 4.27 8.36
C TYR A 2124 -31.53 3.01 7.51
N LYS A 2125 -32.30 3.08 6.43
CA LYS A 2125 -32.46 1.96 5.50
C LYS A 2125 -31.57 2.20 4.29
N HIS A 2126 -30.72 1.22 4.01
CA HIS A 2126 -29.86 1.18 2.83
C HIS A 2126 -30.40 0.14 1.85
N ASN A 2127 -30.01 0.30 0.59
CA ASN A 2127 -30.38 -0.63 -0.46
C ASN A 2127 -29.27 -1.65 -0.66
N LEU A 2128 -29.34 -2.42 -1.74
CA LEU A 2128 -28.41 -3.52 -1.95
C LEU A 2128 -27.01 -3.01 -2.29
N ARG A 2129 -26.89 -1.77 -2.74
CA ARG A 2129 -25.57 -1.18 -2.95
C ARG A 2129 -25.01 -0.63 -1.64
N GLY A 2130 -25.83 -0.52 -0.61
CA GLY A 2130 -25.35 -0.07 0.68
C GLY A 2130 -25.34 1.42 0.86
N GLU A 2131 -25.73 2.19 -0.15
CA GLU A 2131 -25.93 3.61 0.05
C GLU A 2131 -27.27 3.85 0.73
N ILE A 2132 -27.37 4.99 1.41
CA ILE A 2132 -28.57 5.30 2.17
C ILE A 2132 -29.73 5.55 1.21
N VAL A 2133 -30.90 4.99 1.54
CA VAL A 2133 -32.08 5.22 0.74
C VAL A 2133 -33.23 5.81 1.54
N GLU A 2134 -33.21 5.69 2.87
CA GLU A 2134 -34.28 6.31 3.66
C GLU A 2134 -33.80 6.53 5.08
N VAL A 2135 -34.27 7.62 5.68
CA VAL A 2135 -34.14 7.88 7.11
C VAL A 2135 -35.55 7.99 7.68
N ALA A 2136 -35.82 7.21 8.74
CA ALA A 2136 -37.14 7.16 9.34
C ALA A 2136 -37.01 7.17 10.85
N ARG A 2137 -38.14 7.37 11.54
CA ARG A 2137 -38.16 7.41 12.99
C ARG A 2137 -39.19 6.40 13.50
N VAL A 2138 -38.85 5.70 14.59
CA VAL A 2138 -39.67 4.61 15.09
C VAL A 2138 -40.84 5.17 15.89
N GLU A 2139 -42.05 4.71 15.57
CA GLU A 2139 -43.25 5.00 16.34
C GLU A 2139 -43.84 3.71 16.87
N GLN A 2140 -43.89 3.59 18.20
CA GLN A 2140 -44.39 2.38 18.85
C GLN A 2140 -45.90 2.46 19.01
N LYS A 2141 -46.56 1.33 18.77
CA LYS A 2141 -48.01 1.21 18.92
C LYS A 2141 -48.35 0.30 20.09
N THR A 2142 -49.52 0.52 20.67
CA THR A 2142 -49.91 -0.17 21.89
C THR A 2142 -50.15 -1.66 21.68
N SER A 2143 -50.43 -2.09 20.46
CA SER A 2143 -50.68 -3.52 20.22
C SER A 2143 -49.42 -4.36 20.38
N GLY A 2144 -48.24 -3.77 20.13
CA GLY A 2144 -47.01 -4.51 20.23
C GLY A 2144 -46.18 -4.41 18.97
N GLN A 2145 -46.44 -3.39 18.15
CA GLN A 2145 -45.77 -3.18 16.89
C GLN A 2145 -45.13 -1.80 16.84
N THR A 2146 -44.12 -1.68 15.98
CA THR A 2146 -43.46 -0.40 15.72
C THR A 2146 -43.66 -0.05 14.25
N GLU A 2147 -44.14 1.16 13.99
CA GLU A 2147 -44.30 1.69 12.64
C GLU A 2147 -43.30 2.81 12.41
N PHE A 2148 -42.63 2.77 11.27
CA PHE A 2148 -41.60 3.76 10.95
C PHE A 2148 -42.24 4.92 10.19
N ILE A 2149 -42.10 6.12 10.72
CA ILE A 2149 -42.50 7.35 10.03
C ILE A 2149 -41.26 7.86 9.29
N PRO A 2150 -41.31 8.00 7.96
CA PRO A 2150 -40.11 8.42 7.23
C PRO A 2150 -39.76 9.88 7.52
N ILE A 2151 -38.46 10.13 7.64
CA ILE A 2151 -37.96 11.50 7.77
C ILE A 2151 -37.54 12.04 6.40
N ALA A 2152 -36.83 11.23 5.61
CA ALA A 2152 -36.41 11.68 4.29
C ALA A 2152 -36.12 10.47 3.40
N GLY A 2153 -36.71 10.46 2.20
CA GLY A 2153 -36.44 9.44 1.21
C GLY A 2153 -35.46 9.93 0.17
N ILE A 2154 -34.29 9.28 0.12
CA ILE A 2154 -33.15 9.80 -0.61
C ILE A 2154 -33.00 9.02 -1.92
N ASP A 2155 -32.84 9.74 -3.03
CA ASP A 2155 -32.69 9.18 -4.36
C ASP A 2155 -31.26 9.41 -4.83
N HIS A 2156 -30.69 8.40 -5.49
CA HIS A 2156 -29.32 8.41 -5.96
C HIS A 2156 -29.25 8.21 -7.46
N ASP A 2157 -28.07 8.49 -8.01
CA ASP A 2157 -27.76 8.28 -9.42
C ASP A 2157 -27.11 6.90 -9.60
N ALA A 2158 -26.55 6.65 -10.77
CA ALA A 2158 -25.80 5.42 -11.02
C ALA A 2158 -24.33 5.52 -10.64
N GLU A 2159 -23.77 6.73 -10.65
CA GLU A 2159 -22.37 6.94 -10.30
C GLU A 2159 -22.16 7.18 -8.80
N GLY A 2160 -23.17 6.91 -7.97
CA GLY A 2160 -23.08 7.13 -6.55
C GLY A 2160 -23.43 8.54 -6.11
N LYS A 2161 -23.67 9.44 -7.05
CA LYS A 2161 -24.10 10.80 -6.71
C LYS A 2161 -25.51 10.76 -6.13
N VAL A 2162 -25.74 11.56 -5.10
CA VAL A 2162 -27.09 11.77 -4.58
C VAL A 2162 -27.79 12.78 -5.48
N THR A 2163 -28.99 12.41 -5.93
CA THR A 2163 -29.73 13.19 -6.91
C THR A 2163 -30.95 13.89 -6.33
N LYS A 2164 -31.72 13.26 -5.46
CA LYS A 2164 -32.95 13.90 -4.99
C LYS A 2164 -33.15 13.58 -3.51
N ILE A 2165 -33.09 14.58 -2.65
CA ILE A 2165 -33.50 14.38 -1.26
C ILE A 2165 -34.97 14.75 -1.16
N SER A 2166 -35.78 13.88 -0.56
CA SER A 2166 -37.22 14.11 -0.52
C SER A 2166 -37.65 14.17 0.95
N HIS A 2167 -37.82 15.39 1.45
CA HIS A 2167 -38.32 15.57 2.81
C HIS A 2167 -39.80 15.22 2.82
N ASN A 2168 -40.12 14.06 3.41
CA ASN A 2168 -41.48 13.54 3.41
C ASN A 2168 -42.03 13.40 4.82
N TYR A 2169 -41.55 14.20 5.75
CA TYR A 2169 -41.97 14.12 7.15
C TYR A 2169 -42.89 15.30 7.45
N GLY A 2170 -43.94 15.03 8.21
CA GLY A 2170 -44.89 16.06 8.59
C GLY A 2170 -46.01 16.22 7.58
N ASP A 2171 -46.57 17.42 7.50
CA ASP A 2171 -47.66 17.70 6.57
C ASP A 2171 -47.17 18.13 5.21
N SER A 2172 -46.14 18.97 5.16
CA SER A 2172 -45.63 19.52 3.91
C SER A 2172 -44.38 18.74 3.49
N LYS A 2173 -44.45 18.10 2.34
CA LYS A 2173 -43.37 17.27 1.81
C LYS A 2173 -42.86 17.89 0.52
N PHE A 2174 -41.54 18.00 0.38
CA PHE A 2174 -40.99 18.65 -0.80
C PHE A 2174 -39.62 18.04 -1.14
N ASP A 2175 -39.21 18.23 -2.38
CA ASP A 2175 -38.02 17.62 -2.93
C ASP A 2175 -36.95 18.67 -3.22
N GLN A 2176 -35.70 18.33 -2.93
CA GLN A 2176 -34.54 19.10 -3.33
C GLN A 2176 -33.76 18.29 -4.34
N THR A 2177 -33.74 18.76 -5.60
CA THR A 2177 -33.15 18.02 -6.71
C THR A 2177 -31.81 18.62 -7.10
N TYR A 2178 -30.82 17.76 -7.32
CA TYR A 2178 -29.51 18.16 -7.78
C TYR A 2178 -29.38 17.76 -9.25
N LYS A 2179 -28.99 18.70 -10.09
CA LYS A 2179 -28.94 18.50 -11.53
C LYS A 2179 -27.51 18.67 -12.01
N TYR A 2180 -27.03 17.67 -12.76
CA TYR A 2180 -25.65 17.49 -13.17
C TYR A 2180 -25.52 17.62 -14.67
N VAL A 2181 -24.28 17.69 -15.15
CA VAL A 2181 -24.00 17.86 -16.57
C VAL A 2181 -22.96 16.87 -17.07
N ALA A 2182 -22.49 17.11 -18.29
CA ALA A 2182 -21.61 16.19 -19.01
C ALA A 2182 -20.32 15.81 -18.29
N PRO A 2183 -19.48 16.73 -17.76
CA PRO A 2183 -18.24 16.24 -17.14
C PRO A 2183 -18.43 15.68 -15.74
N GLY A 2184 -19.54 15.96 -15.07
CA GLY A 2184 -19.81 15.38 -13.77
C GLY A 2184 -20.06 16.41 -12.69
N TYR A 2185 -20.13 17.68 -13.07
CA TYR A 2185 -20.27 18.78 -12.13
C TYR A 2185 -21.74 19.01 -11.77
N LEU A 2186 -21.93 19.63 -10.61
CA LEU A 2186 -23.27 19.96 -10.12
C LEU A 2186 -23.63 21.36 -10.60
N VAL A 2187 -24.74 21.47 -11.34
CA VAL A 2187 -25.15 22.72 -11.94
C VAL A 2187 -26.34 23.35 -11.23
N GLU A 2188 -27.37 22.55 -10.91
CA GLU A 2188 -28.55 23.12 -10.30
C GLU A 2188 -28.90 22.46 -8.98
N ILE A 2189 -29.33 23.27 -8.03
CA ILE A 2189 -29.95 22.81 -6.79
C ILE A 2189 -31.35 23.42 -6.76
N ALA A 2190 -32.35 22.65 -7.19
CA ALA A 2190 -33.67 23.18 -7.48
C ALA A 2190 -34.69 22.67 -6.46
N ASN A 2191 -35.53 23.59 -5.98
CA ASN A 2191 -36.66 23.29 -5.12
C ASN A 2191 -37.62 24.46 -5.21
N ASN A 2192 -38.78 24.30 -4.57
CA ASN A 2192 -39.79 25.36 -4.61
C ASN A 2192 -39.48 26.55 -3.73
N PHE A 2193 -38.48 26.46 -2.85
CA PHE A 2193 -38.12 27.62 -2.02
C PHE A 2193 -37.01 28.48 -2.61
N LEU A 2194 -35.88 27.88 -2.97
CA LEU A 2194 -34.72 28.64 -3.43
C LEU A 2194 -33.93 27.81 -4.42
N THR A 2195 -33.79 28.31 -5.65
CA THR A 2195 -33.05 27.62 -6.69
C THR A 2195 -31.65 28.21 -6.83
N GLU A 2196 -30.72 27.36 -7.24
CA GLU A 2196 -29.34 27.76 -7.45
C GLU A 2196 -28.86 27.23 -8.79
N LYS A 2197 -28.05 28.02 -9.48
CA LYS A 2197 -27.43 27.62 -10.73
C LYS A 2197 -25.93 27.87 -10.62
N LEU A 2198 -25.13 26.93 -11.13
CA LEU A 2198 -23.68 27.08 -11.11
C LEU A 2198 -23.12 26.93 -12.51
N TYR A 2199 -22.18 27.81 -12.84
CA TYR A 2199 -21.56 27.86 -14.16
C TYR A 2199 -20.08 27.57 -14.02
N TYR A 2200 -19.58 26.66 -14.86
CA TYR A 2200 -18.22 26.15 -14.81
C TYR A 2200 -17.38 26.56 -16.01
N THR A 2201 -17.99 26.71 -17.18
CA THR A 2201 -17.29 27.07 -18.40
C THR A 2201 -17.87 28.31 -19.07
N GLU A 2202 -19.17 28.57 -18.89
CA GLU A 2202 -19.86 29.58 -19.69
C GLU A 2202 -19.50 30.99 -19.23
N LYS A 2203 -19.86 31.33 -18.00
CA LYS A 2203 -19.76 32.69 -17.50
C LYS A 2203 -18.79 32.73 -16.32
N GLY A 2204 -17.81 33.63 -16.40
CA GLY A 2204 -16.90 33.88 -15.30
C GLY A 2204 -16.84 35.36 -15.00
N TYR A 2205 -15.83 35.81 -14.26
CA TYR A 2205 -15.67 37.25 -14.05
C TYR A 2205 -14.70 37.84 -15.08
N GLY A 2206 -13.46 37.38 -15.06
CA GLY A 2206 -12.48 37.79 -16.05
C GLY A 2206 -11.74 36.60 -16.62
N CYS A 2207 -11.87 35.47 -15.95
CA CYS A 2207 -11.11 34.28 -16.30
C CYS A 2207 -11.87 33.40 -17.28
N GLU A 2208 -11.12 32.75 -18.16
CA GLU A 2208 -11.64 31.70 -19.01
C GLU A 2208 -11.81 30.42 -18.20
N PRO A 2209 -12.60 29.44 -18.70
CA PRO A 2209 -12.74 28.16 -17.98
C PRO A 2209 -11.41 27.44 -17.74
N THR A 2210 -11.02 27.36 -16.48
CA THR A 2210 -9.80 26.65 -16.10
C THR A 2210 -10.04 25.15 -16.11
N GLY A 2211 -8.99 24.40 -16.45
CA GLY A 2211 -9.09 22.95 -16.49
C GLY A 2211 -9.32 22.28 -15.16
N ASP A 2212 -9.16 23.01 -14.05
CA ASP A 2212 -9.37 22.45 -12.71
C ASP A 2212 -10.83 22.09 -12.47
N GLY A 2213 -11.76 22.64 -13.25
CA GLY A 2213 -13.17 22.43 -12.97
C GLY A 2213 -13.72 23.28 -11.86
N SER A 2214 -13.05 24.38 -11.52
CA SER A 2214 -13.51 25.27 -10.48
C SER A 2214 -14.78 26.01 -10.90
N ILE A 2215 -15.57 26.40 -9.90
CA ILE A 2215 -16.86 27.03 -10.14
C ILE A 2215 -16.63 28.49 -10.49
N LEU A 2216 -17.11 28.91 -11.67
CA LEU A 2216 -16.89 30.28 -12.10
C LEU A 2216 -18.00 31.23 -11.66
N ARG A 2217 -19.25 30.78 -11.63
CA ARG A 2217 -20.31 31.68 -11.20
C ARG A 2217 -21.38 30.90 -10.44
N THR A 2218 -21.90 31.49 -9.36
CA THR A 2218 -23.10 31.00 -8.70
C THR A 2218 -24.19 32.06 -8.78
N GLU A 2219 -25.38 31.65 -9.21
CA GLU A 2219 -26.52 32.55 -9.38
C GLU A 2219 -27.73 31.95 -8.68
N PHE A 2220 -28.24 32.66 -7.68
CA PHE A 2220 -29.37 32.22 -6.87
C PHE A 2220 -30.67 32.83 -7.36
N LYS A 2221 -31.78 32.22 -6.95
CA LYS A 2221 -33.11 32.73 -7.23
C LYS A 2221 -34.00 32.33 -6.06
N ALA A 2222 -34.20 33.25 -5.13
CA ALA A 2222 -35.03 33.02 -3.95
C ALA A 2222 -36.47 33.37 -4.25
N SER A 2223 -37.38 32.40 -4.06
CA SER A 2223 -38.81 32.63 -4.22
C SER A 2223 -39.57 32.21 -2.98
N TRP A 2224 -38.89 32.08 -1.84
CA TRP A 2224 -39.51 31.77 -0.56
C TRP A 2224 -40.13 32.97 0.13
N HIS A 2225 -40.06 34.16 -0.47
CA HIS A 2225 -40.46 35.40 0.19
C HIS A 2225 -41.95 35.47 0.52
N ASP A 2226 -42.77 34.58 -0.04
CA ASP A 2226 -44.17 34.44 0.34
C ASP A 2226 -44.44 33.16 1.11
N LYS A 2227 -43.39 32.49 1.59
CA LYS A 2227 -43.50 31.30 2.43
C LYS A 2227 -43.04 31.57 3.86
N CYS A 2228 -43.31 32.75 4.38
CA CYS A 2228 -42.77 33.15 5.67
C CYS A 2228 -43.62 34.27 6.25
N ASP A 2229 -43.21 34.76 7.42
CA ASP A 2229 -43.86 35.90 8.08
C ASP A 2229 -43.45 37.19 7.38
N GLN A 2230 -44.18 37.49 6.29
CA GLN A 2230 -43.83 38.51 5.32
C GLN A 2230 -43.62 39.91 5.91
N ASN A 2231 -44.20 40.20 7.08
CA ASN A 2231 -44.02 41.49 7.76
C ASN A 2231 -42.56 41.87 8.01
N LEU A 2232 -41.65 40.90 8.10
CA LEU A 2232 -40.24 41.19 8.35
C LEU A 2232 -39.43 41.43 7.09
N ILE A 2233 -39.98 41.17 5.91
CA ILE A 2233 -39.26 41.31 4.65
C ILE A 2233 -39.12 42.75 4.12
N PRO A 2234 -40.16 43.60 4.06
CA PRO A 2234 -40.01 44.88 3.32
C PRO A 2234 -38.99 45.82 3.95
N LEU A 2235 -38.26 46.51 3.09
CA LEU A 2235 -37.28 47.50 3.54
C LEU A 2235 -38.01 48.74 4.02
N THR A 2236 -37.68 49.19 5.22
CA THR A 2236 -38.19 50.42 5.78
C THR A 2236 -37.08 51.46 5.77
N ALA A 2237 -37.44 52.69 6.10
CA ALA A 2237 -36.43 53.75 6.13
C ALA A 2237 -35.68 53.80 7.45
N ARG A 2238 -36.08 53.00 8.44
CA ARG A 2238 -35.35 52.96 9.69
C ARG A 2238 -34.15 52.02 9.59
N ALA A 2239 -34.18 51.09 8.65
CA ALA A 2239 -33.04 50.20 8.44
C ALA A 2239 -31.79 50.98 8.04
N PHE A 2240 -31.96 52.06 7.27
CA PHE A 2240 -30.84 52.94 6.93
C PHE A 2240 -30.40 53.86 8.07
N VAL A 2241 -31.23 54.13 9.07
CA VAL A 2241 -30.83 55.07 10.11
C VAL A 2241 -30.24 54.30 11.28
N SER A 2242 -29.24 54.92 11.92
CA SER A 2242 -28.60 54.43 13.12
C SER A 2242 -28.11 55.67 13.87
N GLY A 2243 -27.11 55.50 14.73
CA GLY A 2243 -26.53 56.66 15.39
C GLY A 2243 -25.91 57.64 14.42
N GLY A 2244 -25.10 57.15 13.48
CA GLY A 2244 -24.27 58.02 12.67
C GLY A 2244 -25.04 58.96 11.75
N ILE A 2245 -26.11 58.46 11.14
CA ILE A 2245 -26.89 59.26 10.20
C ILE A 2245 -28.14 59.78 10.88
N ASP A 2246 -28.65 60.90 10.38
CA ASP A 2246 -29.81 61.56 10.97
C ASP A 2246 -31.10 60.81 10.65
N PHE A 2247 -32.09 60.97 11.53
CA PHE A 2247 -33.36 60.28 11.33
C PHE A 2247 -34.15 60.87 10.16
N THR A 2248 -34.04 62.18 9.94
CA THR A 2248 -34.79 62.82 8.87
C THR A 2248 -34.17 62.58 7.50
N THR A 2249 -32.84 62.45 7.43
CA THR A 2249 -32.19 62.23 6.14
C THR A 2249 -32.49 60.84 5.60
N ALA A 2250 -32.75 59.88 6.48
CA ALA A 2250 -33.05 58.51 6.05
C ALA A 2250 -34.33 58.46 5.25
N GLU A 2251 -35.34 59.23 5.65
CA GLU A 2251 -36.60 59.30 4.91
C GLU A 2251 -36.39 59.81 3.48
N THR A 2252 -35.66 60.93 3.36
CA THR A 2252 -35.42 61.53 2.04
C THR A 2252 -34.59 60.60 1.16
N CYS A 2253 -33.55 59.98 1.73
CA CYS A 2253 -32.72 59.07 0.96
C CYS A 2253 -33.47 57.82 0.55
N PHE A 2254 -34.35 57.30 1.43
CA PHE A 2254 -35.13 56.12 1.04
C PHE A 2254 -36.15 56.48 -0.03
N ASP A 2255 -36.76 57.66 0.05
CA ASP A 2255 -37.71 58.07 -0.98
C ASP A 2255 -37.01 58.28 -2.31
N ALA A 2256 -35.80 58.84 -2.29
CA ALA A 2256 -35.01 58.98 -3.51
C ALA A 2256 -34.62 57.62 -4.07
N LEU A 2257 -34.30 56.66 -3.19
CA LEU A 2257 -33.98 55.31 -3.65
C LEU A 2257 -35.18 54.64 -4.29
N LEU A 2258 -36.36 54.78 -3.68
CA LEU A 2258 -37.57 54.17 -4.21
C LEU A 2258 -37.99 54.81 -5.52
N ASN A 2259 -37.73 56.11 -5.69
CA ASN A 2259 -38.18 56.83 -6.88
C ASN A 2259 -37.48 56.38 -8.16
N LEU A 2260 -36.33 55.72 -8.06
CA LEU A 2260 -35.58 55.27 -9.22
C LEU A 2260 -35.77 53.79 -9.52
N GLY A 2261 -36.73 53.13 -8.88
CA GLY A 2261 -36.94 51.72 -9.14
C GLY A 2261 -35.95 50.80 -8.46
N TYR A 2262 -35.23 51.28 -7.45
CA TYR A 2262 -34.33 50.41 -6.70
C TYR A 2262 -35.08 49.41 -5.83
N ILE A 2263 -36.34 49.69 -5.51
CA ILE A 2263 -37.19 48.83 -4.69
C ILE A 2263 -38.52 48.65 -5.40
N ASP A 2264 -38.91 47.40 -5.63
CA ASP A 2264 -40.09 47.08 -6.44
C ASP A 2264 -41.37 46.97 -5.62
N THR A 2265 -41.61 47.97 -4.77
CA THR A 2265 -42.84 48.15 -3.98
C THR A 2265 -43.12 47.01 -3.00
N THR A 2266 -42.20 46.05 -2.88
CA THR A 2266 -42.31 44.97 -1.92
C THR A 2266 -41.27 45.07 -0.81
N GLY A 2267 -40.24 45.90 -1.01
CA GLY A 2267 -39.17 46.04 -0.04
C GLY A 2267 -37.91 45.27 -0.38
N ARG A 2268 -37.90 44.59 -1.51
CA ARG A 2268 -36.78 43.81 -2.01
C ARG A 2268 -35.97 44.67 -2.97
N PRO A 2269 -34.66 44.82 -2.75
CA PRO A 2269 -33.85 45.63 -3.67
C PRO A 2269 -33.86 45.07 -5.08
N VAL A 2270 -33.95 45.97 -6.06
CA VAL A 2270 -34.05 45.56 -7.45
C VAL A 2270 -32.69 45.49 -8.12
N LYS A 2271 -31.74 46.34 -7.70
CA LYS A 2271 -30.38 46.30 -8.21
C LYS A 2271 -29.47 47.01 -7.22
N THR A 2272 -28.17 46.79 -7.38
CA THR A 2272 -27.18 47.32 -6.46
C THR A 2272 -27.10 48.84 -6.56
N PHE A 2273 -26.95 49.49 -5.42
CA PHE A 2273 -26.93 50.95 -5.36
C PHE A 2273 -25.54 51.45 -5.71
N TYR A 2274 -25.34 51.82 -6.98
CA TYR A 2274 -24.13 52.50 -7.41
C TYR A 2274 -24.44 53.98 -7.60
N PRO A 2275 -24.03 54.86 -6.70
CA PRO A 2275 -24.39 56.28 -6.82
C PRO A 2275 -23.79 56.97 -8.04
N ASP A 2276 -22.64 56.48 -8.51
CA ASP A 2276 -22.04 57.04 -9.72
C ASP A 2276 -22.82 56.67 -10.98
N LEU A 2277 -23.77 55.74 -10.90
CA LEU A 2277 -24.68 55.51 -12.00
C LEU A 2277 -25.87 56.46 -11.96
N GLU A 2278 -26.38 56.75 -10.77
CA GLU A 2278 -27.53 57.64 -10.60
C GLU A 2278 -27.06 59.09 -10.66
N THR A 2279 -27.35 59.77 -11.77
CA THR A 2279 -26.88 61.14 -11.95
C THR A 2279 -27.60 62.14 -11.06
N GLY A 2280 -28.88 61.92 -10.77
CA GLY A 2280 -29.63 62.84 -9.95
C GLY A 2280 -30.04 62.24 -8.61
N LEU A 2281 -29.39 62.70 -7.54
CA LEU A 2281 -29.60 62.14 -6.21
C LEU A 2281 -29.26 63.22 -5.20
N PRO A 2282 -29.79 63.13 -3.98
CA PRO A 2282 -29.39 64.07 -2.93
C PRO A 2282 -27.90 63.98 -2.63
N MET A 2283 -27.31 65.14 -2.33
CA MET A 2283 -25.91 65.19 -1.92
C MET A 2283 -25.66 64.49 -0.59
N LYS A 2284 -26.68 64.36 0.25
CA LYS A 2284 -26.54 63.56 1.46
C LYS A 2284 -26.38 62.08 1.12
N CYS A 2285 -27.18 61.56 0.20
CA CYS A 2285 -26.96 60.21 -0.30
C CYS A 2285 -25.64 60.08 -1.04
N ALA A 2286 -25.29 61.07 -1.87
CA ALA A 2286 -24.08 60.98 -2.68
C ALA A 2286 -22.82 61.26 -1.89
N THR A 2287 -22.93 61.66 -0.62
CA THR A 2287 -21.77 61.75 0.25
C THR A 2287 -21.15 60.37 0.40
N PRO A 2288 -19.79 60.25 0.35
CA PRO A 2288 -19.13 58.93 0.35
C PRO A 2288 -19.49 58.00 1.51
N SER A 2289 -19.30 58.44 2.76
CA SER A 2289 -19.56 57.57 3.91
C SER A 2289 -21.03 57.18 3.99
N ASN A 2290 -21.93 58.13 3.70
CA ASN A 2290 -23.35 57.83 3.65
C ASN A 2290 -23.67 56.88 2.53
N TRP A 2291 -22.96 56.97 1.39
CA TRP A 2291 -23.11 56.01 0.32
C TRP A 2291 -22.74 54.60 0.79
N ARG A 2292 -21.60 54.46 1.46
CA ARG A 2292 -21.18 53.14 1.94
C ARG A 2292 -22.20 52.56 2.90
N TYR A 2293 -22.67 53.37 3.87
CA TYR A 2293 -23.61 52.87 4.86
C TYR A 2293 -24.96 52.54 4.24
N ILE A 2294 -25.45 53.40 3.35
CA ILE A 2294 -26.76 53.20 2.73
C ILE A 2294 -26.75 51.95 1.84
N SER A 2295 -25.70 51.79 1.02
CA SER A 2295 -25.62 50.61 0.17
C SER A 2295 -25.45 49.34 0.99
N GLU A 2296 -24.64 49.39 2.05
CA GLU A 2296 -24.43 48.23 2.92
C GLU A 2296 -25.72 47.81 3.61
N LYS A 2297 -26.48 48.78 4.12
CA LYS A 2297 -27.72 48.44 4.82
C LYS A 2297 -28.81 48.01 3.84
N MET A 2298 -28.83 48.59 2.63
CA MET A 2298 -29.75 48.15 1.60
C MET A 2298 -29.45 46.71 1.17
N LEU A 2299 -28.17 46.32 1.19
CA LEU A 2299 -27.84 44.94 0.83
C LEU A 2299 -28.06 43.96 1.98
N GLU A 2300 -27.85 44.40 3.22
CA GLU A 2300 -27.97 43.47 4.35
C GLU A 2300 -29.43 43.23 4.73
N GLN A 2301 -30.16 44.30 5.04
CA GLN A 2301 -31.55 44.14 5.44
C GLN A 2301 -32.48 43.85 4.25
N GLY A 2302 -32.01 44.09 3.03
CA GLY A 2302 -32.82 43.74 1.87
C GLY A 2302 -32.67 42.27 1.48
N TYR A 2303 -33.71 41.75 0.84
CA TYR A 2303 -33.77 40.35 0.43
C TYR A 2303 -34.06 40.25 -1.06
N PRO A 2304 -33.03 40.33 -1.90
CA PRO A 2304 -33.26 40.36 -3.35
C PRO A 2304 -33.68 38.99 -3.88
N GLU A 2305 -34.47 39.03 -4.96
CA GLU A 2305 -34.94 37.79 -5.58
C GLU A 2305 -33.82 37.04 -6.29
N HIS A 2306 -32.94 37.75 -6.98
CA HIS A 2306 -31.76 37.16 -7.58
C HIS A 2306 -30.52 37.79 -6.98
N TYR A 2307 -29.46 36.99 -6.89
CA TYR A 2307 -28.16 37.43 -6.39
C TYR A 2307 -27.14 36.37 -6.79
N GLY A 2308 -25.89 36.61 -6.45
CA GLY A 2308 -24.86 35.63 -6.75
C GLY A 2308 -23.48 36.25 -6.74
N HIS A 2309 -22.51 35.47 -7.21
CA HIS A 2309 -21.16 35.96 -7.41
C HIS A 2309 -20.54 35.35 -8.66
N ALA A 2310 -19.67 36.13 -9.30
CA ALA A 2310 -18.84 35.68 -10.41
C ALA A 2310 -17.39 35.72 -9.93
N TYR A 2311 -16.69 34.60 -10.08
CA TYR A 2311 -15.43 34.39 -9.39
C TYR A 2311 -14.22 34.54 -10.29
N ASP A 2312 -13.06 34.71 -9.65
CA ASP A 2312 -11.79 34.79 -10.35
C ASP A 2312 -10.73 34.23 -9.42
N TYR A 2313 -9.89 33.35 -9.96
CA TYR A 2313 -8.93 32.54 -9.20
C TYR A 2313 -7.50 32.95 -9.49
N GLY A 2314 -6.61 32.64 -8.54
CA GLY A 2314 -5.23 33.03 -8.60
C GLY A 2314 -4.29 31.90 -8.95
N SER A 2315 -3.00 32.13 -8.70
CA SER A 2315 -1.95 31.18 -9.07
C SER A 2315 -1.90 29.96 -8.15
N HIS A 2316 -2.30 30.09 -6.90
CA HIS A 2316 -2.25 28.98 -5.96
C HIS A 2316 -3.57 28.20 -5.92
N GLY A 2317 -4.47 28.43 -6.87
CA GLY A 2317 -5.77 27.80 -6.86
C GLY A 2317 -6.78 28.46 -5.94
N GLU A 2318 -6.39 29.51 -5.22
CA GLU A 2318 -7.29 30.21 -4.33
C GLU A 2318 -8.10 31.26 -5.08
N LEU A 2319 -9.15 31.74 -4.44
CA LEU A 2319 -10.14 32.60 -5.06
C LEU A 2319 -9.79 34.06 -4.75
N ILE A 2320 -9.30 34.78 -5.75
CA ILE A 2320 -8.79 36.13 -5.51
C ILE A 2320 -9.82 37.23 -5.75
N ALA A 2321 -10.95 36.92 -6.38
CA ALA A 2321 -11.95 37.96 -6.63
C ALA A 2321 -13.34 37.35 -6.75
N ALA A 2322 -14.36 38.15 -6.40
CA ALA A 2322 -15.75 37.73 -6.61
C ALA A 2322 -16.66 38.94 -6.68
N LYS A 2323 -17.27 39.15 -7.84
CA LYS A 2323 -18.14 40.30 -8.12
C LYS A 2323 -19.60 39.89 -8.06
N SER A 2324 -20.41 40.61 -7.29
CA SER A 2324 -21.81 40.25 -7.07
C SER A 2324 -22.74 40.93 -8.08
N PHE A 2325 -23.85 40.26 -8.35
CA PHE A 2325 -24.92 40.77 -9.22
C PHE A 2325 -26.23 40.60 -8.45
N VAL A 2326 -26.54 41.60 -7.61
CA VAL A 2326 -27.74 41.57 -6.80
C VAL A 2326 -28.99 41.93 -7.60
N GLY A 2327 -28.84 42.53 -8.76
CA GLY A 2327 -29.99 42.92 -9.55
C GLY A 2327 -30.26 41.99 -10.70
N LYS A 2328 -30.78 42.57 -11.79
CA LYS A 2328 -31.04 41.86 -13.03
C LYS A 2328 -29.75 41.78 -13.84
N GLU A 2329 -28.68 42.29 -13.23
CA GLU A 2329 -27.32 42.32 -13.78
C GLU A 2329 -26.83 40.95 -14.23
N LYS A 2330 -27.35 39.87 -13.62
CA LYS A 2330 -27.03 38.48 -13.92
C LYS A 2330 -26.91 38.18 -15.42
N ASP A 2331 -27.78 38.78 -16.25
CA ASP A 2331 -27.68 38.60 -17.69
C ASP A 2331 -26.55 39.42 -18.30
N SER A 2332 -26.40 40.68 -17.90
CA SER A 2332 -25.41 41.58 -18.48
C SER A 2332 -24.64 42.25 -17.35
N LEU A 2333 -23.57 41.59 -16.90
CA LEU A 2333 -22.61 42.17 -15.98
C LEU A 2333 -21.58 42.97 -16.78
N THR A 2334 -20.76 43.73 -16.06
CA THR A 2334 -19.70 44.47 -16.71
C THR A 2334 -18.50 43.55 -16.94
N ALA A 2335 -17.37 44.14 -17.31
CA ALA A 2335 -16.12 43.43 -17.52
C ALA A 2335 -15.04 44.01 -16.62
N PRO A 2336 -14.01 43.23 -16.27
CA PRO A 2336 -12.91 43.80 -15.49
C PRO A 2336 -12.24 44.93 -16.25
N LEU A 2337 -11.85 45.97 -15.51
CA LEU A 2337 -11.28 47.17 -16.12
C LEU A 2337 -10.03 46.86 -16.93
N SER A 2338 -9.11 46.09 -16.35
CA SER A 2338 -7.85 45.74 -17.01
C SER A 2338 -8.09 45.09 -18.37
N LYS A 2339 -7.28 45.48 -19.36
CA LYS A 2339 -7.29 44.92 -20.71
C LYS A 2339 -8.65 45.00 -21.40
N ALA A 2340 -9.49 45.96 -21.00
CA ALA A 2340 -10.80 46.16 -21.60
C ALA A 2340 -10.69 46.36 -23.12
N SER A 2341 -11.71 45.87 -23.82
CA SER A 2341 -11.62 45.58 -25.24
C SER A 2341 -11.73 46.80 -26.14
N PHE A 2342 -11.02 47.89 -25.82
CA PHE A 2342 -11.15 49.12 -26.61
C PHE A 2342 -10.49 49.04 -28.01
N ALA A 2343 -10.08 47.88 -28.53
CA ALA A 2343 -10.01 47.70 -29.97
C ALA A 2343 -11.34 48.00 -30.64
N ASN A 2344 -12.45 47.76 -29.93
CA ASN A 2344 -13.78 48.16 -30.38
C ASN A 2344 -14.02 49.65 -30.27
N ALA A 2345 -13.11 50.41 -29.64
CA ALA A 2345 -13.34 51.84 -29.45
C ALA A 2345 -13.16 52.62 -30.73
N GLY A 2346 -12.48 52.08 -31.73
CA GLY A 2346 -12.27 52.74 -33.00
C GLY A 2346 -10.87 53.22 -33.30
N MET A 2347 -9.87 52.82 -32.52
CA MET A 2347 -8.48 53.15 -32.81
C MET A 2347 -7.70 51.87 -33.04
N LYS A 2348 -6.58 52.01 -33.75
CA LYS A 2348 -5.79 50.87 -34.18
C LYS A 2348 -5.07 50.23 -33.00
N SER A 2349 -4.55 49.02 -33.24
CA SER A 2349 -3.88 48.24 -32.20
C SER A 2349 -2.62 48.93 -31.70
N HIS A 2350 -1.82 49.47 -32.61
CA HIS A 2350 -0.65 50.26 -32.19
C HIS A 2350 -1.07 51.55 -31.50
N GLU A 2351 -2.20 52.13 -31.90
CA GLU A 2351 -2.71 53.31 -31.21
C GLU A 2351 -3.32 52.92 -29.87
N LEU A 2352 -3.94 51.74 -29.81
CA LEU A 2352 -4.53 51.23 -28.58
C LEU A 2352 -3.47 50.95 -27.52
N ASP A 2353 -2.32 50.40 -27.92
CA ASP A 2353 -1.32 50.02 -26.92
C ASP A 2353 -0.75 51.25 -26.21
N ARG A 2354 -0.43 52.31 -26.97
CA ARG A 2354 0.08 53.53 -26.35
C ARG A 2354 -1.03 54.23 -25.57
N PHE A 2355 -2.27 54.13 -26.06
CA PHE A 2355 -3.39 54.79 -25.41
C PHE A 2355 -3.69 54.12 -24.06
N TRP A 2356 -3.67 52.78 -24.04
CA TRP A 2356 -3.92 52.06 -22.79
C TRP A 2356 -2.75 52.20 -21.83
N ASP A 2357 -1.51 52.24 -22.33
CA ASP A 2357 -0.39 52.45 -21.42
C ASP A 2357 -0.45 53.82 -20.75
N SER A 2358 -0.86 54.85 -21.50
CA SER A 2358 -0.95 56.18 -20.91
C SER A 2358 -2.14 56.29 -19.98
N LEU A 2359 -3.28 55.69 -20.36
CA LEU A 2359 -4.46 55.87 -19.53
C LEU A 2359 -4.34 55.02 -18.27
N SER A 2360 -3.78 53.81 -18.39
CA SER A 2360 -3.56 52.93 -17.25
C SER A 2360 -2.52 53.51 -16.31
N ARG A 2361 -1.64 54.38 -16.82
CA ARG A 2361 -0.71 55.07 -15.94
C ARG A 2361 -1.30 56.34 -15.34
N SER A 2362 -2.39 56.87 -15.91
CA SER A 2362 -2.95 58.13 -15.45
C SER A 2362 -4.27 58.02 -14.69
N ILE A 2363 -4.95 56.87 -14.73
CA ILE A 2363 -6.12 56.62 -13.89
C ILE A 2363 -5.73 55.93 -12.60
N ASN A 2364 -6.15 56.51 -11.47
CA ASN A 2364 -6.27 55.77 -10.20
C ASN A 2364 -7.70 55.26 -10.16
N LYS A 2365 -7.86 53.96 -10.41
CA LYS A 2365 -9.18 53.36 -10.59
C LYS A 2365 -10.06 53.42 -9.34
N VAL A 2366 -9.46 53.34 -8.15
CA VAL A 2366 -10.26 53.32 -6.92
C VAL A 2366 -11.01 54.64 -6.68
N GLU A 2367 -10.60 55.73 -7.33
CA GLU A 2367 -11.35 56.98 -7.24
C GLU A 2367 -12.62 56.97 -8.07
N GLY A 2368 -12.81 55.98 -8.95
CA GLY A 2368 -13.96 55.97 -9.82
C GLY A 2368 -13.85 56.96 -10.97
N THR A 2369 -14.98 57.58 -11.31
CA THR A 2369 -14.98 58.54 -12.41
C THR A 2369 -14.24 59.82 -12.07
N LYS A 2370 -13.81 59.98 -10.80
CA LYS A 2370 -13.02 61.13 -10.42
C LYS A 2370 -11.70 61.09 -11.17
N ALA A 2371 -11.19 59.89 -11.45
CA ALA A 2371 -9.90 59.79 -12.12
C ALA A 2371 -9.96 60.30 -13.56
N ILE A 2372 -11.16 60.47 -14.13
CA ILE A 2372 -11.25 61.02 -15.48
C ILE A 2372 -10.84 62.49 -15.52
N PHE A 2373 -11.01 63.22 -14.42
CA PHE A 2373 -10.78 64.66 -14.41
C PHE A 2373 -9.49 65.04 -13.70
N GLU A 2374 -8.95 66.19 -14.10
CA GLU A 2374 -7.76 66.77 -13.48
C GLU A 2374 -8.13 67.62 -12.27
N GLY A 2375 -7.26 67.60 -11.27
CA GLY A 2375 -7.41 68.48 -10.13
C GLY A 2375 -8.63 68.23 -9.27
N THR A 2376 -9.04 66.98 -9.13
CA THR A 2376 -10.21 66.65 -8.31
C THR A 2376 -9.93 66.80 -6.82
N GLN A 2377 -8.66 66.88 -6.42
CA GLN A 2377 -8.33 67.06 -5.01
C GLN A 2377 -8.74 68.43 -4.51
N GLN A 2378 -8.64 69.46 -5.36
CA GLN A 2378 -8.98 70.82 -4.97
C GLN A 2378 -10.48 71.08 -4.91
N LEU A 2379 -11.30 70.25 -5.56
CA LEU A 2379 -12.74 70.48 -5.60
C LEU A 2379 -13.52 69.72 -4.54
N THR A 2380 -12.85 68.95 -3.67
CA THR A 2380 -13.56 68.19 -2.65
C THR A 2380 -14.16 69.06 -1.54
N THR A 2381 -13.82 70.35 -1.49
CA THR A 2381 -14.31 71.25 -0.44
C THR A 2381 -15.69 71.78 -0.80
N GLY A 2382 -16.70 71.00 -0.48
CA GLY A 2382 -18.08 71.40 -0.69
C GLY A 2382 -18.96 70.22 -1.05
N LEU A 2383 -20.25 70.37 -0.76
CA LEU A 2383 -21.23 69.34 -1.12
C LEU A 2383 -21.43 69.27 -2.63
N VAL A 2384 -21.47 70.43 -3.29
CA VAL A 2384 -21.62 70.46 -4.74
C VAL A 2384 -20.37 69.90 -5.42
N GLY A 2385 -19.19 70.26 -4.91
CA GLY A 2385 -17.93 69.86 -5.53
C GLY A 2385 -17.66 68.38 -5.51
N SER A 2386 -18.24 67.66 -4.55
CA SER A 2386 -18.04 66.21 -4.46
C SER A 2386 -18.89 65.41 -5.43
N VAL A 2387 -19.84 66.04 -6.12
CA VAL A 2387 -20.80 65.28 -6.93
C VAL A 2387 -20.83 65.79 -8.37
N ILE A 2388 -20.17 66.92 -8.65
CA ILE A 2388 -20.32 67.61 -9.93
C ILE A 2388 -19.68 66.80 -11.08
N HIS A 2389 -18.77 65.87 -10.76
CA HIS A 2389 -18.11 65.08 -11.80
C HIS A 2389 -19.08 64.19 -12.59
N LYS A 2390 -20.23 63.86 -12.02
CA LYS A 2390 -21.21 63.05 -12.75
C LYS A 2390 -22.05 63.87 -13.73
N PRO A 2391 -22.67 65.00 -13.37
CA PRO A 2391 -23.30 65.81 -14.42
C PRO A 2391 -22.30 66.35 -15.42
N LYS A 2392 -21.05 66.62 -14.99
CA LYS A 2392 -20.04 67.07 -15.95
C LYS A 2392 -19.72 65.96 -16.95
N LEU A 2393 -19.62 64.72 -16.49
CA LEU A 2393 -19.43 63.59 -17.40
C LEU A 2393 -20.64 63.40 -18.31
N GLU A 2394 -21.84 63.51 -17.75
CA GLU A 2394 -23.05 63.25 -18.53
C GLU A 2394 -23.27 64.34 -19.57
N SER A 2395 -22.97 65.60 -19.24
CA SER A 2395 -23.05 66.70 -20.18
C SER A 2395 -21.88 66.72 -21.15
N LEU A 2396 -20.82 65.94 -20.90
CA LEU A 2396 -19.70 65.89 -21.83
C LEU A 2396 -20.12 65.25 -23.15
N LEU A 2397 -20.78 64.09 -23.08
CA LEU A 2397 -21.08 63.30 -24.26
C LEU A 2397 -22.57 63.06 -24.47
N GLU A 2398 -23.31 62.74 -23.42
CA GLU A 2398 -24.70 62.31 -23.53
C GLU A 2398 -25.67 63.48 -23.49
N GLY A 2399 -25.35 64.53 -22.75
CA GLY A 2399 -26.29 65.62 -22.62
C GLY A 2399 -27.46 65.22 -21.74
N LYS A 2400 -28.53 66.00 -21.83
CA LYS A 2400 -29.81 65.78 -21.14
C LYS A 2400 -29.53 65.75 -19.63
N GLY A 2401 -30.01 64.74 -18.90
CA GLY A 2401 -29.78 64.71 -17.47
C GLY A 2401 -30.50 65.85 -16.79
N GLY A 2402 -29.74 66.62 -16.01
CA GLY A 2402 -30.31 67.82 -15.40
C GLY A 2402 -30.51 68.93 -16.41
N ASP A 2403 -29.57 69.06 -17.36
CA ASP A 2403 -29.56 70.09 -18.40
C ASP A 2403 -29.55 71.49 -17.78
N SER A 2404 -28.51 71.75 -16.99
CA SER A 2404 -28.20 73.01 -16.31
C SER A 2404 -29.21 73.39 -15.24
N SER A 2405 -30.20 72.55 -14.96
CA SER A 2405 -31.20 72.81 -13.92
C SER A 2405 -31.18 71.71 -12.86
N ILE A 2406 -30.03 71.08 -12.64
CA ILE A 2406 -29.93 69.89 -11.80
C ILE A 2406 -29.76 70.25 -10.33
N CYS A 2407 -29.55 71.53 -10.02
CA CYS A 2407 -29.38 71.97 -8.64
C CYS A 2407 -30.65 71.75 -7.82
N THR A 2408 -31.81 72.02 -8.42
CA THR A 2408 -33.08 71.81 -7.74
C THR A 2408 -33.33 70.31 -7.47
N PRO A 2409 -33.10 69.37 -8.42
CA PRO A 2409 -33.18 67.96 -8.02
C PRO A 2409 -32.18 67.55 -6.96
N TRP A 2410 -31.00 68.18 -6.90
CA TRP A 2410 -30.01 67.77 -5.91
C TRP A 2410 -30.47 68.06 -4.49
N SER A 2411 -31.04 69.23 -4.25
CA SER A 2411 -31.50 69.62 -2.92
C SER A 2411 -32.92 69.12 -2.67
N SER A 2412 -33.05 67.79 -2.55
CA SER A 2412 -34.33 67.23 -2.14
C SER A 2412 -34.63 67.55 -0.68
N GLY A 2413 -33.62 67.46 0.18
CA GLY A 2413 -33.76 67.64 1.61
C GLY A 2413 -33.55 69.05 2.13
N ASP A 2414 -33.33 70.02 1.25
CA ASP A 2414 -33.15 71.40 1.69
C ASP A 2414 -33.61 72.34 0.57
N ARG A 2415 -33.95 73.57 0.97
CA ARG A 2415 -34.31 74.64 0.05
C ARG A 2415 -33.23 75.72 -0.06
N THR A 2416 -32.59 76.05 1.06
CA THR A 2416 -31.50 77.02 1.08
C THR A 2416 -30.32 76.57 0.23
N GLU A 2417 -30.02 75.26 0.27
CA GLU A 2417 -28.85 74.71 -0.42
C GLU A 2417 -28.90 74.89 -1.93
N GLU A 2418 -30.10 75.06 -2.51
CA GLU A 2418 -30.22 75.29 -3.95
C GLU A 2418 -29.54 76.59 -4.39
N ALA A 2419 -29.65 77.67 -3.58
CA ALA A 2419 -28.98 78.91 -3.94
C ALA A 2419 -27.46 78.77 -3.90
N LYS A 2420 -26.94 78.05 -2.90
CA LYS A 2420 -25.49 77.81 -2.86
C LYS A 2420 -25.08 76.92 -4.04
N CYS A 2421 -25.96 76.01 -4.44
CA CYS A 2421 -25.66 75.13 -5.55
C CYS A 2421 -25.53 75.95 -6.81
N LYS A 2422 -26.47 76.88 -7.02
CA LYS A 2422 -26.47 77.68 -8.24
C LYS A 2422 -25.25 78.60 -8.28
N ARG A 2423 -24.81 79.10 -7.12
CA ARG A 2423 -23.60 79.90 -7.08
C ARG A 2423 -22.34 79.08 -7.40
N GLU A 2424 -22.25 77.86 -6.88
CA GLU A 2424 -21.04 77.05 -7.02
C GLU A 2424 -21.04 76.13 -8.24
N TYR A 2425 -22.19 75.97 -8.90
CA TYR A 2425 -22.32 75.04 -10.03
C TYR A 2425 -21.47 75.45 -11.21
N GLN A 2426 -21.56 76.72 -11.63
CA GLN A 2426 -20.82 77.12 -12.82
C GLN A 2426 -19.32 77.13 -12.58
N GLN A 2427 -18.89 77.46 -11.36
CA GLN A 2427 -17.48 77.41 -11.01
C GLN A 2427 -16.94 75.98 -11.00
N ALA A 2428 -17.72 75.03 -10.44
CA ALA A 2428 -17.24 73.66 -10.43
C ALA A 2428 -17.35 73.01 -11.79
N PHE A 2429 -18.33 73.44 -12.60
CA PHE A 2429 -18.47 72.93 -13.96
C PHE A 2429 -17.30 73.37 -14.82
N ASP A 2430 -16.89 74.65 -14.68
CA ASP A 2430 -15.83 75.18 -15.52
C ASP A 2430 -14.45 74.74 -15.07
N LYS A 2431 -14.25 74.50 -13.76
CA LYS A 2431 -12.89 74.15 -13.32
C LYS A 2431 -12.53 72.71 -13.68
N LEU A 2432 -13.51 71.81 -13.80
CA LEU A 2432 -13.27 70.41 -14.12
C LEU A 2432 -12.75 70.27 -15.54
N LYS A 2433 -11.44 70.05 -15.69
CA LYS A 2433 -10.82 69.84 -16.99
C LYS A 2433 -10.32 68.39 -17.11
N LEU A 2434 -10.43 67.84 -18.30
CA LEU A 2434 -10.09 66.45 -18.56
C LEU A 2434 -8.58 66.23 -18.53
N LYS A 2435 -8.21 64.97 -18.26
CA LYS A 2435 -6.82 64.52 -18.33
C LYS A 2435 -6.25 64.69 -19.73
N GLN A 2436 -4.95 64.96 -19.80
CA GLN A 2436 -4.28 65.21 -21.08
C GLN A 2436 -4.34 64.00 -22.01
N VAL A 2437 -4.39 62.79 -21.44
CA VAL A 2437 -4.47 61.58 -22.25
C VAL A 2437 -5.79 61.54 -23.03
N ILE A 2438 -6.92 61.74 -22.35
CA ILE A 2438 -8.20 61.72 -23.04
C ILE A 2438 -8.41 62.98 -23.88
N GLN A 2439 -7.78 64.10 -23.50
CA GLN A 2439 -7.76 65.28 -24.38
C GLN A 2439 -7.06 64.97 -25.69
N SER A 2440 -5.99 64.16 -25.66
CA SER A 2440 -5.27 63.84 -26.88
C SER A 2440 -6.04 62.92 -27.81
N LEU A 2441 -7.08 62.24 -27.32
CA LEU A 2441 -7.98 61.47 -28.18
C LEU A 2441 -8.86 62.40 -29.02
N GLN A 2442 -9.75 61.79 -29.80
CA GLN A 2442 -10.55 62.49 -30.79
C GLN A 2442 -12.03 62.22 -30.58
N GLU A 2443 -12.85 63.18 -31.04
CA GLU A 2443 -14.30 63.12 -30.92
C GLU A 2443 -14.98 61.83 -31.42
N PRO A 2444 -14.65 61.27 -32.60
CA PRO A 2444 -15.33 60.02 -33.01
C PRO A 2444 -15.05 58.82 -32.12
N VAL A 2445 -14.03 58.88 -31.27
CA VAL A 2445 -13.89 57.91 -30.19
C VAL A 2445 -14.80 58.31 -29.02
N ARG A 2446 -14.68 59.55 -28.56
CA ARG A 2446 -15.35 60.04 -27.36
C ARG A 2446 -16.87 60.12 -27.47
N LYS A 2447 -17.42 59.90 -28.68
CA LYS A 2447 -18.88 59.89 -28.91
C LYS A 2447 -19.65 59.08 -27.87
N ASN A 2448 -19.22 57.84 -27.61
CA ASN A 2448 -19.97 56.96 -26.71
C ASN A 2448 -19.05 56.25 -25.71
N VAL A 2449 -17.78 56.09 -26.09
CA VAL A 2449 -16.82 55.27 -25.35
C VAL A 2449 -16.69 55.70 -23.90
N LEU A 2450 -16.71 57.01 -23.63
CA LEU A 2450 -16.57 57.48 -22.25
C LEU A 2450 -17.79 57.17 -21.38
N ARG A 2451 -18.94 56.88 -21.98
CA ARG A 2451 -20.11 56.46 -21.20
C ARG A 2451 -19.90 55.06 -20.63
N ILE A 2452 -19.51 54.11 -21.48
CA ILE A 2452 -19.27 52.76 -21.01
C ILE A 2452 -18.01 52.72 -20.14
N LEU A 2453 -17.01 53.55 -20.47
CA LEU A 2453 -15.85 53.75 -19.60
C LEU A 2453 -16.28 54.17 -18.20
N LYS A 2454 -17.23 55.10 -18.09
CA LYS A 2454 -17.74 55.48 -16.78
C LYS A 2454 -18.54 54.37 -16.13
N ASN A 2455 -19.23 53.55 -16.93
CA ASN A 2455 -19.96 52.41 -16.38
C ASN A 2455 -19.02 51.38 -15.75
N THR A 2456 -17.90 51.08 -16.41
CA THR A 2456 -16.95 50.13 -15.86
C THR A 2456 -16.16 50.73 -14.71
N LEU A 2457 -15.83 52.01 -14.79
CA LEU A 2457 -15.00 52.61 -13.75
C LEU A 2457 -15.83 52.93 -12.51
N ALA A 2458 -17.15 53.07 -12.66
CA ALA A 2458 -18.07 53.20 -11.54
C ALA A 2458 -18.39 51.86 -10.91
N SER A 2459 -18.54 50.80 -11.71
CA SER A 2459 -19.07 49.54 -11.21
C SER A 2459 -18.00 48.52 -10.88
N MET A 2460 -16.72 48.84 -11.12
CA MET A 2460 -15.60 47.93 -10.88
C MET A 2460 -15.56 47.44 -9.42
N LEU A 2461 -14.77 46.38 -9.22
CA LEU A 2461 -14.88 45.40 -8.14
C LEU A 2461 -14.79 45.99 -6.72
N GLY A 2462 -14.34 47.23 -6.57
CA GLY A 2462 -14.39 47.84 -5.24
C GLY A 2462 -15.76 48.18 -4.72
N ASN A 2463 -16.75 48.39 -5.59
CA ASN A 2463 -17.88 49.26 -5.26
C ASN A 2463 -19.16 48.55 -4.88
N SER A 2464 -19.26 47.22 -5.03
CA SER A 2464 -20.41 46.58 -4.41
C SER A 2464 -20.15 46.26 -2.94
N PRO A 2465 -21.18 46.28 -2.11
CA PRO A 2465 -21.02 45.77 -0.74
C PRO A 2465 -20.94 44.25 -0.65
N GLY A 2466 -21.32 43.52 -1.69
CA GLY A 2466 -20.97 42.12 -1.78
C GLY A 2466 -19.76 41.89 -2.65
N ASP A 2467 -18.56 41.87 -2.07
CA ASP A 2467 -17.33 41.74 -2.84
C ASP A 2467 -16.22 41.23 -1.93
N VAL A 2468 -15.50 40.22 -2.38
CA VAL A 2468 -14.25 39.81 -1.75
C VAL A 2468 -13.14 39.91 -2.79
N GLU A 2469 -11.98 40.38 -2.33
CA GLU A 2469 -10.83 40.54 -3.23
C GLU A 2469 -9.56 40.34 -2.42
N SER A 2470 -8.46 40.02 -3.12
CA SER A 2470 -7.11 40.07 -2.55
C SER A 2470 -6.09 40.59 -3.57
N PHE A 2471 -5.69 41.86 -3.43
CA PHE A 2471 -4.95 42.54 -4.50
C PHE A 2471 -3.53 41.99 -4.64
N SER A 2472 -2.79 41.96 -3.53
CA SER A 2472 -1.39 41.59 -3.53
C SER A 2472 -1.18 40.38 -2.64
N ILE A 2473 -0.34 39.45 -3.10
CA ILE A 2473 -0.23 38.13 -2.51
C ILE A 2473 1.25 37.75 -2.50
N ASP A 2474 1.75 37.30 -1.33
CA ASP A 2474 3.05 36.66 -1.22
C ASP A 2474 3.13 35.42 -2.11
N PRO A 2475 4.33 35.01 -2.54
CA PRO A 2475 4.48 33.69 -3.19
C PRO A 2475 4.00 32.53 -2.35
N ASN A 2476 4.02 32.64 -1.02
CA ASN A 2476 3.42 31.64 -0.14
C ASN A 2476 1.91 31.73 -0.06
N GLY A 2477 1.28 32.61 -0.81
CA GLY A 2477 -0.16 32.77 -0.81
C GLY A 2477 -0.73 33.61 0.32
N ASN A 2478 0.10 34.31 1.09
CA ASN A 2478 -0.37 35.26 2.09
C ASN A 2478 -0.79 36.55 1.40
N HIS A 2479 -2.09 36.86 1.44
CA HIS A 2479 -2.58 38.05 0.75
C HIS A 2479 -2.23 39.29 1.58
N GLY A 2480 -1.51 40.23 0.96
CA GLY A 2480 -1.09 41.44 1.65
C GLY A 2480 -2.20 42.44 1.91
N VAL A 2481 -3.23 42.45 1.08
CA VAL A 2481 -4.50 43.09 1.41
C VAL A 2481 -5.62 42.16 0.97
N PHE A 2482 -6.62 42.02 1.83
CA PHE A 2482 -7.86 41.30 1.53
C PHE A 2482 -9.02 42.18 1.93
N TYR A 2483 -10.13 42.11 1.19
CA TYR A 2483 -11.30 42.82 1.67
C TYR A 2483 -12.55 41.97 1.46
N THR A 2484 -13.52 42.26 2.33
CA THR A 2484 -14.87 41.72 2.27
C THR A 2484 -15.83 42.90 2.35
N GLY A 2485 -16.64 43.08 1.30
CA GLY A 2485 -17.53 44.23 1.27
C GLY A 2485 -16.75 45.53 1.21
N PHE A 2486 -17.10 46.44 2.11
CA PHE A 2486 -16.36 47.68 2.29
C PHE A 2486 -15.30 47.57 3.39
N LYS A 2487 -15.15 46.40 4.01
CA LYS A 2487 -14.19 46.23 5.08
C LYS A 2487 -12.87 45.70 4.50
N ARG A 2488 -11.84 46.54 4.55
CA ARG A 2488 -10.56 46.32 3.89
C ARG A 2488 -9.48 46.10 4.94
N PHE A 2489 -8.93 44.89 5.00
CA PHE A 2489 -7.84 44.60 5.94
C PHE A 2489 -6.53 44.51 5.16
N GLU A 2490 -5.60 45.39 5.49
CA GLU A 2490 -4.28 45.40 4.87
C GLU A 2490 -3.29 44.74 5.83
N LEU A 2491 -2.75 43.59 5.42
CA LEU A 2491 -1.96 42.74 6.31
C LEU A 2491 -0.50 42.78 5.89
N LYS A 2492 0.37 43.20 6.81
CA LYS A 2492 1.80 43.09 6.60
C LYS A 2492 2.32 41.92 7.40
N TYR A 2493 3.01 41.01 6.73
CA TYR A 2493 3.46 39.74 7.29
C TYR A 2493 4.87 39.86 7.85
N LYS A 2494 5.18 38.99 8.82
CA LYS A 2494 6.47 38.99 9.47
C LYS A 2494 7.58 38.54 8.51
N HIS A 2495 8.83 38.81 8.91
CA HIS A 2495 9.97 38.78 8.01
C HIS A 2495 10.19 37.40 7.39
N GLN A 2496 10.46 36.39 8.22
CA GLN A 2496 10.82 35.07 7.72
C GLN A 2496 9.73 34.04 7.97
N LYS A 2497 8.56 34.46 8.41
CA LYS A 2497 7.47 33.57 8.77
C LYS A 2497 6.25 33.87 7.90
N ASN A 2498 5.21 33.06 8.06
CA ASN A 2498 3.94 33.26 7.37
C ASN A 2498 2.90 33.90 8.28
N GLN A 2499 3.30 34.30 9.49
CA GLN A 2499 2.40 34.94 10.44
C GLN A 2499 2.14 36.38 10.04
N ILE A 2500 1.15 36.99 10.69
CA ILE A 2500 0.78 38.38 10.45
C ILE A 2500 1.54 39.27 11.43
N ALA A 2501 2.26 40.26 10.90
CA ALA A 2501 2.92 41.23 11.77
C ALA A 2501 1.96 42.34 12.17
N THR A 2502 1.30 42.97 11.20
CA THR A 2502 0.40 44.09 11.47
C THR A 2502 -0.84 44.00 10.58
N ILE A 2503 -1.94 44.56 11.08
CA ILE A 2503 -3.21 44.63 10.38
C ILE A 2503 -3.69 46.07 10.41
N LYS A 2504 -4.05 46.62 9.24
CA LYS A 2504 -4.66 47.93 9.13
C LYS A 2504 -6.13 47.75 8.76
N GLU A 2505 -7.01 48.43 9.50
CA GLU A 2505 -8.43 48.12 9.51
C GLU A 2505 -9.18 48.67 8.29
N GLY A 2506 -8.66 49.69 7.63
CA GLY A 2506 -9.37 50.21 6.46
C GLY A 2506 -8.84 51.58 6.08
N THR A 2507 -9.78 52.41 5.57
CA THR A 2507 -9.46 53.77 5.17
C THR A 2507 -8.99 54.60 6.36
N LYS A 2508 -9.49 54.31 7.56
CA LYS A 2508 -9.00 54.95 8.77
C LYS A 2508 -7.53 54.64 9.02
N GLN A 2509 -7.09 53.44 8.61
CA GLN A 2509 -5.70 52.97 8.77
C GLN A 2509 -5.24 52.96 10.22
N GLN A 2510 -6.18 52.73 11.15
CA GLN A 2510 -5.82 52.58 12.55
C GLN A 2510 -5.22 51.19 12.78
N GLU A 2511 -4.11 51.14 13.50
CA GLU A 2511 -3.32 49.93 13.64
C GLU A 2511 -3.87 49.10 14.78
N LYS A 2512 -4.51 47.97 14.45
CA LYS A 2512 -4.94 46.99 15.43
C LYS A 2512 -3.91 45.87 15.48
N MET A 2513 -3.57 45.42 16.68
CA MET A 2513 -2.47 44.50 16.84
C MET A 2513 -2.95 43.05 16.87
N ILE A 2514 -2.03 42.14 16.53
CA ILE A 2514 -2.28 40.71 16.56
C ILE A 2514 -0.96 40.02 16.89
N VAL A 2515 -0.98 39.16 17.90
CA VAL A 2515 0.23 38.51 18.39
C VAL A 2515 -0.05 37.02 18.55
N HIS A 2516 0.88 36.20 18.07
CA HIS A 2516 0.82 34.75 18.01
C HIS A 2516 1.57 34.14 19.20
N ASP A 2517 1.73 32.82 19.17
CA ASP A 2517 2.42 32.06 20.21
C ASP A 2517 3.75 31.54 19.67
N ASP A 2518 4.42 30.72 20.47
CA ASP A 2518 5.66 30.08 20.04
C ASP A 2518 5.41 28.94 19.06
N GLU A 2519 4.25 28.30 19.14
CA GLU A 2519 3.88 27.23 18.21
C GLU A 2519 3.04 27.75 17.05
N GLY A 2520 2.89 29.07 16.91
CA GLY A 2520 2.27 29.67 15.76
C GLY A 2520 0.81 30.06 15.93
N ASN A 2521 0.14 29.56 16.96
CA ASN A 2521 -1.27 29.87 17.14
C ASN A 2521 -1.43 31.31 17.63
N VAL A 2522 -2.48 31.98 17.16
CA VAL A 2522 -2.74 33.35 17.57
C VAL A 2522 -3.23 33.38 19.01
N ILE A 2523 -2.62 34.24 19.83
CA ILE A 2523 -3.09 34.41 21.20
C ILE A 2523 -3.88 35.71 21.38
N LYS A 2524 -3.74 36.69 20.49
CA LYS A 2524 -4.53 37.89 20.60
C LYS A 2524 -4.73 38.50 19.22
N ALA A 2525 -5.97 38.91 18.94
CA ALA A 2525 -6.33 39.57 17.67
C ALA A 2525 -7.38 40.62 17.98
N LEU A 2526 -6.95 41.87 18.13
CA LEU A 2526 -7.86 42.94 18.53
C LEU A 2526 -8.81 43.38 17.42
N HIS A 2527 -8.58 42.96 16.18
CA HIS A 2527 -9.54 43.25 15.13
C HIS A 2527 -10.84 42.46 15.32
N LYS A 2528 -10.75 41.30 15.98
CA LYS A 2528 -11.92 40.58 16.46
C LYS A 2528 -12.28 40.94 17.89
N LYS A 2529 -11.65 41.98 18.44
CA LYS A 2529 -11.89 42.46 19.81
C LYS A 2529 -11.63 41.36 20.83
N ILE A 2530 -10.55 40.62 20.64
CA ILE A 2530 -10.17 39.52 21.53
C ILE A 2530 -8.91 39.94 22.28
N ASP A 2531 -9.01 39.99 23.61
CA ASP A 2531 -7.86 40.34 24.43
C ASP A 2531 -6.87 39.18 24.50
N LYS A 2532 -7.36 37.96 24.63
CA LYS A 2532 -6.50 36.82 24.90
C LYS A 2532 -7.22 35.53 24.56
N ILE A 2533 -6.50 34.61 23.91
CA ILE A 2533 -6.97 33.25 23.65
C ILE A 2533 -6.11 32.30 24.46
N GLU A 2534 -6.74 31.49 25.29
CA GLU A 2534 -6.07 30.43 26.03
C GLU A 2534 -6.37 29.10 25.35
N TYR A 2535 -5.33 28.35 25.04
CA TYR A 2535 -5.50 27.06 24.39
C TYR A 2535 -5.46 25.94 25.41
N ASP A 2536 -5.79 24.74 24.95
CA ASP A 2536 -5.79 23.55 25.79
C ASP A 2536 -4.50 22.79 25.61
N PRO A 2537 -3.77 22.49 26.69
CA PRO A 2537 -2.51 21.75 26.53
C PRO A 2537 -2.68 20.34 25.99
N LEU A 2538 -3.86 19.73 26.18
CA LEU A 2538 -4.06 18.33 25.82
C LEU A 2538 -4.68 18.18 24.43
N THR A 2539 -5.75 18.91 24.14
CA THR A 2539 -6.38 18.78 22.83
C THR A 2539 -5.79 19.74 21.79
N GLN A 2540 -4.97 20.70 22.22
CA GLN A 2540 -4.39 21.75 21.36
C GLN A 2540 -5.50 22.55 20.66
N ARG A 2541 -6.63 22.71 21.34
CA ARG A 2541 -7.76 23.51 20.86
C ARG A 2541 -8.03 24.64 21.85
N VAL A 2542 -9.05 25.43 21.54
CA VAL A 2542 -9.33 26.65 22.27
C VAL A 2542 -9.92 26.33 23.63
N SER A 2543 -9.40 26.98 24.68
CA SER A 2543 -9.92 26.77 26.03
C SER A 2543 -10.68 27.98 26.55
N ARG A 2544 -10.04 29.15 26.58
CA ARG A 2544 -10.67 30.37 27.10
C ARG A 2544 -10.50 31.49 26.10
N ILE A 2545 -11.61 32.07 25.67
CA ILE A 2545 -11.61 33.24 24.80
C ILE A 2545 -12.11 34.42 25.61
N GLU A 2546 -11.33 35.50 25.62
CA GLU A 2546 -11.67 36.72 26.32
C GLU A 2546 -11.95 37.82 25.30
N MET A 2547 -13.16 38.37 25.33
CA MET A 2547 -13.49 39.48 24.45
C MET A 2547 -12.86 40.77 24.99
N SER A 2548 -12.95 41.83 24.18
CA SER A 2548 -12.37 43.12 24.55
C SER A 2548 -13.08 43.70 25.76
N ASP A 2549 -12.34 44.53 26.51
CA ASP A 2549 -12.75 45.21 27.74
C ASP A 2549 -13.41 44.29 28.77
N ARG A 2550 -13.11 42.98 28.69
CA ARG A 2550 -13.67 41.93 29.53
C ARG A 2550 -15.20 41.97 29.51
N SER A 2551 -15.75 41.92 28.31
CA SER A 2551 -17.19 41.97 28.13
C SER A 2551 -17.84 40.59 28.16
N ARG A 2552 -17.13 39.58 27.67
CA ARG A 2552 -17.65 38.22 27.61
C ARG A 2552 -16.47 37.26 27.79
N THR A 2553 -16.79 36.01 28.11
CA THR A 2553 -15.77 34.98 28.26
C THR A 2553 -16.36 33.65 27.83
N LEU A 2554 -15.63 32.93 26.98
CA LEU A 2554 -16.07 31.62 26.52
C LEU A 2554 -15.10 30.57 27.06
N GLU A 2555 -15.64 29.59 27.79
CA GLU A 2555 -14.85 28.49 28.32
C GLU A 2555 -15.28 27.19 27.66
N PHE A 2556 -14.33 26.48 27.07
CA PHE A 2556 -14.60 25.27 26.32
C PHE A 2556 -13.98 24.06 27.02
N GLY A 2557 -14.65 22.93 26.89
CA GLY A 2557 -14.11 21.67 27.41
C GLY A 2557 -14.38 20.56 26.42
N TYR A 2558 -13.44 19.62 26.36
CA TYR A 2558 -13.34 18.67 25.27
C TYR A 2558 -13.20 17.24 25.80
N ASP A 2559 -13.22 16.30 24.87
CA ASP A 2559 -12.75 14.95 25.10
C ASP A 2559 -11.29 14.87 24.65
N PHE A 2560 -10.72 13.67 24.67
CA PHE A 2560 -9.33 13.53 24.25
C PHE A 2560 -9.17 13.72 22.74
N ARG A 2561 -10.23 13.48 21.97
CA ARG A 2561 -10.19 13.62 20.51
C ARG A 2561 -10.06 15.07 20.05
N GLY A 2562 -10.30 16.04 20.92
CA GLY A 2562 -10.32 17.42 20.50
C GLY A 2562 -11.67 17.92 20.07
N GLU A 2563 -12.71 17.08 20.11
CA GLU A 2563 -14.06 17.54 19.82
C GLU A 2563 -14.61 18.28 21.04
N ARG A 2564 -15.39 19.32 20.79
CA ARG A 2564 -15.92 20.12 21.88
C ARG A 2564 -17.02 19.37 22.62
N THR A 2565 -16.89 19.32 23.96
CA THR A 2565 -17.90 18.69 24.80
C THR A 2565 -18.87 19.72 25.37
N PHE A 2566 -18.36 20.83 25.88
CA PHE A 2566 -19.26 21.84 26.45
C PHE A 2566 -18.68 23.23 26.34
N LYS A 2567 -19.59 24.21 26.27
CA LYS A 2567 -19.26 25.63 26.19
C LYS A 2567 -20.00 26.38 27.27
N ARG A 2568 -19.31 27.31 27.93
CA ARG A 2568 -19.92 28.17 28.95
C ARG A 2568 -19.57 29.62 28.65
N VAL A 2569 -20.59 30.39 28.26
CA VAL A 2569 -20.45 31.81 28.01
C VAL A 2569 -20.82 32.57 29.29
N ARG A 2570 -19.86 33.34 29.82
CA ARG A 2570 -20.00 34.16 31.00
C ARG A 2570 -20.25 35.62 30.61
N ASN A 2571 -20.57 36.45 31.61
CA ASN A 2571 -20.74 37.87 31.39
C ASN A 2571 -19.57 38.70 31.92
N LYS A 2572 -19.78 40.01 31.98
CA LYS A 2572 -18.84 40.94 32.58
C LYS A 2572 -18.61 40.66 34.07
N ASP A 2573 -19.63 40.19 34.78
CA ASP A 2573 -19.58 39.97 36.22
C ASP A 2573 -19.27 38.52 36.58
N ASN A 2574 -18.72 37.74 35.63
CA ASN A 2574 -18.30 36.35 35.84
C ASN A 2574 -19.47 35.45 36.22
N ASP A 2575 -20.66 35.76 35.69
CA ASP A 2575 -21.85 34.93 35.87
C ASP A 2575 -22.15 34.23 34.55
N ILE A 2576 -22.45 32.95 34.61
CA ILE A 2576 -22.70 32.16 33.41
C ILE A 2576 -23.98 32.65 32.74
N ILE A 2577 -23.88 33.03 31.47
CA ILE A 2577 -25.07 33.40 30.69
C ILE A 2577 -25.60 32.22 29.89
N SER A 2578 -24.73 31.42 29.29
CA SER A 2578 -25.23 30.30 28.50
C SER A 2578 -24.38 29.07 28.73
N VAL A 2579 -25.04 27.92 28.87
CA VAL A 2579 -24.36 26.65 29.06
C VAL A 2579 -24.83 25.71 27.96
N ASN A 2580 -23.92 25.30 27.09
CA ASN A 2580 -24.25 24.44 25.96
C ASN A 2580 -23.48 23.13 26.11
N TYR A 2581 -24.17 22.01 25.92
CA TYR A 2581 -23.57 20.69 26.00
C TYR A 2581 -23.82 19.94 24.70
N TYR A 2582 -22.77 19.33 24.16
CA TYR A 2582 -22.81 18.60 22.91
C TYR A 2582 -22.55 17.12 23.18
N VAL A 2583 -23.37 16.25 22.60
CA VAL A 2583 -23.12 14.82 22.59
C VAL A 2583 -22.62 14.49 21.20
N ARG A 2584 -21.32 14.20 21.09
CA ARG A 2584 -20.69 14.06 19.78
C ARG A 2584 -20.72 12.63 19.29
N ASP A 2585 -20.92 12.49 17.98
CA ASP A 2585 -20.68 11.25 17.27
C ASP A 2585 -19.16 11.02 17.20
N ASN A 2586 -18.78 9.79 16.82
CA ASN A 2586 -17.36 9.45 16.69
C ASN A 2586 -16.65 10.30 15.65
N LYS A 2587 -17.34 10.64 14.56
CA LYS A 2587 -16.70 11.38 13.48
C LYS A 2587 -16.47 12.84 13.83
N GLY A 2588 -17.19 13.35 14.82
CA GLY A 2588 -17.15 14.76 15.18
C GLY A 2588 -18.49 15.45 15.06
N ASN A 2589 -19.46 14.82 14.42
CA ASN A 2589 -20.80 15.38 14.30
C ASN A 2589 -21.48 15.41 15.66
N VAL A 2590 -22.30 16.42 15.85
CA VAL A 2590 -23.13 16.53 17.04
C VAL A 2590 -24.48 15.88 16.75
N LEU A 2591 -25.07 15.27 17.77
CA LEU A 2591 -26.35 14.62 17.63
C LEU A 2591 -27.39 15.15 18.61
N VAL A 2592 -27.04 15.28 19.88
CA VAL A 2592 -27.93 15.82 20.90
C VAL A 2592 -27.23 17.03 21.52
N GLU A 2593 -28.00 18.08 21.78
CA GLU A 2593 -27.44 19.33 22.29
C GLU A 2593 -28.39 19.91 23.32
N TYR A 2594 -27.86 20.17 24.52
CA TYR A 2594 -28.61 20.77 25.62
C TYR A 2594 -28.15 22.19 25.81
N LYS A 2595 -29.04 23.16 25.64
CA LYS A 2595 -28.70 24.56 25.83
C LYS A 2595 -29.57 25.14 26.95
N GLN A 2596 -28.93 25.63 28.01
CA GLN A 2596 -29.61 26.29 29.11
C GLN A 2596 -29.07 27.73 29.17
N GLU A 2597 -29.94 28.69 28.84
CA GLU A 2597 -29.56 30.09 28.85
C GLU A 2597 -30.32 30.81 29.95
N TYR A 2598 -29.59 31.54 30.79
CA TYR A 2598 -30.18 32.29 31.89
C TYR A 2598 -30.29 33.75 31.49
N PRO A 2599 -31.50 34.26 31.23
CA PRO A 2599 -31.60 35.68 30.85
C PRO A 2599 -31.35 36.63 31.99
N ASN A 2600 -31.76 36.27 33.21
CA ASN A 2600 -31.35 37.01 34.40
C ASN A 2600 -30.26 36.24 35.09
N PRO A 2601 -29.01 36.71 35.05
CA PRO A 2601 -27.91 35.95 35.67
C PRO A 2601 -28.05 35.76 37.16
N LYS A 2602 -28.64 36.72 37.87
CA LYS A 2602 -28.71 36.67 39.32
C LYS A 2602 -29.67 35.58 39.78
N ASP A 2603 -30.85 35.50 39.17
CA ASP A 2603 -31.88 34.53 39.54
C ASP A 2603 -31.91 33.45 38.46
N THR A 2604 -31.11 32.41 38.67
CA THR A 2604 -30.95 31.33 37.70
C THR A 2604 -31.96 30.21 37.89
N ASN A 2605 -32.89 30.34 38.85
CA ASN A 2605 -33.88 29.31 39.09
C ASN A 2605 -34.90 29.21 37.96
N LYS A 2606 -35.10 30.28 37.20
CA LYS A 2606 -36.03 30.29 36.06
C LYS A 2606 -35.25 30.47 34.76
N PRO A 2607 -34.72 29.39 34.18
CA PRO A 2607 -33.95 29.52 32.94
C PRO A 2607 -34.79 29.39 31.68
N ILE A 2608 -34.13 29.42 30.53
CA ILE A 2608 -34.70 28.92 29.28
C ILE A 2608 -33.92 27.67 28.90
N ASN A 2609 -34.62 26.55 28.76
CA ASN A 2609 -34.02 25.25 28.47
C ASN A 2609 -34.49 24.78 27.10
N THR A 2610 -33.55 24.40 26.25
CA THR A 2610 -33.88 23.90 24.92
C THR A 2610 -32.96 22.75 24.54
N VAL A 2611 -33.57 21.65 24.11
CA VAL A 2611 -32.84 20.44 23.73
C VAL A 2611 -33.12 20.18 22.26
N THR A 2612 -32.06 19.99 21.47
CA THR A 2612 -32.21 19.73 20.05
C THR A 2612 -31.45 18.48 19.65
N ALA A 2613 -31.96 17.81 18.62
CA ALA A 2613 -31.36 16.60 18.08
C ALA A 2613 -31.25 16.74 16.56
N TYR A 2614 -30.05 16.58 16.04
CA TYR A 2614 -29.75 16.78 14.64
C TYR A 2614 -29.80 15.46 13.90
N ILE A 2615 -30.41 15.46 12.72
CA ILE A 2615 -30.51 14.28 11.87
C ILE A 2615 -29.58 14.48 10.69
N HIS A 2616 -28.49 13.73 10.65
CA HIS A 2616 -27.50 13.90 9.60
C HIS A 2616 -27.81 13.00 8.43
N GLY A 2617 -27.31 13.39 7.26
CA GLY A 2617 -27.49 12.64 6.04
C GLY A 2617 -26.19 12.46 5.30
N PRO A 2618 -26.26 12.09 4.02
CA PRO A 2618 -25.06 12.01 3.19
C PRO A 2618 -24.33 13.35 3.09
N LEU A 2619 -25.03 14.38 2.65
CA LEU A 2619 -24.42 15.68 2.38
C LEU A 2619 -24.35 16.57 3.61
N GLY A 2620 -25.27 16.41 4.55
CA GLY A 2620 -25.27 17.24 5.74
C GLY A 2620 -26.48 16.94 6.58
N LEU A 2621 -26.69 17.80 7.59
CA LEU A 2621 -27.83 17.65 8.47
C LEU A 2621 -29.13 17.91 7.71
N LEU A 2622 -30.06 16.96 7.80
CA LEU A 2622 -31.34 17.09 7.11
C LEU A 2622 -32.33 17.93 7.92
N GLY A 2623 -32.19 17.93 9.24
CA GLY A 2623 -33.11 18.69 10.06
C GLY A 2623 -32.77 18.51 11.52
N PHE A 2624 -33.62 19.07 12.38
CA PHE A 2624 -33.41 18.93 13.81
C PHE A 2624 -34.73 18.99 14.55
N PHE A 2625 -34.89 18.06 15.50
CA PHE A 2625 -35.98 18.12 16.46
C PHE A 2625 -35.60 19.10 17.57
N ARG A 2626 -36.49 20.03 17.86
CA ARG A 2626 -36.25 20.96 18.96
C ARG A 2626 -37.59 21.32 19.59
N ASN A 2627 -37.76 20.91 20.85
CA ASN A 2627 -38.96 21.20 21.66
C ASN A 2627 -40.21 20.64 20.98
N ASN A 2628 -40.21 19.32 20.78
CA ASN A 2628 -41.30 18.57 20.15
C ASN A 2628 -41.65 19.09 18.75
N LYS A 2629 -40.66 19.65 18.05
CA LYS A 2629 -40.89 20.27 16.74
C LYS A 2629 -39.70 19.96 15.84
N TYR A 2630 -39.98 19.55 14.61
CA TYR A 2630 -38.96 19.17 13.65
C TYR A 2630 -38.82 20.24 12.57
N TYR A 2631 -37.59 20.66 12.31
CA TYR A 2631 -37.28 21.68 11.31
C TYR A 2631 -36.43 21.08 10.22
N ASN A 2632 -36.78 21.37 8.97
CA ASN A 2632 -35.95 20.97 7.84
C ASN A 2632 -34.82 21.97 7.62
N VAL A 2633 -33.70 21.48 7.12
CA VAL A 2633 -32.55 22.30 6.79
C VAL A 2633 -32.24 22.11 5.31
N LEU A 2634 -32.21 23.21 4.56
CA LEU A 2634 -31.92 23.18 3.14
C LEU A 2634 -30.52 23.74 2.92
N LEU A 2635 -29.68 22.93 2.28
CA LEU A 2635 -28.27 23.18 2.10
C LEU A 2635 -28.00 23.51 0.63
N ASP A 2636 -27.03 24.36 0.38
CA ASP A 2636 -26.65 24.64 -1.00
C ASP A 2636 -25.43 23.80 -1.36
N HIS A 2637 -24.75 24.15 -2.45
CA HIS A 2637 -23.44 23.59 -2.74
C HIS A 2637 -22.46 23.97 -1.64
N GLU A 2638 -21.45 23.11 -1.44
CA GLU A 2638 -20.35 23.29 -0.49
C GLU A 2638 -20.81 23.07 0.96
N GLY A 2639 -22.12 22.91 1.17
CA GLY A 2639 -22.61 22.44 2.45
C GLY A 2639 -23.00 23.50 3.45
N SER A 2640 -23.13 24.75 3.03
CA SER A 2640 -23.54 25.81 3.94
C SER A 2640 -25.06 25.79 4.13
N THR A 2641 -25.50 26.28 5.28
CA THR A 2641 -26.91 26.24 5.67
C THR A 2641 -27.62 27.45 5.08
N ARG A 2642 -28.44 27.23 4.07
CA ARG A 2642 -29.16 28.31 3.43
C ARG A 2642 -30.53 28.55 4.06
N LEU A 2643 -31.32 27.50 4.25
CA LEU A 2643 -32.69 27.68 4.70
C LEU A 2643 -32.98 26.79 5.89
N VAL A 2644 -33.82 27.29 6.81
CA VAL A 2644 -34.38 26.51 7.90
C VAL A 2644 -35.88 26.69 7.83
N ILE A 2645 -36.60 25.59 7.63
CA ILE A 2645 -38.02 25.60 7.26
C ILE A 2645 -38.80 24.82 8.30
N HIS A 2646 -39.94 25.36 8.72
CA HIS A 2646 -40.83 24.71 9.67
C HIS A 2646 -42.21 24.58 9.03
N GLN A 2647 -42.61 23.34 8.74
CA GLN A 2647 -43.95 23.01 8.24
C GLN A 2647 -44.29 23.76 6.95
N GLY A 2648 -43.33 23.79 6.02
CA GLY A 2648 -43.50 24.50 4.78
C GLY A 2648 -43.32 25.99 4.86
N LYS A 2649 -42.96 26.53 6.03
CA LYS A 2649 -42.72 27.95 6.22
C LYS A 2649 -41.25 28.16 6.54
N VAL A 2650 -40.62 29.07 5.80
CA VAL A 2650 -39.24 29.47 6.09
C VAL A 2650 -39.22 30.22 7.42
N VAL A 2651 -38.57 29.63 8.43
CA VAL A 2651 -38.43 30.30 9.72
C VAL A 2651 -37.02 30.87 9.92
N ALA A 2652 -36.05 30.53 9.07
CA ALA A 2652 -34.76 31.19 9.11
C ALA A 2652 -34.10 31.06 7.74
N ALA A 2653 -33.24 32.03 7.43
CA ALA A 2653 -32.51 32.01 6.16
C ALA A 2653 -31.26 32.86 6.30
N TYR A 2654 -30.14 32.34 5.80
CA TYR A 2654 -28.86 33.03 5.83
C TYR A 2654 -28.24 33.04 4.45
N ASP A 2655 -27.70 34.19 4.04
CA ASP A 2655 -26.94 34.29 2.80
C ASP A 2655 -25.49 34.61 3.13
N TYR A 2656 -24.58 33.91 2.44
CA TYR A 2656 -23.14 34.00 2.60
C TYR A 2656 -22.48 34.60 1.37
N LEU A 2657 -21.31 35.17 1.58
CA LEU A 2657 -20.38 35.52 0.51
C LEU A 2657 -19.10 34.71 0.72
N PRO A 2658 -18.26 34.55 -0.32
CA PRO A 2658 -17.06 33.70 -0.20
C PRO A 2658 -16.10 34.16 0.89
N TYR A 2659 -15.26 33.22 1.33
CA TYR A 2659 -14.46 33.27 2.56
C TYR A 2659 -15.32 33.36 3.83
N GLY A 2660 -16.60 32.99 3.73
CA GLY A 2660 -17.38 32.56 4.87
C GLY A 2660 -18.17 33.62 5.60
N GLN A 2661 -17.87 34.91 5.40
CA GLN A 2661 -18.60 35.95 6.11
C GLN A 2661 -20.05 35.94 5.63
N MET A 2662 -20.98 36.03 6.58
CA MET A 2662 -22.39 36.03 6.23
C MET A 2662 -22.83 37.38 5.70
N ILE A 2663 -23.52 37.37 4.55
CA ILE A 2663 -24.12 38.59 4.03
C ILE A 2663 -25.31 39.00 4.88
N ARG A 2664 -26.32 38.13 4.95
CA ARG A 2664 -27.54 38.52 5.67
C ARG A 2664 -28.18 37.34 6.38
N LYS A 2665 -29.20 37.66 7.17
CA LYS A 2665 -29.98 36.72 7.96
C LYS A 2665 -31.45 37.15 7.97
N TYR A 2666 -32.35 36.20 7.78
CA TYR A 2666 -33.79 36.47 7.83
C TYR A 2666 -34.42 36.17 9.18
N GLY A 2667 -34.05 35.05 9.80
CA GLY A 2667 -34.85 34.50 10.89
C GLY A 2667 -34.88 35.37 12.12
N SER A 2668 -36.06 35.47 12.73
CA SER A 2668 -36.25 36.19 13.98
C SER A 2668 -36.59 35.27 15.15
N ASN A 2669 -37.13 34.08 14.87
CA ASN A 2669 -37.43 33.12 15.92
C ASN A 2669 -36.14 32.49 16.41
N PRO A 2670 -35.79 32.63 17.70
CA PRO A 2670 -34.52 32.06 18.18
C PRO A 2670 -34.50 30.55 18.26
N GLU A 2671 -35.65 29.89 18.38
CA GLU A 2671 -35.67 28.42 18.34
C GLU A 2671 -35.33 27.91 16.95
N ALA A 2672 -35.58 28.70 15.91
CA ALA A 2672 -35.36 28.26 14.54
C ALA A 2672 -33.89 28.26 14.15
N HIS A 2673 -33.08 29.13 14.75
CA HIS A 2673 -31.70 29.28 14.35
C HIS A 2673 -30.84 28.10 14.77
N ILE A 2674 -29.81 27.81 13.97
CA ILE A 2674 -28.79 26.83 14.30
C ILE A 2674 -27.44 27.45 14.04
N ALA A 2675 -26.43 26.99 14.78
CA ALA A 2675 -25.08 27.55 14.70
C ALA A 2675 -24.21 26.87 13.65
N PHE A 2676 -24.76 25.95 12.87
CA PHE A 2676 -23.94 25.21 11.91
C PHE A 2676 -23.45 26.09 10.77
N ARG A 2677 -24.28 27.04 10.30
CA ARG A 2677 -23.90 28.19 9.45
C ARG A 2677 -23.07 27.73 8.25
N TYR A 2678 -21.91 28.35 7.98
CA TYR A 2678 -21.11 28.05 6.81
C TYR A 2678 -20.53 26.64 6.87
N THR A 2679 -20.64 25.92 5.75
CA THR A 2679 -20.18 24.54 5.52
C THR A 2679 -20.50 23.58 6.66
N GLY A 2680 -21.61 23.79 7.35
CA GLY A 2680 -21.94 22.99 8.53
C GLY A 2680 -20.89 23.02 9.61
N GLN A 2681 -20.28 24.18 9.86
CA GLN A 2681 -19.23 24.31 10.86
C GLN A 2681 -19.69 25.30 11.91
N GLU A 2682 -19.68 24.88 13.17
CA GLU A 2682 -20.20 25.66 14.30
C GLU A 2682 -19.61 27.06 14.37
N PHE A 2683 -20.49 28.06 14.36
CA PHE A 2683 -20.12 29.46 14.30
C PHE A 2683 -20.32 30.05 15.70
N ASP A 2684 -19.21 30.40 16.35
CA ASP A 2684 -19.26 30.98 17.69
C ASP A 2684 -19.82 32.38 17.58
N GLU A 2685 -21.09 32.54 17.93
CA GLU A 2685 -21.82 33.79 17.69
C GLU A 2685 -21.25 34.95 18.50
N GLU A 2686 -20.72 34.67 19.69
CA GLU A 2686 -20.24 35.73 20.57
C GLU A 2686 -18.98 36.37 20.03
N THR A 2687 -18.05 35.57 19.51
CA THR A 2687 -16.76 36.08 19.05
C THR A 2687 -16.66 36.19 17.53
N GLY A 2688 -17.51 35.52 16.77
CA GLY A 2688 -17.48 35.61 15.34
C GLY A 2688 -16.54 34.65 14.64
N LEU A 2689 -16.07 33.62 15.34
CA LEU A 2689 -15.10 32.67 14.80
C LEU A 2689 -15.76 31.33 14.56
N TYR A 2690 -15.57 30.78 13.37
CA TYR A 2690 -15.94 29.39 13.15
C TYR A 2690 -14.84 28.47 13.67
N ASN A 2691 -15.24 27.28 14.12
CA ASN A 2691 -14.27 26.23 14.44
C ASN A 2691 -14.19 25.28 13.25
N TYR A 2692 -13.47 25.75 12.23
CA TYR A 2692 -13.40 25.06 10.95
C TYR A 2692 -12.54 23.82 11.04
N HIS A 2693 -13.15 22.67 11.37
CA HIS A 2693 -12.50 21.36 11.48
C HIS A 2693 -11.36 21.40 12.49
N ALA A 2694 -11.76 21.63 13.75
CA ALA A 2694 -10.85 21.70 14.91
C ALA A 2694 -9.79 22.78 14.73
N ARG A 2695 -10.16 23.88 14.09
CA ARG A 2695 -9.28 25.02 13.89
C ARG A 2695 -10.14 26.28 13.85
N LEU A 2696 -9.68 27.34 14.49
CA LEU A 2696 -10.38 28.61 14.40
C LEU A 2696 -10.19 29.20 13.00
N TYR A 2697 -11.17 30.00 12.58
CA TYR A 2697 -11.14 30.64 11.28
C TYR A 2697 -11.74 32.03 11.42
N ASP A 2698 -11.21 32.96 10.64
CA ASP A 2698 -11.64 34.35 10.65
C ASP A 2698 -12.17 34.75 9.27
N PRO A 2699 -13.49 34.83 9.09
CA PRO A 2699 -14.02 35.23 7.77
C PRO A 2699 -13.66 36.64 7.35
N ASP A 2700 -13.39 37.54 8.29
CA ASP A 2700 -12.99 38.90 7.91
C ASP A 2700 -11.61 38.92 7.29
N ILE A 2701 -10.70 38.08 7.76
CA ILE A 2701 -9.38 37.97 7.16
C ILE A 2701 -9.32 36.85 6.13
N GLY A 2702 -10.13 35.81 6.29
CA GLY A 2702 -10.01 34.66 5.41
C GLY A 2702 -8.76 33.84 5.65
N ARG A 2703 -8.29 33.81 6.90
CA ARG A 2703 -7.09 33.06 7.26
C ARG A 2703 -7.34 32.33 8.57
N PHE A 2704 -6.81 31.11 8.66
CA PHE A 2704 -6.95 30.31 9.87
C PHE A 2704 -6.13 30.90 11.01
N PHE A 2705 -6.63 30.73 12.23
CA PHE A 2705 -5.92 31.19 13.42
C PHE A 2705 -4.90 30.19 13.94
N GLN A 2706 -4.92 28.95 13.45
CA GLN A 2706 -4.01 27.92 13.94
C GLN A 2706 -3.26 27.29 12.78
N MET A 2707 -2.12 26.69 13.10
CA MET A 2707 -1.29 26.05 12.10
C MET A 2707 -1.99 24.81 11.54
N ASP A 2708 -1.81 24.57 10.25
CA ASP A 2708 -2.44 23.45 9.58
C ASP A 2708 -1.73 22.17 10.01
N PRO A 2709 -2.44 21.19 10.60
CA PRO A 2709 -1.77 19.94 10.99
C PRO A 2709 -1.24 19.13 9.81
N MET A 2710 -1.99 19.05 8.73
CA MET A 2710 -1.56 18.37 7.51
C MET A 2710 -1.24 19.45 6.48
N GLU A 2711 0.03 19.59 6.13
CA GLU A 2711 0.51 20.69 5.31
C GLU A 2711 -0.09 20.67 3.91
N GLN A 2712 -1.01 21.61 3.66
CA GLN A 2712 -1.76 21.69 2.42
C GLN A 2712 -1.21 22.73 1.45
N TYR A 2713 -0.76 23.87 1.97
CA TYR A 2713 -0.22 24.95 1.16
C TYR A 2713 1.21 25.24 1.61
N ALA A 2714 1.86 26.17 0.89
CA ALA A 2714 3.17 26.64 1.31
C ALA A 2714 3.11 27.40 2.62
N SER A 2715 1.95 27.97 2.94
CA SER A 2715 1.63 28.66 4.18
C SER A 2715 0.58 27.87 4.97
N PRO A 2716 0.72 27.79 6.29
CA PRO A 2716 -0.25 27.00 7.06
C PRO A 2716 -1.61 27.67 7.21
N TYR A 2717 -1.64 29.00 7.29
CA TYR A 2717 -2.84 29.73 7.64
C TYR A 2717 -3.72 30.06 6.43
N LYS A 2718 -3.23 29.82 5.21
CA LYS A 2718 -3.98 30.15 4.00
C LYS A 2718 -5.25 29.31 3.90
N TYR A 2719 -6.30 29.92 3.34
CA TYR A 2719 -7.55 29.23 3.05
C TYR A 2719 -7.83 29.31 1.55
N ALA A 2720 -8.51 28.28 1.03
CA ALA A 2720 -8.80 28.22 -0.40
C ALA A 2720 -9.77 29.30 -0.84
N GLY A 2721 -10.82 29.53 -0.06
CA GLY A 2721 -11.85 30.46 -0.43
C GLY A 2721 -13.20 29.79 -0.60
N ASN A 2722 -13.19 28.61 -1.21
CA ASN A 2722 -14.40 27.82 -1.36
C ASN A 2722 -14.04 26.34 -1.42
N SER A 2723 -14.80 25.52 -0.70
CA SER A 2723 -14.56 24.07 -0.63
C SER A 2723 -15.86 23.32 -0.90
N PRO A 2724 -16.12 22.91 -2.13
CA PRO A 2724 -17.36 22.20 -2.43
C PRO A 2724 -17.40 20.82 -1.80
N VAL A 2725 -18.60 20.26 -1.74
CA VAL A 2725 -18.80 18.95 -1.13
C VAL A 2725 -18.47 17.87 -2.16
N SER A 2726 -18.30 16.63 -1.69
CA SER A 2726 -17.97 15.52 -2.56
C SER A 2726 -19.11 15.18 -3.52
N GLN A 2727 -20.36 15.47 -3.10
CA GLN A 2727 -21.62 15.17 -3.80
C GLN A 2727 -21.89 13.67 -3.91
N ILE A 2728 -21.02 12.84 -3.36
CA ILE A 2728 -21.16 11.39 -3.38
C ILE A 2728 -21.50 11.00 -1.95
N ASP A 2729 -22.40 10.03 -1.78
CA ASP A 2729 -22.83 9.53 -0.48
C ASP A 2729 -21.64 8.95 0.29
N PRO A 2730 -21.19 9.61 1.35
CA PRO A 2730 -20.01 9.14 2.08
C PRO A 2730 -20.37 8.12 3.14
N ASP A 2731 -19.44 7.18 3.36
CA ASP A 2731 -19.60 6.00 4.21
C ASP A 2731 -20.73 5.07 3.76
N GLY A 2732 -21.33 5.33 2.60
CA GLY A 2732 -22.22 4.39 1.95
C GLY A 2732 -21.56 3.74 0.75
N GLN A 2733 -21.81 4.29 -0.44
CA GLN A 2733 -21.34 3.70 -1.69
C GLN A 2733 -19.81 3.59 -1.73
N ILE A 2734 -19.11 4.66 -1.36
CA ILE A 2734 -17.65 4.67 -1.39
C ILE A 2734 -17.08 3.62 -0.43
N ALA A 2735 -17.62 3.58 0.79
CA ALA A 2735 -17.13 2.66 1.81
C ALA A 2735 -17.26 1.20 1.35
N VAL A 2736 -18.48 0.80 0.96
CA VAL A 2736 -18.69 -0.59 0.55
C VAL A 2736 -17.95 -0.91 -0.75
N THR A 2737 -17.77 0.06 -1.65
CA THR A 2737 -16.92 -0.15 -2.81
C THR A 2737 -15.48 -0.46 -2.38
N LEU A 2738 -15.00 0.24 -1.35
CA LEU A 2738 -13.67 -0.04 -0.83
C LEU A 2738 -13.60 -1.41 -0.17
N VAL A 2739 -14.68 -1.82 0.50
CA VAL A 2739 -14.72 -3.17 1.07
C VAL A 2739 -14.71 -4.22 -0.04
N LEU A 2740 -15.42 -3.96 -1.15
CA LEU A 2740 -15.37 -4.87 -2.29
C LEU A 2740 -13.96 -4.97 -2.86
N MET A 2741 -13.24 -3.84 -2.91
CA MET A 2741 -11.87 -3.89 -3.43
C MET A 2741 -10.92 -4.63 -2.48
N ILE A 2742 -11.06 -4.43 -1.16
CA ILE A 2742 -10.15 -5.14 -0.26
C ILE A 2742 -10.46 -6.65 -0.24
N ILE A 2743 -11.74 -7.03 -0.40
CA ILE A 2743 -12.05 -8.45 -0.56
C ILE A 2743 -11.46 -8.98 -1.85
N GLY A 2744 -11.48 -8.18 -2.93
CA GLY A 2744 -10.76 -8.57 -4.14
C GLY A 2744 -9.27 -8.72 -3.90
N ALA A 2745 -8.70 -7.88 -3.04
CA ALA A 2745 -7.28 -7.96 -2.72
C ALA A 2745 -6.94 -9.24 -1.97
N ILE A 2746 -7.76 -9.62 -0.98
CA ILE A 2746 -7.47 -10.85 -0.25
C ILE A 2746 -7.69 -12.07 -1.14
N VAL A 2747 -8.67 -12.00 -2.07
CA VAL A 2747 -8.87 -13.09 -3.02
C VAL A 2747 -7.65 -13.25 -3.91
N GLY A 2748 -7.14 -12.14 -4.45
CA GLY A 2748 -5.94 -12.19 -5.27
C GLY A 2748 -4.72 -12.63 -4.51
N ALA A 2749 -4.63 -12.27 -3.23
CA ALA A 2749 -3.50 -12.70 -2.40
C ALA A 2749 -3.52 -14.21 -2.17
N TYR A 2750 -4.69 -14.77 -1.85
CA TYR A 2750 -4.76 -16.22 -1.67
C TYR A 2750 -4.63 -16.96 -3.00
N LEU A 2751 -5.13 -16.37 -4.08
CA LEU A 2751 -5.02 -16.96 -5.42
C LEU A 2751 -3.61 -16.88 -5.97
N GLY A 2752 -2.75 -16.04 -5.38
CA GLY A 2752 -1.40 -15.87 -5.88
C GLY A 2752 -1.22 -14.76 -6.89
N ALA A 2753 -2.15 -13.81 -6.96
CA ALA A 2753 -2.00 -12.70 -7.89
C ALA A 2753 -0.83 -11.79 -7.49
N ALA A 2754 -0.59 -11.65 -6.19
CA ALA A 2754 0.54 -10.87 -5.70
C ALA A 2754 1.65 -11.83 -5.27
N SER A 2755 2.41 -12.29 -6.27
CA SER A 2755 3.49 -13.25 -6.06
C SER A 2755 4.65 -12.87 -6.96
N ALA A 2756 5.74 -13.62 -6.84
CA ALA A 2756 6.96 -13.33 -7.58
C ALA A 2756 6.76 -13.60 -9.06
N ASN A 2757 6.97 -12.56 -9.88
CA ASN A 2757 6.95 -12.63 -11.34
C ASN A 2757 5.61 -13.16 -11.87
N ASN A 2758 4.52 -12.79 -11.19
CA ASN A 2758 3.19 -13.24 -11.57
C ASN A 2758 2.50 -12.15 -12.42
N SER A 2759 3.05 -11.95 -13.61
CA SER A 2759 2.49 -10.98 -14.54
C SER A 2759 2.93 -11.33 -15.96
N TRP A 2760 2.08 -10.97 -16.92
CA TRP A 2760 2.41 -11.11 -18.34
C TRP A 2760 2.84 -9.80 -18.96
N ASN A 2761 3.34 -8.86 -18.16
CA ASN A 2761 3.80 -7.56 -18.62
C ASN A 2761 5.26 -7.38 -18.22
N PRO A 2762 6.18 -7.14 -19.16
CA PRO A 2762 7.60 -7.03 -18.79
C PRO A 2762 7.92 -5.82 -17.92
N ALA A 2763 7.04 -4.81 -17.89
CA ALA A 2763 7.21 -3.71 -16.95
C ALA A 2763 7.08 -4.18 -15.51
N LYS A 2764 6.32 -5.25 -15.27
CA LYS A 2764 6.12 -5.80 -13.94
C LYS A 2764 6.89 -7.10 -13.73
N TRP A 2765 7.81 -7.45 -14.63
CA TRP A 2765 8.65 -8.63 -14.46
C TRP A 2765 9.71 -8.37 -13.39
N ALA A 2766 10.34 -9.46 -12.96
CA ALA A 2766 11.46 -9.38 -12.01
C ALA A 2766 12.75 -9.50 -12.81
N TRP A 2767 13.35 -8.36 -13.13
CA TRP A 2767 14.56 -8.30 -13.94
C TRP A 2767 15.79 -8.66 -13.12
N ALA A 2809 67.78 -37.85 -27.47
CA ALA A 2809 68.02 -37.91 -26.04
C ALA A 2809 69.05 -38.98 -25.69
N LEU A 2810 68.57 -40.12 -25.20
CA LEU A 2810 69.46 -41.22 -24.83
C LEU A 2810 70.07 -41.88 -26.04
N ALA A 2811 69.37 -41.88 -27.18
CA ALA A 2811 69.81 -42.62 -28.35
C ALA A 2811 70.03 -41.72 -29.55
N THR A 2812 70.74 -40.60 -29.33
CA THR A 2812 71.09 -39.71 -30.44
C THR A 2812 72.15 -40.31 -31.36
N GLY A 2813 72.88 -41.32 -30.88
CA GLY A 2813 73.92 -41.91 -31.69
C GLY A 2813 73.37 -42.66 -32.90
N VAL A 2814 72.41 -43.56 -32.67
CA VAL A 2814 71.96 -44.44 -33.75
C VAL A 2814 71.23 -43.64 -34.82
N ILE A 2815 70.46 -42.62 -34.42
CA ILE A 2815 69.82 -41.75 -35.40
C ILE A 2815 70.86 -40.92 -36.14
N SER A 2816 71.93 -40.50 -35.45
CA SER A 2816 72.95 -39.70 -36.15
C SER A 2816 73.71 -40.53 -37.18
N VAL A 2817 74.00 -41.79 -36.85
CA VAL A 2817 74.65 -42.70 -37.79
C VAL A 2817 73.74 -42.99 -38.97
N ALA A 2818 72.46 -43.29 -38.71
CA ALA A 2818 71.52 -43.54 -39.80
C ALA A 2818 71.31 -42.31 -40.67
N GLY A 2819 71.27 -41.12 -40.06
CA GLY A 2819 71.06 -39.90 -40.80
C GLY A 2819 72.25 -39.50 -41.65
N ALA A 2820 73.47 -39.81 -41.19
CA ALA A 2820 74.65 -39.50 -41.99
C ALA A 2820 74.69 -40.31 -43.29
N PHE A 2821 74.13 -41.52 -43.26
CA PHE A 2821 74.00 -42.36 -44.45
C PHE A 2821 72.78 -42.02 -45.29
N LEU A 2822 72.62 -40.76 -45.69
CA LEU A 2822 71.55 -40.35 -46.57
C LEU A 2822 72.09 -39.67 -47.82
N GLY A 2823 71.37 -39.85 -48.92
CA GLY A 2823 71.90 -39.54 -50.23
C GLY A 2823 71.95 -38.05 -50.49
N ALA A 2824 73.15 -37.51 -50.67
CA ALA A 2824 73.40 -36.12 -51.07
C ALA A 2824 72.73 -35.12 -50.12
N ALA A 2825 72.81 -35.42 -48.81
CA ALA A 2825 72.24 -34.60 -47.75
C ALA A 2825 70.74 -34.35 -47.95
N ALA A 2826 70.01 -35.41 -48.28
CA ALA A 2826 68.57 -35.37 -48.43
C ALA A 2826 67.92 -36.33 -47.46
N ALA A 2827 66.86 -35.86 -46.79
CA ALA A 2827 66.17 -36.63 -45.76
C ALA A 2827 65.22 -37.61 -46.44
N SER A 2828 65.78 -38.74 -46.87
CA SER A 2828 64.96 -39.77 -47.52
C SER A 2828 64.16 -40.58 -46.51
N ASN A 2829 64.74 -40.90 -45.35
CA ASN A 2829 64.06 -41.76 -44.39
C ASN A 2829 62.86 -41.06 -43.75
N GLN A 2830 63.04 -39.78 -43.38
CA GLN A 2830 62.00 -38.97 -42.72
C GLN A 2830 61.51 -39.64 -41.43
N TRP A 2831 62.45 -39.73 -40.47
CA TRP A 2831 62.24 -40.31 -39.14
C TRP A 2831 61.89 -41.79 -39.21
N ASN A 2832 62.32 -42.47 -40.26
CA ASN A 2832 62.14 -43.92 -40.36
C ASN A 2832 62.88 -44.68 -39.27
N PRO A 2833 64.19 -44.45 -38.99
CA PRO A 2833 64.91 -45.33 -38.05
C PRO A 2833 64.32 -45.43 -36.66
N ALA A 2834 63.65 -44.38 -36.19
CA ALA A 2834 63.00 -44.37 -34.88
C ALA A 2834 61.87 -45.40 -34.76
N LYS A 2835 61.38 -45.96 -35.86
CA LYS A 2835 60.18 -46.79 -35.83
C LYS A 2835 60.29 -48.02 -36.73
N TRP A 2836 61.51 -48.52 -36.94
CA TRP A 2836 61.68 -49.78 -37.66
C TRP A 2836 61.02 -50.94 -36.91
N ASP A 2837 61.45 -51.16 -35.67
CA ASP A 2837 60.72 -52.01 -34.75
C ASP A 2837 60.65 -51.41 -33.35
N TRP A 2838 61.17 -50.20 -33.15
CA TRP A 2838 61.07 -49.55 -31.85
C TRP A 2838 59.65 -49.08 -31.59
N THR A 2839 59.17 -49.32 -30.37
CA THR A 2839 57.82 -48.99 -30.00
C THR A 2839 57.70 -47.48 -29.76
N SER A 2840 56.49 -47.03 -29.48
CA SER A 2840 56.27 -45.60 -29.26
C SER A 2840 55.22 -45.36 -28.18
N PRO A 2841 55.36 -45.95 -26.99
CA PRO A 2841 54.20 -46.07 -26.08
C PRO A 2841 53.76 -44.73 -25.48
N ALA A 2842 54.61 -43.71 -25.49
CA ALA A 2842 54.23 -42.42 -24.91
C ALA A 2842 53.20 -41.72 -25.79
N VAL A 2843 53.38 -41.79 -27.12
CA VAL A 2843 52.40 -41.22 -28.05
C VAL A 2843 51.07 -41.95 -27.92
N TRP A 2844 51.13 -43.28 -27.79
CA TRP A 2844 49.92 -44.08 -27.57
C TRP A 2844 49.23 -43.70 -26.27
N ASN A 2845 50.02 -43.45 -25.22
CA ASN A 2845 49.47 -43.00 -23.94
C ASN A 2845 48.80 -41.63 -24.08
N GLY A 2846 49.42 -40.73 -24.85
CA GLY A 2846 48.81 -39.43 -25.09
C GLY A 2846 47.50 -39.53 -25.84
N LEU A 2847 47.44 -40.40 -26.85
CA LEU A 2847 46.20 -40.61 -27.60
C LEU A 2847 45.11 -41.22 -26.71
N LEU A 2848 45.48 -42.18 -25.86
CA LEU A 2848 44.50 -42.79 -24.96
C LEU A 2848 44.01 -41.81 -23.91
N SER A 2849 44.90 -40.96 -23.40
CA SER A 2849 44.49 -39.94 -22.44
C SER A 2849 43.59 -38.90 -23.09
N GLY A 2850 43.88 -38.53 -24.33
CA GLY A 2850 43.04 -37.58 -25.04
C GLY A 2850 41.66 -38.14 -25.36
N ALA A 2851 41.61 -39.39 -25.81
CA ALA A 2851 40.37 -39.96 -26.30
C ALA A 2851 39.46 -40.47 -25.20
N SER A 2852 39.93 -40.56 -23.96
CA SER A 2852 39.13 -41.11 -22.87
C SER A 2852 38.75 -39.98 -21.92
N ILE A 2853 37.51 -39.51 -22.03
CA ILE A 2853 36.89 -38.64 -21.03
C ILE A 2853 35.59 -39.33 -20.66
N ALA A 2854 35.61 -40.13 -19.60
CA ALA A 2854 34.45 -40.90 -19.16
C ALA A 2854 34.09 -40.49 -17.74
N VAL A 2855 32.81 -40.17 -17.54
CA VAL A 2855 32.29 -39.84 -16.22
C VAL A 2855 31.53 -41.07 -15.76
N SER A 2856 32.17 -41.85 -14.88
CA SER A 2856 31.69 -43.18 -14.52
C SER A 2856 30.90 -43.18 -13.22
N PHE A 2857 30.35 -42.04 -12.83
CA PHE A 2857 29.46 -42.07 -11.68
C PHE A 2857 28.12 -41.33 -11.81
N PRO A 2858 27.34 -41.44 -12.94
CA PRO A 2858 26.04 -40.73 -12.98
C PRO A 2858 24.99 -41.36 -12.08
N SER A 2859 25.28 -41.45 -10.78
CA SER A 2859 24.35 -42.07 -9.83
C SER A 2859 23.40 -41.01 -9.26
N GLY A 2860 23.94 -40.07 -8.49
CA GLY A 2860 23.10 -39.07 -7.88
C GLY A 2860 23.41 -37.65 -8.30
N PHE A 2861 24.62 -37.39 -8.82
CA PHE A 2861 24.92 -36.02 -9.21
C PHE A 2861 24.27 -35.67 -10.54
N VAL A 2862 23.93 -36.69 -11.33
CA VAL A 2862 23.53 -36.54 -12.74
C VAL A 2862 22.33 -35.61 -12.86
N GLY A 2863 22.45 -34.60 -13.73
CA GLY A 2863 21.42 -33.58 -13.85
C GLY A 2863 21.59 -32.43 -12.88
N ILE A 2864 22.77 -31.83 -12.87
CA ILE A 2864 23.10 -30.72 -11.99
C ILE A 2864 23.52 -29.52 -12.84
N THR A 2865 23.05 -28.35 -12.45
CA THR A 2865 23.42 -27.11 -13.12
C THR A 2865 24.49 -26.32 -12.36
N ARG A 2866 24.34 -26.18 -11.04
CA ARG A 2866 25.25 -25.37 -10.25
C ARG A 2866 25.79 -26.17 -9.07
N SER A 2867 27.02 -25.86 -8.68
CA SER A 2867 27.65 -26.50 -7.53
C SER A 2867 28.53 -25.49 -6.82
N PHE A 2868 28.69 -25.69 -5.51
CA PHE A 2868 29.52 -24.83 -4.67
C PHE A 2868 30.60 -25.65 -3.99
N MET A 2869 31.87 -25.33 -4.29
CA MET A 2869 32.98 -25.96 -3.60
C MET A 2869 33.02 -25.57 -2.14
N SER A 2870 32.45 -24.42 -1.78
CA SER A 2870 32.20 -24.05 -0.39
C SER A 2870 31.06 -23.03 -0.41
N ILE A 2871 30.66 -22.57 0.77
CA ILE A 2871 29.63 -21.56 0.90
C ILE A 2871 30.30 -20.19 0.98
N SER A 2872 29.82 -19.25 0.17
CA SER A 2872 30.28 -17.87 0.25
C SER A 2872 29.41 -17.12 1.25
N SER A 2873 30.06 -16.37 2.13
CA SER A 2873 29.34 -15.65 3.19
C SER A 2873 28.40 -14.59 2.63
N ASN A 2874 28.82 -13.93 1.54
CA ASN A 2874 27.97 -12.94 0.91
C ASN A 2874 26.76 -13.56 0.20
N LEU A 2875 26.86 -14.81 -0.24
CA LEU A 2875 25.80 -15.46 -1.00
C LEU A 2875 24.95 -16.40 -0.14
N VAL A 2876 25.17 -16.40 1.19
CA VAL A 2876 24.45 -17.29 2.12
C VAL A 2876 22.94 -17.20 1.93
N LYS A 2877 22.42 -15.97 1.86
CA LYS A 2877 20.97 -15.79 1.76
C LYS A 2877 20.44 -16.30 0.42
N MET A 2878 21.22 -16.13 -0.65
CA MET A 2878 20.78 -16.59 -1.97
C MET A 2878 20.71 -18.10 -2.05
N ILE A 2879 21.74 -18.80 -1.55
CA ILE A 2879 21.73 -20.25 -1.59
C ILE A 2879 20.66 -20.80 -0.64
N TYR A 2880 20.45 -20.10 0.49
CA TYR A 2880 19.37 -20.50 1.41
C TYR A 2880 18.00 -20.37 0.76
N ALA A 2881 17.78 -19.28 0.01
CA ALA A 2881 16.50 -19.11 -0.67
C ALA A 2881 16.30 -20.14 -1.79
N SER A 2882 17.36 -20.43 -2.55
CA SER A 2882 17.23 -21.42 -3.61
C SER A 2882 17.00 -22.83 -3.07
N LEU A 2883 17.59 -23.16 -1.93
CA LEU A 2883 17.21 -24.39 -1.24
C LEU A 2883 15.79 -24.32 -0.67
N MET A 2884 15.34 -23.13 -0.30
CA MET A 2884 14.02 -22.97 0.29
C MET A 2884 12.92 -23.23 -0.73
N VAL A 2885 13.11 -22.78 -1.97
CA VAL A 2885 12.09 -23.00 -2.99
C VAL A 2885 11.95 -24.48 -3.34
N GLY A 2886 12.98 -25.28 -3.11
CA GLY A 2886 12.97 -26.71 -3.39
C GLY A 2886 12.45 -27.57 -2.25
N GLY A 2887 11.94 -26.98 -1.19
CA GLY A 2887 11.48 -27.74 -0.03
C GLY A 2887 12.58 -28.43 0.74
N PHE A 2888 13.69 -27.76 0.97
CA PHE A 2888 14.78 -28.27 1.79
C PHE A 2888 14.77 -27.50 3.11
N LEU A 2889 14.57 -28.22 4.21
CA LEU A 2889 14.19 -27.60 5.48
C LEU A 2889 15.33 -27.42 6.47
N LEU A 2890 16.56 -27.76 6.08
CA LEU A 2890 17.64 -27.87 7.06
C LEU A 2890 18.31 -26.53 7.37
N PHE A 2891 18.04 -25.49 6.59
CA PHE A 2891 18.75 -24.23 6.76
C PHE A 2891 17.83 -23.07 7.10
N VAL A 2892 16.66 -22.98 6.46
CA VAL A 2892 15.75 -21.87 6.69
C VAL A 2892 15.13 -21.94 8.09
N TYR A 2893 15.15 -23.12 8.73
CA TYR A 2893 14.70 -23.24 10.11
C TYR A 2893 15.58 -22.44 11.06
N LEU A 2894 16.90 -22.54 10.90
CA LEU A 2894 17.85 -21.88 11.78
C LEU A 2894 18.16 -20.44 11.37
N GLY A 2895 18.06 -20.13 10.08
CA GLY A 2895 18.39 -18.80 9.61
C GLY A 2895 17.33 -17.74 9.82
N GLY A 2896 16.20 -18.10 10.42
CA GLY A 2896 15.09 -17.17 10.57
C GLY A 2896 14.46 -16.76 9.27
N GLY A 2897 14.31 -17.71 8.34
CA GLY A 2897 13.73 -17.43 7.05
C GLY A 2897 12.25 -17.70 6.99
N MET A 2898 11.61 -17.77 8.16
CA MET A 2898 10.18 -18.05 8.23
C MET A 2898 9.34 -16.87 7.74
N ALA A 2899 9.93 -15.68 7.65
CA ALA A 2899 9.24 -14.56 7.01
C ALA A 2899 9.10 -14.78 5.51
N ASN A 2900 10.03 -15.53 4.91
CA ASN A 2900 10.02 -15.76 3.47
C ASN A 2900 9.00 -16.81 3.05
N ASN A 2901 8.44 -17.58 3.98
CA ASN A 2901 7.49 -18.64 3.66
C ASN A 2901 6.15 -18.03 3.30
N PHE A 2902 5.65 -18.35 2.10
CA PHE A 2902 4.42 -17.75 1.59
C PHE A 2902 3.21 -18.15 2.43
N ASN A 2903 3.18 -19.41 2.89
CA ASN A 2903 2.03 -19.90 3.65
C ASN A 2903 1.86 -19.12 4.95
N PHE A 2904 2.97 -18.82 5.64
CA PHE A 2904 2.89 -18.03 6.86
C PHE A 2904 2.46 -16.59 6.58
N GLN A 2905 2.94 -16.01 5.48
CA GLN A 2905 2.55 -14.65 5.11
C GLN A 2905 1.07 -14.56 4.78
N ILE A 2906 0.53 -15.55 4.07
CA ILE A 2906 -0.89 -15.49 3.70
C ILE A 2906 -1.80 -15.97 4.83
N SER A 2907 -1.29 -16.78 5.76
CA SER A 2907 -2.12 -17.17 6.89
C SER A 2907 -2.23 -16.07 7.94
N GLN A 2908 -1.16 -15.29 8.12
CA GLN A 2908 -1.18 -14.15 9.04
C GLN A 2908 -1.81 -12.91 8.43
N TRP A 2909 -2.22 -12.97 7.16
CA TRP A 2909 -2.89 -11.86 6.49
C TRP A 2909 -4.19 -11.52 7.21
N ASP A 2910 -4.23 -10.36 7.86
CA ASP A 2910 -5.41 -9.92 8.57
C ASP A 2910 -6.29 -9.12 7.62
N TRP A 2911 -7.54 -9.56 7.44
CA TRP A 2911 -8.47 -8.84 6.60
C TRP A 2911 -8.89 -7.56 7.32
N LYS A 2912 -8.99 -6.46 6.55
CA LYS A 2912 -9.21 -5.10 7.08
C LYS A 2912 -8.09 -4.69 8.04
N SER A 2913 -6.85 -4.91 7.59
CA SER A 2913 -5.65 -4.43 8.27
C SER A 2913 -4.50 -4.32 7.28
N PRO A 2914 -4.27 -3.14 6.70
CA PRO A 2914 -3.22 -3.00 5.66
C PRO A 2914 -1.81 -3.30 6.13
N ARG A 2915 -1.54 -3.23 7.44
CA ARG A 2915 -0.19 -3.44 7.93
C ARG A 2915 0.26 -4.89 7.77
N THR A 2916 -0.68 -5.83 7.74
CA THR A 2916 -0.38 -7.25 7.66
C THR A 2916 -0.20 -7.76 6.23
N TRP A 2917 -0.63 -7.00 5.24
CA TRP A 2917 -0.52 -7.41 3.84
C TRP A 2917 0.93 -7.52 3.40
N PHE A 2918 1.15 -8.28 2.33
CA PHE A 2918 2.47 -8.45 1.74
C PHE A 2918 2.41 -8.40 0.22
N GLY A 2919 1.37 -7.81 -0.36
CA GLY A 2919 1.20 -7.72 -1.80
C GLY A 2919 2.33 -7.01 -2.53
N MET A 2920 2.93 -7.68 -3.51
CA MET A 2920 4.07 -7.12 -4.21
C MET A 2920 3.68 -5.92 -5.08
N ILE A 2921 2.46 -5.92 -5.61
CA ILE A 2921 1.94 -4.78 -6.35
C ILE A 2921 0.41 -4.78 -6.30
N VAL A 2942 -7.34 3.71 12.41
CA VAL A 2942 -8.48 3.36 13.24
C VAL A 2942 -8.16 2.14 14.10
N TYR A 2943 -8.14 2.33 15.41
CA TYR A 2943 -7.81 1.26 16.34
C TYR A 2943 -8.63 1.44 17.62
N ASN A 2944 -8.91 0.33 18.29
CA ASN A 2944 -9.48 0.39 19.63
C ASN A 2944 -8.53 1.10 20.59
N VAL A 2945 -7.28 0.66 20.63
CA VAL A 2945 -6.29 1.30 21.50
C VAL A 2945 -5.78 2.56 20.84
N VAL A 2946 -5.54 3.59 21.63
CA VAL A 2946 -5.14 4.89 21.11
C VAL A 2946 -3.64 4.87 20.82
N LYS A 2947 -3.27 5.28 19.62
CA LYS A 2947 -1.88 5.40 19.23
C LYS A 2947 -1.30 6.73 19.72
N PRO A 2948 0.02 6.79 19.92
CA PRO A 2948 0.68 8.07 20.18
C PRO A 2948 0.37 9.16 19.16
N ASN A 2949 0.27 8.82 17.88
CA ASN A 2949 -0.11 9.78 16.86
C ASN A 2949 -1.60 10.09 16.85
N GLY A 2950 -2.42 9.28 17.54
CA GLY A 2950 -3.84 9.55 17.62
C GLY A 2950 -4.20 10.68 18.56
N LEU A 2951 -3.32 10.97 19.52
CA LEU A 2951 -3.57 12.05 20.46
C LEU A 2951 -3.43 13.41 19.78
N LYS A 2952 -3.98 14.43 20.43
CA LYS A 2952 -3.93 15.79 19.92
C LYS A 2952 -2.87 16.63 20.62
N MET A 2953 -2.14 16.06 21.59
CA MET A 2953 -1.01 16.74 22.21
C MET A 2953 0.15 16.91 21.25
N ILE A 2954 0.28 16.00 20.27
CA ILE A 2954 1.48 15.92 19.45
C ILE A 2954 1.57 17.13 18.53
N TRP A 2955 2.80 17.60 18.30
CA TRP A 2955 3.05 18.69 17.37
C TRP A 2955 3.50 18.17 16.02
N MET A 2967 9.53 -6.25 20.31
CA MET A 2967 10.01 -6.48 21.66
C MET A 2967 10.54 -7.90 21.81
N ARG A 2968 11.84 -8.05 21.58
CA ARG A 2968 12.48 -9.37 21.61
C ARG A 2968 12.51 -9.94 23.03
N ARG A 2969 13.03 -9.16 23.98
CA ARG A 2969 13.15 -9.61 25.37
C ARG A 2969 13.04 -8.41 26.29
N VAL A 2970 12.49 -8.64 27.48
CA VAL A 2970 12.26 -7.60 28.48
C VAL A 2970 12.76 -8.09 29.84
N LYS A 2971 13.43 -7.21 30.58
CA LYS A 2971 13.97 -7.54 31.89
C LYS A 2971 12.85 -7.59 32.93
N ASP A 2972 13.15 -8.23 34.07
CA ASP A 2972 12.17 -8.38 35.15
C ASP A 2972 11.71 -7.03 35.71
N THR A 2973 12.67 -6.16 36.08
CA THR A 2973 12.33 -4.87 36.68
C THR A 2973 11.50 -3.98 35.76
N ILE A 2974 11.69 -4.12 34.44
CA ILE A 2974 10.87 -3.37 33.50
C ILE A 2974 9.43 -3.86 33.54
N ILE A 2975 9.24 -5.18 33.67
CA ILE A 2975 7.90 -5.75 33.83
C ILE A 2975 7.26 -5.24 35.13
N LEU A 2976 8.04 -5.20 36.21
CA LEU A 2976 7.49 -4.72 37.49
C LEU A 2976 7.09 -3.25 37.41
N THR A 2977 7.89 -2.42 36.73
CA THR A 2977 7.53 -1.00 36.60
C THR A 2977 6.32 -0.83 35.70
N TRP A 2978 6.21 -1.63 34.62
CA TRP A 2978 5.04 -1.57 33.77
C TRP A 2978 3.79 -1.99 34.54
N TYR A 2979 3.91 -3.01 35.38
CA TYR A 2979 2.81 -3.42 36.24
C TYR A 2979 2.45 -2.31 37.21
N LYS A 2980 3.44 -1.58 37.71
CA LYS A 2980 3.16 -0.45 38.60
C LYS A 2980 2.41 0.65 37.88
N ASN A 2981 2.77 0.91 36.62
CA ASN A 2981 2.00 1.87 35.81
C ASN A 2981 0.57 1.43 35.61
N GLY A 2982 0.37 0.14 35.30
CA GLY A 2982 -0.98 -0.37 35.11
C GLY A 2982 -1.82 -0.32 36.37
N GLN A 2983 -1.22 -0.66 37.51
CA GLN A 2983 -1.97 -0.58 38.77
C GLN A 2983 -2.23 0.85 39.17
N SER A 2984 -1.31 1.77 38.86
CA SER A 2984 -1.52 3.18 39.15
C SER A 2984 -2.70 3.73 38.36
N ILE A 2985 -2.77 3.41 37.07
CA ILE A 2985 -3.92 3.91 36.30
C ILE A 2985 -5.19 3.21 36.74
N SER A 2986 -5.11 1.93 37.14
CA SER A 2986 -6.30 1.22 37.61
C SER A 2986 -6.83 1.83 38.91
N LYS A 2987 -5.92 2.26 39.78
CA LYS A 2987 -6.35 2.91 41.02
C LYS A 2987 -6.82 4.33 40.77
N GLN A 2988 -6.32 4.99 39.72
CA GLN A 2988 -6.79 6.34 39.42
C GLN A 2988 -8.18 6.33 38.77
N ILE A 2989 -8.41 5.40 37.83
CA ILE A 2989 -9.66 5.37 37.08
C ILE A 2989 -10.84 5.09 38.02
N LEU A 2990 -10.69 4.09 38.88
CA LEU A 2990 -11.74 3.73 39.83
C LEU A 2990 -11.87 4.76 40.95
N MET A 3029 -38.64 19.80 34.04
CA MET A 3029 -37.65 19.21 33.14
C MET A 3029 -36.25 19.69 33.52
N ALA A 3030 -36.19 20.64 34.46
CA ALA A 3030 -34.91 21.18 34.90
C ALA A 3030 -34.10 20.14 35.68
N GLY A 3031 -34.76 19.16 36.29
CA GLY A 3031 -34.05 18.10 36.97
C GLY A 3031 -33.20 17.27 36.03
N LEU A 3032 -33.71 17.01 34.83
CA LEU A 3032 -32.91 16.34 33.82
C LEU A 3032 -31.74 17.22 33.38
N MET A 3033 -31.94 18.54 33.32
CA MET A 3033 -30.83 19.44 33.02
C MET A 3033 -29.76 19.38 34.10
N PHE A 3034 -30.18 19.26 35.37
CA PHE A 3034 -29.22 19.08 36.46
C PHE A 3034 -28.46 17.77 36.31
N LYS A 3035 -29.17 16.69 35.97
CA LYS A 3035 -28.51 15.40 35.76
C LYS A 3035 -27.47 15.50 34.65
N LYS A 3036 -27.83 16.07 33.50
CA LYS A 3036 -26.88 16.08 32.39
C LYS A 3036 -25.76 17.09 32.60
N ASN A 3037 -26.02 18.21 33.28
CA ASN A 3037 -24.94 19.16 33.50
C ASN A 3037 -23.93 18.62 34.51
N GLN A 3038 -24.39 17.80 35.46
CA GLN A 3038 -23.42 17.05 36.26
C GLN A 3038 -22.74 15.94 35.46
N TYR A 3039 -23.43 15.41 34.44
CA TYR A 3039 -22.85 14.32 33.65
C TYR A 3039 -21.68 14.77 32.77
N PHE A 3040 -21.83 15.91 32.09
CA PHE A 3040 -20.83 16.25 31.07
C PHE A 3040 -19.51 16.74 31.64
N PHE A 3041 -19.52 17.44 32.77
CA PHE A 3041 -18.28 18.01 33.28
C PHE A 3041 -18.46 18.35 34.76
N THR A 3042 -17.52 17.89 35.58
CA THR A 3042 -17.53 18.23 36.99
C THR A 3042 -16.12 18.23 37.56
#